data_7ZPP
#
_entry.id   7ZPP
#
_cell.length_a   1.00
_cell.length_b   1.00
_cell.length_c   1.00
_cell.angle_alpha   90.00
_cell.angle_beta   90.00
_cell.angle_gamma   90.00
#
_symmetry.space_group_name_H-M   'P 1'
#
loop_
_entity.id
_entity.type
_entity.pdbx_description
1 polymer Integrase
2 polymer 'vDNA, non-transferred strand'
3 polymer 'vDNA, transferred strand'
#
loop_
_entity_poly.entity_id
_entity_poly.type
_entity_poly.pdbx_seq_one_letter_code
_entity_poly.pdbx_strand_id
1 'polypeptide(L)'
;WIENIPLAEEEHNKWHQDAVSLHLEFGIPRTAAEDIVQQCDVCQENKMPSTLRGSNKRGIDHWQVDYTHYEDKIILVWVE
TNSGLIYAERVKGETGQEFRVQTMKWYAMFAPKSLQSDNGPAFVAESTQLLMKYLGIEHTTGIPWNPQSQALVERTHQTL
KNTLEKLIPMFNAFESALAGTLITLNIKRKGGLGTSPMDIFIFNKEQQRIQQQSKSKQEKIRFCYYRTRKRGHPGEWQGP
TQVLWGGDGAIVVKDRGTDRYLVIANKDVKFIPPPKEIQKE
;
A,B,C,D,E,F,G,H,I,J,K,L,M,N,O,P
2 'polydeoxyribonucleotide'
;(DG)(DC)(DT)(DG)(DC)(DG)(DA)(DG)(DA)(DT)(DC)(DC)(DG)(DC)(DT)(DC)(DC)(DG)(DG)(DT)
(DG)
;
Q,S
3 'polydeoxyribonucleotide' (DC)(DA)(DC)(DC)(DG)(DG)(DA)(DG)(DC)(DG)(DG)(DA)(DT)(DC)(DT)(DC)(DG)(DC)(DA) R,T
#
# COMPACT_ATOMS: atom_id res chain seq x y z
N ILE A 2 -37.40 7.16 4.28
CA ILE A 2 -36.98 8.55 4.31
C ILE A 2 -37.72 9.28 5.42
N GLU A 3 -38.85 8.73 5.83
CA GLU A 3 -39.62 9.31 6.92
C GLU A 3 -39.05 8.95 8.29
N ASN A 4 -38.17 7.95 8.36
CA ASN A 4 -37.56 7.54 9.61
C ASN A 4 -36.31 8.33 9.94
N ILE A 5 -36.00 9.35 9.14
CA ILE A 5 -34.79 10.14 9.38
C ILE A 5 -34.79 10.80 10.76
N PRO A 6 -35.90 11.38 11.25
CA PRO A 6 -35.86 11.91 12.63
C PRO A 6 -35.52 10.86 13.67
N LEU A 7 -36.06 9.64 13.54
CA LEU A 7 -35.73 8.59 14.48
C LEU A 7 -34.26 8.19 14.37
N ALA A 8 -33.74 8.15 13.14
CA ALA A 8 -32.33 7.86 12.95
C ALA A 8 -31.45 8.92 13.60
N GLU A 9 -31.83 10.19 13.49
CA GLU A 9 -31.07 11.25 14.14
C GLU A 9 -31.14 11.11 15.66
N GLU A 10 -32.31 10.76 16.19
CA GLU A 10 -32.43 10.54 17.63
C GLU A 10 -31.54 9.40 18.09
N GLU A 11 -31.51 8.31 17.33
CA GLU A 11 -30.65 7.18 17.67
C GLU A 11 -29.18 7.58 17.60
N HIS A 12 -28.81 8.39 16.61
CA HIS A 12 -27.44 8.88 16.52
C HIS A 12 -27.08 9.73 17.73
N ASN A 13 -27.98 10.62 18.13
CA ASN A 13 -27.73 11.43 19.31
C ASN A 13 -27.59 10.57 20.57
N LYS A 14 -28.39 9.51 20.67
CA LYS A 14 -28.34 8.65 21.84
C LYS A 14 -27.08 7.81 21.89
N TRP A 15 -26.68 7.22 20.75
CA TRP A 15 -25.72 6.13 20.76
C TRP A 15 -24.47 6.41 19.94
N HIS A 16 -24.57 7.16 18.84
CA HIS A 16 -23.42 7.66 18.09
C HIS A 16 -22.60 6.54 17.44
N GLN A 17 -23.25 5.78 16.57
CA GLN A 17 -22.57 4.81 15.71
C GLN A 17 -22.30 5.43 14.35
N ASP A 18 -21.41 4.78 13.59
CA ASP A 18 -21.01 5.31 12.29
C ASP A 18 -22.17 5.25 11.31
N ALA A 19 -22.07 6.05 10.26
CA ALA A 19 -23.14 6.20 9.28
C ALA A 19 -23.39 4.92 8.46
N VAL A 20 -22.36 4.09 8.28
CA VAL A 20 -22.51 2.91 7.44
C VAL A 20 -23.53 1.95 8.03
N SER A 21 -23.43 1.70 9.34
CA SER A 21 -24.37 0.80 9.99
C SER A 21 -25.80 1.33 9.91
N LEU A 22 -25.97 2.63 10.13
CA LEU A 22 -27.31 3.23 10.06
C LEU A 22 -27.88 3.10 8.65
N HIS A 23 -27.05 3.35 7.64
CA HIS A 23 -27.49 3.21 6.25
C HIS A 23 -27.88 1.79 5.94
N LEU A 24 -27.09 0.82 6.39
CA LEU A 24 -27.41 -0.58 6.13
C LEU A 24 -28.63 -1.03 6.91
N GLU A 25 -28.95 -0.35 8.01
CA GLU A 25 -30.06 -0.77 8.85
C GLU A 25 -31.39 -0.18 8.36
N PHE A 26 -31.50 1.14 8.34
CA PHE A 26 -32.77 1.78 8.02
C PHE A 26 -32.96 2.08 6.54
N GLY A 27 -32.00 1.71 5.70
CA GLY A 27 -32.17 1.90 4.27
C GLY A 27 -32.24 3.36 3.84
N ILE A 28 -31.46 4.22 4.47
CA ILE A 28 -31.40 5.63 4.10
C ILE A 28 -30.11 5.85 3.31
N PRO A 29 -30.11 6.70 2.30
CA PRO A 29 -28.87 6.97 1.56
C PRO A 29 -27.75 7.39 2.50
N ARG A 30 -26.56 6.83 2.27
CA ARG A 30 -25.44 7.05 3.18
C ARG A 30 -24.97 8.49 3.18
N THR A 31 -25.27 9.26 2.13
CA THR A 31 -24.93 10.68 2.13
C THR A 31 -25.68 11.41 3.24
N ALA A 32 -26.96 11.10 3.41
CA ALA A 32 -27.74 11.72 4.47
C ALA A 32 -27.20 11.36 5.84
N ALA A 33 -26.82 10.10 6.05
CA ALA A 33 -26.28 9.68 7.33
C ALA A 33 -24.94 10.35 7.61
N GLU A 34 -24.09 10.45 6.59
CA GLU A 34 -22.80 11.13 6.77
C GLU A 34 -23.01 12.60 7.09
N ASP A 35 -23.99 13.25 6.45
CA ASP A 35 -24.31 14.63 6.80
C ASP A 35 -24.84 14.72 8.23
N ILE A 36 -25.59 13.72 8.67
CA ILE A 36 -26.05 13.69 10.07
C ILE A 36 -24.86 13.64 11.02
N VAL A 37 -23.89 12.78 10.70
CA VAL A 37 -22.68 12.69 11.53
C VAL A 37 -21.93 14.02 11.50
N GLN A 38 -21.87 14.66 10.33
CA GLN A 38 -21.19 15.96 10.23
C GLN A 38 -21.88 17.00 11.11
N GLN A 39 -23.21 17.04 11.09
CA GLN A 39 -23.96 18.05 11.83
C GLN A 39 -24.15 17.70 13.30
N CYS A 40 -23.80 16.49 13.72
CA CYS A 40 -23.87 16.14 15.13
C CYS A 40 -22.73 16.80 15.89
N ASP A 41 -22.63 16.50 17.19
CA ASP A 41 -21.66 17.13 18.06
C ASP A 41 -20.61 16.17 18.60
N VAL A 42 -21.03 15.03 19.16
CA VAL A 42 -20.08 14.14 19.81
C VAL A 42 -19.15 13.49 18.79
N CYS A 43 -19.72 12.98 17.70
CA CYS A 43 -18.88 12.38 16.65
C CYS A 43 -17.99 13.43 16.01
N GLN A 44 -18.49 14.65 15.85
CA GLN A 44 -17.66 15.73 15.34
C GLN A 44 -16.49 16.01 16.27
N GLU A 45 -16.73 15.99 17.58
CA GLU A 45 -15.67 16.22 18.55
C GLU A 45 -14.69 15.06 18.66
N ASN A 46 -15.09 13.84 18.28
CA ASN A 46 -14.22 12.69 18.45
C ASN A 46 -13.73 12.05 17.16
N LYS A 47 -13.97 12.66 16.01
CA LYS A 47 -13.43 12.13 14.76
C LYS A 47 -11.98 12.57 14.57
N MET A 48 -11.22 11.76 13.80
CA MET A 48 -9.79 11.93 13.58
C MET A 48 -9.49 12.41 12.16
N PRO A 49 -8.57 13.37 11.99
CA PRO A 49 -8.21 13.94 10.67
C PRO A 49 -7.08 13.23 9.92
N SER A 50 -7.39 12.12 9.28
CA SER A 50 -6.39 11.36 8.54
C SER A 50 -6.15 12.03 7.19
N THR A 51 -5.03 12.76 7.07
CA THR A 51 -4.66 13.43 5.84
C THR A 51 -3.23 13.06 5.47
N LEU A 52 -2.91 13.21 4.18
CA LEU A 52 -1.65 12.74 3.62
C LEU A 52 -0.57 13.81 3.59
N ARG A 53 -0.93 15.05 3.25
CA ARG A 53 0.00 16.18 3.21
C ARG A 53 1.11 15.89 2.19
N GLY A 54 2.32 16.38 2.43
CA GLY A 54 3.39 16.17 1.50
C GLY A 54 4.72 16.67 2.06
N SER A 55 5.66 16.91 1.14
CA SER A 55 6.97 17.44 1.50
C SER A 55 7.36 18.52 0.49
N ASN A 56 8.18 19.46 0.96
CA ASN A 56 8.57 20.61 0.14
C ASN A 56 9.85 20.28 -0.62
N LYS A 57 9.72 19.43 -1.64
CA LYS A 57 10.85 19.13 -2.50
C LYS A 57 11.32 20.39 -3.23
N ARG A 58 10.38 21.21 -3.66
CA ARG A 58 10.64 22.53 -4.28
C ARG A 58 11.50 22.30 -5.52
N GLY A 59 12.37 23.25 -5.88
CA GLY A 59 13.22 23.14 -7.04
C GLY A 59 14.69 23.07 -6.68
N ILE A 60 15.51 23.44 -7.66
CA ILE A 60 16.95 23.43 -7.47
C ILE A 60 17.35 24.48 -6.45
N ASP A 61 18.34 24.15 -5.63
CA ASP A 61 18.96 25.07 -4.68
C ASP A 61 17.99 25.56 -3.61
N HIS A 62 17.08 24.69 -3.17
CA HIS A 62 16.16 24.97 -2.08
C HIS A 62 16.38 23.91 -1.01
N TRP A 63 17.16 24.25 0.02
CA TRP A 63 17.63 23.27 1.00
C TRP A 63 17.03 23.55 2.37
N GLN A 64 17.14 22.54 3.25
CA GLN A 64 16.83 22.69 4.66
C GLN A 64 17.88 21.95 5.48
N VAL A 65 18.03 22.36 6.74
CA VAL A 65 19.06 21.81 7.62
C VAL A 65 18.50 21.62 9.03
N ASP A 66 19.20 20.81 9.81
CA ASP A 66 18.90 20.61 11.22
C ASP A 66 20.17 20.14 11.91
N TYR A 67 20.15 20.22 13.23
CA TYR A 67 21.33 19.85 14.00
C TYR A 67 21.37 18.35 14.26
N THR A 68 22.52 17.89 14.72
CA THR A 68 22.78 16.48 14.98
C THR A 68 23.24 16.29 16.42
N HIS A 69 22.62 15.35 17.11
CA HIS A 69 23.00 14.99 18.49
C HIS A 69 23.56 13.58 18.44
N TYR A 70 24.86 13.47 18.18
CA TYR A 70 25.55 12.19 18.11
C TYR A 70 26.72 12.20 19.08
N GLU A 71 26.76 11.23 19.99
CA GLU A 71 27.84 11.08 20.95
C GLU A 71 28.07 12.36 21.76
N ASP A 72 26.98 13.08 22.06
CA ASP A 72 27.05 14.35 22.77
C ASP A 72 27.96 15.34 22.04
N LYS A 73 27.90 15.32 20.72
CA LYS A 73 28.66 16.24 19.87
C LYS A 73 27.70 16.91 18.89
N ILE A 74 27.81 18.23 18.78
CA ILE A 74 26.95 18.99 17.89
C ILE A 74 27.52 18.94 16.48
N ILE A 75 26.70 18.52 15.52
CA ILE A 75 27.10 18.40 14.12
C ILE A 75 26.03 19.07 13.27
N LEU A 76 26.46 19.79 12.24
CA LEU A 76 25.56 20.38 11.25
C LEU A 76 25.58 19.54 9.99
N VAL A 77 24.41 19.17 9.51
CA VAL A 77 24.25 18.39 8.29
C VAL A 77 23.38 19.17 7.33
N TRP A 78 23.84 19.35 6.10
CA TRP A 78 23.15 20.15 5.12
C TRP A 78 22.69 19.26 3.99
N VAL A 79 21.42 19.36 3.61
CA VAL A 79 20.76 18.38 2.75
C VAL A 79 20.10 19.09 1.58
N GLU A 80 20.31 18.53 0.38
CA GLU A 80 19.59 18.95 -0.82
C GLU A 80 18.31 18.14 -0.97
N THR A 81 17.32 18.73 -1.64
CA THR A 81 16.02 18.09 -1.81
C THR A 81 15.82 17.53 -3.21
N ASN A 82 16.18 18.31 -4.23
CA ASN A 82 15.94 17.89 -5.60
C ASN A 82 16.93 16.83 -6.06
N SER A 83 18.22 17.19 -6.08
CA SER A 83 19.24 16.23 -6.53
C SER A 83 19.49 15.15 -5.50
N GLY A 84 19.63 15.53 -4.23
CA GLY A 84 19.92 14.58 -3.17
C GLY A 84 21.31 14.67 -2.57
N LEU A 85 22.09 15.67 -2.92
CA LEU A 85 23.41 15.85 -2.33
C LEU A 85 23.29 16.22 -0.86
N ILE A 86 24.33 15.89 -0.10
CA ILE A 86 24.43 16.30 1.30
C ILE A 86 25.84 16.78 1.59
N TYR A 87 26.00 17.40 2.76
CA TYR A 87 27.26 17.94 3.24
C TYR A 87 27.13 18.18 4.73
N ALA A 88 28.22 17.97 5.46
CA ALA A 88 28.17 18.05 6.91
C ALA A 88 29.52 18.50 7.47
N GLU A 89 29.47 19.00 8.70
CA GLU A 89 30.67 19.46 9.42
C GLU A 89 30.32 19.61 10.89
N ARG A 90 31.27 19.29 11.75
CA ARG A 90 31.05 19.39 13.20
C ARG A 90 31.40 20.78 13.70
N VAL A 91 30.62 21.27 14.67
CA VAL A 91 30.80 22.57 15.28
C VAL A 91 30.65 22.42 16.79
N LYS A 92 31.39 23.24 17.53
CA LYS A 92 31.40 23.12 18.99
C LYS A 92 30.02 23.35 19.58
N GLY A 93 29.29 24.35 19.10
CA GLY A 93 28.00 24.67 19.65
C GLY A 93 27.04 25.18 18.60
N GLU A 94 25.79 25.37 19.02
CA GLU A 94 24.73 25.86 18.15
C GLU A 94 24.52 27.37 18.28
N THR A 95 25.58 28.12 18.53
CA THR A 95 25.47 29.55 18.70
C THR A 95 25.22 30.25 17.37
N GLY A 96 24.62 31.44 17.46
CA GLY A 96 24.25 32.17 16.26
C GLY A 96 25.46 32.56 15.42
N GLN A 97 26.53 33.02 16.07
CA GLN A 97 27.71 33.44 15.33
C GLN A 97 28.38 32.26 14.62
N GLU A 98 28.47 31.12 15.30
CA GLU A 98 29.04 29.93 14.67
C GLU A 98 28.19 29.47 13.50
N PHE A 99 26.85 29.51 13.67
CA PHE A 99 25.97 29.14 12.57
C PHE A 99 26.16 30.10 11.40
N ARG A 100 26.34 31.39 11.68
CA ARG A 100 26.57 32.35 10.61
C ARG A 100 27.87 32.07 9.86
N VAL A 101 28.92 31.72 10.60
CA VAL A 101 30.20 31.40 9.96
C VAL A 101 30.04 30.17 9.07
N GLN A 102 29.36 29.14 9.57
CA GLN A 102 29.14 27.94 8.76
C GLN A 102 28.32 28.25 7.51
N THR A 103 27.28 29.08 7.65
CA THR A 103 26.48 29.44 6.48
C THR A 103 27.30 30.23 5.47
N MET A 104 28.18 31.10 5.95
CA MET A 104 29.01 31.88 5.03
C MET A 104 29.97 30.97 4.27
N LYS A 105 30.58 30.00 4.97
CA LYS A 105 31.40 29.02 4.26
C LYS A 105 30.58 28.23 3.26
N TRP A 106 29.36 27.86 3.63
CA TRP A 106 28.48 27.13 2.75
C TRP A 106 28.18 27.90 1.47
N TYR A 107 27.83 29.18 1.63
CA TYR A 107 27.52 30.02 0.48
C TYR A 107 28.75 30.36 -0.34
N ALA A 108 29.95 30.30 0.27
CA ALA A 108 31.16 30.38 -0.52
C ALA A 108 31.35 29.13 -1.35
N MET A 109 31.02 27.96 -0.79
CA MET A 109 31.26 26.72 -1.52
C MET A 109 30.25 26.51 -2.63
N PHE A 110 28.99 26.81 -2.41
CA PHE A 110 27.94 26.52 -3.39
C PHE A 110 27.22 27.82 -3.71
N ALA A 111 26.17 27.73 -4.53
CA ALA A 111 25.37 28.89 -4.94
C ALA A 111 23.89 28.58 -4.72
N PRO A 112 23.44 28.63 -3.47
CA PRO A 112 22.05 28.29 -3.17
C PRO A 112 21.10 29.42 -3.54
N LYS A 113 19.80 29.17 -3.32
CA LYS A 113 18.78 30.17 -3.54
C LYS A 113 17.84 30.36 -2.37
N SER A 114 17.46 29.30 -1.66
CA SER A 114 16.53 29.41 -0.54
C SER A 114 16.85 28.34 0.49
N LEU A 115 16.45 28.61 1.72
CA LEU A 115 16.76 27.72 2.83
C LEU A 115 15.57 27.58 3.76
N GLN A 116 15.31 26.36 4.21
CA GLN A 116 14.23 26.04 5.13
C GLN A 116 14.84 25.59 6.46
N SER A 117 14.11 25.81 7.56
CA SER A 117 14.61 25.44 8.87
C SER A 117 13.46 25.42 9.87
N ASP A 118 13.73 24.85 11.03
CA ASP A 118 12.76 24.79 12.12
C ASP A 118 12.94 26.00 13.03
N ASN A 119 12.32 25.96 14.22
CA ASN A 119 12.30 27.07 15.15
C ASN A 119 13.56 27.16 16.02
N GLY A 120 14.66 26.53 15.60
CA GLY A 120 15.90 26.62 16.32
C GLY A 120 16.36 28.05 16.48
N PRO A 121 16.88 28.39 17.67
CA PRO A 121 17.26 29.79 17.94
C PRO A 121 18.26 30.35 16.93
N ALA A 122 19.24 29.56 16.51
CA ALA A 122 20.21 30.03 15.54
C ALA A 122 19.55 30.34 14.21
N PHE A 123 18.61 29.48 13.78
CA PHE A 123 17.94 29.71 12.51
C PHE A 123 17.02 30.92 12.58
N VAL A 124 16.40 31.15 13.74
CA VAL A 124 15.42 32.22 13.88
C VAL A 124 16.08 33.56 14.22
N ALA A 125 17.36 33.57 14.57
CA ALA A 125 18.03 34.79 15.00
C ALA A 125 17.89 35.90 13.96
N GLU A 126 17.64 37.11 14.45
CA GLU A 126 17.40 38.25 13.56
C GLU A 126 18.64 38.60 12.75
N SER A 127 19.83 38.47 13.36
CA SER A 127 21.05 38.73 12.60
C SER A 127 21.25 37.69 11.51
N THR A 128 20.93 36.43 11.78
CA THR A 128 20.98 35.40 10.75
C THR A 128 19.99 35.72 9.63
N GLN A 129 18.79 36.18 9.99
CA GLN A 129 17.81 36.54 8.97
C GLN A 129 18.31 37.71 8.12
N LEU A 130 18.92 38.71 8.76
CA LEU A 130 19.47 39.83 8.01
C LEU A 130 20.60 39.39 7.09
N LEU A 131 21.48 38.50 7.58
CA LEU A 131 22.56 37.98 6.75
C LEU A 131 22.00 37.21 5.56
N MET A 132 20.97 36.40 5.79
CA MET A 132 20.33 35.67 4.69
C MET A 132 19.74 36.65 3.68
N LYS A 133 19.09 37.71 4.18
CA LYS A 133 18.67 38.80 3.32
C LYS A 133 19.87 39.52 2.70
N TYR A 134 20.96 39.66 3.46
CA TYR A 134 22.14 40.34 2.93
C TYR A 134 22.70 39.64 1.70
N LEU A 135 22.54 38.32 1.62
CA LEU A 135 22.96 37.55 0.47
C LEU A 135 21.82 37.24 -0.48
N GLY A 136 20.65 37.84 -0.29
CA GLY A 136 19.52 37.64 -1.18
C GLY A 136 18.99 36.23 -1.23
N ILE A 137 18.80 35.61 -0.08
CA ILE A 137 18.32 34.24 0.02
C ILE A 137 17.06 34.22 0.89
N GLU A 138 16.00 33.59 0.38
CA GLU A 138 14.74 33.51 1.09
C GLU A 138 14.86 32.51 2.24
N HIS A 139 14.53 32.95 3.45
CA HIS A 139 14.54 32.10 4.63
C HIS A 139 13.14 32.01 5.19
N THR A 140 12.58 30.80 5.23
CA THR A 140 11.27 30.54 5.79
C THR A 140 11.39 29.57 6.95
N THR A 141 10.65 29.83 8.02
CA THR A 141 10.68 28.98 9.20
C THR A 141 9.49 28.04 9.18
N GLY A 142 9.76 26.75 9.35
CA GLY A 142 8.68 25.78 9.38
C GLY A 142 7.84 25.91 10.64
N ILE A 143 6.67 25.28 10.62
CA ILE A 143 5.80 25.33 11.79
C ILE A 143 6.46 24.57 12.94
N PRO A 144 6.36 25.05 14.17
CA PRO A 144 7.09 24.41 15.28
C PRO A 144 6.55 23.03 15.61
N TRP A 145 7.44 22.18 16.12
CA TRP A 145 7.09 20.84 16.59
C TRP A 145 6.48 19.98 15.48
N ASN A 146 7.00 20.12 14.26
CA ASN A 146 6.60 19.28 13.14
C ASN A 146 7.85 18.80 12.41
N PRO A 147 8.50 17.74 12.92
CA PRO A 147 9.71 17.24 12.26
C PRO A 147 9.46 16.73 10.85
N GLN A 148 8.21 16.41 10.48
CA GLN A 148 7.94 15.94 9.14
C GLN A 148 8.27 16.99 8.08
N SER A 149 8.31 18.27 8.44
CA SER A 149 8.74 19.28 7.49
C SER A 149 10.20 19.06 7.09
N GLN A 150 11.04 18.74 8.06
CA GLN A 150 12.46 18.45 7.84
C GLN A 150 12.74 16.95 7.83
N ALA A 151 11.72 16.15 7.48
CA ALA A 151 11.89 14.72 7.39
C ALA A 151 13.04 14.33 6.46
N LEU A 152 13.33 15.15 5.45
CA LEU A 152 14.47 14.86 4.58
C LEU A 152 15.78 14.88 5.37
N VAL A 153 16.01 15.95 6.14
CA VAL A 153 17.25 16.01 6.91
C VAL A 153 17.24 14.96 8.00
N GLU A 154 16.06 14.59 8.50
CA GLU A 154 16.01 13.50 9.50
C GLU A 154 16.42 12.17 8.89
N ARG A 155 15.93 11.87 7.68
CA ARG A 155 16.33 10.63 7.01
C ARG A 155 17.82 10.61 6.71
N THR A 156 18.36 11.73 6.23
CA THR A 156 19.79 11.80 5.98
C THR A 156 20.57 11.67 7.27
N HIS A 157 20.04 12.24 8.36
CA HIS A 157 20.63 12.08 9.69
C HIS A 157 20.74 10.62 10.08
N GLN A 158 19.66 9.88 9.89
CA GLN A 158 19.67 8.45 10.21
C GLN A 158 20.71 7.71 9.38
N THR A 159 20.73 7.97 8.07
CA THR A 159 21.66 7.28 7.20
C THR A 159 23.11 7.64 7.55
N LEU A 160 23.37 8.91 7.86
CA LEU A 160 24.72 9.33 8.21
C LEU A 160 25.17 8.74 9.53
N LYS A 161 24.26 8.64 10.51
CA LYS A 161 24.61 7.99 11.76
C LYS A 161 24.94 6.52 11.53
N ASN A 162 24.17 5.85 10.67
CA ASN A 162 24.47 4.45 10.35
C ASN A 162 25.84 4.33 9.70
N THR A 163 26.17 5.22 8.77
CA THR A 163 27.45 5.14 8.08
C THR A 163 28.60 5.46 9.04
N LEU A 164 28.39 6.39 9.97
CA LEU A 164 29.40 6.63 11.01
C LEU A 164 29.62 5.38 11.84
N GLU A 165 28.53 4.71 12.24
CA GLU A 165 28.66 3.47 12.99
C GLU A 165 29.46 2.44 12.20
N LYS A 166 29.28 2.40 10.88
CA LYS A 166 29.97 1.44 10.05
C LYS A 166 31.41 1.83 9.72
N LEU A 167 31.79 3.11 9.86
CA LEU A 167 33.08 3.57 9.35
C LEU A 167 34.00 4.17 10.41
N ILE A 168 33.52 4.45 11.62
CA ILE A 168 34.34 5.19 12.59
C ILE A 168 35.67 4.51 12.94
N PRO A 169 35.75 3.17 13.14
CA PRO A 169 37.02 2.62 13.64
C PRO A 169 38.14 2.59 12.60
N MET A 170 37.86 2.96 11.35
CA MET A 170 38.84 2.86 10.28
C MET A 170 39.71 4.10 10.15
N PHE A 171 39.43 5.17 10.87
CA PHE A 171 40.15 6.43 10.75
C PHE A 171 40.51 6.97 12.12
N ASN A 172 41.54 7.82 12.14
CA ASN A 172 42.00 8.40 13.40
C ASN A 172 41.06 9.48 13.90
N ALA A 173 40.55 10.33 13.00
CA ALA A 173 39.82 11.53 13.37
C ALA A 173 38.34 11.38 13.06
N PHE A 174 37.50 11.81 14.02
CA PHE A 174 36.06 11.79 13.81
C PHE A 174 35.68 12.67 12.64
N GLU A 175 36.37 13.79 12.45
CA GLU A 175 36.13 14.64 11.29
C GLU A 175 36.47 13.92 10.00
N SER A 176 37.57 13.17 9.99
CA SER A 176 37.92 12.39 8.81
C SER A 176 36.87 11.34 8.51
N ALA A 177 36.36 10.68 9.55
CA ALA A 177 35.29 9.70 9.35
C ALA A 177 34.03 10.38 8.81
N LEU A 178 33.71 11.56 9.32
CA LEU A 178 32.56 12.30 8.80
C LEU A 178 32.74 12.64 7.32
N ALA A 179 33.95 13.05 6.94
CA ALA A 179 34.23 13.31 5.53
C ALA A 179 34.08 12.04 4.69
N GLY A 180 34.55 10.91 5.22
CA GLY A 180 34.38 9.66 4.52
C GLY A 180 32.92 9.29 4.32
N THR A 181 32.10 9.53 5.34
CA THR A 181 30.67 9.29 5.22
C THR A 181 30.04 10.23 4.20
N LEU A 182 30.51 11.48 4.16
CA LEU A 182 30.05 12.40 3.12
C LEU A 182 30.38 11.87 1.74
N ILE A 183 31.59 11.32 1.57
CA ILE A 183 31.94 10.71 0.28
C ILE A 183 31.02 9.54 -0.02
N THR A 184 30.77 8.70 0.99
CA THR A 184 29.89 7.55 0.80
C THR A 184 28.51 7.96 0.32
N LEU A 185 27.93 8.97 0.94
CA LEU A 185 26.55 9.35 0.64
C LEU A 185 26.45 10.38 -0.48
N ASN A 186 27.56 10.90 -0.98
CA ASN A 186 27.53 11.88 -2.06
C ASN A 186 28.02 11.33 -3.40
N ILE A 187 28.99 10.42 -3.39
CA ILE A 187 29.56 9.87 -4.60
C ILE A 187 29.27 8.38 -4.76
N LYS A 188 29.34 7.63 -3.66
CA LYS A 188 29.17 6.18 -3.75
C LYS A 188 27.70 5.78 -3.74
N ARG A 189 26.86 6.45 -2.96
CA ARG A 189 25.45 6.11 -2.87
C ARG A 189 24.77 6.45 -4.19
N LYS A 190 24.57 5.43 -5.03
CA LYS A 190 23.97 5.62 -6.34
C LYS A 190 22.90 4.56 -6.55
N GLY A 191 21.83 4.95 -7.26
CA GLY A 191 20.74 4.05 -7.54
C GLY A 191 20.13 4.37 -8.89
N GLY A 192 19.24 3.49 -9.34
CA GLY A 192 18.61 3.65 -10.62
C GLY A 192 19.61 3.56 -11.76
N LEU A 193 19.89 4.70 -12.39
CA LEU A 193 20.87 4.76 -13.47
C LEU A 193 22.31 4.78 -12.97
N GLY A 194 22.53 4.57 -11.69
CA GLY A 194 23.88 4.58 -11.15
C GLY A 194 24.58 5.92 -11.26
N THR A 195 23.87 7.00 -10.95
CA THR A 195 24.39 8.35 -11.08
C THR A 195 24.43 9.00 -9.70
N SER A 196 25.53 9.66 -9.38
CA SER A 196 25.72 10.23 -8.06
C SER A 196 24.87 11.48 -7.88
N PRO A 197 24.45 11.76 -6.65
CA PRO A 197 23.78 13.04 -6.37
C PRO A 197 24.64 14.23 -6.73
N MET A 198 25.97 14.11 -6.61
CA MET A 198 26.85 15.18 -7.05
C MET A 198 26.73 15.40 -8.55
N ASP A 199 26.66 14.31 -9.32
CA ASP A 199 26.46 14.44 -10.76
C ASP A 199 25.12 15.08 -11.08
N ILE A 200 24.08 14.71 -10.34
CA ILE A 200 22.77 15.33 -10.55
C ILE A 200 22.85 16.82 -10.28
N PHE A 201 23.53 17.21 -9.20
CA PHE A 201 23.65 18.62 -8.86
C PHE A 201 24.43 19.38 -9.94
N ILE A 202 25.51 18.78 -10.45
CA ILE A 202 26.30 19.44 -11.50
C ILE A 202 25.47 19.62 -12.76
N PHE A 203 24.73 18.59 -13.17
CA PHE A 203 23.89 18.70 -14.35
C PHE A 203 22.80 19.73 -14.15
N ASN A 204 22.26 19.82 -12.93
CA ASN A 204 21.26 20.85 -12.64
C ASN A 204 21.84 22.25 -12.77
N LYS A 205 23.08 22.44 -12.30
CA LYS A 205 23.71 23.75 -12.46
C LYS A 205 23.93 24.07 -13.94
N GLU A 206 24.38 23.07 -14.71
CA GLU A 206 24.60 23.29 -16.14
C GLU A 206 23.30 23.68 -16.84
N GLN A 207 22.20 23.01 -16.52
CA GLN A 207 20.92 23.37 -17.11
C GLN A 207 20.44 24.74 -16.64
N GLN A 208 20.65 25.06 -15.35
CA GLN A 208 20.18 26.31 -14.78
C GLN A 208 21.00 27.50 -15.23
N ARG A 209 22.16 27.28 -15.84
CA ARG A 209 22.91 28.35 -16.49
C ARG A 209 21.98 29.26 -17.28
N ILE A 210 21.97 30.55 -16.93
CA ILE A 210 20.91 31.46 -17.36
C ILE A 210 21.12 32.04 -18.74
N GLN A 211 22.31 31.88 -19.33
CA GLN A 211 22.57 32.47 -20.64
C GLN A 211 21.65 31.86 -21.71
N GLN A 212 21.51 30.54 -21.70
CA GLN A 212 20.64 29.88 -22.67
C GLN A 212 19.18 30.27 -22.46
N GLN A 213 18.76 30.35 -21.20
CA GLN A 213 17.38 30.73 -20.91
C GLN A 213 17.09 32.15 -21.38
N SER A 214 18.05 33.06 -21.18
CA SER A 214 17.87 34.44 -21.64
C SER A 214 17.86 34.52 -23.16
N LYS A 215 18.73 33.76 -23.83
CA LYS A 215 18.83 33.85 -25.28
C LYS A 215 17.77 33.05 -26.01
N SER A 216 17.00 32.20 -25.30
CA SER A 216 15.90 31.49 -25.93
C SER A 216 14.74 32.38 -26.33
N LYS A 217 14.76 33.66 -25.93
CA LYS A 217 13.64 34.57 -26.21
C LYS A 217 13.45 34.80 -27.70
N GLN A 218 14.46 34.54 -28.53
CA GLN A 218 14.36 34.81 -29.96
C GLN A 218 13.41 33.87 -30.68
N GLU A 219 12.93 32.81 -30.02
CA GLU A 219 12.01 31.88 -30.66
C GLU A 219 10.70 32.57 -31.00
N LYS A 220 10.06 32.10 -32.07
CA LYS A 220 8.81 32.69 -32.52
C LYS A 220 7.71 32.53 -31.47
N ILE A 221 6.90 33.57 -31.31
CA ILE A 221 5.82 33.58 -30.34
C ILE A 221 4.50 33.80 -31.08
N ARG A 222 3.53 32.95 -30.81
CA ARG A 222 2.21 33.04 -31.43
C ARG A 222 1.14 33.20 -30.34
N PHE A 223 0.02 33.78 -30.73
CA PHE A 223 -1.09 34.02 -29.82
C PHE A 223 -2.26 33.09 -30.14
N CYS A 224 -3.17 32.95 -29.18
CA CYS A 224 -4.31 32.05 -29.34
C CYS A 224 -5.33 32.34 -28.24
N TYR A 225 -6.51 31.75 -28.39
CA TYR A 225 -7.54 31.79 -27.36
C TYR A 225 -7.58 30.44 -26.63
N TYR A 226 -8.49 30.32 -25.67
CA TYR A 226 -8.67 29.07 -24.95
C TYR A 226 -10.07 29.03 -24.35
N ARG A 227 -10.49 27.81 -23.97
CA ARG A 227 -11.80 27.60 -23.39
C ARG A 227 -11.73 26.40 -22.46
N THR A 228 -12.72 26.31 -21.57
CA THR A 228 -12.79 25.24 -20.59
C THR A 228 -13.93 24.29 -20.93
N ARG A 229 -13.70 23.00 -20.74
CA ARG A 229 -14.65 21.95 -21.10
C ARG A 229 -15.32 21.42 -19.83
N LYS A 230 -16.66 21.40 -19.83
CA LYS A 230 -17.44 20.82 -18.76
C LYS A 230 -18.50 19.92 -19.37
N ARG A 231 -18.45 18.63 -19.02
CA ARG A 231 -19.34 17.61 -19.58
C ARG A 231 -19.26 17.54 -21.10
N GLY A 232 -18.13 17.93 -21.68
CA GLY A 232 -18.00 18.02 -23.11
C GLY A 232 -18.56 19.30 -23.71
N HIS A 233 -19.10 20.20 -22.89
CA HIS A 233 -19.65 21.46 -23.38
C HIS A 233 -18.68 22.59 -23.06
N PRO A 234 -18.07 23.21 -24.06
CA PRO A 234 -17.10 24.29 -23.81
C PRO A 234 -17.78 25.63 -23.60
N GLY A 235 -17.00 26.58 -23.08
CA GLY A 235 -17.45 27.94 -22.89
C GLY A 235 -17.04 28.83 -24.04
N GLU A 236 -16.95 30.12 -23.74
CA GLU A 236 -16.53 31.10 -24.74
C GLU A 236 -15.02 31.12 -24.88
N TRP A 237 -14.56 31.64 -26.02
CA TRP A 237 -13.13 31.80 -26.25
C TRP A 237 -12.63 33.00 -25.43
N GLN A 238 -12.12 32.73 -24.23
CA GLN A 238 -11.86 33.76 -23.25
C GLN A 238 -10.40 34.18 -23.30
N GLY A 239 -10.15 35.41 -23.75
CA GLY A 239 -8.86 36.04 -23.59
C GLY A 239 -7.81 35.62 -24.60
N PRO A 240 -7.08 36.60 -25.14
CA PRO A 240 -5.92 36.28 -25.98
C PRO A 240 -4.66 36.04 -25.15
N THR A 241 -3.99 34.92 -25.40
CA THR A 241 -2.77 34.59 -24.67
C THR A 241 -1.75 34.01 -25.63
N GLN A 242 -0.48 34.16 -25.29
CA GLN A 242 0.61 33.67 -26.12
C GLN A 242 0.68 32.15 -26.07
N VAL A 243 1.12 31.55 -27.17
CA VAL A 243 1.39 30.11 -27.21
C VAL A 243 2.77 29.89 -26.60
N LEU A 244 2.79 29.52 -25.31
CA LEU A 244 4.06 29.32 -24.63
C LEU A 244 4.85 28.18 -25.27
N TRP A 245 4.18 27.09 -25.61
CA TRP A 245 4.80 26.01 -26.36
C TRP A 245 3.72 25.25 -27.11
N GLY A 246 4.10 24.66 -28.24
CA GLY A 246 3.19 23.86 -29.03
C GLY A 246 3.58 22.40 -29.06
N GLY A 247 2.70 21.54 -28.56
CA GLY A 247 2.92 20.11 -28.55
C GLY A 247 1.98 19.37 -29.49
N ASP A 248 2.11 18.05 -29.47
CA ASP A 248 1.28 17.18 -30.31
C ASP A 248 -0.04 16.95 -29.61
N GLY A 249 -1.10 17.59 -30.10
CA GLY A 249 -2.42 17.46 -29.55
C GLY A 249 -2.77 18.45 -28.46
N ALA A 250 -1.81 19.26 -28.00
CA ALA A 250 -2.08 20.25 -26.96
C ALA A 250 -1.01 21.32 -27.01
N ILE A 251 -1.29 22.45 -26.36
CA ILE A 251 -0.35 23.56 -26.22
C ILE A 251 -0.27 23.95 -24.76
N VAL A 252 0.51 24.99 -24.48
CA VAL A 252 0.66 25.53 -23.13
C VAL A 252 0.28 27.00 -23.17
N VAL A 253 -0.62 27.38 -22.25
CA VAL A 253 -1.09 28.76 -22.15
C VAL A 253 -1.14 29.15 -20.67
N LYS A 254 -1.19 30.45 -20.42
CA LYS A 254 -1.34 30.98 -19.08
C LYS A 254 -2.63 31.79 -18.99
N ASP A 255 -3.38 31.58 -17.91
CA ASP A 255 -4.62 32.28 -17.66
C ASP A 255 -4.36 33.40 -16.66
N ARG A 256 -4.59 34.64 -17.08
CA ARG A 256 -4.39 35.77 -16.18
C ARG A 256 -5.37 35.77 -15.03
N GLY A 257 -6.54 35.14 -15.23
CA GLY A 257 -7.49 35.04 -14.14
C GLY A 257 -7.00 34.17 -13.00
N THR A 258 -6.38 33.03 -13.34
CA THR A 258 -5.86 32.12 -12.34
C THR A 258 -4.40 32.37 -12.00
N ASP A 259 -3.69 33.10 -12.86
CA ASP A 259 -2.27 33.41 -12.66
C ASP A 259 -1.47 32.12 -12.44
N ARG A 260 -1.68 31.15 -13.33
CA ARG A 260 -0.96 29.89 -13.29
C ARG A 260 -1.00 29.26 -14.67
N TYR A 261 -0.16 28.26 -14.86
CA TYR A 261 0.00 27.64 -16.17
C TYR A 261 -1.06 26.56 -16.38
N LEU A 262 -1.46 26.38 -17.65
CA LEU A 262 -2.58 25.52 -17.94
C LEU A 262 -2.44 24.98 -19.35
N VAL A 263 -2.97 23.77 -19.57
CA VAL A 263 -2.84 23.06 -20.83
C VAL A 263 -4.22 22.89 -21.45
N ILE A 264 -4.31 23.12 -22.77
CA ILE A 264 -5.53 22.96 -23.54
C ILE A 264 -5.23 22.09 -24.75
N ALA A 265 -6.11 21.12 -25.02
CA ALA A 265 -5.93 20.27 -26.19
C ALA A 265 -6.04 21.09 -27.47
N ASN A 266 -5.33 20.63 -28.51
CA ASN A 266 -5.27 21.36 -29.78
C ASN A 266 -6.64 21.47 -30.45
N LYS A 267 -7.58 20.60 -30.12
CA LYS A 267 -8.92 20.70 -30.70
C LYS A 267 -9.61 21.99 -30.30
N ASP A 268 -9.45 22.41 -29.05
CA ASP A 268 -10.03 23.65 -28.55
C ASP A 268 -9.11 24.86 -28.73
N VAL A 269 -8.20 24.80 -29.70
CA VAL A 269 -7.24 25.87 -29.94
C VAL A 269 -7.32 26.28 -31.41
N LYS A 270 -7.35 27.59 -31.64
CA LYS A 270 -7.27 28.15 -32.99
C LYS A 270 -6.01 28.99 -33.08
N PHE A 271 -5.24 28.79 -34.15
CA PHE A 271 -3.97 29.47 -34.31
C PHE A 271 -4.16 30.85 -34.92
N ILE A 272 -3.51 31.85 -34.32
CA ILE A 272 -3.55 33.22 -34.81
C ILE A 272 -2.39 33.40 -35.80
N PRO A 273 -2.65 33.83 -37.03
CA PRO A 273 -1.56 33.99 -37.99
C PRO A 273 -0.58 35.06 -37.55
N PRO A 274 0.70 34.89 -37.84
CA PRO A 274 1.69 35.90 -37.47
C PRO A 274 1.62 37.10 -38.39
N PRO A 275 2.19 38.24 -38.00
CA PRO A 275 2.24 39.40 -38.89
C PRO A 275 3.00 39.07 -40.17
N LYS A 276 2.54 39.65 -41.27
CA LYS A 276 3.13 39.41 -42.58
C LYS A 276 3.26 40.70 -43.38
N GLU B 3 32.14 9.56 -34.08
CA GLU B 3 33.11 10.25 -33.24
C GLU B 3 33.95 11.23 -34.04
N ASN B 4 34.05 12.45 -33.54
CA ASN B 4 34.89 13.47 -34.15
C ASN B 4 36.29 13.52 -33.55
N ILE B 5 36.61 12.60 -32.62
CA ILE B 5 37.92 12.62 -31.98
C ILE B 5 39.06 12.36 -32.97
N PRO B 6 38.99 11.35 -33.85
CA PRO B 6 40.06 11.20 -34.85
C PRO B 6 40.19 12.39 -35.79
N LEU B 7 39.07 13.04 -36.13
CA LEU B 7 39.16 14.26 -36.94
C LEU B 7 39.90 15.36 -36.17
N ALA B 8 39.61 15.49 -34.88
CA ALA B 8 40.32 16.46 -34.05
C ALA B 8 41.79 16.14 -33.99
N GLU B 9 42.13 14.86 -33.90
CA GLU B 9 43.53 14.45 -33.82
C GLU B 9 44.26 14.69 -35.14
N GLU B 10 43.57 14.50 -36.27
CA GLU B 10 44.14 14.88 -37.56
C GLU B 10 44.36 16.40 -37.64
N GLU B 11 43.38 17.18 -37.18
CA GLU B 11 43.54 18.63 -37.19
C GLU B 11 44.70 19.06 -36.29
N HIS B 12 44.90 18.35 -35.18
CA HIS B 12 46.06 18.63 -34.33
C HIS B 12 47.36 18.25 -35.03
N ASN B 13 47.37 17.13 -35.74
CA ASN B 13 48.57 16.76 -36.50
C ASN B 13 48.86 17.80 -37.58
N LYS B 14 47.83 18.52 -38.04
CA LYS B 14 48.02 19.54 -39.05
C LYS B 14 48.49 20.87 -38.46
N TRP B 15 47.81 21.36 -37.42
CA TRP B 15 48.04 22.72 -36.92
C TRP B 15 48.87 22.78 -35.65
N HIS B 16 48.78 21.76 -34.78
CA HIS B 16 49.47 21.71 -33.50
C HIS B 16 49.01 22.84 -32.58
N GLN B 17 47.71 22.82 -32.29
CA GLN B 17 47.09 23.72 -31.33
C GLN B 17 47.08 23.04 -29.95
N ASP B 18 46.88 23.83 -28.90
CA ASP B 18 46.88 23.28 -27.55
C ASP B 18 45.59 22.52 -27.25
N ALA B 19 45.68 21.65 -26.24
CA ALA B 19 44.54 20.80 -25.87
C ALA B 19 43.34 21.64 -25.46
N VAL B 20 43.59 22.81 -24.87
CA VAL B 20 42.50 23.68 -24.44
C VAL B 20 41.61 24.05 -25.62
N SER B 21 42.18 24.75 -26.61
CA SER B 21 41.41 25.12 -27.79
C SER B 21 40.92 23.89 -28.54
N LEU B 22 41.70 22.80 -28.49
CA LEU B 22 41.28 21.58 -29.18
C LEU B 22 39.92 21.10 -28.67
N HIS B 23 39.78 20.92 -27.36
CA HIS B 23 38.52 20.36 -26.87
C HIS B 23 37.44 21.44 -26.84
N LEU B 24 37.84 22.71 -26.69
CA LEU B 24 36.85 23.77 -26.73
C LEU B 24 36.18 23.86 -28.10
N GLU B 25 36.94 23.63 -29.17
CA GLU B 25 36.43 23.93 -30.50
C GLU B 25 36.03 22.67 -31.26
N PHE B 26 36.42 21.48 -30.77
CA PHE B 26 35.94 20.21 -31.32
C PHE B 26 35.18 19.31 -30.34
N GLY B 27 34.94 19.73 -29.10
CA GLY B 27 34.14 18.95 -28.18
C GLY B 27 34.67 17.55 -27.91
N ILE B 28 35.99 17.44 -27.72
CA ILE B 28 36.64 16.14 -27.56
C ILE B 28 37.04 15.98 -26.10
N PRO B 29 37.32 14.77 -25.62
CA PRO B 29 37.68 14.60 -24.22
C PRO B 29 38.93 15.38 -23.84
N ARG B 30 38.90 15.93 -22.62
CA ARG B 30 40.10 16.60 -22.11
C ARG B 30 41.24 15.62 -21.92
N THR B 31 40.94 14.41 -21.42
CA THR B 31 41.97 13.38 -21.28
C THR B 31 42.51 12.96 -22.65
N ALA B 32 41.64 12.81 -23.64
CA ALA B 32 42.09 12.48 -24.98
C ALA B 32 42.97 13.58 -25.55
N ALA B 33 42.59 14.84 -25.32
CA ALA B 33 43.41 15.96 -25.80
C ALA B 33 44.77 15.98 -25.12
N GLU B 34 44.80 15.67 -23.82
CA GLU B 34 46.08 15.57 -23.11
C GLU B 34 46.93 14.45 -23.69
N ASP B 35 46.31 13.31 -23.99
CA ASP B 35 47.04 12.20 -24.57
C ASP B 35 47.61 12.57 -25.94
N ILE B 36 46.83 13.31 -26.74
CA ILE B 36 47.29 13.70 -28.07
C ILE B 36 48.43 14.71 -27.96
N VAL B 37 48.33 15.62 -26.99
CA VAL B 37 49.43 16.56 -26.76
C VAL B 37 50.69 15.80 -26.36
N GLN B 38 50.54 14.79 -25.49
CA GLN B 38 51.69 14.00 -25.06
C GLN B 38 52.32 13.26 -26.22
N GLN B 39 51.50 12.63 -27.07
CA GLN B 39 52.04 11.84 -28.17
C GLN B 39 52.57 12.69 -29.30
N CYS B 40 52.09 13.93 -29.44
CA CYS B 40 52.55 14.82 -30.51
C CYS B 40 53.89 15.44 -30.10
N ASP B 41 54.94 15.11 -30.84
CA ASP B 41 56.28 15.59 -30.49
C ASP B 41 56.46 17.07 -30.79
N VAL B 42 55.61 17.66 -31.63
CA VAL B 42 55.74 19.08 -31.96
C VAL B 42 55.46 19.93 -30.72
N CYS B 43 54.37 19.62 -30.01
CA CYS B 43 54.02 20.38 -28.82
C CYS B 43 54.90 20.04 -27.62
N GLN B 44 55.57 18.89 -27.64
CA GLN B 44 56.43 18.50 -26.54
C GLN B 44 57.81 19.14 -26.66
N ILE B 60 44.58 17.59 -16.54
CA ILE B 60 43.23 17.85 -16.05
C ILE B 60 43.15 17.49 -14.58
N ASP B 61 42.43 18.32 -13.81
CA ASP B 61 42.36 18.19 -12.35
C ASP B 61 43.76 18.20 -11.74
N HIS B 62 44.62 19.06 -12.28
CA HIS B 62 45.98 19.22 -11.81
C HIS B 62 46.03 20.41 -10.86
N TRP B 63 46.50 20.16 -9.65
CA TRP B 63 46.46 21.16 -8.58
C TRP B 63 47.85 21.41 -8.03
N GLN B 64 48.00 22.56 -7.39
CA GLN B 64 49.24 22.96 -6.72
C GLN B 64 48.89 23.50 -5.35
N VAL B 65 49.74 23.22 -4.37
CA VAL B 65 49.50 23.62 -2.98
C VAL B 65 50.72 24.36 -2.46
N ASP B 66 50.47 25.48 -1.79
CA ASP B 66 51.55 26.30 -1.25
C ASP B 66 51.11 26.83 0.12
N TYR B 67 52.09 27.19 0.93
CA TYR B 67 51.86 27.74 2.27
C TYR B 67 52.29 29.19 2.31
N THR B 68 51.51 30.02 3.01
CA THR B 68 51.78 31.45 3.08
C THR B 68 51.22 32.00 4.38
N HIS B 69 51.89 33.01 4.92
CA HIS B 69 51.52 33.64 6.18
C HIS B 69 50.94 35.03 5.92
N TYR B 70 50.03 35.46 6.81
CA TYR B 70 49.41 36.78 6.68
C TYR B 70 48.82 37.13 8.04
N GLU B 71 49.39 38.14 8.71
CA GLU B 71 49.27 38.29 10.17
C GLU B 71 49.61 36.99 10.90
N ASP B 72 50.71 36.35 10.45
CA ASP B 72 51.27 35.18 11.11
C ASP B 72 50.23 34.07 11.27
N LYS B 73 49.47 33.84 10.20
CA LYS B 73 48.48 32.78 10.16
C LYS B 73 48.76 31.89 8.96
N ILE B 74 48.73 30.57 9.18
CA ILE B 74 49.05 29.59 8.15
C ILE B 74 47.75 29.16 7.50
N ILE B 75 47.70 29.24 6.17
CA ILE B 75 46.51 28.91 5.39
C ILE B 75 46.91 28.00 4.24
N LEU B 76 46.13 26.95 4.02
CA LEU B 76 46.29 26.14 2.83
C LEU B 76 45.83 26.92 1.59
N VAL B 77 46.58 26.79 0.50
CA VAL B 77 46.23 27.39 -0.77
C VAL B 77 46.16 26.28 -1.81
N TRP B 78 45.00 26.11 -2.43
CA TRP B 78 44.80 25.11 -3.47
C TRP B 78 44.40 25.82 -4.74
N VAL B 79 45.22 25.70 -5.78
CA VAL B 79 44.99 26.34 -7.07
C VAL B 79 45.07 25.28 -8.15
N GLU B 80 44.05 25.21 -9.00
CA GLU B 80 44.07 24.30 -10.13
C GLU B 80 44.81 24.97 -11.29
N THR B 81 45.62 24.18 -12.00
CA THR B 81 46.59 24.75 -12.92
C THR B 81 45.97 25.26 -14.22
N ASN B 82 44.79 24.79 -14.59
CA ASN B 82 44.24 25.07 -15.92
C ASN B 82 42.99 25.95 -15.85
N SER B 83 41.95 25.52 -15.12
CA SER B 83 40.73 26.31 -15.07
C SER B 83 40.91 27.59 -14.27
N GLY B 84 41.67 27.53 -13.19
CA GLY B 84 41.92 28.68 -12.35
C GLY B 84 41.12 28.76 -11.08
N LEU B 85 40.30 27.75 -10.78
CA LEU B 85 39.56 27.73 -9.52
C LEU B 85 40.53 27.59 -8.34
N ILE B 86 40.21 28.26 -7.24
CA ILE B 86 41.07 28.26 -6.06
C ILE B 86 40.25 27.90 -4.84
N TYR B 87 40.94 27.44 -3.80
CA TYR B 87 40.33 27.07 -2.54
C TYR B 87 41.31 27.38 -1.42
N ALA B 88 40.79 27.75 -0.25
CA ALA B 88 41.63 28.07 0.88
C ALA B 88 40.88 27.73 2.17
N GLU B 89 41.66 27.57 3.25
CA GLU B 89 41.09 27.29 4.56
C GLU B 89 42.17 27.51 5.62
N ARG B 90 41.78 28.15 6.72
CA ARG B 90 42.70 28.38 7.82
C ARG B 90 43.04 27.07 8.52
N VAL B 91 44.31 26.93 8.90
CA VAL B 91 44.79 25.75 9.61
C VAL B 91 45.61 26.20 10.81
N LYS B 92 45.63 25.38 11.86
CA LYS B 92 46.40 25.72 13.05
C LYS B 92 47.90 25.61 12.79
N GLY B 93 48.32 24.56 12.11
CA GLY B 93 49.74 24.33 11.90
C GLY B 93 50.00 23.66 10.56
N GLU B 94 51.28 23.57 10.22
CA GLU B 94 51.72 23.02 8.95
C GLU B 94 52.07 21.53 9.02
N THR B 95 51.80 20.87 10.14
CA THR B 95 52.28 19.51 10.32
C THR B 95 51.40 18.49 9.59
N GLY B 96 51.93 17.27 9.52
CA GLY B 96 51.42 16.26 8.61
C GLY B 96 49.98 15.87 8.90
N GLN B 97 49.62 15.72 10.17
CA GLN B 97 48.27 15.25 10.49
C GLN B 97 47.21 16.26 10.06
N GLU B 98 47.47 17.55 10.30
CA GLU B 98 46.57 18.59 9.83
C GLU B 98 46.55 18.65 8.31
N PHE B 99 47.70 18.46 7.65
CA PHE B 99 47.66 18.40 6.19
C PHE B 99 46.81 17.24 5.71
N ARG B 100 46.89 16.11 6.41
CA ARG B 100 46.10 14.94 6.04
C ARG B 100 44.62 15.21 6.19
N VAL B 101 44.23 15.87 7.27
CA VAL B 101 42.83 16.22 7.47
C VAL B 101 42.35 17.16 6.37
N GLN B 102 43.16 18.17 6.05
CA GLN B 102 42.78 19.12 5.01
C GLN B 102 42.65 18.43 3.66
N THR B 103 43.58 17.53 3.32
CA THR B 103 43.50 16.88 2.03
C THR B 103 42.35 15.87 1.99
N MET B 104 42.00 15.27 3.12
CA MET B 104 40.82 14.41 3.18
C MET B 104 39.55 15.22 2.89
N LYS B 105 39.43 16.39 3.54
CA LYS B 105 38.27 17.24 3.26
C LYS B 105 38.26 17.71 1.82
N TRP B 106 39.44 18.03 1.27
CA TRP B 106 39.53 18.50 -0.10
C TRP B 106 39.11 17.42 -1.08
N TYR B 107 39.54 16.17 -0.85
CA TYR B 107 39.14 15.07 -1.71
C TYR B 107 37.66 14.73 -1.51
N ALA B 108 37.12 14.99 -0.32
CA ALA B 108 35.69 14.83 -0.12
C ALA B 108 34.90 15.82 -0.97
N MET B 109 35.37 17.07 -0.99
CA MET B 109 34.64 18.12 -1.71
C MET B 109 34.81 18.04 -3.22
N PHE B 110 35.97 17.60 -3.70
CA PHE B 110 36.23 17.57 -5.13
C PHE B 110 36.54 16.16 -5.61
N ALA B 111 36.84 16.00 -6.89
CA ALA B 111 37.24 14.71 -7.47
C ALA B 111 38.50 14.92 -8.29
N PRO B 112 39.65 15.10 -7.64
CA PRO B 112 40.88 15.38 -8.37
C PRO B 112 41.44 14.15 -9.06
N LYS B 113 42.42 14.39 -9.93
CA LYS B 113 43.11 13.33 -10.64
C LYS B 113 44.63 13.38 -10.51
N SER B 114 45.20 14.56 -10.25
CA SER B 114 46.65 14.69 -10.12
C SER B 114 46.96 15.88 -9.22
N LEU B 115 48.17 15.88 -8.68
CA LEU B 115 48.59 16.92 -7.76
C LEU B 115 50.08 17.19 -7.92
N GLN B 116 50.44 18.46 -7.97
CA GLN B 116 51.83 18.90 -8.07
C GLN B 116 52.20 19.71 -6.84
N SER B 117 53.37 19.47 -6.29
CA SER B 117 53.78 20.10 -5.04
C SER B 117 55.30 20.15 -4.98
N ASP B 118 55.81 20.94 -4.05
CA ASP B 118 57.23 21.07 -3.81
C ASP B 118 57.69 20.02 -2.81
N ASN B 119 58.90 20.18 -2.28
CA ASN B 119 59.53 19.19 -1.42
C ASN B 119 59.33 19.47 0.06
N GLY B 120 58.22 20.08 0.45
CA GLY B 120 57.93 20.33 1.84
C GLY B 120 57.80 19.04 2.64
N PRO B 121 58.18 19.08 3.91
CA PRO B 121 58.09 17.86 4.74
C PRO B 121 56.68 17.30 4.84
N ALA B 122 55.67 18.18 4.96
CA ALA B 122 54.30 17.70 5.01
C ALA B 122 53.91 17.00 3.72
N PHE B 123 54.37 17.52 2.58
CA PHE B 123 54.03 16.92 1.30
C PHE B 123 54.76 15.60 1.11
N VAL B 124 55.98 15.50 1.61
CA VAL B 124 56.81 14.30 1.39
C VAL B 124 56.66 13.28 2.50
N ALA B 125 55.84 13.56 3.52
CA ALA B 125 55.64 12.60 4.60
C ALA B 125 55.17 11.25 4.07
N GLU B 126 55.70 10.19 4.66
CA GLU B 126 55.43 8.84 4.20
C GLU B 126 53.96 8.48 4.34
N SER B 127 53.35 8.85 5.47
CA SER B 127 51.92 8.55 5.65
C SER B 127 51.06 9.37 4.72
N THR B 128 51.44 10.61 4.44
CA THR B 128 50.69 11.43 3.49
C THR B 128 50.73 10.82 2.10
N GLN B 129 51.91 10.37 1.67
CA GLN B 129 51.98 9.75 0.34
C GLN B 129 51.29 8.39 0.32
N LEU B 130 51.30 7.67 1.45
CA LEU B 130 50.57 6.42 1.54
C LEU B 130 49.07 6.65 1.40
N LEU B 131 48.56 7.71 2.03
CA LEU B 131 47.13 8.01 1.90
C LEU B 131 46.80 8.53 0.51
N MET B 132 47.73 9.24 -0.13
CA MET B 132 47.57 9.55 -1.55
C MET B 132 47.41 8.28 -2.38
N LYS B 133 48.28 7.30 -2.15
CA LYS B 133 48.17 6.05 -2.90
C LYS B 133 46.88 5.31 -2.56
N TYR B 134 46.45 5.40 -1.30
CA TYR B 134 45.17 4.79 -0.90
C TYR B 134 44.00 5.41 -1.66
N LEU B 135 44.02 6.74 -1.80
CA LEU B 135 43.03 7.42 -2.63
C LEU B 135 43.27 7.20 -4.11
N GLY B 136 44.41 6.64 -4.50
CA GLY B 136 44.68 6.33 -5.89
C GLY B 136 44.83 7.54 -6.78
N ILE B 137 45.58 8.54 -6.33
CA ILE B 137 45.81 9.76 -7.09
C ILE B 137 47.31 9.97 -7.25
N GLU B 138 47.68 10.50 -8.41
CA GLU B 138 49.09 10.78 -8.69
C GLU B 138 49.58 11.93 -7.83
N HIS B 139 50.76 11.75 -7.24
CA HIS B 139 51.40 12.78 -6.43
C HIS B 139 52.82 13.00 -6.95
N THR B 140 53.17 14.27 -7.16
CA THR B 140 54.49 14.63 -7.68
C THR B 140 55.09 15.68 -6.77
N THR B 141 56.34 15.48 -6.37
CA THR B 141 57.07 16.43 -5.54
C THR B 141 58.37 16.82 -6.22
N GLY B 142 58.80 18.04 -5.96
CA GLY B 142 60.03 18.55 -6.55
C GLY B 142 59.93 20.05 -6.76
N ILE B 143 61.03 20.61 -7.25
CA ILE B 143 61.08 22.05 -7.51
C ILE B 143 60.14 22.39 -8.66
N PRO B 144 59.20 23.32 -8.49
CA PRO B 144 58.28 23.66 -9.59
C PRO B 144 59.02 24.37 -10.71
N TRP B 145 59.03 23.73 -11.89
CA TRP B 145 59.75 24.24 -13.04
C TRP B 145 58.85 24.88 -14.09
N ASN B 146 57.52 24.82 -13.92
CA ASN B 146 56.60 25.29 -14.94
C ASN B 146 56.24 26.74 -14.65
N PRO B 147 56.65 27.69 -15.48
CA PRO B 147 56.21 29.08 -15.28
C PRO B 147 54.70 29.25 -15.38
N GLN B 148 54.04 28.45 -16.23
CA GLN B 148 52.60 28.59 -16.41
C GLN B 148 51.86 28.38 -15.10
N SER B 149 52.28 27.41 -14.30
CA SER B 149 51.68 27.18 -13.00
C SER B 149 52.25 28.10 -11.92
N GLN B 150 53.56 28.34 -11.94
CA GLN B 150 54.17 29.15 -10.89
C GLN B 150 53.65 30.57 -10.90
N ALA B 151 53.62 31.21 -12.08
CA ALA B 151 53.16 32.59 -12.17
C ALA B 151 51.70 32.70 -11.75
N LEU B 152 50.88 31.72 -12.14
CA LEU B 152 49.50 31.69 -11.67
C LEU B 152 49.44 31.59 -10.16
N VAL B 153 50.34 30.81 -9.55
CA VAL B 153 50.37 30.69 -8.11
C VAL B 153 50.66 32.04 -7.46
N GLU B 154 51.68 32.74 -7.96
CA GLU B 154 52.00 34.04 -7.36
C GLU B 154 50.89 35.06 -7.60
N ARG B 155 50.27 35.04 -8.78
CA ARG B 155 49.17 35.96 -9.05
C ARG B 155 48.00 35.69 -8.11
N THR B 156 47.67 34.42 -7.88
CA THR B 156 46.61 34.08 -6.94
C THR B 156 46.97 34.55 -5.54
N HIS B 157 48.21 34.35 -5.13
CA HIS B 157 48.63 34.78 -3.80
C HIS B 157 48.49 36.29 -3.63
N GLN B 158 49.02 37.05 -4.59
CA GLN B 158 48.97 38.51 -4.48
C GLN B 158 47.53 39.01 -4.51
N THR B 159 46.72 38.49 -5.43
CA THR B 159 45.33 38.93 -5.52
C THR B 159 44.56 38.56 -4.26
N LEU B 160 44.79 37.37 -3.72
CA LEU B 160 44.08 36.94 -2.52
C LEU B 160 44.46 37.80 -1.32
N LYS B 161 45.76 38.10 -1.16
CA LYS B 161 46.16 38.91 -0.02
C LYS B 161 45.64 40.35 -0.17
N ASN B 162 45.66 40.88 -1.39
CA ASN B 162 45.13 42.22 -1.61
C ASN B 162 43.63 42.27 -1.33
N THR B 163 42.88 41.26 -1.79
CA THR B 163 41.44 41.24 -1.55
C THR B 163 41.12 41.01 -0.09
N LEU B 164 41.96 40.27 0.63
CA LEU B 164 41.67 40.05 2.04
C LEU B 164 41.96 41.31 2.86
N GLU B 165 43.04 42.03 2.54
CA GLU B 165 43.25 43.36 3.11
C GLU B 165 42.11 44.29 2.72
N LYS B 166 41.56 44.09 1.53
CA LYS B 166 40.43 44.86 1.04
C LYS B 166 39.20 44.64 1.93
N LEU B 167 38.91 43.39 2.27
CA LEU B 167 37.61 43.02 2.80
C LEU B 167 37.59 42.73 4.30
N ILE B 168 38.75 42.60 4.96
CA ILE B 168 38.75 42.17 6.36
C ILE B 168 38.03 43.14 7.30
N PRO B 169 38.17 44.47 7.20
CA PRO B 169 37.54 45.33 8.22
C PRO B 169 36.03 45.22 8.25
N MET B 170 35.39 44.87 7.12
CA MET B 170 33.94 44.80 7.05
C MET B 170 33.37 43.57 7.75
N PHE B 171 34.15 42.51 7.89
CA PHE B 171 33.66 41.23 8.41
C PHE B 171 34.18 40.98 9.81
N ASN B 172 33.34 40.32 10.61
CA ASN B 172 33.67 40.06 12.01
C ASN B 172 34.73 38.95 12.14
N ALA B 173 34.63 37.91 11.32
CA ALA B 173 35.44 36.71 11.48
C ALA B 173 36.48 36.62 10.37
N PHE B 174 37.70 36.20 10.76
CA PHE B 174 38.76 36.02 9.78
C PHE B 174 38.39 34.95 8.77
N GLU B 175 37.80 33.85 9.23
CA GLU B 175 37.32 32.82 8.31
C GLU B 175 36.24 33.35 7.39
N SER B 176 35.38 34.23 7.89
CA SER B 176 34.36 34.85 7.05
C SER B 176 35.00 35.72 5.97
N ALA B 177 36.07 36.44 6.33
CA ALA B 177 36.77 37.24 5.33
C ALA B 177 37.39 36.36 4.26
N LEU B 178 38.01 35.25 4.66
CA LEU B 178 38.54 34.31 3.67
C LEU B 178 37.45 33.76 2.78
N ALA B 179 36.29 33.43 3.35
CA ALA B 179 35.18 32.93 2.55
C ALA B 179 34.71 33.97 1.55
N GLY B 180 34.64 35.24 1.97
CA GLY B 180 34.24 36.30 1.07
C GLY B 180 35.23 36.49 -0.07
N THR B 181 36.53 36.43 0.23
CA THR B 181 37.54 36.54 -0.82
C THR B 181 37.45 35.36 -1.78
N LEU B 182 37.17 34.16 -1.26
CA LEU B 182 36.95 33.01 -2.13
C LEU B 182 35.76 33.24 -3.05
N ILE B 183 34.68 33.83 -2.51
CA ILE B 183 33.52 34.16 -3.34
C ILE B 183 33.91 35.13 -4.44
N THR B 184 34.67 36.16 -4.09
CA THR B 184 35.07 37.16 -5.07
C THR B 184 35.94 36.55 -6.17
N LEU B 185 36.86 35.68 -5.79
CA LEU B 185 37.81 35.12 -6.75
C LEU B 185 37.29 33.90 -7.49
N ASN B 186 36.15 33.34 -7.08
CA ASN B 186 35.61 32.18 -7.76
C ASN B 186 34.30 32.43 -8.50
N ILE B 187 33.49 33.37 -8.04
CA ILE B 187 32.17 33.64 -8.63
C ILE B 187 32.11 35.03 -9.24
N LYS B 188 32.38 36.07 -8.44
CA LYS B 188 32.19 37.44 -8.91
C LYS B 188 33.17 37.79 -10.02
N ARG B 189 34.44 37.41 -9.87
CA ARG B 189 35.43 37.70 -10.90
C ARG B 189 35.12 36.93 -12.17
N LYS B 190 35.19 37.60 -13.31
CA LYS B 190 34.81 37.01 -14.58
C LYS B 190 35.86 37.34 -15.65
N GLY B 191 35.90 36.51 -16.68
CA GLY B 191 36.82 36.73 -17.78
C GLY B 191 36.21 36.21 -19.07
N GLY B 192 36.78 36.69 -20.18
CA GLY B 192 36.29 36.30 -21.50
C GLY B 192 34.87 36.77 -21.74
N LEU B 193 33.98 35.84 -22.07
CA LEU B 193 32.57 36.15 -22.31
C LEU B 193 31.75 36.14 -21.02
N GLY B 194 32.39 36.35 -19.88
CA GLY B 194 31.67 36.32 -18.62
C GLY B 194 31.61 34.96 -17.98
N THR B 195 32.71 34.21 -18.01
CA THR B 195 32.78 32.87 -17.46
C THR B 195 33.64 32.89 -16.20
N SER B 196 33.05 32.49 -15.08
CA SER B 196 33.77 32.46 -13.83
C SER B 196 34.71 31.26 -13.77
N PRO B 197 35.71 31.29 -12.89
CA PRO B 197 36.48 30.06 -12.64
C PRO B 197 35.59 28.92 -12.17
N MET B 198 34.58 29.22 -11.36
CA MET B 198 33.64 28.17 -10.96
C MET B 198 32.88 27.64 -12.17
N ASP B 199 32.47 28.52 -13.08
CA ASP B 199 31.74 28.08 -14.26
C ASP B 199 32.60 27.18 -15.14
N ILE B 200 33.85 27.58 -15.37
CA ILE B 200 34.72 26.77 -16.23
C ILE B 200 35.03 25.44 -15.56
N PHE B 201 35.24 25.45 -14.23
CA PHE B 201 35.47 24.19 -13.53
C PHE B 201 34.27 23.27 -13.64
N ILE B 202 33.07 23.82 -13.48
CA ILE B 202 31.86 23.00 -13.58
C ILE B 202 31.73 22.41 -14.98
N PHE B 203 31.97 23.23 -16.01
CA PHE B 203 31.86 22.75 -17.39
C PHE B 203 32.85 21.62 -17.66
N ASN B 204 34.12 21.84 -17.31
CA ASN B 204 35.12 20.82 -17.57
C ASN B 204 34.85 19.56 -16.75
N LYS B 205 34.41 19.72 -15.50
CA LYS B 205 34.09 18.56 -14.68
C LYS B 205 32.95 17.75 -15.28
N GLU B 206 31.90 18.43 -15.75
CA GLU B 206 30.77 17.73 -16.34
C GLU B 206 31.21 16.95 -17.57
N GLN B 207 31.91 17.61 -18.49
CA GLN B 207 32.34 16.91 -19.70
C GLN B 207 33.31 15.78 -19.40
N GLN B 208 34.24 16.00 -18.47
CA GLN B 208 35.20 14.98 -18.10
C GLN B 208 34.52 13.76 -17.50
N ARG B 209 33.54 13.98 -16.60
CA ARG B 209 32.84 12.85 -16.01
C ARG B 209 32.01 12.10 -17.04
N ILE B 210 31.37 12.83 -17.97
CA ILE B 210 30.62 12.17 -19.03
C ILE B 210 31.53 11.27 -19.85
N GLN B 211 32.68 11.82 -20.27
CA GLN B 211 33.59 11.04 -21.11
C GLN B 211 34.25 9.91 -20.32
N GLN B 212 34.48 10.09 -19.02
CA GLN B 212 34.99 9.01 -18.19
C GLN B 212 34.00 7.85 -18.12
N GLN B 213 32.74 8.16 -17.80
CA GLN B 213 31.73 7.11 -17.72
C GLN B 213 31.42 6.51 -19.08
N SER B 214 31.76 7.20 -20.16
CA SER B 214 31.53 6.66 -21.50
C SER B 214 32.70 5.85 -22.04
N LYS B 215 33.93 6.12 -21.60
CA LYS B 215 35.09 5.54 -22.25
C LYS B 215 36.05 4.82 -21.31
N SER B 216 36.23 5.33 -20.09
CA SER B 216 37.36 4.90 -19.26
C SER B 216 37.17 3.49 -18.70
N LYS B 217 36.10 3.29 -17.92
CA LYS B 217 35.95 2.07 -17.14
C LYS B 217 35.61 0.84 -17.99
N GLN B 218 35.30 1.02 -19.27
CA GLN B 218 34.84 -0.11 -20.08
C GLN B 218 35.97 -1.11 -20.36
N GLU B 219 36.99 -0.69 -21.10
CA GLU B 219 38.09 -1.58 -21.48
C GLU B 219 39.37 -0.77 -21.59
N LYS B 220 40.50 -1.46 -21.39
CA LYS B 220 41.81 -0.81 -21.43
C LYS B 220 42.80 -1.72 -22.15
N ILE B 221 43.82 -1.08 -22.73
CA ILE B 221 45.01 -1.69 -23.33
C ILE B 221 44.67 -2.96 -24.11
N ARG B 222 43.76 -2.85 -25.06
CA ARG B 222 43.32 -3.97 -25.89
C ARG B 222 43.74 -3.75 -27.34
N PHE B 223 44.25 -4.80 -27.97
CA PHE B 223 44.63 -4.75 -29.37
C PHE B 223 43.46 -5.17 -30.26
N CYS B 224 43.59 -4.90 -31.56
CA CYS B 224 42.51 -5.19 -32.50
C CYS B 224 43.07 -5.18 -33.92
N TYR B 225 42.24 -5.65 -34.85
CA TYR B 225 42.49 -5.56 -36.27
C TYR B 225 41.47 -4.62 -36.90
N TYR B 226 41.90 -3.84 -37.89
CA TYR B 226 41.05 -2.84 -38.49
C TYR B 226 41.16 -2.90 -40.02
N ARG B 227 40.12 -2.42 -40.68
CA ARG B 227 40.08 -2.36 -42.13
C ARG B 227 39.40 -1.06 -42.56
N THR B 228 39.68 -0.65 -43.79
CA THR B 228 39.14 0.59 -44.35
C THR B 228 38.25 0.25 -45.53
N ARG B 229 37.06 0.86 -45.57
CA ARG B 229 36.10 0.61 -46.63
C ARG B 229 36.29 1.61 -47.77
N LYS B 230 36.33 1.09 -48.99
CA LYS B 230 36.45 1.91 -50.20
C LYS B 230 35.13 1.81 -50.96
N ARG B 231 34.33 2.88 -50.89
CA ARG B 231 33.02 2.92 -51.53
C ARG B 231 32.14 1.76 -51.07
N GLY B 232 32.23 1.42 -49.78
CA GLY B 232 31.46 0.33 -49.22
C GLY B 232 32.13 -1.02 -49.29
N HIS B 233 33.17 -1.18 -50.10
CA HIS B 233 33.87 -2.45 -50.17
C HIS B 233 34.83 -2.59 -49.00
N PRO B 234 34.69 -3.62 -48.17
CA PRO B 234 35.61 -3.77 -47.02
C PRO B 234 37.03 -4.02 -47.48
N GLY B 235 37.98 -3.47 -46.72
CA GLY B 235 39.39 -3.65 -47.02
C GLY B 235 40.01 -4.81 -46.27
N GLU B 236 41.29 -5.03 -46.54
CA GLU B 236 42.03 -6.09 -45.87
C GLU B 236 42.26 -5.73 -44.40
N TRP B 237 42.27 -6.77 -43.55
CA TRP B 237 42.51 -6.56 -42.13
C TRP B 237 43.95 -6.13 -41.91
N GLN B 238 44.13 -5.06 -41.14
CA GLN B 238 45.44 -4.48 -40.88
C GLN B 238 45.73 -4.45 -39.38
N GLY B 239 46.94 -4.04 -39.03
CA GLY B 239 47.35 -3.96 -37.66
C GLY B 239 48.47 -4.92 -37.33
N PRO B 240 48.51 -5.42 -36.10
CA PRO B 240 47.55 -5.09 -35.03
C PRO B 240 47.85 -3.75 -34.36
N THR B 241 46.82 -3.14 -33.78
CA THR B 241 46.97 -1.86 -33.11
C THR B 241 46.10 -1.84 -31.86
N GLN B 242 46.47 -0.98 -30.91
CA GLN B 242 45.79 -0.92 -29.63
C GLN B 242 44.51 -0.09 -29.73
N VAL B 243 43.48 -0.55 -29.03
CA VAL B 243 42.23 0.20 -28.90
C VAL B 243 42.44 1.25 -27.82
N LEU B 244 42.45 2.53 -28.21
CA LEU B 244 42.72 3.61 -27.27
C LEU B 244 41.46 4.33 -26.81
N TRP B 245 40.46 4.50 -27.67
CA TRP B 245 39.21 5.17 -27.31
C TRP B 245 38.06 4.41 -27.94
N GLY B 246 37.46 3.49 -27.18
CA GLY B 246 36.33 2.74 -27.66
C GLY B 246 35.00 3.37 -27.31
N GLY B 247 34.27 3.83 -28.33
CA GLY B 247 33.01 4.49 -28.13
C GLY B 247 31.82 3.62 -28.48
N ASP B 248 30.70 4.28 -28.79
CA ASP B 248 29.45 3.59 -29.12
C ASP B 248 29.47 3.25 -30.61
N GLY B 249 29.75 2.00 -30.92
CA GLY B 249 29.77 1.54 -32.30
C GLY B 249 31.02 1.85 -33.08
N ALA B 250 32.02 2.46 -32.45
CA ALA B 250 33.27 2.78 -33.14
C ALA B 250 34.37 2.91 -32.11
N ILE B 251 35.61 2.81 -32.60
CA ILE B 251 36.80 2.94 -31.76
C ILE B 251 37.78 3.89 -32.45
N VAL B 252 38.83 4.26 -31.73
CA VAL B 252 39.87 5.14 -32.23
C VAL B 252 41.18 4.36 -32.25
N VAL B 253 41.73 4.18 -33.45
CA VAL B 253 42.99 3.46 -33.63
C VAL B 253 43.86 4.26 -34.59
N LYS B 254 45.16 3.98 -34.54
CA LYS B 254 46.14 4.71 -35.33
C LYS B 254 46.63 3.86 -36.50
N ASP B 255 46.66 4.45 -37.68
CA ASP B 255 47.32 3.86 -38.83
C ASP B 255 48.81 4.22 -38.76
N ARG B 256 49.66 3.19 -38.71
CA ARG B 256 51.08 3.42 -38.46
C ARG B 256 51.73 4.23 -39.57
N GLY B 257 51.34 3.98 -40.83
CA GLY B 257 51.97 4.66 -41.94
C GLY B 257 51.69 6.16 -41.95
N THR B 258 50.44 6.55 -41.73
CA THR B 258 50.06 7.96 -41.80
C THR B 258 50.24 8.70 -40.47
N ASP B 259 50.52 7.99 -39.38
CA ASP B 259 50.65 8.59 -38.05
C ASP B 259 49.39 9.38 -37.68
N ARG B 260 48.23 8.85 -38.07
CA ARG B 260 46.95 9.51 -37.84
C ARG B 260 45.96 8.50 -37.30
N TYR B 261 44.97 9.02 -36.57
CA TYR B 261 43.90 8.20 -36.02
C TYR B 261 42.67 8.27 -36.92
N LEU B 262 41.94 7.16 -36.98
CA LEU B 262 40.80 7.04 -37.87
C LEU B 262 39.60 6.47 -37.13
N VAL B 263 38.40 6.76 -37.64
CA VAL B 263 37.17 6.20 -37.11
C VAL B 263 36.92 4.86 -37.78
N ILE B 264 36.87 3.80 -36.98
CA ILE B 264 36.61 2.45 -37.47
C ILE B 264 35.42 1.89 -36.71
N ALA B 265 34.37 1.53 -37.44
CA ALA B 265 33.19 0.97 -36.82
C ALA B 265 33.49 -0.41 -36.24
N ASN B 266 32.77 -0.75 -35.16
CA ASN B 266 32.99 -2.02 -34.49
C ASN B 266 32.72 -3.22 -35.38
N LYS B 267 31.87 -3.06 -36.40
CA LYS B 267 31.64 -4.14 -37.35
C LYS B 267 32.87 -4.41 -38.21
N ASP B 268 33.78 -3.46 -38.33
CA ASP B 268 35.01 -3.62 -39.08
C ASP B 268 36.23 -3.79 -38.16
N VAL B 269 36.03 -4.26 -36.95
CA VAL B 269 37.09 -4.43 -35.97
C VAL B 269 37.09 -5.87 -35.47
N LYS B 270 38.26 -6.51 -35.49
CA LYS B 270 38.44 -7.84 -34.92
C LYS B 270 39.10 -7.67 -33.56
N PHE B 271 38.33 -7.91 -32.50
CA PHE B 271 38.82 -7.73 -31.14
C PHE B 271 39.86 -8.81 -30.82
N ILE B 272 41.10 -8.40 -30.65
CA ILE B 272 42.19 -9.32 -30.32
C ILE B 272 42.22 -9.50 -28.80
N PRO B 273 42.05 -10.73 -28.29
CA PRO B 273 42.07 -10.98 -26.84
C PRO B 273 43.47 -10.85 -26.24
N TRP C 1 18.58 49.95 -19.71
CA TRP C 1 19.06 49.26 -18.52
C TRP C 1 19.14 50.24 -17.35
N ILE C 2 18.04 50.95 -17.12
CA ILE C 2 17.99 51.97 -16.08
C ILE C 2 18.01 51.33 -14.69
N GLU C 3 17.23 50.26 -14.50
CA GLU C 3 17.06 49.69 -13.16
C GLU C 3 18.29 48.92 -12.71
N ASN C 4 19.08 48.41 -13.66
CA ASN C 4 20.22 47.57 -13.29
C ASN C 4 21.37 48.40 -12.73
N ILE C 5 21.45 49.68 -13.09
CA ILE C 5 22.59 50.50 -12.70
C ILE C 5 22.69 50.71 -11.20
N PRO C 6 21.62 51.08 -10.48
CA PRO C 6 21.75 51.24 -9.02
C PRO C 6 22.12 49.96 -8.30
N LEU C 7 21.54 48.83 -8.70
CA LEU C 7 21.91 47.57 -8.07
C LEU C 7 23.34 47.20 -8.41
N ALA C 8 23.80 47.55 -9.61
CA ALA C 8 25.19 47.30 -9.98
C ALA C 8 26.15 48.13 -9.14
N GLU C 9 25.82 49.40 -8.90
CA GLU C 9 26.73 50.22 -8.08
C GLU C 9 26.69 49.79 -6.63
N GLU C 10 25.55 49.30 -6.14
CA GLU C 10 25.49 48.71 -4.81
C GLU C 10 26.37 47.45 -4.73
N GLU C 11 26.29 46.61 -5.75
CA GLU C 11 27.13 45.42 -5.83
C GLU C 11 28.61 45.79 -5.83
N HIS C 12 28.96 46.85 -6.56
CA HIS C 12 30.35 47.33 -6.59
C HIS C 12 30.77 47.85 -5.22
N ASN C 13 29.92 48.65 -4.57
CA ASN C 13 30.23 49.13 -3.23
C ASN C 13 30.41 47.99 -2.24
N LYS C 14 29.73 46.87 -2.46
CA LYS C 14 29.91 45.71 -1.59
C LYS C 14 31.20 44.95 -1.86
N TRP C 15 31.45 44.58 -3.12
CA TRP C 15 32.49 43.60 -3.44
C TRP C 15 33.64 44.14 -4.27
N HIS C 16 33.41 45.17 -5.09
CA HIS C 16 34.46 45.84 -5.85
C HIS C 16 35.15 44.90 -6.84
N GLN C 17 34.37 44.44 -7.81
CA GLN C 17 34.89 43.66 -8.92
C GLN C 17 35.43 44.60 -9.99
N ASP C 18 35.75 44.06 -11.16
CA ASP C 18 36.23 44.88 -12.27
C ASP C 18 35.07 45.49 -13.03
N ALA C 19 35.36 46.62 -13.69
CA ALA C 19 34.34 47.31 -14.47
C ALA C 19 33.81 46.41 -15.59
N VAL C 20 34.70 45.65 -16.22
CA VAL C 20 34.26 44.74 -17.28
C VAL C 20 33.32 43.68 -16.72
N SER C 21 33.64 43.13 -15.55
CA SER C 21 32.76 42.13 -14.94
C SER C 21 31.41 42.73 -14.61
N LEU C 22 31.42 43.94 -14.04
CA LEU C 22 30.17 44.64 -13.75
C LEU C 22 29.32 44.78 -15.01
N HIS C 23 29.94 45.28 -16.08
CA HIS C 23 29.20 45.54 -17.31
C HIS C 23 28.64 44.25 -17.90
N LEU C 24 29.46 43.20 -17.98
CA LEU C 24 28.99 41.95 -18.56
C LEU C 24 27.87 41.33 -17.73
N GLU C 25 27.99 41.35 -16.41
CA GLU C 25 26.99 40.63 -15.62
C GLU C 25 25.68 41.43 -15.55
N PHE C 26 25.75 42.75 -15.44
CA PHE C 26 24.54 43.55 -15.27
C PHE C 26 23.94 44.02 -16.60
N GLY C 27 24.65 43.89 -17.71
CA GLY C 27 24.14 44.43 -18.96
C GLY C 27 24.11 45.94 -19.01
N ILE C 28 24.71 46.61 -18.03
CA ILE C 28 24.75 48.07 -17.99
C ILE C 28 25.82 48.55 -18.96
N PRO C 29 25.77 49.81 -19.39
CA PRO C 29 26.84 50.32 -20.27
C PRO C 29 28.20 50.24 -19.59
N ARG C 30 29.21 49.90 -20.39
CA ARG C 30 30.57 49.86 -19.85
C ARG C 30 31.06 51.25 -19.48
N THR C 31 30.56 52.29 -20.16
CA THR C 31 30.85 53.65 -19.71
C THR C 31 30.28 53.88 -18.32
N ALA C 32 29.07 53.37 -18.06
CA ALA C 32 28.51 53.45 -16.72
C ALA C 32 29.34 52.70 -15.71
N ALA C 33 29.81 51.50 -16.08
CA ALA C 33 30.66 50.72 -15.17
C ALA C 33 31.97 51.45 -14.87
N GLU C 34 32.57 52.07 -15.89
CA GLU C 34 33.80 52.84 -15.69
C GLU C 34 33.55 54.06 -14.81
N ASP C 35 32.41 54.73 -14.99
CA ASP C 35 32.07 55.82 -14.09
C ASP C 35 31.90 55.32 -12.66
N ILE C 36 31.31 54.14 -12.49
CA ILE C 36 31.12 53.57 -11.16
C ILE C 36 32.46 53.29 -10.50
N VAL C 37 33.38 52.66 -11.24
CA VAL C 37 34.68 52.32 -10.64
C VAL C 37 35.50 53.58 -10.39
N GLN C 38 35.33 54.61 -11.24
CA GLN C 38 36.01 55.88 -11.00
C GLN C 38 35.48 56.56 -9.75
N GLN C 39 34.16 56.53 -9.56
CA GLN C 39 33.58 57.12 -8.35
C GLN C 39 33.93 56.31 -7.11
N CYS C 40 34.18 55.01 -7.27
CA CYS C 40 34.55 54.18 -6.13
C CYS C 40 35.93 54.58 -5.63
N ASP C 41 35.96 55.26 -4.48
CA ASP C 41 37.20 55.81 -3.94
C ASP C 41 38.20 54.70 -3.61
N VAL C 42 37.72 53.62 -2.98
CA VAL C 42 38.62 52.55 -2.57
C VAL C 42 39.17 51.83 -3.80
N CYS C 43 38.32 51.58 -4.80
CA CYS C 43 38.81 50.97 -6.03
C CYS C 43 39.84 51.85 -6.71
N GLN C 44 39.62 53.18 -6.71
CA GLN C 44 40.65 54.08 -7.23
C GLN C 44 41.94 53.97 -6.43
N GLU C 45 41.82 53.79 -5.10
CA GLU C 45 43.01 53.60 -4.27
C GLU C 45 43.75 52.33 -4.64
N ASN C 46 43.01 51.24 -4.91
CA ASN C 46 43.59 49.94 -5.23
C ASN C 46 43.54 49.76 -6.74
N LYS C 47 44.55 50.30 -7.43
CA LYS C 47 44.63 50.19 -8.88
C LYS C 47 45.97 49.60 -9.31
N ILE C 60 37.88 48.69 -23.14
CA ILE C 60 37.53 48.50 -24.55
C ILE C 60 38.23 49.55 -25.40
N ASP C 61 38.75 49.10 -26.55
CA ASP C 61 39.45 49.95 -27.51
C ASP C 61 40.68 50.62 -26.92
N HIS C 62 41.23 50.03 -25.87
CA HIS C 62 42.47 50.50 -25.25
C HIS C 62 43.57 49.51 -25.61
N TRP C 63 44.62 49.99 -26.27
CA TRP C 63 45.60 49.11 -26.87
C TRP C 63 47.00 49.51 -26.40
N GLN C 64 47.96 48.63 -26.63
CA GLN C 64 49.36 48.90 -26.32
C GLN C 64 50.22 48.44 -27.49
N VAL C 65 51.26 49.22 -27.79
CA VAL C 65 52.16 48.95 -28.91
C VAL C 65 53.58 48.84 -28.38
N ASP C 66 54.29 47.80 -28.83
CA ASP C 66 55.70 47.62 -28.48
C ASP C 66 56.42 47.06 -29.68
N TYR C 67 57.43 47.79 -30.16
CA TYR C 67 58.25 47.30 -31.27
C TYR C 67 59.01 46.05 -30.86
N THR C 68 59.07 45.07 -31.76
CA THR C 68 59.81 43.84 -31.53
C THR C 68 60.59 43.48 -32.79
N HIS C 69 61.68 42.73 -32.60
CA HIS C 69 62.52 42.27 -33.70
C HIS C 69 62.53 40.75 -33.70
N TYR C 70 62.17 40.15 -34.83
CA TYR C 70 62.19 38.70 -35.00
C TYR C 70 62.84 38.40 -36.34
N GLU C 71 63.87 37.56 -36.32
CA GLU C 71 64.62 37.21 -37.52
C GLU C 71 65.11 38.45 -38.26
N ASP C 72 65.57 39.44 -37.49
CA ASP C 72 66.03 40.73 -38.01
C ASP C 72 64.95 41.42 -38.84
N LYS C 73 63.70 41.26 -38.41
CA LYS C 73 62.55 41.90 -39.05
C LYS C 73 61.72 42.59 -37.99
N ILE C 74 61.45 43.89 -38.20
CA ILE C 74 60.69 44.66 -37.23
C ILE C 74 59.20 44.36 -37.41
N ILE C 75 58.54 44.01 -36.31
CA ILE C 75 57.12 43.71 -36.31
C ILE C 75 56.43 44.67 -35.36
N LEU C 76 55.43 45.39 -35.85
CA LEU C 76 54.64 46.31 -35.05
C LEU C 76 53.49 45.54 -34.41
N VAL C 77 53.58 45.28 -33.11
CA VAL C 77 52.64 44.43 -32.40
C VAL C 77 51.67 45.34 -31.65
N TRP C 78 50.39 45.27 -32.03
CA TRP C 78 49.34 45.94 -31.30
C TRP C 78 48.70 44.95 -30.33
N VAL C 79 48.61 45.34 -29.06
CA VAL C 79 48.08 44.47 -28.01
C VAL C 79 46.93 45.20 -27.32
N GLU C 80 45.76 44.57 -27.30
CA GLU C 80 44.60 45.15 -26.61
C GLU C 80 44.66 44.80 -25.12
N THR C 81 44.43 45.80 -24.28
CA THR C 81 44.58 45.60 -22.83
C THR C 81 43.43 44.78 -22.26
N ASN C 82 42.20 45.10 -22.65
CA ASN C 82 41.03 44.52 -21.98
C ASN C 82 40.70 43.14 -22.54
N SER C 83 40.35 43.07 -23.83
CA SER C 83 39.93 41.82 -24.44
C SER C 83 41.10 40.91 -24.80
N GLY C 84 42.32 41.43 -24.84
CA GLY C 84 43.45 40.61 -25.20
C GLY C 84 43.58 40.29 -26.68
N LEU C 85 43.13 41.20 -27.54
CA LEU C 85 43.26 41.01 -28.97
C LEU C 85 44.60 41.58 -29.46
N ILE C 86 45.24 40.86 -30.38
CA ILE C 86 46.57 41.21 -30.84
C ILE C 86 46.59 41.23 -32.37
N TYR C 87 47.17 42.28 -32.94
CA TYR C 87 47.39 42.41 -34.37
C TYR C 87 48.85 42.74 -34.62
N ALA C 88 49.45 42.08 -35.61
CA ALA C 88 50.86 42.28 -35.93
C ALA C 88 51.05 42.32 -37.44
N GLU C 89 51.85 43.26 -37.91
CA GLU C 89 52.19 43.38 -39.32
C GLU C 89 53.68 43.68 -39.45
N ARG C 90 54.31 43.08 -40.45
CA ARG C 90 55.72 43.32 -40.70
C ARG C 90 55.94 44.76 -41.14
N VAL C 91 56.90 45.43 -40.51
CA VAL C 91 57.22 46.82 -40.81
C VAL C 91 58.71 46.92 -41.10
N LYS C 92 59.06 47.65 -42.16
CA LYS C 92 60.46 47.74 -42.57
C LYS C 92 61.31 48.42 -41.50
N GLY C 93 60.80 49.48 -40.88
CA GLY C 93 61.56 50.18 -39.87
C GLY C 93 60.66 51.00 -38.97
N GLU C 94 61.27 51.60 -37.96
CA GLU C 94 60.58 52.42 -36.98
C GLU C 94 60.33 53.84 -37.48
N THR C 95 60.39 54.07 -38.78
CA THR C 95 60.25 55.40 -39.33
C THR C 95 58.86 55.97 -39.06
N GLY C 96 58.81 57.29 -38.87
CA GLY C 96 57.57 57.93 -38.50
C GLY C 96 56.48 57.80 -39.55
N GLN C 97 56.85 57.97 -40.83
CA GLN C 97 55.86 57.90 -41.89
C GLN C 97 55.29 56.49 -42.03
N GLU C 98 56.15 55.47 -41.95
CA GLU C 98 55.67 54.10 -42.02
C GLU C 98 54.78 53.77 -40.83
N PHE C 99 55.15 54.25 -39.64
CA PHE C 99 54.29 54.06 -38.47
C PHE C 99 52.96 54.77 -38.64
N ARG C 100 52.96 55.96 -39.26
CA ARG C 100 51.71 56.66 -39.53
C ARG C 100 50.83 55.86 -40.48
N VAL C 101 51.44 55.27 -41.52
CA VAL C 101 50.68 54.42 -42.44
C VAL C 101 50.09 53.23 -41.71
N GLN C 102 50.88 52.60 -40.84
CA GLN C 102 50.40 51.44 -40.10
C GLN C 102 49.25 51.80 -39.17
N THR C 103 49.38 52.91 -38.42
CA THR C 103 48.31 53.34 -37.53
C THR C 103 47.08 53.76 -38.31
N MET C 104 47.28 54.34 -39.49
CA MET C 104 46.17 54.67 -40.39
C MET C 104 45.40 53.43 -40.82
N LYS C 105 46.11 52.40 -41.27
CA LYS C 105 45.45 51.18 -41.69
C LYS C 105 44.79 50.48 -40.51
N TRP C 106 45.41 50.56 -39.33
CA TRP C 106 44.82 49.96 -38.15
C TRP C 106 43.58 50.73 -37.68
N TYR C 107 43.54 52.05 -37.88
CA TYR C 107 42.31 52.79 -37.64
C TYR C 107 41.23 52.44 -38.66
N ALA C 108 41.62 52.14 -39.89
CA ALA C 108 40.65 51.61 -40.84
C ALA C 108 40.07 50.29 -40.35
N MET C 109 40.94 49.41 -39.85
CA MET C 109 40.48 48.09 -39.42
C MET C 109 39.62 48.14 -38.16
N PHE C 110 40.07 48.87 -37.14
CA PHE C 110 39.47 48.86 -35.82
C PHE C 110 38.91 50.25 -35.48
N ALA C 111 38.40 50.38 -34.26
CA ALA C 111 37.85 51.64 -33.77
C ALA C 111 38.36 51.90 -32.36
N PRO C 112 39.63 52.26 -32.22
CA PRO C 112 40.20 52.48 -30.88
C PRO C 112 39.73 53.80 -30.27
N LYS C 113 39.93 53.89 -28.95
CA LYS C 113 39.67 55.11 -28.21
C LYS C 113 40.86 55.62 -27.41
N SER C 114 41.79 54.74 -27.05
CA SER C 114 42.98 55.14 -26.30
C SER C 114 44.11 54.17 -26.64
N LEU C 115 45.34 54.60 -26.38
CA LEU C 115 46.51 53.82 -26.75
C LEU C 115 47.63 54.04 -25.73
N GLN C 116 48.37 52.97 -25.47
CA GLN C 116 49.54 53.02 -24.59
C GLN C 116 50.80 52.72 -25.40
N SER C 117 51.87 53.47 -25.13
CA SER C 117 53.14 53.25 -25.80
C SER C 117 54.25 53.87 -24.98
N ASP C 118 55.47 53.42 -25.24
CA ASP C 118 56.66 53.98 -24.60
C ASP C 118 57.14 55.18 -25.42
N ASN C 119 58.38 55.62 -25.16
CA ASN C 119 58.92 56.84 -25.74
C ASN C 119 59.66 56.61 -27.06
N GLY C 120 59.25 55.59 -27.83
CA GLY C 120 59.83 55.34 -29.13
C GLY C 120 59.63 56.50 -30.07
N PRO C 121 60.61 56.72 -30.96
CA PRO C 121 60.54 57.91 -31.84
C PRO C 121 59.28 57.98 -32.69
N ALA C 122 58.79 56.84 -33.17
CA ALA C 122 57.55 56.85 -33.94
C ALA C 122 56.38 57.32 -33.09
N PHE C 123 56.32 56.88 -31.83
CA PHE C 123 55.28 57.32 -30.93
C PHE C 123 55.39 58.81 -30.61
N VAL C 124 56.62 59.30 -30.40
CA VAL C 124 56.83 60.69 -30.00
C VAL C 124 56.75 61.65 -31.18
N ALA C 125 56.77 61.15 -32.41
CA ALA C 125 56.73 62.02 -33.59
C ALA C 125 55.53 62.96 -33.53
N GLU C 126 55.81 64.25 -33.72
CA GLU C 126 54.76 65.26 -33.62
C GLU C 126 53.73 65.12 -34.74
N SER C 127 54.18 64.82 -35.96
CA SER C 127 53.23 64.61 -37.06
C SER C 127 52.39 63.37 -36.84
N THR C 128 52.99 62.31 -36.30
CA THR C 128 52.22 61.10 -35.97
C THR C 128 51.16 61.41 -34.92
N GLN C 129 51.55 62.16 -33.89
CA GLN C 129 50.59 62.52 -32.84
C GLN C 129 49.46 63.38 -33.39
N LEU C 130 49.80 64.35 -34.26
CA LEU C 130 48.75 65.18 -34.87
C LEU C 130 47.82 64.34 -35.74
N LEU C 131 48.38 63.40 -36.50
CA LEU C 131 47.55 62.56 -37.36
C LEU C 131 46.59 61.70 -36.54
N MET C 132 47.08 61.08 -35.47
CA MET C 132 46.19 60.24 -34.69
C MET C 132 45.24 61.06 -33.82
N LYS C 133 45.58 62.31 -33.50
CA LYS C 133 44.60 63.21 -32.91
C LYS C 133 43.49 63.54 -33.90
N TYR C 134 43.86 63.77 -35.16
CA TYR C 134 42.86 63.93 -36.20
C TYR C 134 41.99 62.68 -36.32
N LEU C 135 42.59 61.50 -36.12
CA LEU C 135 41.82 60.27 -36.06
C LEU C 135 40.97 60.17 -34.79
N GLY C 136 41.37 60.84 -33.71
CA GLY C 136 40.63 60.79 -32.47
C GLY C 136 41.10 59.74 -31.47
N ILE C 137 42.39 59.76 -31.13
CA ILE C 137 42.95 58.83 -30.17
C ILE C 137 43.67 59.61 -29.07
N GLU C 138 43.51 59.15 -27.83
CA GLU C 138 44.27 59.67 -26.71
C GLU C 138 45.62 58.95 -26.64
N HIS C 139 46.68 59.70 -26.39
CA HIS C 139 48.04 59.18 -26.43
C HIS C 139 48.69 59.31 -25.05
N THR C 140 49.47 58.30 -24.68
CA THR C 140 50.22 58.28 -23.43
C THR C 140 51.66 57.86 -23.74
N THR C 141 52.58 58.81 -23.67
CA THR C 141 54.00 58.55 -23.86
C THR C 141 54.68 58.39 -22.51
N GLY C 142 55.45 57.32 -22.36
CA GLY C 142 56.16 57.07 -21.14
C GLY C 142 56.29 55.58 -20.89
N ILE C 143 57.04 55.25 -19.84
CA ILE C 143 57.27 53.87 -19.45
C ILE C 143 55.95 53.27 -18.97
N PRO C 144 55.52 52.15 -19.54
CA PRO C 144 54.27 51.51 -19.08
C PRO C 144 54.41 51.04 -17.64
N TRP C 145 53.47 51.48 -16.80
CA TRP C 145 53.53 51.22 -15.37
C TRP C 145 52.50 50.22 -14.88
N ASN C 146 51.51 49.86 -15.70
CA ASN C 146 50.45 48.97 -15.26
C ASN C 146 50.89 47.51 -15.44
N PRO C 147 51.03 46.74 -14.36
CA PRO C 147 51.38 45.32 -14.52
C PRO C 147 50.33 44.54 -15.31
N GLN C 148 49.05 44.90 -15.17
CA GLN C 148 47.99 44.19 -15.86
C GLN C 148 48.22 44.19 -17.38
N SER C 149 48.67 45.31 -17.92
CA SER C 149 48.97 45.40 -19.34
C SER C 149 50.38 44.92 -19.66
N GLN C 150 51.35 45.16 -18.76
CA GLN C 150 52.74 44.80 -19.05
C GLN C 150 52.91 43.28 -19.14
N ALA C 151 52.34 42.55 -18.18
CA ALA C 151 52.45 41.09 -18.22
C ALA C 151 51.76 40.54 -19.46
N LEU C 152 50.59 41.08 -19.81
CA LEU C 152 49.89 40.64 -21.01
C LEU C 152 50.72 40.89 -22.26
N VAL C 153 51.34 42.06 -22.36
CA VAL C 153 52.15 42.39 -23.52
C VAL C 153 53.36 41.46 -23.62
N GLU C 154 54.03 41.21 -22.49
CA GLU C 154 55.20 40.34 -22.49
C GLU C 154 54.82 38.92 -22.89
N ARG C 155 53.73 38.40 -22.31
CA ARG C 155 53.28 37.06 -22.67
C ARG C 155 52.87 36.99 -24.13
N THR C 156 52.22 38.04 -24.64
CA THR C 156 51.86 38.08 -26.05
C THR C 156 53.10 38.04 -26.93
N HIS C 157 54.12 38.81 -26.59
CA HIS C 157 55.34 38.82 -27.39
C HIS C 157 56.01 37.46 -27.39
N GLN C 158 56.12 36.83 -26.22
CA GLN C 158 56.74 35.51 -26.14
C GLN C 158 55.95 34.48 -26.93
N THR C 159 54.61 34.51 -26.81
CA THR C 159 53.78 33.55 -27.50
C THR C 159 53.84 33.74 -29.01
N LEU C 160 53.83 34.99 -29.47
CA LEU C 160 53.90 35.24 -30.91
C LEU C 160 55.25 34.83 -31.47
N LYS C 161 56.33 35.07 -30.70
CA LYS C 161 57.65 34.60 -31.14
C LYS C 161 57.68 33.07 -31.25
N ASN C 162 57.12 32.37 -30.25
CA ASN C 162 57.09 30.91 -30.29
C ASN C 162 56.27 30.40 -31.46
N THR C 163 55.10 31.01 -31.69
CA THR C 163 54.25 30.57 -32.80
C THR C 163 54.89 30.89 -34.15
N LEU C 164 55.58 32.01 -34.27
CA LEU C 164 56.31 32.30 -35.50
C LEU C 164 57.41 31.27 -35.73
N GLU C 165 58.14 30.90 -34.68
CA GLU C 165 59.15 29.86 -34.81
C GLU C 165 58.53 28.55 -35.26
N LYS C 166 57.33 28.24 -34.74
CA LYS C 166 56.67 26.99 -35.11
C LYS C 166 56.18 27.02 -36.55
N LEU C 167 55.69 28.18 -37.02
CA LEU C 167 54.97 28.23 -38.28
C LEU C 167 55.78 28.73 -39.48
N ILE C 168 56.97 29.29 -39.27
CA ILE C 168 57.77 29.76 -40.40
C ILE C 168 58.17 28.62 -41.35
N PRO C 169 58.56 27.42 -40.90
CA PRO C 169 58.94 26.39 -41.89
C PRO C 169 57.80 25.99 -42.80
N MET C 170 56.56 25.97 -42.30
CA MET C 170 55.43 25.52 -43.11
C MET C 170 55.14 26.50 -44.25
N PHE C 171 55.03 27.78 -43.93
CA PHE C 171 54.61 28.79 -44.89
C PHE C 171 55.81 29.43 -45.58
N ASN C 172 55.63 29.73 -46.87
CA ASN C 172 56.74 30.22 -47.69
C ASN C 172 57.15 31.63 -47.27
N ALA C 173 56.19 32.52 -47.11
CA ALA C 173 56.48 33.93 -46.86
C ALA C 173 56.42 34.24 -45.37
N PHE C 174 57.25 35.20 -44.94
CA PHE C 174 57.21 35.65 -43.56
C PHE C 174 55.89 36.34 -43.25
N GLU C 175 55.34 37.06 -44.24
CA GLU C 175 54.00 37.62 -44.08
C GLU C 175 52.97 36.51 -43.90
N SER C 176 53.12 35.42 -44.64
CA SER C 176 52.23 34.28 -44.48
C SER C 176 52.35 33.68 -43.08
N ALA C 177 53.59 33.57 -42.57
CA ALA C 177 53.80 33.03 -41.23
C ALA C 177 53.14 33.92 -40.17
N LEU C 178 53.31 35.24 -40.30
CA LEU C 178 52.71 36.13 -39.30
C LEU C 178 51.19 36.13 -39.40
N ALA C 179 50.65 36.04 -40.62
CA ALA C 179 49.20 35.94 -40.76
C ALA C 179 48.67 34.64 -40.14
N GLY C 180 49.39 33.53 -40.33
CA GLY C 180 48.99 32.29 -39.70
C GLY C 180 49.05 32.37 -38.18
N THR C 181 50.09 33.00 -37.65
CA THR C 181 50.16 33.18 -36.19
C THR C 181 49.00 34.02 -35.68
N LEU C 182 48.65 35.10 -36.40
CA LEU C 182 47.51 35.89 -36.02
C LEU C 182 46.23 35.07 -36.04
N ILE C 183 46.06 34.25 -37.09
CA ILE C 183 44.88 33.39 -37.18
C ILE C 183 44.80 32.48 -35.97
N THR C 184 45.91 31.79 -35.66
CA THR C 184 45.90 30.84 -34.55
C THR C 184 45.62 31.52 -33.22
N LEU C 185 46.27 32.66 -32.96
CA LEU C 185 46.14 33.30 -31.66
C LEU C 185 44.76 33.93 -31.47
N ASN C 186 44.25 34.64 -32.49
CA ASN C 186 43.03 35.40 -32.33
C ASN C 186 41.77 34.62 -32.68
N ILE C 187 41.88 33.47 -33.32
CA ILE C 187 40.70 32.71 -33.73
C ILE C 187 40.79 31.29 -33.19
N LYS C 188 41.87 30.59 -33.53
CA LYS C 188 41.99 29.18 -33.16
C LYS C 188 42.18 29.02 -31.66
N ARG C 189 43.03 29.84 -31.06
CA ARG C 189 43.24 29.78 -29.62
C ARG C 189 42.02 30.35 -28.90
N LYS C 190 41.48 29.59 -27.95
CA LYS C 190 40.28 29.97 -27.22
C LYS C 190 40.44 29.59 -25.76
N GLY C 191 39.57 30.16 -24.93
CA GLY C 191 39.56 29.87 -23.51
C GLY C 191 38.14 29.91 -22.99
N GLY C 192 37.98 29.47 -21.75
CA GLY C 192 36.67 29.46 -21.12
C GLY C 192 35.71 28.50 -21.80
N LEU C 193 34.75 29.05 -22.52
CA LEU C 193 33.80 28.28 -23.32
C LEU C 193 34.04 28.42 -24.82
N GLY C 194 35.27 28.72 -25.22
CA GLY C 194 35.58 28.97 -26.61
C GLY C 194 35.69 30.45 -26.91
N THR C 195 36.36 31.18 -26.02
CA THR C 195 36.44 32.64 -26.09
C THR C 195 37.75 33.02 -26.79
N SER C 196 37.65 33.34 -28.09
CA SER C 196 38.81 33.84 -28.79
C SER C 196 38.84 35.37 -28.76
N PRO C 197 40.03 35.96 -28.61
CA PRO C 197 40.10 37.42 -28.40
C PRO C 197 39.39 38.22 -29.47
N MET C 198 39.44 37.76 -30.73
CA MET C 198 38.66 38.41 -31.77
C MET C 198 37.17 38.33 -31.46
N ASP C 199 36.70 37.18 -30.96
CA ASP C 199 35.29 37.04 -30.61
C ASP C 199 34.90 37.97 -29.47
N ILE C 200 35.74 38.08 -28.44
CA ILE C 200 35.44 39.02 -27.36
C ILE C 200 35.40 40.46 -27.89
N PHE C 201 36.33 40.81 -28.76
CA PHE C 201 36.34 42.15 -29.34
C PHE C 201 35.06 42.41 -30.12
N ILE C 202 34.63 41.44 -30.94
CA ILE C 202 33.41 41.60 -31.71
C ILE C 202 32.20 41.74 -30.79
N PHE C 203 32.17 40.95 -29.72
CA PHE C 203 31.11 41.05 -28.72
C PHE C 203 31.02 42.46 -28.16
N ASN C 204 32.15 42.97 -27.67
CA ASN C 204 32.21 44.34 -27.20
C ASN C 204 31.81 45.32 -28.28
N LYS C 205 32.02 44.96 -29.55
CA LYS C 205 31.63 45.86 -30.63
C LYS C 205 30.11 45.94 -30.78
N GLU C 206 29.39 44.81 -30.66
CA GLU C 206 27.94 44.97 -30.77
C GLU C 206 27.35 45.65 -29.55
N GLN C 207 27.96 45.51 -28.37
CA GLN C 207 27.49 46.35 -27.26
C GLN C 207 27.92 47.82 -27.45
N GLN C 208 29.06 48.05 -28.09
CA GLN C 208 29.52 49.40 -28.37
C GLN C 208 28.60 50.12 -29.34
N ARG C 209 28.02 49.38 -30.30
CA ARG C 209 27.02 49.96 -31.18
C ARG C 209 25.90 50.61 -30.37
N ILE C 210 25.36 49.87 -29.39
CA ILE C 210 24.26 50.38 -28.59
C ILE C 210 24.72 51.52 -27.70
N GLN C 211 25.93 51.43 -27.14
CA GLN C 211 26.36 52.51 -26.25
C GLN C 211 26.57 53.81 -27.03
N GLN C 212 27.06 53.75 -28.27
CA GLN C 212 27.06 54.97 -29.08
C GLN C 212 25.66 55.39 -29.52
N GLN C 213 24.75 54.44 -29.75
CA GLN C 213 23.38 54.82 -30.03
C GLN C 213 22.80 55.67 -28.90
N SER C 214 23.16 55.33 -27.66
CA SER C 214 22.78 56.16 -26.52
C SER C 214 23.63 57.42 -26.43
N LYS C 215 24.92 57.32 -26.75
CA LYS C 215 25.83 58.47 -26.66
C LYS C 215 25.43 59.59 -27.60
N SER C 216 24.72 59.28 -28.68
CA SER C 216 24.26 60.32 -29.59
C SER C 216 23.47 61.41 -28.86
N LYS C 217 22.79 61.04 -27.77
CA LYS C 217 22.17 62.01 -26.88
C LYS C 217 22.89 62.18 -25.55
N GLN C 218 23.69 61.20 -25.13
CA GLN C 218 24.38 61.30 -23.85
C GLN C 218 25.54 62.30 -23.89
N GLU C 219 26.16 62.49 -25.06
CA GLU C 219 27.36 63.34 -25.12
C GLU C 219 27.05 64.78 -24.74
N LYS C 220 25.92 65.30 -25.20
CA LYS C 220 25.49 66.63 -24.78
C LYS C 220 25.00 66.59 -23.35
N ILE C 221 25.48 67.52 -22.53
CA ILE C 221 25.18 67.53 -21.11
C ILE C 221 23.89 68.30 -20.87
N ARG C 222 23.01 67.72 -20.04
CA ARG C 222 21.73 68.34 -19.73
C ARG C 222 21.46 68.19 -18.24
N PHE C 223 20.80 69.19 -17.66
CA PHE C 223 20.40 69.19 -16.27
C PHE C 223 18.93 68.82 -16.16
N CYS C 224 18.52 68.47 -14.94
CA CYS C 224 17.14 68.06 -14.71
C CYS C 224 16.81 68.22 -13.23
N TYR C 225 15.52 68.29 -12.94
CA TYR C 225 14.99 68.27 -11.58
C TYR C 225 14.28 66.95 -11.36
N TYR C 226 14.62 66.26 -10.27
CA TYR C 226 14.09 64.92 -10.00
C TYR C 226 13.50 64.86 -8.60
N ARG C 227 12.56 63.95 -8.43
CA ARG C 227 11.91 63.70 -7.15
C ARG C 227 11.63 62.22 -7.02
N THR C 228 11.56 61.75 -5.77
CA THR C 228 11.32 60.34 -5.47
C THR C 228 9.92 60.16 -4.91
N ARG C 229 9.37 58.98 -5.15
CA ARG C 229 8.04 58.62 -4.66
C ARG C 229 8.16 57.64 -3.51
N LYS C 230 7.52 57.97 -2.39
CA LYS C 230 7.46 57.10 -1.22
C LYS C 230 6.03 56.63 -1.02
N ARG C 231 5.86 55.31 -0.89
CA ARG C 231 4.57 54.63 -0.83
C ARG C 231 3.55 55.23 -1.80
N GLY C 232 4.01 55.64 -2.98
CA GLY C 232 3.16 56.26 -3.97
C GLY C 232 3.01 57.76 -3.87
N HIS C 233 3.58 58.38 -2.82
CA HIS C 233 3.50 59.82 -2.65
C HIS C 233 4.79 60.45 -3.14
N PRO C 234 4.74 61.34 -4.14
CA PRO C 234 5.97 61.94 -4.64
C PRO C 234 6.59 62.90 -3.63
N GLY C 235 7.92 62.94 -3.63
CA GLY C 235 8.65 63.84 -2.76
C GLY C 235 8.91 65.18 -3.40
N GLU C 236 9.61 66.03 -2.64
CA GLU C 236 9.98 67.34 -3.14
C GLU C 236 11.02 67.23 -4.25
N TRP C 237 10.99 68.19 -5.17
CA TRP C 237 11.91 68.18 -6.30
C TRP C 237 13.33 68.42 -5.83
N GLN C 238 14.27 67.70 -6.43
CA GLN C 238 15.68 67.78 -6.07
C GLN C 238 16.51 68.13 -7.29
N GLY C 239 17.68 68.72 -7.04
CA GLY C 239 18.58 69.11 -8.09
C GLY C 239 19.16 70.49 -7.88
N PRO C 240 19.71 71.09 -8.95
CA PRO C 240 19.81 70.49 -10.28
C PRO C 240 20.95 69.47 -10.39
N THR C 241 20.77 68.46 -11.23
CA THR C 241 21.79 67.44 -11.43
C THR C 241 21.81 67.06 -12.91
N GLN C 242 22.96 66.53 -13.34
CA GLN C 242 23.12 66.09 -14.71
C GLN C 242 22.30 64.82 -14.96
N VAL C 243 21.91 64.63 -16.21
CA VAL C 243 21.29 63.37 -16.62
C VAL C 243 22.39 62.36 -16.87
N LEU C 244 22.35 61.25 -16.13
CA LEU C 244 23.43 60.27 -16.23
C LEU C 244 23.23 59.33 -17.42
N TRP C 245 22.14 58.56 -17.40
CA TRP C 245 21.89 57.56 -18.43
C TRP C 245 20.40 57.57 -18.78
N GLY C 246 20.10 57.60 -20.07
CA GLY C 246 18.73 57.72 -20.53
C GLY C 246 18.12 56.37 -20.86
N GLY C 247 16.84 56.21 -20.52
CA GLY C 247 16.12 54.98 -20.80
C GLY C 247 14.76 55.22 -21.40
N ASP C 248 13.88 54.23 -21.30
CA ASP C 248 12.52 54.32 -21.84
C ASP C 248 11.58 54.72 -20.71
N GLY C 249 11.15 55.98 -20.72
CA GLY C 249 10.22 56.48 -19.72
C GLY C 249 10.82 56.82 -18.38
N ALA C 250 12.15 56.82 -18.27
CA ALA C 250 12.80 57.14 -17.00
C ALA C 250 14.23 57.58 -17.27
N ILE C 251 14.83 58.20 -16.25
CA ILE C 251 16.20 58.69 -16.32
C ILE C 251 16.95 58.19 -15.10
N VAL C 252 18.28 58.13 -15.23
CA VAL C 252 19.18 57.76 -14.15
C VAL C 252 19.88 59.01 -13.66
N VAL C 253 19.84 59.24 -12.35
CA VAL C 253 20.48 60.40 -11.73
C VAL C 253 21.27 59.95 -10.51
N LYS C 254 22.24 60.77 -10.14
CA LYS C 254 23.07 60.52 -8.97
C LYS C 254 22.49 61.21 -7.74
N ASP C 255 22.42 60.48 -6.63
CA ASP C 255 22.01 61.06 -5.36
C ASP C 255 23.14 61.93 -4.82
N ARG C 256 22.84 63.18 -4.50
CA ARG C 256 23.87 64.09 -4.02
C ARG C 256 24.30 63.77 -2.60
N GLY C 257 23.43 63.16 -1.82
CA GLY C 257 23.74 62.84 -0.44
C GLY C 257 24.58 61.60 -0.27
N THR C 258 24.04 60.44 -0.68
CA THR C 258 24.71 59.16 -0.50
C THR C 258 25.67 58.82 -1.64
N ASP C 259 25.72 59.63 -2.69
CA ASP C 259 26.61 59.43 -3.84
C ASP C 259 26.35 58.07 -4.49
N ARG C 260 25.11 57.88 -4.93
CA ARG C 260 24.69 56.66 -5.61
C ARG C 260 23.74 57.02 -6.74
N TYR C 261 23.78 56.22 -7.80
CA TYR C 261 22.85 56.39 -8.90
C TYR C 261 21.45 55.90 -8.52
N LEU C 262 20.44 56.63 -8.99
CA LEU C 262 19.05 56.29 -8.70
C LEU C 262 18.25 56.39 -10.00
N VAL C 263 17.25 55.53 -10.12
CA VAL C 263 16.36 55.53 -11.29
C VAL C 263 15.07 56.26 -10.93
N ILE C 264 14.71 57.24 -11.77
CA ILE C 264 13.53 58.07 -11.56
C ILE C 264 12.70 58.07 -12.83
N ALA C 265 11.40 57.83 -12.68
CA ALA C 265 10.50 57.84 -13.82
C ALA C 265 10.38 59.24 -14.42
N ASN C 266 10.11 59.29 -15.73
CA ASN C 266 10.04 60.57 -16.42
C ASN C 266 8.95 61.47 -15.85
N LYS C 267 7.87 60.88 -15.34
CA LYS C 267 6.81 61.67 -14.72
C LYS C 267 7.28 62.37 -13.45
N ASP C 268 8.38 61.90 -12.85
CA ASP C 268 8.94 62.49 -11.65
C ASP C 268 10.21 63.29 -11.93
N VAL C 269 10.44 63.67 -13.18
CA VAL C 269 11.64 64.40 -13.59
C VAL C 269 11.23 65.62 -14.41
N LYS C 270 11.83 66.76 -14.10
CA LYS C 270 11.65 68.00 -14.85
C LYS C 270 12.95 68.30 -15.58
N PHE C 271 12.96 68.05 -16.89
CA PHE C 271 14.14 68.34 -17.69
C PHE C 271 14.42 69.84 -17.71
N ILE C 272 15.68 70.19 -17.54
CA ILE C 272 16.12 71.59 -17.55
C ILE C 272 16.71 71.88 -18.92
N PRO C 273 16.07 72.75 -19.74
CA PRO C 273 16.57 73.09 -21.07
C PRO C 273 17.72 74.08 -21.04
N ILE D 60 23.73 35.07 -44.69
CA ILE D 60 24.69 35.32 -43.62
C ILE D 60 26.07 34.81 -44.03
N ASP D 61 27.06 35.71 -43.96
CA ASP D 61 28.46 35.38 -44.30
C ASP D 61 28.59 34.84 -45.73
N HIS D 62 27.82 35.40 -46.66
CA HIS D 62 27.92 35.05 -48.06
C HIS D 62 28.69 36.16 -48.77
N TRP D 63 29.77 35.78 -49.45
CA TRP D 63 30.77 36.75 -49.90
C TRP D 63 31.00 36.61 -51.39
N GLN D 64 31.40 37.72 -52.03
CA GLN D 64 31.67 37.76 -53.44
C GLN D 64 33.01 38.45 -53.70
N VAL D 65 33.71 38.00 -54.73
CA VAL D 65 35.00 38.55 -55.11
C VAL D 65 34.94 39.05 -56.54
N ASP D 66 35.47 40.25 -56.76
CA ASP D 66 35.59 40.80 -58.12
C ASP D 66 36.73 41.79 -58.12
N TYR D 67 37.81 41.48 -58.84
CA TYR D 67 38.95 42.38 -58.91
C TYR D 67 38.62 43.64 -59.70
N THR D 68 39.24 44.75 -59.29
CA THR D 68 39.04 46.02 -59.96
C THR D 68 40.38 46.75 -60.05
N HIS D 69 40.44 47.70 -60.99
CA HIS D 69 41.64 48.50 -61.22
C HIS D 69 41.28 49.98 -61.06
N TYR D 70 41.97 50.66 -60.15
CA TYR D 70 41.77 52.07 -59.90
C TYR D 70 43.12 52.78 -59.98
N GLU D 71 43.20 53.77 -60.86
CA GLU D 71 44.43 54.52 -61.16
C GLU D 71 45.66 53.62 -61.18
N ASP D 72 45.58 52.60 -62.04
CA ASP D 72 46.67 51.64 -62.26
C ASP D 72 47.06 50.95 -60.95
N LYS D 73 46.07 50.63 -60.12
CA LYS D 73 46.28 49.89 -58.89
C LYS D 73 45.15 48.89 -58.72
N ILE D 74 45.50 47.67 -58.32
CA ILE D 74 44.52 46.59 -58.18
C ILE D 74 44.02 46.55 -56.74
N ILE D 75 42.71 46.54 -56.57
CA ILE D 75 42.08 46.45 -55.26
C ILE D 75 41.21 45.21 -55.23
N LEU D 76 41.42 44.35 -54.23
CA LEU D 76 40.61 43.15 -54.06
C LEU D 76 39.34 43.53 -53.31
N VAL D 77 38.20 43.49 -54.01
CA VAL D 77 36.93 43.95 -53.48
C VAL D 77 36.12 42.73 -53.05
N TRP D 78 35.83 42.64 -51.76
CA TRP D 78 34.91 41.64 -51.24
C TRP D 78 33.52 42.26 -51.13
N VAL D 79 32.51 41.52 -51.57
CA VAL D 79 31.13 41.99 -51.56
C VAL D 79 30.28 40.96 -50.82
N GLU D 80 29.58 41.40 -49.78
CA GLU D 80 28.63 40.56 -49.08
C GLU D 80 27.24 40.73 -49.67
N THR D 81 26.48 39.64 -49.69
CA THR D 81 25.17 39.65 -50.34
C THR D 81 24.07 40.15 -49.41
N ASN D 82 23.91 39.50 -48.25
CA ASN D 82 22.82 39.85 -47.34
C ASN D 82 23.08 41.20 -46.68
N SER D 83 24.18 41.31 -45.93
CA SER D 83 24.47 42.54 -45.20
C SER D 83 24.98 43.65 -46.11
N GLY D 84 25.49 43.31 -47.29
CA GLY D 84 26.11 44.30 -48.15
C GLY D 84 27.49 44.72 -47.71
N LEU D 85 28.11 43.99 -46.79
CA LEU D 85 29.42 44.34 -46.27
C LEU D 85 30.49 44.21 -47.34
N ILE D 86 31.51 45.06 -47.25
CA ILE D 86 32.63 45.04 -48.18
C ILE D 86 33.94 45.15 -47.41
N TYR D 87 35.01 44.72 -48.07
CA TYR D 87 36.36 44.93 -47.58
C TYR D 87 37.29 45.10 -48.78
N ALA D 88 38.32 45.92 -48.60
CA ALA D 88 39.25 46.22 -49.68
C ALA D 88 40.67 46.31 -49.14
N GLU D 89 41.63 46.08 -50.03
CA GLU D 89 43.05 46.21 -49.70
C GLU D 89 43.83 46.36 -51.00
N ARG D 90 44.84 47.21 -50.98
CA ARG D 90 45.67 47.41 -52.17
C ARG D 90 46.39 46.12 -52.53
N VAL D 91 46.33 45.76 -53.80
CA VAL D 91 46.90 44.51 -54.30
C VAL D 91 47.87 44.84 -55.43
N LYS D 92 49.11 44.32 -55.31
CA LYS D 92 50.11 44.58 -56.33
C LYS D 92 49.79 43.86 -57.63
N GLY D 93 49.27 42.63 -57.53
CA GLY D 93 48.97 41.85 -58.72
C GLY D 93 48.02 40.73 -58.40
N GLU D 94 47.36 40.23 -59.46
CA GLU D 94 46.36 39.19 -59.35
C GLU D 94 46.95 37.79 -59.25
N THR D 95 48.21 37.67 -58.85
CA THR D 95 48.86 36.38 -58.76
C THR D 95 48.20 35.51 -57.69
N GLY D 96 48.31 34.19 -57.88
CA GLY D 96 47.67 33.27 -56.96
C GLY D 96 48.20 33.39 -55.55
N GLN D 97 49.51 33.54 -55.39
CA GLN D 97 50.09 33.69 -54.05
C GLN D 97 49.63 34.97 -53.38
N GLU D 98 49.54 36.07 -54.13
CA GLU D 98 49.06 37.32 -53.55
C GLU D 98 47.61 37.21 -53.12
N PHE D 99 46.77 36.56 -53.94
CA PHE D 99 45.39 36.35 -53.52
C PHE D 99 45.30 35.42 -52.32
N ARG D 100 46.17 34.43 -52.23
CA ARG D 100 46.19 33.57 -51.05
C ARG D 100 46.53 34.38 -49.80
N VAL D 101 47.50 35.29 -49.92
CA VAL D 101 47.85 36.16 -48.80
C VAL D 101 46.64 37.02 -48.41
N GLN D 102 46.00 37.63 -49.40
CA GLN D 102 44.86 38.49 -49.11
C GLN D 102 43.72 37.71 -48.47
N THR D 103 43.46 36.49 -48.96
CA THR D 103 42.34 35.73 -48.44
C THR D 103 42.64 35.13 -47.08
N MET D 104 43.91 34.82 -46.76
CA MET D 104 44.20 34.34 -45.41
C MET D 104 44.10 35.48 -44.42
N LYS D 105 44.52 36.70 -44.81
CA LYS D 105 44.31 37.85 -43.93
C LYS D 105 42.81 38.13 -43.78
N TRP D 106 42.05 37.96 -44.86
CA TRP D 106 40.61 38.14 -44.80
C TRP D 106 39.96 37.14 -43.85
N TYR D 107 40.40 35.88 -43.89
CA TYR D 107 39.88 34.89 -42.96
C TYR D 107 40.36 35.12 -41.54
N ALA D 108 41.53 35.76 -41.37
CA ALA D 108 41.96 36.18 -40.04
C ALA D 108 41.04 37.27 -39.49
N MET D 109 40.64 38.21 -40.34
CA MET D 109 39.90 39.36 -39.85
C MET D 109 38.40 39.11 -39.76
N PHE D 110 37.86 38.20 -40.56
CA PHE D 110 36.44 37.87 -40.53
C PHE D 110 36.26 36.37 -40.30
N ALA D 111 34.99 35.94 -40.28
CA ALA D 111 34.63 34.53 -40.14
C ALA D 111 33.60 34.16 -41.19
N PRO D 112 34.01 34.10 -42.46
CA PRO D 112 33.06 33.79 -43.53
C PRO D 112 32.60 32.33 -43.50
N LYS D 113 31.41 32.11 -44.06
CA LYS D 113 30.83 30.78 -44.20
C LYS D 113 30.76 30.32 -45.65
N SER D 114 30.42 31.22 -46.56
CA SER D 114 30.36 30.91 -47.99
C SER D 114 31.00 32.05 -48.77
N LEU D 115 31.51 31.70 -49.96
CA LEU D 115 32.23 32.67 -50.79
C LEU D 115 31.87 32.46 -52.25
N GLN D 116 31.82 33.56 -53.00
CA GLN D 116 31.57 33.54 -54.42
C GLN D 116 32.66 34.30 -55.14
N SER D 117 32.95 33.90 -56.37
CA SER D 117 33.96 34.54 -57.21
C SER D 117 33.80 34.04 -58.63
N ASP D 118 34.48 34.71 -59.56
CA ASP D 118 34.48 34.30 -60.95
C ASP D 118 35.59 33.26 -61.17
N ASN D 119 35.90 32.95 -62.43
CA ASN D 119 36.84 31.91 -62.77
C ASN D 119 38.25 32.44 -63.05
N GLY D 120 38.67 33.48 -62.33
CA GLY D 120 40.01 34.01 -62.47
C GLY D 120 41.06 32.99 -62.08
N PRO D 121 42.24 33.09 -62.70
CA PRO D 121 43.29 32.08 -62.41
C PRO D 121 43.69 32.03 -60.95
N ALA D 122 43.74 33.16 -60.26
CA ALA D 122 44.11 33.18 -58.85
C ALA D 122 43.11 32.40 -58.01
N PHE D 123 41.85 32.30 -58.46
CA PHE D 123 40.83 31.57 -57.74
C PHE D 123 40.75 30.11 -58.18
N VAL D 124 41.04 29.85 -59.45
CA VAL D 124 41.01 28.48 -59.98
C VAL D 124 42.26 27.70 -59.63
N ALA D 125 43.31 28.39 -59.16
CA ALA D 125 44.58 27.72 -58.82
C ALA D 125 44.34 26.59 -57.82
N GLU D 126 45.04 25.47 -58.07
CA GLU D 126 44.86 24.29 -57.23
C GLU D 126 45.31 24.55 -55.79
N SER D 127 46.43 25.25 -55.61
CA SER D 127 46.91 25.55 -54.27
C SER D 127 45.97 26.52 -53.56
N THR D 128 45.42 27.49 -54.30
CA THR D 128 44.44 28.40 -53.71
C THR D 128 43.20 27.65 -53.25
N GLN D 129 42.71 26.72 -54.09
CA GLN D 129 41.54 25.93 -53.68
C GLN D 129 41.86 25.04 -52.50
N LEU D 130 43.06 24.45 -52.48
CA LEU D 130 43.47 23.61 -51.36
C LEU D 130 43.51 24.42 -50.06
N LEU D 131 44.06 25.63 -50.10
CA LEU D 131 44.06 26.48 -48.92
C LEU D 131 42.64 26.90 -48.54
N MET D 132 41.79 27.16 -49.54
CA MET D 132 40.42 27.56 -49.28
C MET D 132 39.67 26.46 -48.52
N LYS D 133 39.87 25.21 -48.93
CA LYS D 133 39.28 24.10 -48.19
C LYS D 133 40.00 23.86 -46.86
N TYR D 134 41.30 24.17 -46.80
CA TYR D 134 42.07 24.06 -45.58
C TYR D 134 41.56 25.02 -44.51
N LEU D 135 40.97 26.15 -44.91
CA LEU D 135 40.31 27.04 -43.97
C LEU D 135 38.91 26.58 -43.59
N GLY D 136 38.41 25.53 -44.24
CA GLY D 136 37.11 24.96 -43.89
C GLY D 136 35.92 25.72 -44.43
N ILE D 137 36.08 26.34 -45.60
CA ILE D 137 35.03 27.10 -46.24
C ILE D 137 34.89 26.65 -47.69
N GLU D 138 33.64 26.50 -48.13
CA GLU D 138 33.37 26.11 -49.51
C GLU D 138 33.69 27.26 -50.46
N HIS D 139 33.98 26.91 -51.71
CA HIS D 139 34.34 27.88 -52.75
C HIS D 139 33.53 27.59 -54.00
N THR D 140 32.99 28.64 -54.60
CA THR D 140 32.26 28.55 -55.86
C THR D 140 33.02 29.30 -56.94
N THR D 141 33.30 28.63 -58.04
CA THR D 141 34.07 29.19 -59.14
C THR D 141 33.23 29.23 -60.40
N GLY D 142 33.29 30.34 -61.12
CA GLY D 142 32.53 30.51 -62.34
C GLY D 142 31.92 31.89 -62.41
N ILE D 143 31.49 32.25 -63.62
CA ILE D 143 30.85 33.55 -63.86
C ILE D 143 29.59 33.63 -63.01
N PRO D 144 29.45 34.66 -62.17
CA PRO D 144 28.26 34.75 -61.30
C PRO D 144 26.98 34.87 -62.12
N TRP D 145 25.92 34.22 -61.63
CA TRP D 145 24.64 34.22 -62.33
C TRP D 145 23.54 34.99 -61.59
N ASN D 146 23.70 35.24 -60.31
CA ASN D 146 22.64 35.86 -59.52
C ASN D 146 22.47 37.33 -59.90
N PRO D 147 21.30 37.74 -60.41
CA PRO D 147 21.11 39.15 -60.75
C PRO D 147 21.24 40.08 -59.56
N GLN D 148 20.71 39.69 -58.40
CA GLN D 148 20.81 40.53 -57.20
C GLN D 148 22.26 40.70 -56.78
N SER D 149 23.01 39.59 -56.75
CA SER D 149 24.42 39.66 -56.37
C SER D 149 25.21 40.50 -57.35
N GLN D 150 24.95 40.35 -58.66
CA GLN D 150 25.68 41.12 -59.66
C GLN D 150 25.37 42.61 -59.55
N ALA D 151 24.09 42.96 -59.34
CA ALA D 151 23.72 44.36 -59.16
C ALA D 151 24.38 44.94 -57.93
N LEU D 152 24.39 44.20 -56.82
CA LEU D 152 25.03 44.67 -55.61
C LEU D 152 26.53 44.85 -55.81
N VAL D 153 27.16 43.93 -56.53
CA VAL D 153 28.60 44.04 -56.80
C VAL D 153 28.89 45.27 -57.64
N GLU D 154 28.10 45.50 -58.69
CA GLU D 154 28.32 46.66 -59.55
C GLU D 154 28.12 47.96 -58.77
N ARG D 155 27.06 48.02 -57.94
CA ARG D 155 26.84 49.20 -57.13
C ARG D 155 27.98 49.42 -56.14
N THR D 156 28.48 48.34 -55.54
CA THR D 156 29.61 48.44 -54.62
C THR D 156 30.84 48.99 -55.32
N HIS D 157 31.15 48.45 -56.51
CA HIS D 157 32.32 48.94 -57.24
C HIS D 157 32.18 50.41 -57.61
N GLN D 158 31.01 50.80 -58.11
CA GLN D 158 30.81 52.19 -58.51
C GLN D 158 30.92 53.13 -57.33
N THR D 159 30.27 52.79 -56.22
CA THR D 159 30.30 53.66 -55.03
C THR D 159 31.70 53.71 -54.44
N LEU D 160 32.41 52.58 -54.43
CA LEU D 160 33.77 52.55 -53.92
C LEU D 160 34.68 53.44 -54.75
N LYS D 161 34.57 53.36 -56.08
CA LYS D 161 35.37 54.22 -56.93
C LYS D 161 35.03 55.69 -56.71
N ASN D 162 33.75 56.01 -56.62
CA ASN D 162 33.34 57.41 -56.44
C ASN D 162 33.87 57.97 -55.13
N THR D 163 33.74 57.21 -54.04
CA THR D 163 34.31 57.64 -52.77
C THR D 163 35.82 57.70 -52.84
N LEU D 164 36.44 56.89 -53.70
CA LEU D 164 37.88 56.97 -53.87
C LEU D 164 38.29 58.31 -54.47
N GLU D 165 37.59 58.76 -55.53
CA GLU D 165 37.93 60.09 -56.04
C GLU D 165 37.55 61.18 -55.04
N LYS D 166 36.51 60.94 -54.23
CA LYS D 166 36.15 61.91 -53.21
C LYS D 166 37.26 62.08 -52.18
N LEU D 167 37.89 60.97 -51.78
CA LEU D 167 38.78 60.97 -50.62
C LEU D 167 40.26 60.95 -50.95
N ILE D 168 40.67 60.80 -52.22
CA ILE D 168 42.09 60.84 -52.55
C ILE D 168 42.75 62.17 -52.21
N PRO D 169 42.16 63.35 -52.48
CA PRO D 169 42.89 64.59 -52.18
C PRO D 169 43.13 64.81 -50.69
N MET D 170 42.21 64.34 -49.84
CA MET D 170 42.30 64.59 -48.40
C MET D 170 43.36 63.74 -47.71
N PHE D 171 43.87 62.71 -48.38
CA PHE D 171 44.84 61.79 -47.78
C PHE D 171 46.10 61.73 -48.63
N ASN D 172 47.25 61.68 -47.96
CA ASN D 172 48.53 61.71 -48.66
C ASN D 172 48.73 60.46 -49.52
N ALA D 173 48.38 59.30 -49.00
CA ALA D 173 48.68 58.03 -49.65
C ALA D 173 47.40 57.37 -50.17
N PHE D 174 47.55 56.56 -51.22
CA PHE D 174 46.41 55.83 -51.74
C PHE D 174 45.90 54.79 -50.76
N GLU D 175 46.79 54.22 -49.94
CA GLU D 175 46.32 53.34 -48.87
C GLU D 175 45.47 54.10 -47.86
N SER D 176 45.83 55.35 -47.58
CA SER D 176 45.00 56.18 -46.71
C SER D 176 43.66 56.51 -47.36
N ALA D 177 43.66 56.77 -48.66
CA ALA D 177 42.40 57.00 -49.36
C ALA D 177 41.50 55.77 -49.30
N LEU D 178 42.10 54.59 -49.50
CA LEU D 178 41.34 53.34 -49.42
C LEU D 178 40.85 53.08 -48.01
N ALA D 179 41.65 53.42 -46.99
CA ALA D 179 41.19 53.30 -45.61
C ALA D 179 39.99 54.20 -45.36
N GLY D 180 40.05 55.44 -45.84
CA GLY D 180 38.94 56.36 -45.66
C GLY D 180 37.68 55.88 -46.35
N THR D 181 37.81 55.40 -47.59
CA THR D 181 36.62 54.91 -48.29
C THR D 181 36.08 53.64 -47.65
N LEU D 182 36.95 52.80 -47.08
CA LEU D 182 36.46 51.65 -46.33
C LEU D 182 35.68 52.09 -45.09
N ILE D 183 36.18 53.09 -44.39
CA ILE D 183 35.45 53.60 -43.22
C ILE D 183 34.10 54.14 -43.63
N THR D 184 34.06 54.95 -44.68
CA THR D 184 32.83 55.58 -45.14
C THR D 184 31.89 54.61 -45.83
N LEU D 185 32.36 53.43 -46.22
CA LEU D 185 31.51 52.42 -46.82
C LEU D 185 31.15 51.30 -45.88
N ASN D 186 31.72 51.27 -44.68
CA ASN D 186 31.36 50.25 -43.70
C ASN D 186 30.66 50.79 -42.46
N ILE D 187 30.82 52.07 -42.12
CA ILE D 187 30.32 52.55 -40.84
C ILE D 187 29.23 53.60 -40.97
N LYS D 188 29.50 54.65 -41.76
CA LYS D 188 28.78 55.91 -41.57
C LYS D 188 27.31 55.83 -41.93
N ARG D 189 26.96 55.33 -43.12
CA ARG D 189 25.62 55.49 -43.65
C ARG D 189 24.59 54.72 -42.83
N LYS D 190 23.40 55.32 -42.71
CA LYS D 190 22.32 54.77 -41.86
C LYS D 190 21.04 54.80 -42.69
N GLY D 191 20.76 53.71 -43.38
CA GLY D 191 19.58 53.62 -44.22
C GLY D 191 18.46 52.88 -43.53
N GLY D 192 17.25 53.12 -44.02
CA GLY D 192 16.07 52.50 -43.44
C GLY D 192 15.80 53.00 -42.03
N LEU D 193 15.99 52.14 -41.03
CA LEU D 193 15.84 52.53 -39.64
C LEU D 193 17.13 53.07 -39.04
N GLY D 194 18.24 53.06 -39.79
CA GLY D 194 19.49 53.61 -39.30
C GLY D 194 20.56 52.59 -38.98
N THR D 195 20.65 51.54 -39.80
CA THR D 195 21.64 50.50 -39.58
C THR D 195 22.85 50.67 -40.50
N SER D 196 23.97 50.08 -40.10
CA SER D 196 25.24 50.16 -40.80
C SER D 196 25.83 48.78 -41.04
N PRO D 197 26.67 48.62 -42.07
CA PRO D 197 27.20 47.27 -42.37
C PRO D 197 27.98 46.63 -41.24
N MET D 198 28.80 47.38 -40.50
CA MET D 198 29.39 46.85 -39.27
C MET D 198 28.32 46.28 -38.35
N ASP D 199 27.28 47.07 -38.09
CA ASP D 199 26.24 46.64 -37.16
C ASP D 199 25.58 45.36 -37.66
N ILE D 200 25.29 45.29 -38.96
CA ILE D 200 24.56 44.15 -39.49
C ILE D 200 25.43 42.90 -39.50
N PHE D 201 26.72 43.04 -39.84
CA PHE D 201 27.59 41.86 -39.87
C PHE D 201 27.84 41.33 -38.45
N ILE D 202 28.16 42.22 -37.51
CA ILE D 202 28.33 41.78 -36.13
C ILE D 202 27.03 41.21 -35.60
N PHE D 203 25.90 41.79 -36.02
CA PHE D 203 24.58 41.29 -35.69
C PHE D 203 24.43 39.84 -36.15
N ASN D 204 24.74 39.57 -37.42
CA ASN D 204 24.58 38.23 -37.98
C ASN D 204 25.50 37.22 -37.30
N LYS D 205 26.74 37.62 -37.01
CA LYS D 205 27.62 36.74 -36.23
C LYS D 205 27.03 36.47 -34.86
N GLU D 206 26.42 37.49 -34.26
CA GLU D 206 25.80 37.33 -32.95
C GLU D 206 24.70 36.29 -33.01
N GLN D 207 23.81 36.36 -34.01
CA GLN D 207 22.83 35.28 -34.13
C GLN D 207 23.50 33.93 -34.38
N GLN D 208 24.50 33.87 -35.27
CA GLN D 208 25.16 32.58 -35.51
C GLN D 208 25.55 31.93 -34.19
N ARG D 209 26.13 32.72 -33.29
CA ARG D 209 26.41 32.23 -31.94
C ARG D 209 25.11 31.85 -31.22
N ILE D 210 24.04 32.63 -31.40
CA ILE D 210 22.79 32.36 -30.69
C ILE D 210 22.16 31.05 -31.13
N GLN D 211 22.12 30.80 -32.44
CA GLN D 211 21.61 29.51 -32.93
C GLN D 211 22.48 28.36 -32.46
N GLN D 212 23.80 28.55 -32.44
CA GLN D 212 24.67 27.50 -31.89
C GLN D 212 24.31 27.18 -30.44
N GLN D 213 24.19 28.22 -29.62
CA GLN D 213 23.85 28.03 -28.21
C GLN D 213 22.46 27.42 -28.05
N SER D 214 21.50 27.88 -28.85
CA SER D 214 20.12 27.42 -28.74
C SER D 214 20.02 25.94 -29.10
N LYS D 215 20.65 25.52 -30.20
CA LYS D 215 20.64 24.10 -30.52
C LYS D 215 21.34 23.31 -29.44
N SER D 216 22.50 23.78 -28.97
CA SER D 216 23.22 23.08 -27.91
C SER D 216 22.34 22.86 -26.69
N LYS D 217 21.51 23.84 -26.36
CA LYS D 217 20.49 23.63 -25.34
C LYS D 217 19.43 22.64 -25.80
N GLN D 218 19.13 22.62 -27.10
CA GLN D 218 18.00 21.84 -27.60
C GLN D 218 18.26 20.34 -27.59
N GLU D 219 19.46 19.88 -27.92
CA GLU D 219 19.63 18.43 -28.05
C GLU D 219 19.48 17.69 -26.73
N LYS D 220 19.46 18.39 -25.59
CA LYS D 220 19.39 17.72 -24.29
C LYS D 220 18.14 16.87 -24.15
N ILE D 221 16.98 17.52 -24.10
CA ILE D 221 15.68 16.84 -23.96
C ILE D 221 15.77 15.85 -22.81
N ARG D 222 16.05 16.37 -21.61
CA ARG D 222 16.19 15.52 -20.43
C ARG D 222 14.82 15.05 -19.94
N PHE D 223 14.83 14.14 -18.97
CA PHE D 223 13.60 13.66 -18.36
C PHE D 223 13.67 13.87 -16.86
N CYS D 224 12.51 13.74 -16.20
CA CYS D 224 12.39 14.03 -14.78
C CYS D 224 11.32 13.14 -14.18
N TYR D 225 11.21 13.20 -12.86
CA TYR D 225 10.17 12.50 -12.11
C TYR D 225 9.19 13.51 -11.54
N TYR D 226 7.96 13.07 -11.29
CA TYR D 226 6.94 13.94 -10.73
C TYR D 226 5.87 13.08 -10.07
N ARG D 227 5.01 13.74 -9.29
CA ARG D 227 3.93 13.08 -8.59
C ARG D 227 2.62 13.80 -8.89
N THR D 228 1.54 13.03 -8.99
CA THR D 228 0.21 13.56 -9.23
C THR D 228 -0.58 13.59 -7.94
N ARG D 229 -1.86 13.96 -8.03
CA ARG D 229 -2.71 13.99 -6.85
C ARG D 229 -3.01 12.58 -6.34
N LYS D 230 -3.26 11.65 -7.25
CA LYS D 230 -3.56 10.25 -6.91
C LYS D 230 -4.76 10.23 -5.97
N ARG D 231 -4.73 9.43 -4.90
CA ARG D 231 -5.85 9.39 -3.96
C ARG D 231 -6.03 10.74 -3.27
N GLY D 232 -4.94 11.38 -2.88
CA GLY D 232 -5.01 12.69 -2.25
C GLY D 232 -3.63 13.26 -1.98
N HIS D 233 -3.52 14.61 -2.04
CA HIS D 233 -2.27 15.31 -1.78
C HIS D 233 -1.21 14.89 -2.81
N PRO D 234 0.06 15.27 -2.68
CA PRO D 234 1.07 14.67 -3.55
C PRO D 234 1.22 13.17 -3.32
N GLY D 235 1.34 12.44 -4.42
CA GLY D 235 1.50 11.00 -4.37
C GLY D 235 2.94 10.56 -4.50
N GLU D 236 3.12 9.29 -4.83
CA GLU D 236 4.45 8.74 -5.00
C GLU D 236 4.98 9.08 -6.39
N TRP D 237 6.30 9.00 -6.53
CA TRP D 237 6.94 9.30 -7.81
C TRP D 237 6.42 8.35 -8.89
N GLN D 238 6.24 8.88 -10.10
CA GLN D 238 5.60 8.13 -11.17
C GLN D 238 6.42 8.24 -12.45
N GLY D 239 7.31 7.28 -12.64
CA GLY D 239 7.94 7.03 -13.92
C GLY D 239 8.87 8.11 -14.43
N PRO D 240 9.72 7.76 -15.39
CA PRO D 240 10.49 8.78 -16.11
C PRO D 240 9.81 9.22 -17.39
N THR D 241 9.89 10.52 -17.71
CA THR D 241 9.34 11.02 -18.97
C THR D 241 10.07 12.30 -19.34
N GLN D 242 10.37 12.45 -20.63
CA GLN D 242 11.16 13.58 -21.10
C GLN D 242 10.39 14.88 -20.96
N VAL D 243 11.08 15.93 -20.49
CA VAL D 243 10.45 17.24 -20.37
C VAL D 243 10.24 17.80 -21.77
N LEU D 244 9.07 18.42 -21.98
CA LEU D 244 8.72 18.99 -23.27
C LEU D 244 9.14 20.44 -23.39
N TRP D 245 9.03 21.21 -22.32
CA TRP D 245 9.35 22.63 -22.33
C TRP D 245 9.51 23.11 -20.90
N GLY D 246 10.36 24.12 -20.71
CA GLY D 246 10.58 24.68 -19.39
C GLY D 246 10.06 26.09 -19.21
N GLY D 247 9.29 26.32 -18.15
CA GLY D 247 8.81 27.62 -17.79
C GLY D 247 9.28 28.05 -16.41
N ASP D 248 8.60 29.07 -15.89
CA ASP D 248 8.90 29.61 -14.56
C ASP D 248 7.89 29.09 -13.54
N GLY D 249 8.32 28.14 -12.72
CA GLY D 249 7.48 27.56 -11.70
C GLY D 249 6.71 26.32 -12.12
N ALA D 250 6.71 25.98 -13.40
CA ALA D 250 5.99 24.81 -13.86
C ALA D 250 6.62 24.30 -15.15
N ILE D 251 6.41 23.01 -15.43
CA ILE D 251 6.85 22.38 -16.66
C ILE D 251 5.71 21.53 -17.19
N VAL D 252 5.90 20.98 -18.38
CA VAL D 252 4.91 20.16 -19.06
C VAL D 252 5.52 18.79 -19.34
N VAL D 253 4.79 17.73 -18.97
CA VAL D 253 5.24 16.36 -19.17
C VAL D 253 4.14 15.58 -19.87
N LYS D 254 4.51 14.43 -20.41
CA LYS D 254 3.58 13.56 -21.12
C LYS D 254 3.21 12.40 -20.20
N ASP D 255 1.92 12.27 -19.91
CA ASP D 255 1.45 11.18 -19.07
C ASP D 255 1.45 9.87 -19.84
N ARG D 256 2.25 8.91 -19.39
CA ARG D 256 2.33 7.63 -20.08
C ARG D 256 1.01 6.85 -19.99
N GLY D 257 0.38 6.87 -18.81
CA GLY D 257 -0.80 6.05 -18.61
C GLY D 257 -2.00 6.53 -19.43
N THR D 258 -2.20 7.84 -19.51
CA THR D 258 -3.40 8.41 -20.11
C THR D 258 -3.13 9.06 -21.47
N ASP D 259 -1.87 9.36 -21.79
CA ASP D 259 -1.49 9.96 -23.06
C ASP D 259 -2.11 11.35 -23.23
N ARG D 260 -2.00 12.16 -22.16
CA ARG D 260 -2.44 13.54 -22.17
C ARG D 260 -1.35 14.42 -21.56
N TYR D 261 -1.26 15.65 -22.05
CA TYR D 261 -0.30 16.60 -21.51
C TYR D 261 -0.88 17.30 -20.28
N LEU D 262 -0.06 17.41 -19.24
CA LEU D 262 -0.47 18.03 -17.99
C LEU D 262 0.57 19.06 -17.58
N VAL D 263 0.15 19.95 -16.69
CA VAL D 263 1.02 20.98 -16.13
C VAL D 263 1.35 20.61 -14.69
N ILE D 264 2.63 20.60 -14.37
CA ILE D 264 3.12 20.23 -13.04
C ILE D 264 3.96 21.37 -12.50
N ALA D 265 3.66 21.79 -11.28
CA ALA D 265 4.41 22.86 -10.65
C ALA D 265 5.84 22.42 -10.37
N ASN D 266 6.75 23.40 -10.29
CA ASN D 266 8.16 23.10 -10.07
C ASN D 266 8.44 22.52 -8.69
N LYS D 267 7.47 22.55 -7.78
CA LYS D 267 7.71 22.01 -6.44
C LYS D 267 7.83 20.49 -6.43
N ASP D 268 7.31 19.81 -7.45
CA ASP D 268 7.27 18.35 -7.45
C ASP D 268 7.96 17.74 -8.68
N VAL D 269 9.09 18.32 -9.11
CA VAL D 269 9.84 17.82 -10.26
C VAL D 269 11.27 17.52 -9.82
N LYS D 270 11.85 16.47 -10.40
CA LYS D 270 13.21 16.03 -10.08
C LYS D 270 13.97 15.85 -11.38
N PHE D 271 14.74 16.86 -11.78
CA PHE D 271 15.42 16.83 -13.07
C PHE D 271 16.51 15.76 -13.09
N ILE D 272 16.61 15.07 -14.23
CA ILE D 272 17.55 13.95 -14.39
C ILE D 272 18.21 14.04 -15.75
N PRO D 273 19.50 13.71 -15.82
CA PRO D 273 20.17 13.69 -17.11
C PRO D 273 19.49 12.70 -18.07
N PRO D 274 19.55 12.98 -19.37
CA PRO D 274 18.73 12.21 -20.34
C PRO D 274 19.06 10.73 -20.38
N PRO D 275 20.29 10.30 -20.06
CA PRO D 275 20.32 8.82 -20.07
C PRO D 275 19.81 8.21 -18.78
N TRP E 1 -31.11 21.61 7.07
CA TRP E 1 -31.53 20.52 6.18
C TRP E 1 -32.76 19.81 6.71
N ILE E 2 -32.57 19.00 7.76
CA ILE E 2 -33.68 18.22 8.29
C ILE E 2 -34.77 19.14 8.85
N GLU E 3 -34.40 20.34 9.30
CA GLU E 3 -35.39 21.28 9.81
C GLU E 3 -36.36 21.73 8.73
N ASN E 4 -36.01 21.57 7.47
CA ASN E 4 -36.85 22.04 6.38
C ASN E 4 -37.60 20.93 5.66
N ILE E 5 -37.27 19.66 5.91
CA ILE E 5 -37.86 18.55 5.16
C ILE E 5 -39.34 18.37 5.48
N PRO E 6 -39.74 18.19 6.76
CA PRO E 6 -41.19 18.10 7.03
C PRO E 6 -41.94 19.37 6.67
N LEU E 7 -41.29 20.52 6.84
CA LEU E 7 -41.91 21.77 6.41
C LEU E 7 -42.23 21.73 4.93
N ALA E 8 -41.25 21.30 4.11
CA ALA E 8 -41.44 21.19 2.67
C ALA E 8 -42.53 20.20 2.33
N GLU E 9 -42.58 19.08 3.05
CA GLU E 9 -43.73 18.17 2.93
C GLU E 9 -45.03 18.95 3.11
N GLU E 10 -45.06 19.82 4.12
CA GLU E 10 -46.31 20.50 4.46
C GLU E 10 -46.73 21.47 3.36
N GLU E 11 -45.81 22.31 2.86
CA GLU E 11 -46.29 23.22 1.80
C GLU E 11 -46.49 22.48 0.49
N HIS E 12 -45.86 21.33 0.29
CA HIS E 12 -46.20 20.53 -0.88
C HIS E 12 -47.64 20.05 -0.79
N ASN E 13 -48.07 19.62 0.41
CA ASN E 13 -49.48 19.31 0.60
C ASN E 13 -50.36 20.53 0.37
N LYS E 14 -49.89 21.71 0.81
CA LYS E 14 -50.68 22.93 0.61
C LYS E 14 -50.88 23.23 -0.88
N TRP E 15 -49.79 23.24 -1.64
CA TRP E 15 -49.73 23.95 -2.91
C TRP E 15 -49.41 23.08 -4.12
N HIS E 16 -48.68 21.98 -3.94
CA HIS E 16 -48.33 21.06 -5.02
C HIS E 16 -47.50 21.75 -6.10
N GLN E 17 -46.33 22.24 -5.70
CA GLN E 17 -45.38 22.84 -6.62
C GLN E 17 -44.45 21.75 -7.17
N ASP E 18 -43.38 22.16 -7.85
CA ASP E 18 -42.51 21.21 -8.51
C ASP E 18 -41.36 20.78 -7.60
N ALA E 19 -40.84 19.58 -7.88
CA ALA E 19 -39.81 18.98 -7.04
C ALA E 19 -38.55 19.81 -7.04
N VAL E 20 -38.02 20.13 -8.23
CA VAL E 20 -36.80 20.93 -8.29
C VAL E 20 -37.04 22.35 -7.80
N SER E 21 -38.27 22.85 -7.97
CA SER E 21 -38.61 24.17 -7.46
C SER E 21 -38.45 24.22 -5.94
N LEU E 22 -39.09 23.28 -5.24
CA LEU E 22 -38.93 23.24 -3.79
C LEU E 22 -37.51 22.89 -3.39
N HIS E 23 -36.82 22.07 -4.21
CA HIS E 23 -35.40 21.81 -4.00
C HIS E 23 -34.60 23.09 -3.90
N LEU E 24 -34.71 23.95 -4.90
CA LEU E 24 -33.91 25.17 -4.88
C LEU E 24 -34.43 26.17 -3.86
N GLU E 25 -35.73 26.15 -3.57
CA GLU E 25 -36.27 27.11 -2.61
C GLU E 25 -35.83 26.79 -1.19
N PHE E 26 -35.70 25.50 -0.84
CA PHE E 26 -35.48 25.12 0.54
C PHE E 26 -34.19 24.35 0.79
N GLY E 27 -33.35 24.14 -0.22
CA GLY E 27 -32.11 23.42 0.00
C GLY E 27 -32.31 21.99 0.45
N ILE E 28 -33.27 21.30 -0.14
CA ILE E 28 -33.61 19.93 0.26
C ILE E 28 -33.31 19.02 -0.92
N PRO E 29 -32.69 17.86 -0.71
CA PRO E 29 -32.17 17.06 -1.83
C PRO E 29 -33.25 16.71 -2.86
N ARG E 30 -32.86 16.78 -4.13
CA ARG E 30 -33.81 16.61 -5.22
C ARG E 30 -34.32 15.19 -5.32
N THR E 31 -33.50 14.21 -4.94
CA THR E 31 -34.01 12.84 -4.86
C THR E 31 -35.15 12.74 -3.86
N ALA E 32 -34.98 13.34 -2.67
CA ALA E 32 -36.06 13.37 -1.70
C ALA E 32 -37.26 14.11 -2.26
N ALA E 33 -37.03 15.21 -2.97
CA ALA E 33 -38.13 15.98 -3.55
C ALA E 33 -38.93 15.13 -4.54
N GLU E 34 -38.25 14.39 -5.41
CA GLU E 34 -38.97 13.58 -6.39
C GLU E 34 -39.66 12.38 -5.74
N ASP E 35 -39.08 11.83 -4.67
CA ASP E 35 -39.82 10.83 -3.90
C ASP E 35 -41.09 11.42 -3.31
N ILE E 36 -41.01 12.66 -2.81
CA ILE E 36 -42.20 13.33 -2.27
C ILE E 36 -43.25 13.49 -3.35
N VAL E 37 -42.82 13.95 -4.53
CA VAL E 37 -43.77 14.16 -5.62
C VAL E 37 -44.42 12.85 -6.04
N GLN E 38 -43.61 11.78 -6.18
CA GLN E 38 -44.16 10.49 -6.57
C GLN E 38 -45.12 9.94 -5.52
N GLN E 39 -44.78 10.09 -4.24
CA GLN E 39 -45.67 9.63 -3.18
C GLN E 39 -46.96 10.42 -3.15
N CYS E 40 -46.90 11.72 -3.45
CA CYS E 40 -48.09 12.56 -3.45
C CYS E 40 -48.99 12.14 -4.61
N ASP E 41 -50.00 11.33 -4.31
CA ASP E 41 -50.94 10.89 -5.33
C ASP E 41 -51.80 12.03 -5.84
N VAL E 42 -51.86 13.14 -5.12
CA VAL E 42 -52.60 14.31 -5.60
C VAL E 42 -51.97 14.83 -6.88
N CYS E 43 -50.65 15.04 -6.87
CA CYS E 43 -49.97 15.55 -8.05
C CYS E 43 -50.06 14.59 -9.23
N GLN E 44 -49.90 13.29 -8.97
CA GLN E 44 -49.98 12.30 -10.03
C GLN E 44 -51.38 11.70 -10.11
N ILE E 60 -40.96 40.15 -25.97
CA ILE E 60 -40.91 41.13 -24.90
C ILE E 60 -42.31 41.64 -24.57
N ASP E 61 -42.81 41.27 -23.39
CA ASP E 61 -44.14 41.65 -22.94
C ASP E 61 -45.21 41.25 -23.96
N HIS E 62 -45.08 40.03 -24.49
CA HIS E 62 -45.97 39.52 -25.51
C HIS E 62 -46.94 38.53 -24.88
N TRP E 63 -48.23 38.74 -25.10
CA TRP E 63 -49.27 38.07 -24.32
C TRP E 63 -50.26 37.38 -25.27
N GLN E 64 -50.89 36.32 -24.77
CA GLN E 64 -51.86 35.55 -25.53
C GLN E 64 -53.04 35.22 -24.63
N VAL E 65 -54.22 35.06 -25.23
CA VAL E 65 -55.46 34.82 -24.50
C VAL E 65 -56.19 33.64 -25.10
N ASP E 66 -56.81 32.83 -24.25
CA ASP E 66 -57.70 31.76 -24.70
C ASP E 66 -58.72 31.50 -23.61
N TYR E 67 -60.00 31.68 -23.93
CA TYR E 67 -61.06 31.42 -22.98
C TYR E 67 -61.15 29.94 -22.65
N THR E 68 -61.61 29.64 -21.44
CA THR E 68 -61.74 28.26 -20.99
C THR E 68 -62.93 28.16 -20.03
N HIS E 69 -63.43 26.94 -19.88
CA HIS E 69 -64.56 26.65 -19.01
C HIS E 69 -64.15 25.63 -17.97
N TYR E 70 -64.50 25.89 -16.71
CA TYR E 70 -64.19 24.97 -15.62
C TYR E 70 -65.31 25.04 -14.60
N GLU E 71 -65.97 23.90 -14.36
CA GLU E 71 -67.08 23.81 -13.42
C GLU E 71 -68.18 24.81 -13.75
N ASP E 72 -68.51 24.90 -15.04
CA ASP E 72 -69.54 25.81 -15.54
C ASP E 72 -69.24 27.26 -15.18
N LYS E 73 -67.96 27.62 -15.22
CA LYS E 73 -67.51 28.98 -14.93
C LYS E 73 -66.46 29.37 -15.95
N ILE E 74 -66.76 30.41 -16.73
CA ILE E 74 -65.80 30.90 -17.72
C ILE E 74 -64.67 31.62 -16.99
N ILE E 75 -63.43 31.30 -17.37
CA ILE E 75 -62.25 31.89 -16.76
C ILE E 75 -61.43 32.56 -17.85
N LEU E 76 -61.19 33.86 -17.69
CA LEU E 76 -60.32 34.59 -18.62
C LEU E 76 -58.87 34.28 -18.29
N VAL E 77 -58.13 33.80 -19.28
CA VAL E 77 -56.75 33.35 -19.09
C VAL E 77 -55.84 34.16 -20.00
N TRP E 78 -54.79 34.74 -19.42
CA TRP E 78 -53.74 35.41 -20.16
C TRP E 78 -52.50 34.53 -20.16
N VAL E 79 -51.94 34.29 -21.35
CA VAL E 79 -50.78 33.42 -21.52
C VAL E 79 -49.67 34.24 -22.16
N GLU E 80 -48.53 34.30 -21.49
CA GLU E 80 -47.39 35.04 -22.03
C GLU E 80 -46.51 34.10 -22.84
N THR E 81 -45.96 34.61 -23.94
CA THR E 81 -45.27 33.78 -24.92
C THR E 81 -43.86 33.38 -24.48
N ASN E 82 -43.08 34.32 -23.96
CA ASN E 82 -41.66 34.06 -23.69
C ASN E 82 -41.42 33.54 -22.27
N SER E 83 -41.81 34.34 -21.27
CA SER E 83 -41.59 33.93 -19.88
C SER E 83 -42.52 32.80 -19.47
N GLY E 84 -43.70 32.72 -20.08
CA GLY E 84 -44.70 31.77 -19.64
C GLY E 84 -45.57 32.25 -18.50
N LEU E 85 -45.48 33.53 -18.14
CA LEU E 85 -46.31 34.07 -17.08
C LEU E 85 -47.78 34.00 -17.48
N ILE E 86 -48.65 33.74 -16.50
CA ILE E 86 -50.08 33.63 -16.74
C ILE E 86 -50.84 34.46 -15.72
N TYR E 87 -52.03 34.90 -16.11
CA TYR E 87 -52.97 35.55 -15.21
C TYR E 87 -54.36 35.03 -15.53
N ALA E 88 -55.13 34.71 -14.50
CA ALA E 88 -56.48 34.20 -14.66
C ALA E 88 -57.40 34.86 -13.65
N GLU E 89 -58.67 34.99 -14.03
CA GLU E 89 -59.69 35.55 -13.14
C GLU E 89 -61.05 35.09 -13.62
N ARG E 90 -61.94 34.77 -12.68
CA ARG E 90 -63.27 34.32 -13.03
C ARG E 90 -64.06 35.44 -13.67
N VAL E 91 -64.73 35.13 -14.79
CA VAL E 91 -65.56 36.08 -15.52
C VAL E 91 -66.93 35.45 -15.71
N LYS E 92 -67.98 36.23 -15.53
CA LYS E 92 -69.34 35.71 -15.65
C LYS E 92 -69.63 35.27 -17.08
N GLY E 93 -69.14 36.02 -18.06
CA GLY E 93 -69.37 35.67 -19.45
C GLY E 93 -68.31 36.27 -20.35
N GLU E 94 -68.40 35.92 -21.63
CA GLU E 94 -67.48 36.42 -22.65
C GLU E 94 -67.93 37.75 -23.24
N THR E 95 -68.74 38.52 -22.52
CA THR E 95 -69.29 39.74 -23.06
C THR E 95 -68.21 40.82 -23.24
N GLY E 96 -68.44 41.68 -24.23
CA GLY E 96 -67.44 42.66 -24.60
C GLY E 96 -67.14 43.64 -23.49
N GLN E 97 -68.17 44.15 -22.82
CA GLN E 97 -67.96 45.14 -21.76
C GLN E 97 -67.23 44.51 -20.57
N GLU E 98 -67.59 43.27 -20.22
CA GLU E 98 -66.89 42.59 -19.14
C GLU E 98 -65.42 42.39 -19.49
N PHE E 99 -65.13 41.96 -20.72
CA PHE E 99 -63.73 41.81 -21.09
C PHE E 99 -63.02 43.16 -21.12
N ARG E 100 -63.73 44.23 -21.46
CA ARG E 100 -63.14 45.56 -21.39
C ARG E 100 -62.75 45.90 -19.97
N VAL E 101 -63.61 45.56 -18.99
CA VAL E 101 -63.30 45.84 -17.60
C VAL E 101 -62.07 45.06 -17.15
N GLN E 102 -62.05 43.76 -17.41
CA GLN E 102 -60.90 42.96 -17.00
C GLN E 102 -59.63 43.37 -17.74
N THR E 103 -59.75 43.78 -19.01
CA THR E 103 -58.54 44.15 -19.74
C THR E 103 -58.03 45.52 -19.33
N MET E 104 -58.91 46.44 -18.91
CA MET E 104 -58.42 47.68 -18.31
C MET E 104 -57.69 47.41 -17.01
N LYS E 105 -58.25 46.54 -16.17
CA LYS E 105 -57.53 46.15 -14.95
C LYS E 105 -56.19 45.50 -15.29
N TRP E 106 -56.17 44.65 -16.31
CA TRP E 106 -54.96 43.96 -16.74
C TRP E 106 -53.90 44.94 -17.21
N TYR E 107 -54.27 45.85 -18.10
CA TYR E 107 -53.33 46.85 -18.56
C TYR E 107 -52.84 47.76 -17.44
N ALA E 108 -53.71 48.09 -16.47
CA ALA E 108 -53.28 48.92 -15.36
C ALA E 108 -52.27 48.19 -14.48
N MET E 109 -52.50 46.92 -14.23
CA MET E 109 -51.73 46.20 -13.23
C MET E 109 -50.47 45.54 -13.79
N PHE E 110 -50.39 45.37 -15.12
CA PHE E 110 -49.17 44.95 -15.78
C PHE E 110 -48.70 46.06 -16.73
N ALA E 111 -47.66 45.76 -17.50
CA ALA E 111 -47.13 46.66 -18.52
C ALA E 111 -46.77 45.89 -19.78
N PRO E 112 -47.76 45.42 -20.53
CA PRO E 112 -47.48 44.65 -21.74
C PRO E 112 -47.09 45.54 -22.91
N LYS E 113 -46.60 44.89 -23.96
CA LYS E 113 -46.19 45.56 -25.20
C LYS E 113 -46.97 45.09 -26.42
N SER E 114 -47.21 43.79 -26.55
CA SER E 114 -47.98 43.25 -27.65
C SER E 114 -48.84 42.10 -27.13
N LEU E 115 -49.93 41.82 -27.86
CA LEU E 115 -50.91 40.84 -27.41
C LEU E 115 -51.34 39.96 -28.58
N GLN E 116 -51.51 38.68 -28.30
CA GLN E 116 -52.05 37.72 -29.26
C GLN E 116 -53.45 37.32 -28.83
N SER E 117 -54.35 37.15 -29.80
CA SER E 117 -55.72 36.80 -29.51
C SER E 117 -56.32 36.08 -30.70
N ASP E 118 -57.40 35.34 -30.45
CA ASP E 118 -58.10 34.63 -31.50
C ASP E 118 -59.22 35.51 -32.05
N ASN E 119 -60.12 34.90 -32.84
CA ASN E 119 -61.18 35.62 -33.52
C ASN E 119 -62.48 35.65 -32.73
N GLY E 120 -62.42 35.60 -31.40
CA GLY E 120 -63.60 35.66 -30.57
C GLY E 120 -64.31 36.99 -30.71
N PRO E 121 -65.64 36.99 -30.51
CA PRO E 121 -66.40 38.24 -30.66
C PRO E 121 -65.94 39.35 -29.72
N ALA E 122 -65.61 39.01 -28.48
CA ALA E 122 -65.13 40.01 -27.53
C ALA E 122 -63.83 40.65 -27.98
N PHE E 123 -63.09 39.98 -28.86
CA PHE E 123 -61.83 40.50 -29.38
C PHE E 123 -62.04 41.27 -30.68
N VAL E 124 -62.93 40.77 -31.54
CA VAL E 124 -63.24 41.42 -32.81
C VAL E 124 -64.10 42.66 -32.62
N ALA E 125 -64.70 42.83 -31.45
CA ALA E 125 -65.58 43.97 -31.20
C ALA E 125 -64.87 45.29 -31.46
N GLU E 126 -65.57 46.18 -32.18
CA GLU E 126 -64.98 47.45 -32.59
C GLU E 126 -64.69 48.33 -31.37
N SER E 127 -65.60 48.36 -30.40
CA SER E 127 -65.37 49.18 -29.21
C SER E 127 -64.18 48.66 -28.42
N THR E 128 -64.06 47.33 -28.30
CA THR E 128 -62.89 46.76 -27.61
C THR E 128 -61.61 47.14 -28.33
N GLN E 129 -61.59 47.02 -29.66
CA GLN E 129 -60.39 47.37 -30.41
C GLN E 129 -60.05 48.84 -30.26
N LEU E 130 -61.07 49.70 -30.24
CA LEU E 130 -60.85 51.12 -30.00
C LEU E 130 -60.28 51.35 -28.60
N LEU E 131 -60.72 50.57 -27.62
CA LEU E 131 -60.17 50.69 -26.27
C LEU E 131 -58.70 50.30 -26.23
N MET E 132 -58.33 49.18 -26.87
CA MET E 132 -56.91 48.84 -26.92
C MET E 132 -56.09 49.89 -27.64
N LYS E 133 -56.62 50.44 -28.74
CA LYS E 133 -55.90 51.50 -29.45
C LYS E 133 -55.75 52.75 -28.59
N TYR E 134 -56.79 53.11 -27.83
CA TYR E 134 -56.70 54.26 -26.94
C TYR E 134 -55.66 54.02 -25.84
N LEU E 135 -55.63 52.82 -25.27
CA LEU E 135 -54.61 52.49 -24.28
C LEU E 135 -53.22 52.32 -24.90
N GLY E 136 -53.13 52.24 -26.22
CA GLY E 136 -51.85 52.20 -26.90
C GLY E 136 -51.22 50.83 -27.05
N ILE E 137 -51.96 49.76 -26.80
CA ILE E 137 -51.44 48.41 -26.93
C ILE E 137 -51.79 47.89 -28.32
N GLU E 138 -50.98 46.97 -28.83
CA GLU E 138 -51.18 46.37 -30.14
C GLU E 138 -52.01 45.10 -29.99
N HIS E 139 -53.20 45.10 -30.59
CA HIS E 139 -54.11 43.97 -30.50
C HIS E 139 -54.14 43.22 -31.83
N THR E 140 -53.90 41.92 -31.78
CA THR E 140 -53.89 41.06 -32.96
C THR E 140 -54.93 39.97 -32.80
N THR E 141 -55.76 39.79 -33.81
CA THR E 141 -56.80 38.77 -33.82
C THR E 141 -56.54 37.78 -34.95
N GLY E 142 -56.57 36.49 -34.62
CA GLY E 142 -56.36 35.46 -35.62
C GLY E 142 -56.15 34.11 -34.99
N ILE E 143 -56.28 33.08 -35.81
CA ILE E 143 -56.10 31.71 -35.32
C ILE E 143 -54.64 31.50 -34.92
N PRO E 144 -54.35 30.95 -33.74
CA PRO E 144 -52.95 30.68 -33.37
C PRO E 144 -52.38 29.54 -34.20
N TRP E 145 -51.33 29.84 -34.95
CA TRP E 145 -50.71 28.87 -35.85
C TRP E 145 -49.37 28.35 -35.36
N ASN E 146 -48.68 29.08 -34.51
CA ASN E 146 -47.34 28.69 -34.07
C ASN E 146 -47.41 27.46 -33.19
N PRO E 147 -46.76 26.36 -33.56
CA PRO E 147 -46.73 25.19 -32.65
C PRO E 147 -46.12 25.51 -31.30
N GLN E 148 -45.09 26.37 -31.27
CA GLN E 148 -44.47 26.75 -30.01
C GLN E 148 -45.48 27.44 -29.09
N SER E 149 -46.28 28.35 -29.64
CA SER E 149 -47.29 29.02 -28.82
C SER E 149 -48.41 28.06 -28.42
N GLN E 150 -48.84 27.20 -29.36
CA GLN E 150 -49.98 26.33 -29.09
C GLN E 150 -49.65 25.27 -28.04
N ALA E 151 -48.44 24.72 -28.09
CA ALA E 151 -48.06 23.72 -27.10
C ALA E 151 -48.04 24.32 -25.70
N LEU E 152 -47.48 25.52 -25.56
CA LEU E 152 -47.49 26.19 -24.25
C LEU E 152 -48.92 26.51 -23.82
N VAL E 153 -49.77 26.96 -24.74
CA VAL E 153 -51.14 27.32 -24.39
C VAL E 153 -51.88 26.09 -23.86
N GLU E 154 -51.78 24.97 -24.58
CA GLU E 154 -52.48 23.77 -24.14
C GLU E 154 -51.88 23.22 -22.83
N ARG E 155 -50.56 23.35 -22.65
CA ARG E 155 -49.94 22.92 -21.40
C ARG E 155 -50.49 23.72 -20.23
N THR E 156 -50.55 25.05 -20.38
CA THR E 156 -51.10 25.88 -19.30
C THR E 156 -52.56 25.57 -19.05
N HIS E 157 -53.34 25.34 -20.10
CA HIS E 157 -54.75 25.02 -19.91
C HIS E 157 -54.92 23.74 -19.12
N GLN E 158 -54.23 22.67 -19.54
CA GLN E 158 -54.33 21.40 -18.85
C GLN E 158 -53.85 21.54 -17.41
N THR E 159 -52.74 22.24 -17.20
CA THR E 159 -52.20 22.40 -15.87
C THR E 159 -53.13 23.20 -14.97
N LEU E 160 -53.73 24.27 -15.48
CA LEU E 160 -54.62 25.06 -14.64
C LEU E 160 -55.86 24.27 -14.28
N LYS E 161 -56.44 23.53 -15.24
CA LYS E 161 -57.58 22.68 -14.89
C LYS E 161 -57.20 21.65 -13.84
N ASN E 162 -56.04 21.00 -14.01
CA ASN E 162 -55.58 20.02 -13.03
C ASN E 162 -55.42 20.65 -11.66
N THR E 163 -54.73 21.78 -11.58
CA THR E 163 -54.46 22.43 -10.30
C THR E 163 -55.73 22.96 -9.65
N LEU E 164 -56.69 23.45 -10.43
CA LEU E 164 -57.99 23.81 -9.86
C LEU E 164 -58.67 22.60 -9.27
N GLU E 165 -58.63 21.46 -9.97
CA GLU E 165 -59.17 20.24 -9.39
C GLU E 165 -58.44 19.87 -8.11
N LYS E 166 -57.14 20.14 -8.04
CA LYS E 166 -56.38 19.87 -6.82
C LYS E 166 -56.86 20.74 -5.67
N LEU E 167 -57.05 22.03 -5.94
CA LEU E 167 -57.14 23.03 -4.88
C LEU E 167 -58.56 23.45 -4.52
N ILE E 168 -59.57 23.04 -5.29
CA ILE E 168 -60.95 23.41 -4.92
C ILE E 168 -61.38 22.88 -3.56
N PRO E 169 -61.08 21.64 -3.14
CA PRO E 169 -61.65 21.17 -1.87
C PRO E 169 -61.21 21.98 -0.66
N MET E 170 -59.96 22.43 -0.62
CA MET E 170 -59.44 23.07 0.58
C MET E 170 -59.93 24.51 0.71
N PHE E 171 -60.04 25.23 -0.40
CA PHE E 171 -60.33 26.66 -0.36
C PHE E 171 -61.83 26.90 -0.41
N ASN E 172 -62.31 27.77 0.48
CA ASN E 172 -63.73 28.06 0.56
C ASN E 172 -64.24 28.73 -0.71
N ALA E 173 -63.48 29.68 -1.26
CA ALA E 173 -63.92 30.49 -2.37
C ALA E 173 -63.30 30.01 -3.68
N PHE E 174 -64.11 30.03 -4.75
CA PHE E 174 -63.63 29.66 -6.07
C PHE E 174 -62.60 30.68 -6.57
N GLU E 175 -62.85 31.96 -6.32
CA GLU E 175 -61.85 32.98 -6.62
C GLU E 175 -60.59 32.78 -5.81
N SER E 176 -60.73 32.35 -4.55
CA SER E 176 -59.55 32.01 -3.74
C SER E 176 -58.78 30.85 -4.36
N ALA E 177 -59.50 29.86 -4.90
CA ALA E 177 -58.83 28.74 -5.56
C ALA E 177 -58.02 29.22 -6.76
N LEU E 178 -58.61 30.10 -7.58
CA LEU E 178 -57.84 30.67 -8.69
C LEU E 178 -56.65 31.48 -8.21
N ALA E 179 -56.83 32.26 -7.14
CA ALA E 179 -55.73 33.06 -6.63
C ALA E 179 -54.57 32.18 -6.18
N GLY E 180 -54.87 31.13 -5.43
CA GLY E 180 -53.83 30.21 -5.00
C GLY E 180 -53.19 29.47 -6.15
N THR E 181 -53.99 29.09 -7.15
CA THR E 181 -53.43 28.45 -8.34
C THR E 181 -52.46 29.36 -9.06
N LEU E 182 -52.82 30.64 -9.19
CA LEU E 182 -51.92 31.60 -9.82
C LEU E 182 -50.64 31.77 -9.00
N ILE E 183 -50.78 31.78 -7.67
CA ILE E 183 -49.61 31.84 -6.79
C ILE E 183 -48.67 30.68 -7.10
N THR E 184 -49.23 29.47 -7.12
CA THR E 184 -48.42 28.28 -7.33
C THR E 184 -47.77 28.29 -8.71
N LEU E 185 -48.51 28.72 -9.73
CA LEU E 185 -48.01 28.65 -11.09
C LEU E 185 -46.98 29.73 -11.40
N ASN E 186 -47.04 30.89 -10.75
CA ASN E 186 -46.18 31.99 -11.13
C ASN E 186 -45.09 32.34 -10.12
N ILE E 187 -45.26 31.99 -8.84
CA ILE E 187 -44.32 32.42 -7.82
C ILE E 187 -43.34 31.31 -7.48
N LYS E 188 -43.86 30.17 -7.04
CA LYS E 188 -43.01 29.11 -6.50
C LYS E 188 -42.56 28.12 -7.56
N ARG E 189 -43.40 27.84 -8.56
CA ARG E 189 -43.03 26.90 -9.61
C ARG E 189 -41.86 27.48 -10.41
N LYS E 190 -40.71 26.81 -10.34
CA LYS E 190 -39.49 27.30 -10.96
C LYS E 190 -38.81 26.17 -11.70
N GLY E 191 -38.01 26.52 -12.69
CA GLY E 191 -37.31 25.53 -13.49
C GLY E 191 -35.92 26.01 -13.85
N GLY E 192 -35.06 25.05 -14.20
CA GLY E 192 -33.70 25.35 -14.56
C GLY E 192 -32.91 25.96 -13.41
N LEU E 193 -32.59 27.25 -13.54
CA LEU E 193 -31.93 27.99 -12.47
C LEU E 193 -32.90 28.52 -11.43
N GLY E 194 -34.10 27.95 -11.36
CA GLY E 194 -35.09 28.39 -10.40
C GLY E 194 -35.57 29.80 -10.61
N THR E 195 -35.90 30.16 -11.85
CA THR E 195 -36.36 31.50 -12.19
C THR E 195 -37.82 31.38 -12.62
N SER E 196 -38.72 31.84 -11.75
CA SER E 196 -40.15 31.73 -12.01
C SER E 196 -40.56 32.67 -13.15
N PRO E 197 -41.64 32.34 -13.88
CA PRO E 197 -42.04 33.21 -14.99
C PRO E 197 -42.32 34.64 -14.55
N MET E 198 -42.81 34.83 -13.33
CA MET E 198 -42.86 36.18 -12.77
C MET E 198 -41.47 36.80 -12.71
N ASP E 199 -40.47 35.99 -12.36
CA ASP E 199 -39.11 36.50 -12.30
C ASP E 199 -38.60 36.89 -13.69
N ILE E 200 -38.90 36.08 -14.72
CA ILE E 200 -38.49 36.47 -16.06
C ILE E 200 -39.21 37.75 -16.49
N PHE E 201 -40.49 37.89 -16.12
CA PHE E 201 -41.22 39.11 -16.45
C PHE E 201 -40.59 40.34 -15.80
N ILE E 202 -40.25 40.22 -14.52
CA ILE E 202 -39.61 41.33 -13.82
C ILE E 202 -38.25 41.64 -14.44
N PHE E 203 -37.50 40.59 -14.80
CA PHE E 203 -36.20 40.80 -15.43
C PHE E 203 -36.36 41.50 -16.78
N ASN E 204 -37.35 41.12 -17.56
CA ASN E 204 -37.60 41.77 -18.85
C ASN E 204 -37.96 43.23 -18.65
N LYS E 205 -38.81 43.53 -17.66
CA LYS E 205 -39.21 44.92 -17.42
C LYS E 205 -38.02 45.77 -16.98
N GLU E 206 -37.21 45.26 -16.07
CA GLU E 206 -36.03 46.02 -15.63
C GLU E 206 -35.03 46.17 -16.76
N GLN E 207 -34.88 45.14 -17.60
CA GLN E 207 -33.98 45.26 -18.74
C GLN E 207 -34.46 46.30 -19.73
N GLN E 208 -35.76 46.34 -20.03
CA GLN E 208 -36.25 47.34 -20.98
C GLN E 208 -36.09 48.74 -20.42
N ARG E 209 -36.30 48.91 -19.11
CA ARG E 209 -35.99 50.20 -18.50
C ARG E 209 -34.51 50.53 -18.64
N ILE E 210 -33.64 49.52 -18.50
CA ILE E 210 -32.21 49.71 -18.61
C ILE E 210 -31.85 50.18 -20.02
N GLN E 211 -32.41 49.53 -21.04
CA GLN E 211 -32.12 49.96 -22.41
C GLN E 211 -32.68 51.34 -22.69
N GLN E 212 -33.86 51.66 -22.14
CA GLN E 212 -34.43 52.98 -22.33
C GLN E 212 -33.50 54.05 -21.77
N GLN E 213 -33.08 53.90 -20.52
CA GLN E 213 -32.20 54.91 -19.93
C GLN E 213 -30.83 54.94 -20.61
N SER E 214 -30.30 53.78 -21.02
CA SER E 214 -29.00 53.74 -21.67
C SER E 214 -29.05 54.44 -23.03
N LYS E 215 -30.08 54.19 -23.83
CA LYS E 215 -30.18 54.88 -25.10
C LYS E 215 -30.40 56.37 -24.89
N SER E 216 -31.22 56.73 -23.89
CA SER E 216 -31.50 58.14 -23.62
C SER E 216 -30.24 58.90 -23.25
N LYS E 217 -29.36 58.30 -22.45
CA LYS E 217 -28.07 58.91 -22.21
C LYS E 217 -27.13 58.76 -23.40
N GLN E 218 -27.44 57.86 -24.34
CA GLN E 218 -26.62 57.72 -25.54
C GLN E 218 -26.85 58.85 -26.54
N GLU E 219 -28.09 59.36 -26.69
CA GLU E 219 -28.11 60.33 -27.81
C GLU E 219 -27.49 61.67 -27.47
N LYS E 220 -26.70 61.88 -26.41
CA LYS E 220 -26.23 63.22 -26.12
C LYS E 220 -25.26 63.73 -27.18
N ILE E 221 -24.11 63.07 -27.31
CA ILE E 221 -23.04 63.47 -28.24
C ILE E 221 -22.81 64.97 -28.08
N ARG E 222 -22.19 65.36 -26.97
CA ARG E 222 -21.97 66.77 -26.70
C ARG E 222 -20.68 67.25 -27.35
N PHE E 223 -20.37 68.53 -27.16
CA PHE E 223 -19.18 69.15 -27.74
C PHE E 223 -18.41 69.87 -26.65
N CYS E 224 -17.11 70.05 -26.90
CA CYS E 224 -16.22 70.61 -25.89
C CYS E 224 -15.05 71.31 -26.56
N TYR E 225 -14.35 72.12 -25.77
CA TYR E 225 -13.11 72.75 -26.18
C TYR E 225 -11.92 71.84 -25.89
N TYR E 226 -10.74 72.27 -26.34
CA TYR E 226 -9.51 71.53 -26.10
C TYR E 226 -8.32 72.43 -26.41
N ARG E 227 -7.15 72.01 -25.93
CA ARG E 227 -5.90 72.69 -26.25
C ARG E 227 -4.77 71.68 -26.13
N THR E 228 -3.66 71.96 -26.81
CA THR E 228 -2.53 71.07 -26.86
C THR E 228 -1.40 71.58 -25.98
N ARG E 229 -0.48 70.67 -25.65
CA ARG E 229 0.67 70.98 -24.82
C ARG E 229 1.95 70.88 -25.65
N LYS E 230 2.79 71.91 -25.56
CA LYS E 230 4.08 71.94 -26.23
C LYS E 230 5.15 72.24 -25.20
N ARG E 231 6.12 71.32 -25.06
CA ARG E 231 7.26 71.40 -24.16
C ARG E 231 6.89 71.99 -22.80
N GLY E 232 5.67 71.72 -22.33
CA GLY E 232 5.19 72.26 -21.08
C GLY E 232 4.59 73.65 -21.17
N HIS E 233 4.66 74.30 -22.34
CA HIS E 233 4.11 75.64 -22.52
C HIS E 233 2.66 75.57 -22.99
N PRO E 234 1.85 76.54 -22.60
CA PRO E 234 0.41 76.47 -22.92
C PRO E 234 0.12 76.74 -24.39
N GLY E 235 -0.91 76.05 -24.89
CA GLY E 235 -1.44 76.30 -26.22
C GLY E 235 -2.84 76.89 -26.13
N GLU E 236 -3.18 77.70 -27.12
CA GLU E 236 -4.46 78.39 -27.11
C GLU E 236 -5.61 77.40 -27.23
N TRP E 237 -6.75 77.77 -26.63
CA TRP E 237 -7.92 76.90 -26.65
C TRP E 237 -8.44 76.73 -28.08
N GLN E 238 -8.87 75.52 -28.39
CA GLN E 238 -9.34 75.18 -29.73
C GLN E 238 -10.70 74.50 -29.63
N GLY E 239 -11.45 74.57 -30.72
CA GLY E 239 -12.76 73.97 -30.78
C GLY E 239 -13.79 74.90 -31.38
N PRO E 240 -15.08 74.61 -31.14
CA PRO E 240 -15.57 73.44 -30.39
C PRO E 240 -15.49 72.15 -31.18
N THR E 241 -15.37 71.03 -30.47
CA THR E 241 -15.34 69.71 -31.10
C THR E 241 -16.22 68.76 -30.30
N GLN E 242 -16.74 67.74 -30.97
CA GLN E 242 -17.67 66.82 -30.35
C GLN E 242 -16.98 65.98 -29.29
N VAL E 243 -17.74 65.65 -28.24
CA VAL E 243 -17.29 64.74 -27.19
C VAL E 243 -17.65 63.33 -27.65
N LEU E 244 -16.65 62.61 -28.17
CA LEU E 244 -16.89 61.31 -28.77
C LEU E 244 -16.57 60.16 -27.82
N TRP E 245 -15.42 60.22 -27.15
CA TRP E 245 -15.07 59.21 -26.15
C TRP E 245 -14.28 59.86 -25.04
N GLY E 246 -14.49 59.38 -23.82
CA GLY E 246 -13.74 59.87 -22.67
C GLY E 246 -13.15 58.76 -21.83
N GLY E 247 -11.83 58.70 -21.76
CA GLY E 247 -11.12 57.73 -20.96
C GLY E 247 -10.81 58.27 -19.57
N ASP E 248 -9.92 57.55 -18.88
CA ASP E 248 -9.48 57.96 -17.55
C ASP E 248 -8.34 58.97 -17.66
N GLY E 249 -8.56 60.17 -17.14
CA GLY E 249 -7.58 61.23 -17.18
C GLY E 249 -7.53 62.01 -18.46
N ALA E 250 -8.17 61.53 -19.53
CA ALA E 250 -8.14 62.22 -20.81
C ALA E 250 -9.32 61.74 -21.65
N ILE E 251 -9.67 62.54 -22.66
CA ILE E 251 -10.72 62.23 -23.59
C ILE E 251 -10.17 62.34 -25.01
N VAL E 252 -11.01 62.01 -25.99
CA VAL E 252 -10.64 62.03 -27.40
C VAL E 252 -11.38 63.16 -28.08
N VAL E 253 -10.63 64.01 -28.81
CA VAL E 253 -11.18 65.14 -29.52
C VAL E 253 -10.66 65.13 -30.95
N LYS E 254 -11.35 65.86 -31.82
CA LYS E 254 -11.02 65.92 -33.24
C LYS E 254 -10.25 67.20 -33.54
N ASP E 255 -9.12 67.05 -34.22
CA ASP E 255 -8.34 68.20 -34.71
C ASP E 255 -8.86 68.52 -36.12
N ARG E 256 -9.61 69.62 -36.22
CA ARG E 256 -10.22 69.98 -37.50
C ARG E 256 -9.17 70.35 -38.55
N GLY E 257 -8.05 70.92 -38.12
CA GLY E 257 -7.04 71.35 -39.07
C GLY E 257 -6.39 70.20 -39.82
N THR E 258 -6.03 69.14 -39.10
CA THR E 258 -5.35 68.00 -39.69
C THR E 258 -6.28 66.81 -39.95
N ASP E 259 -7.57 66.94 -39.63
CA ASP E 259 -8.55 65.87 -39.84
C ASP E 259 -8.13 64.56 -39.19
N ARG E 260 -7.60 64.66 -37.96
CA ARG E 260 -7.25 63.48 -37.18
C ARG E 260 -7.51 63.79 -35.71
N TYR E 261 -7.64 62.74 -34.92
CA TYR E 261 -8.09 62.87 -33.55
C TYR E 261 -6.93 63.13 -32.60
N LEU E 262 -7.28 63.72 -31.45
CA LEU E 262 -6.31 64.05 -30.41
C LEU E 262 -6.78 63.48 -29.08
N VAL E 263 -5.83 63.32 -28.16
CA VAL E 263 -6.10 62.95 -26.78
C VAL E 263 -5.62 64.08 -25.89
N ILE E 264 -6.54 64.66 -25.13
CA ILE E 264 -6.26 65.83 -24.29
C ILE E 264 -6.67 65.50 -22.87
N ALA E 265 -5.83 65.89 -21.90
CA ALA E 265 -6.10 65.64 -20.50
C ALA E 265 -7.37 66.37 -20.06
N ASN E 266 -7.96 65.90 -18.96
CA ASN E 266 -9.21 66.46 -18.47
C ASN E 266 -9.04 67.93 -18.07
N LYS E 267 -7.88 68.29 -17.51
CA LYS E 267 -7.64 69.65 -17.10
C LYS E 267 -7.53 70.63 -18.26
N ASP E 268 -7.39 70.14 -19.50
CA ASP E 268 -7.25 70.98 -20.66
C ASP E 268 -8.42 70.84 -21.64
N VAL E 269 -9.59 70.45 -21.14
CA VAL E 269 -10.78 70.28 -21.97
C VAL E 269 -11.94 71.04 -21.32
N LYS E 270 -12.49 72.01 -22.04
CA LYS E 270 -13.62 72.80 -21.57
C LYS E 270 -14.89 72.21 -22.20
N PHE E 271 -15.66 71.47 -21.41
CA PHE E 271 -16.92 70.93 -21.89
C PHE E 271 -18.01 72.01 -21.89
N ILE E 272 -18.92 71.91 -22.85
CA ILE E 272 -20.02 72.85 -22.95
C ILE E 272 -21.35 72.10 -22.93
N ASN F 4 -14.06 43.55 0.51
CA ASN F 4 -14.90 44.73 0.46
C ASN F 4 -15.74 44.88 1.74
N ILE F 5 -16.14 43.73 2.31
CA ILE F 5 -16.94 43.75 3.53
C ILE F 5 -16.21 44.37 4.70
N PRO F 6 -14.96 44.02 5.00
CA PRO F 6 -14.25 44.73 6.10
C PRO F 6 -14.10 46.22 5.84
N LEU F 7 -13.84 46.61 4.59
CA LEU F 7 -13.72 48.04 4.28
C LEU F 7 -15.07 48.74 4.43
N ALA F 8 -16.15 48.05 4.07
CA ALA F 8 -17.49 48.62 4.30
C ALA F 8 -17.76 48.77 5.79
N GLU F 9 -17.32 47.79 6.59
CA GLU F 9 -17.47 47.90 8.05
C GLU F 9 -16.69 49.09 8.59
N GLU F 10 -15.47 49.30 8.08
CA GLU F 10 -14.69 50.46 8.49
C GLU F 10 -15.39 51.76 8.10
N GLU F 11 -15.91 51.83 6.88
CA GLU F 11 -16.63 53.01 6.44
C GLU F 11 -17.84 53.27 7.32
N HIS F 12 -18.55 52.22 7.71
CA HIS F 12 -19.72 52.38 8.57
C HIS F 12 -19.32 52.87 9.95
N ASN F 13 -18.32 52.23 10.58
CA ASN F 13 -17.92 52.68 11.90
C ASN F 13 -17.25 54.04 11.88
N LYS F 14 -16.88 54.55 10.70
CA LYS F 14 -16.37 55.90 10.60
C LYS F 14 -17.46 56.95 10.37
N TRP F 15 -18.38 56.71 9.43
CA TRP F 15 -19.32 57.72 9.00
C TRP F 15 -20.76 57.47 9.41
N HIS F 16 -21.17 56.21 9.56
CA HIS F 16 -22.51 55.83 10.01
C HIS F 16 -23.61 56.28 9.06
N GLN F 17 -23.58 55.78 7.82
CA GLN F 17 -24.68 55.95 6.89
C GLN F 17 -25.68 54.82 7.06
N ASP F 18 -26.62 54.70 6.14
CA ASP F 18 -27.66 53.68 6.20
C ASP F 18 -27.20 52.40 5.51
N ALA F 19 -27.89 51.29 5.85
CA ALA F 19 -27.57 50.01 5.26
C ALA F 19 -27.82 50.02 3.75
N VAL F 20 -28.91 50.65 3.31
CA VAL F 20 -29.19 50.77 1.88
C VAL F 20 -28.04 51.51 1.19
N SER F 21 -27.53 52.56 1.82
CA SER F 21 -26.37 53.27 1.30
C SER F 21 -25.19 52.32 1.17
N LEU F 22 -24.68 51.83 2.29
CA LEU F 22 -23.52 50.94 2.27
C LEU F 22 -23.66 49.86 1.21
N HIS F 23 -24.86 49.31 1.05
CA HIS F 23 -25.11 48.36 -0.03
C HIS F 23 -24.87 49.01 -1.40
N LEU F 24 -25.48 50.17 -1.65
CA LEU F 24 -25.45 50.72 -3.00
C LEU F 24 -24.06 51.18 -3.40
N GLU F 25 -23.26 51.66 -2.45
CA GLU F 25 -21.85 51.93 -2.79
C GLU F 25 -21.03 50.65 -2.88
N PHE F 26 -20.87 49.93 -1.76
CA PHE F 26 -19.84 48.91 -1.72
C PHE F 26 -20.23 47.59 -2.38
N GLY F 27 -21.47 47.42 -2.80
CA GLY F 27 -21.85 46.20 -3.47
C GLY F 27 -21.91 44.98 -2.59
N ILE F 28 -21.75 45.14 -1.28
CA ILE F 28 -21.83 44.03 -0.33
C ILE F 28 -23.29 43.60 -0.23
N PRO F 29 -23.57 42.37 0.21
CA PRO F 29 -24.97 41.94 0.32
C PRO F 29 -25.77 42.84 1.26
N ARG F 30 -27.04 43.04 0.93
CA ARG F 30 -27.91 43.87 1.76
C ARG F 30 -28.09 43.25 3.14
N THR F 31 -28.20 41.92 3.21
CA THR F 31 -28.28 41.25 4.50
C THR F 31 -27.00 41.49 5.31
N ALA F 32 -25.84 41.42 4.66
CA ALA F 32 -24.59 41.70 5.36
C ALA F 32 -24.54 43.13 5.86
N ALA F 33 -24.98 44.09 5.04
CA ALA F 33 -25.00 45.48 5.47
C ALA F 33 -25.93 45.69 6.66
N GLU F 34 -27.11 45.07 6.62
CA GLU F 34 -28.04 45.17 7.75
C GLU F 34 -27.46 44.54 9.01
N ASP F 35 -26.78 43.41 8.86
CA ASP F 35 -26.12 42.78 10.01
C ASP F 35 -25.04 43.69 10.58
N ILE F 36 -24.27 44.34 9.71
CA ILE F 36 -23.25 45.28 10.17
C ILE F 36 -23.90 46.44 10.92
N VAL F 37 -25.01 46.95 10.41
CA VAL F 37 -25.72 48.05 11.07
C VAL F 37 -26.20 47.62 12.45
N GLN F 38 -26.79 46.42 12.53
CA GLN F 38 -27.26 45.92 13.82
C GLN F 38 -26.10 45.72 14.80
N GLN F 39 -24.98 45.20 14.31
CA GLN F 39 -23.82 44.98 15.18
C GLN F 39 -23.24 46.30 15.68
N CYS F 40 -23.20 47.32 14.83
CA CYS F 40 -22.67 48.60 15.23
C CYS F 40 -23.56 49.24 16.29
N ASP F 41 -22.95 49.64 17.40
CA ASP F 41 -23.73 50.20 18.50
C ASP F 41 -24.17 51.63 18.22
N VAL F 42 -23.41 52.36 17.41
CA VAL F 42 -23.74 53.77 17.14
C VAL F 42 -25.08 53.87 16.42
N CYS F 43 -25.28 53.02 15.41
CA CYS F 43 -26.52 53.08 14.64
C CYS F 43 -27.71 52.55 15.44
N GLN F 44 -27.47 51.68 16.41
CA GLN F 44 -28.55 51.10 17.20
C GLN F 44 -28.92 51.92 18.42
N GLU F 45 -28.00 52.74 18.94
CA GLU F 45 -28.32 53.56 20.10
C GLU F 45 -29.41 54.58 19.79
N ASN F 46 -29.33 55.20 18.62
CA ASN F 46 -30.34 56.17 18.17
C ASN F 46 -30.76 55.87 16.74
N LYS F 47 -32.04 56.10 16.45
CA LYS F 47 -32.61 55.83 15.14
C LYS F 47 -33.23 57.07 14.52
N LYS F 57 -37.50 48.89 12.85
CA LYS F 57 -36.68 47.97 12.07
C LYS F 57 -37.46 47.42 10.88
N ARG F 58 -37.14 47.91 9.69
CA ARG F 58 -37.79 47.50 8.45
C ARG F 58 -36.74 47.15 7.42
N GLY F 59 -36.91 46.00 6.77
CA GLY F 59 -35.97 45.56 5.75
C GLY F 59 -36.20 46.21 4.41
N ILE F 60 -35.94 45.47 3.33
CA ILE F 60 -36.14 46.01 1.99
C ILE F 60 -37.62 46.29 1.74
N ASP F 61 -38.48 45.35 2.12
CA ASP F 61 -39.92 45.45 1.85
C ASP F 61 -40.68 45.44 3.17
N HIS F 62 -41.44 46.51 3.41
CA HIS F 62 -42.34 46.60 4.55
C HIS F 62 -43.63 47.26 4.11
N TRP F 63 -44.76 46.74 4.58
CA TRP F 63 -46.07 47.15 4.11
C TRP F 63 -46.94 47.60 5.27
N GLN F 64 -47.77 48.62 5.01
CA GLN F 64 -48.73 49.14 5.96
C GLN F 64 -50.11 49.14 5.32
N VAL F 65 -51.13 48.83 6.11
CA VAL F 65 -52.50 48.69 5.61
C VAL F 65 -53.39 49.66 6.37
N ASP F 66 -54.03 50.57 5.64
CA ASP F 66 -55.05 51.47 6.20
C ASP F 66 -56.22 51.52 5.24
N TYR F 67 -57.37 51.02 5.68
CA TYR F 67 -58.56 51.06 4.85
C TYR F 67 -59.10 52.49 4.75
N THR F 68 -59.73 52.79 3.61
CA THR F 68 -60.29 54.11 3.36
C THR F 68 -61.68 53.97 2.76
N HIS F 69 -62.49 55.01 2.94
CA HIS F 69 -63.85 55.07 2.40
C HIS F 69 -63.96 56.29 1.50
N TYR F 70 -64.00 56.05 0.19
CA TYR F 70 -64.17 57.12 -0.79
C TYR F 70 -65.50 56.91 -1.50
N GLU F 71 -66.35 57.94 -1.47
CA GLU F 71 -67.68 57.87 -2.06
C GLU F 71 -68.46 56.67 -1.53
N ASP F 72 -68.32 56.43 -0.21
CA ASP F 72 -68.98 55.32 0.46
C ASP F 72 -68.60 53.97 -0.16
N LYS F 73 -67.34 53.85 -0.57
CA LYS F 73 -66.81 52.61 -1.13
C LYS F 73 -65.60 52.19 -0.32
N ILE F 74 -65.62 50.97 0.19
CA ILE F 74 -64.50 50.45 0.98
C ILE F 74 -63.41 50.00 0.02
N ILE F 75 -62.21 50.56 0.18
CA ILE F 75 -61.07 50.25 -0.66
C ILE F 75 -59.92 49.80 0.21
N LEU F 76 -59.38 48.62 -0.07
CA LEU F 76 -58.21 48.13 0.64
C LEU F 76 -56.96 48.74 0.02
N VAL F 77 -56.27 49.58 0.78
CA VAL F 77 -55.13 50.34 0.27
C VAL F 77 -53.86 49.78 0.90
N TRP F 78 -52.92 49.38 0.06
CA TRP F 78 -51.61 48.93 0.50
C TRP F 78 -50.58 50.02 0.23
N VAL F 79 -49.69 50.25 1.20
CA VAL F 79 -48.62 51.22 1.06
C VAL F 79 -47.33 50.56 1.54
N GLU F 80 -46.24 50.85 0.84
CA GLU F 80 -44.92 50.36 1.23
C GLU F 80 -44.12 51.51 1.82
N THR F 81 -43.25 51.19 2.79
CA THR F 81 -42.56 52.23 3.54
C THR F 81 -41.37 52.80 2.78
N ASN F 82 -40.43 51.94 2.40
CA ASN F 82 -39.16 52.44 1.86
C ASN F 82 -39.34 52.94 0.43
N SER F 83 -39.73 52.06 -0.49
CA SER F 83 -39.89 52.46 -1.89
C SER F 83 -41.15 53.28 -2.10
N GLY F 84 -42.20 53.03 -1.32
CA GLY F 84 -43.44 53.76 -1.46
C GLY F 84 -44.41 53.20 -2.47
N LEU F 85 -44.18 51.99 -2.98
CA LEU F 85 -45.13 51.38 -3.90
C LEU F 85 -46.46 51.12 -3.21
N ILE F 86 -47.55 51.32 -3.94
CA ILE F 86 -48.90 51.24 -3.37
C ILE F 86 -49.78 50.36 -4.23
N TYR F 87 -50.83 49.83 -3.61
CA TYR F 87 -51.84 49.04 -4.29
C TYR F 87 -53.19 49.31 -3.67
N ALA F 88 -54.23 49.41 -4.50
CA ALA F 88 -55.57 49.68 -4.04
C ALA F 88 -56.55 48.79 -4.78
N GLU F 89 -57.70 48.52 -4.13
CA GLU F 89 -58.76 47.73 -4.74
C GLU F 89 -60.04 47.93 -3.94
N ARG F 90 -61.14 48.13 -4.65
CA ARG F 90 -62.42 48.31 -3.98
C ARG F 90 -62.90 47.01 -3.36
N VAL F 91 -63.43 47.10 -2.14
CA VAL F 91 -63.93 45.95 -1.40
C VAL F 91 -65.39 46.20 -1.04
N LYS F 92 -66.22 45.17 -1.20
CA LYS F 92 -67.65 45.32 -0.95
C LYS F 92 -67.94 45.64 0.52
N GLY F 93 -67.24 44.98 1.44
CA GLY F 93 -67.50 45.18 2.84
C GLY F 93 -66.24 45.00 3.67
N GLU F 94 -66.41 45.15 4.99
CA GLU F 94 -65.30 45.02 5.93
C GLU F 94 -65.21 43.63 6.55
N THR F 95 -65.55 42.59 5.79
CA THR F 95 -65.53 41.23 6.31
C THR F 95 -64.14 40.62 6.20
N GLY F 96 -63.80 39.82 7.23
CA GLY F 96 -62.47 39.24 7.30
C GLY F 96 -62.17 38.31 6.15
N GLN F 97 -63.17 37.54 5.71
CA GLN F 97 -62.95 36.65 4.57
C GLN F 97 -62.68 37.43 3.29
N GLU F 98 -63.39 38.53 3.09
CA GLU F 98 -63.14 39.37 1.92
C GLU F 98 -61.73 39.97 1.96
N PHE F 99 -61.31 40.47 3.13
CA PHE F 99 -59.92 40.91 3.23
C PHE F 99 -58.94 39.75 3.03
N ARG F 100 -59.31 38.54 3.43
CA ARG F 100 -58.41 37.40 3.19
C ARG F 100 -58.24 37.16 1.70
N VAL F 101 -59.34 37.22 0.94
CA VAL F 101 -59.26 37.06 -0.51
C VAL F 101 -58.41 38.17 -1.12
N GLN F 102 -58.66 39.41 -0.71
CA GLN F 102 -57.90 40.53 -1.27
C GLN F 102 -56.42 40.42 -0.95
N THR F 103 -56.10 40.05 0.30
CA THR F 103 -54.70 39.88 0.71
C THR F 103 -54.04 38.72 -0.03
N MET F 104 -54.77 37.64 -0.31
CA MET F 104 -54.13 36.52 -0.99
C MET F 104 -53.92 36.85 -2.47
N LYS F 105 -54.79 37.68 -3.06
CA LYS F 105 -54.48 38.23 -4.38
C LYS F 105 -53.26 39.14 -4.34
N TRP F 106 -53.16 39.95 -3.28
CA TRP F 106 -51.99 40.82 -3.11
C TRP F 106 -50.71 40.00 -3.02
N TYR F 107 -50.75 38.89 -2.26
CA TYR F 107 -49.62 38.00 -2.16
C TYR F 107 -49.38 37.23 -3.46
N ALA F 108 -50.44 37.01 -4.24
CA ALA F 108 -50.28 36.39 -5.55
C ALA F 108 -49.44 37.27 -6.46
N MET F 109 -49.66 38.57 -6.43
CA MET F 109 -48.92 39.44 -7.31
C MET F 109 -47.91 40.33 -6.59
N PHE F 110 -47.48 39.94 -5.38
CA PHE F 110 -46.39 40.60 -4.68
C PHE F 110 -45.63 39.58 -3.82
N ALA F 111 -44.43 39.98 -3.39
CA ALA F 111 -43.56 39.13 -2.56
C ALA F 111 -43.14 39.90 -1.30
N PRO F 112 -44.06 40.10 -0.36
CA PRO F 112 -43.73 40.89 0.83
C PRO F 112 -42.76 40.17 1.77
N LYS F 113 -42.07 40.98 2.57
CA LYS F 113 -41.17 40.49 3.61
C LYS F 113 -41.72 40.71 5.01
N SER F 114 -42.40 41.85 5.23
CA SER F 114 -42.97 42.16 6.52
C SER F 114 -44.21 43.02 6.31
N LEU F 115 -45.08 43.05 7.33
CA LEU F 115 -46.36 43.73 7.21
C LEU F 115 -46.73 44.36 8.54
N GLN F 116 -47.37 45.54 8.46
CA GLN F 116 -47.93 46.22 9.62
C GLN F 116 -49.36 46.64 9.29
N SER F 117 -50.22 46.63 10.31
CA SER F 117 -51.63 46.94 10.11
C SER F 117 -52.19 47.53 11.39
N ASP F 118 -53.37 48.16 11.26
CA ASP F 118 -54.05 48.78 12.39
C ASP F 118 -54.80 47.70 13.18
N ASN F 119 -55.68 48.14 14.08
CA ASN F 119 -56.47 47.26 14.93
C ASN F 119 -57.80 46.88 14.30
N GLY F 120 -57.89 46.86 12.97
CA GLY F 120 -59.11 46.51 12.29
C GLY F 120 -59.54 45.08 12.57
N PRO F 121 -60.83 44.81 12.43
CA PRO F 121 -61.33 43.44 12.71
C PRO F 121 -60.66 42.39 11.86
N ALA F 122 -60.43 42.66 10.58
CA ALA F 122 -59.74 41.69 9.72
C ALA F 122 -58.30 41.49 10.16
N PHE F 123 -57.63 42.58 10.56
CA PHE F 123 -56.24 42.48 11.00
C PHE F 123 -56.14 41.65 12.27
N VAL F 124 -57.12 41.79 13.17
CA VAL F 124 -57.12 41.05 14.42
C VAL F 124 -57.67 39.64 14.28
N ALA F 125 -58.36 39.35 13.18
CA ALA F 125 -59.02 38.06 13.00
C ALA F 125 -58.05 36.90 13.16
N GLU F 126 -58.47 35.90 13.94
CA GLU F 126 -57.63 34.75 14.22
C GLU F 126 -57.32 33.97 12.95
N SER F 127 -58.35 33.74 12.11
CA SER F 127 -58.12 33.02 10.86
C SER F 127 -57.25 33.82 9.90
N THR F 128 -57.40 35.14 9.87
CA THR F 128 -56.53 35.97 9.04
C THR F 128 -55.08 35.86 9.50
N GLN F 129 -54.85 35.90 10.81
CA GLN F 129 -53.49 35.75 11.32
C GLN F 129 -52.93 34.36 11.04
N LEU F 130 -53.77 33.33 11.16
CA LEU F 130 -53.33 31.98 10.82
C LEU F 130 -52.95 31.87 9.35
N LEU F 131 -53.73 32.50 8.47
CA LEU F 131 -53.37 32.52 7.05
C LEU F 131 -52.10 33.33 6.81
N MET F 132 -51.89 34.39 7.58
CA MET F 132 -50.70 35.20 7.41
C MET F 132 -49.46 34.40 7.78
N LYS F 133 -49.53 33.63 8.87
CA LYS F 133 -48.47 32.70 9.21
C LYS F 133 -48.36 31.58 8.18
N TYR F 134 -49.50 31.13 7.64
CA TYR F 134 -49.53 30.15 6.56
C TYR F 134 -48.67 30.61 5.39
N LEU F 135 -48.78 31.89 5.04
CA LEU F 135 -47.90 32.47 4.04
C LEU F 135 -46.49 32.72 4.56
N GLY F 136 -46.32 32.85 5.87
CA GLY F 136 -45.00 32.97 6.46
C GLY F 136 -44.34 34.32 6.31
N ILE F 137 -45.07 35.40 6.60
CA ILE F 137 -44.54 36.75 6.57
C ILE F 137 -44.81 37.42 7.91
N GLU F 138 -43.83 38.16 8.41
CA GLU F 138 -43.98 38.87 9.68
C GLU F 138 -45.13 39.87 9.60
N HIS F 139 -45.90 39.95 10.70
CA HIS F 139 -47.04 40.85 10.78
C HIS F 139 -47.14 41.43 12.18
N THR F 140 -47.51 42.70 12.26
CA THR F 140 -47.75 43.39 13.52
C THR F 140 -49.10 44.08 13.47
N THR F 141 -49.88 43.94 14.54
CA THR F 141 -51.16 44.60 14.67
C THR F 141 -51.07 45.63 15.80
N GLY F 142 -51.30 46.89 15.48
CA GLY F 142 -51.22 47.94 16.47
C GLY F 142 -51.27 49.30 15.82
N ILE F 143 -51.26 50.32 16.68
CA ILE F 143 -51.28 51.71 16.20
C ILE F 143 -49.92 52.05 15.61
N PRO F 144 -49.86 52.54 14.37
CA PRO F 144 -48.57 52.93 13.80
C PRO F 144 -47.95 54.08 14.57
N TRP F 145 -46.65 53.96 14.85
CA TRP F 145 -45.93 54.94 15.67
C TRP F 145 -44.81 55.66 14.93
N ASN F 146 -44.31 55.09 13.84
CA ASN F 146 -43.19 55.69 13.13
C ASN F 146 -43.63 56.96 12.42
N PRO F 147 -43.01 58.11 12.70
CA PRO F 147 -43.38 59.34 11.98
C PRO F 147 -43.17 59.23 10.48
N GLN F 148 -42.12 58.53 10.04
CA GLN F 148 -41.92 58.31 8.60
C GLN F 148 -43.13 57.60 8.00
N SER F 149 -43.54 56.49 8.61
CA SER F 149 -44.68 55.73 8.10
C SER F 149 -45.95 56.57 8.14
N GLN F 150 -46.18 57.29 9.24
CA GLN F 150 -47.39 58.10 9.37
C GLN F 150 -47.48 59.16 8.27
N ALA F 151 -46.40 59.93 8.09
CA ALA F 151 -46.41 60.99 7.09
C ALA F 151 -46.59 60.41 5.69
N LEU F 152 -45.86 59.33 5.39
CA LEU F 152 -45.95 58.74 4.06
C LEU F 152 -47.34 58.21 3.78
N VAL F 153 -47.95 57.52 4.76
CA VAL F 153 -49.24 56.88 4.50
C VAL F 153 -50.35 57.93 4.41
N GLU F 154 -50.27 58.98 5.23
CA GLU F 154 -51.24 60.06 5.13
C GLU F 154 -51.12 60.78 3.79
N ARG F 155 -49.90 61.05 3.34
CA ARG F 155 -49.71 61.65 2.03
C ARG F 155 -50.25 60.75 0.94
N THR F 156 -50.06 59.43 1.09
CA THR F 156 -50.55 58.50 0.08
C THR F 156 -52.07 58.48 0.01
N HIS F 157 -52.75 58.46 1.16
CA HIS F 157 -54.21 58.54 1.14
C HIS F 157 -54.69 59.86 0.53
N GLN F 158 -54.07 60.97 0.90
CA GLN F 158 -54.51 62.25 0.35
C GLN F 158 -54.33 62.29 -1.16
N THR F 159 -53.17 61.84 -1.64
CA THR F 159 -52.92 61.81 -3.08
C THR F 159 -53.87 60.85 -3.80
N LEU F 160 -54.15 59.70 -3.18
CA LEU F 160 -55.08 58.74 -3.78
C LEU F 160 -56.48 59.33 -3.89
N LYS F 161 -56.94 60.01 -2.84
CA LYS F 161 -58.25 60.64 -2.89
C LYS F 161 -58.30 61.71 -3.97
N ASN F 162 -57.25 62.53 -4.07
CA ASN F 162 -57.21 63.53 -5.12
C ASN F 162 -57.24 62.89 -6.51
N THR F 163 -56.46 61.83 -6.71
CA THR F 163 -56.41 61.17 -8.01
C THR F 163 -57.75 60.54 -8.37
N LEU F 164 -58.42 59.91 -7.39
CA LEU F 164 -59.74 59.35 -7.66
C LEU F 164 -60.72 60.44 -8.05
N GLU F 165 -60.82 61.50 -7.23
CA GLU F 165 -61.72 62.59 -7.55
C GLU F 165 -61.36 63.25 -8.88
N LYS F 166 -60.10 63.14 -9.30
CA LYS F 166 -59.65 63.84 -10.49
C LYS F 166 -59.88 62.99 -11.74
N LEU F 167 -59.90 61.67 -11.58
CA LEU F 167 -59.86 60.74 -12.71
C LEU F 167 -61.14 59.94 -12.93
N ILE F 168 -62.00 59.80 -11.92
CA ILE F 168 -63.19 58.95 -12.06
C ILE F 168 -64.11 59.34 -13.21
N PRO F 169 -64.37 60.62 -13.51
CA PRO F 169 -65.39 60.91 -14.54
C PRO F 169 -65.06 60.34 -15.91
N MET F 170 -63.78 60.29 -16.29
CA MET F 170 -63.40 59.89 -17.64
C MET F 170 -63.55 58.39 -17.88
N PHE F 171 -63.55 57.57 -16.83
CA PHE F 171 -63.64 56.13 -16.97
C PHE F 171 -65.02 55.65 -16.57
N ASN F 172 -65.56 54.71 -17.35
CA ASN F 172 -66.90 54.19 -17.10
C ASN F 172 -66.96 53.41 -15.79
N ALA F 173 -66.17 52.36 -15.68
CA ALA F 173 -66.18 51.52 -14.49
C ALA F 173 -65.40 52.19 -13.35
N PHE F 174 -65.94 52.08 -12.14
CA PHE F 174 -65.24 52.59 -10.97
C PHE F 174 -63.96 51.80 -10.73
N GLU F 175 -63.99 50.49 -10.97
CA GLU F 175 -62.77 49.70 -10.91
C GLU F 175 -61.76 50.17 -11.95
N SER F 176 -62.23 50.53 -13.14
CA SER F 176 -61.33 51.06 -14.16
C SER F 176 -60.73 52.40 -13.73
N ALA F 177 -61.53 53.26 -13.09
CA ALA F 177 -61.00 54.52 -12.58
C ALA F 177 -59.94 54.29 -11.51
N LEU F 178 -60.21 53.35 -10.59
CA LEU F 178 -59.21 52.99 -9.58
C LEU F 178 -57.96 52.46 -10.25
N ALA F 179 -58.11 51.68 -11.32
CA ALA F 179 -56.97 51.15 -12.06
C ALA F 179 -56.16 52.27 -12.70
N GLY F 180 -56.83 53.25 -13.29
CA GLY F 180 -56.11 54.37 -13.87
C GLY F 180 -55.38 55.21 -12.84
N THR F 181 -56.02 55.42 -11.68
CA THR F 181 -55.35 56.13 -10.60
C THR F 181 -54.12 55.37 -10.12
N LEU F 182 -54.23 54.03 -10.03
CA LEU F 182 -53.06 53.23 -9.70
C LEU F 182 -51.97 53.38 -10.75
N ILE F 183 -52.34 53.43 -12.02
CA ILE F 183 -51.36 53.68 -13.08
C ILE F 183 -50.63 54.97 -12.81
N THR F 184 -51.39 56.04 -12.58
CA THR F 184 -50.80 57.37 -12.42
C THR F 184 -49.90 57.42 -11.20
N LEU F 185 -50.30 56.74 -10.12
CA LEU F 185 -49.52 56.81 -8.88
C LEU F 185 -48.32 55.88 -8.89
N ASN F 186 -48.34 54.82 -9.69
CA ASN F 186 -47.24 53.86 -9.67
C ASN F 186 -46.25 54.05 -10.79
N ILE F 187 -46.70 54.03 -12.05
CA ILE F 187 -45.80 54.11 -13.19
C ILE F 187 -45.68 55.53 -13.73
N LYS F 188 -46.79 56.27 -13.78
CA LYS F 188 -46.75 57.61 -14.32
C LYS F 188 -46.16 58.62 -13.32
N ARG F 189 -46.36 58.41 -12.03
CA ARG F 189 -45.72 59.26 -11.03
C ARG F 189 -44.22 59.00 -11.04
N LYS F 190 -43.43 60.05 -11.21
CA LYS F 190 -42.00 59.89 -11.39
C LYS F 190 -41.30 61.18 -10.96
N GLY F 191 -40.09 61.03 -10.43
CA GLY F 191 -39.33 62.18 -9.97
C GLY F 191 -37.86 61.86 -9.91
N GLY F 192 -37.08 62.86 -9.50
CA GLY F 192 -35.64 62.72 -9.42
C GLY F 192 -34.99 62.44 -10.75
N LEU F 193 -34.18 61.39 -10.81
CA LEU F 193 -33.53 60.97 -12.05
C LEU F 193 -34.41 60.06 -12.90
N GLY F 194 -35.73 60.10 -12.68
CA GLY F 194 -36.64 59.22 -13.40
C GLY F 194 -37.01 58.00 -12.59
N THR F 195 -37.18 58.17 -11.28
CA THR F 195 -37.47 57.07 -10.38
C THR F 195 -38.96 57.03 -10.09
N SER F 196 -39.60 55.89 -10.41
CA SER F 196 -40.98 55.62 -10.07
C SER F 196 -41.04 54.55 -8.99
N PRO F 197 -42.12 54.53 -8.19
CA PRO F 197 -42.20 53.52 -7.13
C PRO F 197 -42.09 52.09 -7.64
N MET F 198 -42.72 51.78 -8.78
CA MET F 198 -42.64 50.42 -9.29
C MET F 198 -41.26 50.13 -9.86
N ASP F 199 -40.62 51.13 -10.47
CA ASP F 199 -39.24 50.97 -10.91
C ASP F 199 -38.33 50.60 -9.74
N ILE F 200 -38.40 51.36 -8.64
CA ILE F 200 -37.50 51.08 -7.54
C ILE F 200 -37.89 49.80 -6.81
N PHE F 201 -39.17 49.41 -6.86
CA PHE F 201 -39.59 48.13 -6.31
C PHE F 201 -38.94 46.98 -7.09
N ILE F 202 -39.04 47.02 -8.42
CA ILE F 202 -38.36 46.03 -9.25
C ILE F 202 -36.86 46.04 -8.97
N PHE F 203 -36.30 47.24 -8.80
CA PHE F 203 -34.87 47.41 -8.63
C PHE F 203 -34.38 46.78 -7.32
N ASN F 204 -35.05 47.08 -6.20
CA ASN F 204 -34.60 46.52 -4.93
C ASN F 204 -34.85 45.02 -4.90
N LYS F 205 -35.95 44.56 -5.51
CA LYS F 205 -36.15 43.13 -5.64
C LYS F 205 -34.99 42.48 -6.39
N GLU F 206 -34.46 43.13 -7.42
CA GLU F 206 -33.43 42.46 -8.20
C GLU F 206 -32.10 42.41 -7.44
N GLN F 207 -31.75 43.48 -6.69
CA GLN F 207 -30.60 43.31 -5.81
C GLN F 207 -30.82 42.21 -4.77
N GLN F 208 -32.02 42.14 -4.17
CA GLN F 208 -32.27 41.07 -3.22
C GLN F 208 -32.00 39.71 -3.84
N ARG F 209 -32.61 39.44 -5.00
CA ARG F 209 -32.50 38.13 -5.62
C ARG F 209 -31.06 37.81 -6.04
N ILE F 210 -30.33 38.79 -6.58
CA ILE F 210 -28.95 38.51 -6.94
C ILE F 210 -28.10 38.26 -5.69
N GLN F 211 -28.46 38.91 -4.57
CA GLN F 211 -27.75 38.62 -3.32
C GLN F 211 -27.97 37.18 -2.87
N GLN F 212 -29.21 36.70 -2.90
CA GLN F 212 -29.40 35.30 -2.53
C GLN F 212 -28.70 34.36 -3.51
N GLN F 213 -28.71 34.70 -4.80
CA GLN F 213 -28.01 33.88 -5.78
C GLN F 213 -26.51 33.80 -5.45
N SER F 214 -25.89 34.95 -5.20
CA SER F 214 -24.46 34.97 -4.88
C SER F 214 -24.16 34.19 -3.62
N LYS F 215 -24.94 34.44 -2.56
CA LYS F 215 -24.70 33.76 -1.28
C LYS F 215 -24.90 32.25 -1.41
N SER F 216 -25.85 31.82 -2.23
CA SER F 216 -26.12 30.38 -2.37
C SER F 216 -25.07 29.71 -3.24
N LYS F 217 -24.55 30.40 -4.26
CA LYS F 217 -23.70 29.76 -5.25
C LYS F 217 -22.20 29.97 -4.99
N GLN F 218 -21.77 31.23 -4.89
CA GLN F 218 -20.34 31.52 -4.95
C GLN F 218 -19.59 30.98 -3.74
N GLU F 219 -20.16 31.10 -2.55
CA GLU F 219 -19.44 30.80 -1.32
C GLU F 219 -19.41 29.30 -1.06
N LYS F 220 -18.21 28.76 -0.85
CA LYS F 220 -18.00 27.38 -0.41
C LYS F 220 -17.03 27.44 0.77
N ILE F 221 -17.55 27.26 1.98
CA ILE F 221 -16.81 27.51 3.20
C ILE F 221 -16.86 26.26 4.07
N ARG F 222 -15.88 26.15 4.98
CA ARG F 222 -15.86 25.10 5.99
C ARG F 222 -15.48 25.72 7.33
N PHE F 223 -16.01 25.14 8.40
CA PHE F 223 -15.62 25.49 9.77
C PHE F 223 -14.79 24.35 10.35
N CYS F 224 -14.05 24.66 11.42
CA CYS F 224 -13.19 23.64 12.00
C CYS F 224 -12.92 23.97 13.46
N TYR F 225 -12.78 22.92 14.27
CA TYR F 225 -12.17 23.06 15.58
C TYR F 225 -10.66 23.12 15.42
N TYR F 226 -9.98 23.66 16.44
CA TYR F 226 -8.54 23.76 16.40
C TYR F 226 -7.99 23.62 17.82
N ARG F 227 -6.68 23.50 17.90
CA ARG F 227 -5.99 23.40 19.19
C ARG F 227 -4.55 23.88 18.99
N THR F 228 -3.85 24.06 20.11
CA THR F 228 -2.46 24.46 20.10
C THR F 228 -1.64 23.45 20.85
N ARG F 229 -0.36 23.36 20.48
CA ARG F 229 0.57 22.41 21.08
C ARG F 229 1.59 23.17 21.92
N LYS F 230 1.70 22.79 23.19
CA LYS F 230 2.65 23.40 24.11
C LYS F 230 3.47 22.29 24.77
N ARG F 231 4.78 22.33 24.56
CA ARG F 231 5.70 21.33 25.11
C ARG F 231 5.34 19.92 24.66
N GLY F 232 4.81 19.81 23.44
CA GLY F 232 4.43 18.52 22.89
C GLY F 232 3.10 17.98 23.35
N HIS F 233 2.38 18.69 24.22
CA HIS F 233 1.10 18.23 24.73
C HIS F 233 -0.02 18.91 23.98
N PRO F 234 -0.88 18.18 23.27
CA PRO F 234 -2.01 18.82 22.59
C PRO F 234 -2.94 19.49 23.59
N GLY F 235 -3.45 20.67 23.19
CA GLY F 235 -4.36 21.41 24.04
C GLY F 235 -5.80 21.01 23.85
N GLU F 236 -6.66 21.55 24.71
CA GLU F 236 -8.08 21.29 24.61
C GLU F 236 -8.67 21.97 23.39
N TRP F 237 -9.58 21.27 22.72
CA TRP F 237 -10.19 21.80 21.51
C TRP F 237 -11.08 22.99 21.86
N GLN F 238 -10.94 24.07 21.11
CA GLN F 238 -11.68 25.30 21.34
C GLN F 238 -12.26 25.79 20.02
N GLY F 239 -13.10 26.81 20.10
CA GLY F 239 -13.77 27.35 18.94
C GLY F 239 -15.25 27.05 18.94
N PRO F 240 -15.80 26.69 17.78
CA PRO F 240 -15.10 26.59 16.50
C PRO F 240 -14.96 27.93 15.80
N THR F 241 -14.12 27.99 14.77
CA THR F 241 -13.92 29.18 13.98
C THR F 241 -14.15 28.87 12.51
N GLN F 242 -13.90 29.86 11.66
CA GLN F 242 -14.11 29.74 10.23
C GLN F 242 -12.78 29.62 9.50
N VAL F 243 -12.70 28.63 8.60
CA VAL F 243 -11.50 28.44 7.78
C VAL F 243 -11.45 29.57 6.76
N LEU F 244 -10.58 30.55 7.00
CA LEU F 244 -10.54 31.73 6.15
C LEU F 244 -9.85 31.42 4.83
N TRP F 245 -8.79 30.61 4.86
CA TRP F 245 -8.09 30.19 3.66
C TRP F 245 -7.68 28.74 3.81
N GLY F 246 -8.28 27.87 2.99
CA GLY F 246 -7.97 26.45 3.04
C GLY F 246 -6.83 26.11 2.11
N GLY F 247 -5.87 25.33 2.62
CA GLY F 247 -4.74 24.90 1.83
C GLY F 247 -4.36 23.47 2.15
N ASP F 248 -3.55 22.90 1.27
CA ASP F 248 -3.09 21.53 1.44
C ASP F 248 -2.09 21.47 2.60
N GLY F 249 -2.27 20.51 3.48
CA GLY F 249 -1.35 20.33 4.60
C GLY F 249 -1.57 21.20 5.82
N ALA F 250 -1.87 22.47 5.59
CA ALA F 250 -2.08 23.42 6.67
C ALA F 250 -3.26 24.34 6.35
N ILE F 251 -3.80 24.96 7.40
CA ILE F 251 -4.95 25.84 7.27
C ILE F 251 -4.66 27.16 7.98
N VAL F 252 -5.37 28.20 7.57
CA VAL F 252 -5.25 29.53 8.12
C VAL F 252 -6.58 29.89 8.78
N VAL F 253 -6.55 30.12 10.09
CA VAL F 253 -7.76 30.43 10.84
C VAL F 253 -7.46 31.59 11.79
N LYS F 254 -8.54 32.25 12.21
CA LYS F 254 -8.47 33.33 13.19
C LYS F 254 -8.79 32.79 14.58
N ASP F 255 -7.94 33.12 15.54
CA ASP F 255 -8.18 32.79 16.94
C ASP F 255 -9.03 33.89 17.56
N ARG F 256 -10.20 33.52 18.10
CA ARG F 256 -11.08 34.51 18.70
C ARG F 256 -10.46 35.16 19.93
N GLY F 257 -9.64 34.42 20.67
CA GLY F 257 -9.04 34.98 21.86
C GLY F 257 -8.06 36.10 21.58
N THR F 258 -7.26 35.95 20.51
CA THR F 258 -6.21 36.90 20.20
C THR F 258 -6.50 37.74 18.95
N ASP F 259 -7.51 37.38 18.16
CA ASP F 259 -7.87 38.11 16.94
C ASP F 259 -6.67 38.23 16.00
N ARG F 260 -5.92 37.13 15.87
CA ARG F 260 -4.71 37.10 15.06
C ARG F 260 -4.77 35.94 14.08
N TYR F 261 -4.16 36.15 12.92
CA TYR F 261 -4.02 35.08 11.93
C TYR F 261 -3.05 34.04 12.43
N LEU F 262 -3.41 32.77 12.31
CA LEU F 262 -2.55 31.69 12.79
C LEU F 262 -2.52 30.53 11.81
N VAL F 263 -1.44 29.76 11.89
CA VAL F 263 -1.20 28.60 11.04
C VAL F 263 -1.08 27.38 11.94
N ILE F 264 -1.88 26.35 11.66
CA ILE F 264 -1.91 25.13 12.45
C ILE F 264 -1.80 23.93 11.51
N ALA F 265 -0.97 22.96 11.89
CA ALA F 265 -0.85 21.74 11.11
C ALA F 265 -2.17 20.98 11.10
N ASN F 266 -2.44 20.29 9.99
CA ASN F 266 -3.75 19.66 9.81
C ASN F 266 -3.99 18.53 10.80
N LYS F 267 -2.95 18.04 11.47
CA LYS F 267 -3.12 16.95 12.41
C LYS F 267 -3.84 17.39 13.69
N ASP F 268 -4.11 18.67 13.85
CA ASP F 268 -4.73 19.20 15.06
C ASP F 268 -6.05 19.91 14.79
N VAL F 269 -6.74 19.55 13.72
CA VAL F 269 -8.00 20.18 13.36
C VAL F 269 -9.03 19.11 13.01
N LYS F 270 -10.31 19.47 13.14
CA LYS F 270 -11.42 18.62 12.75
C LYS F 270 -12.35 19.43 11.86
N PHE F 271 -12.75 18.86 10.73
CA PHE F 271 -13.56 19.58 9.77
C PHE F 271 -15.04 19.51 10.15
N ILE F 272 -15.69 20.67 10.15
CA ILE F 272 -17.08 20.80 10.58
C ILE F 272 -17.88 21.49 9.49
N PRO F 273 -19.11 21.08 9.20
CA PRO F 273 -19.93 21.84 8.26
C PRO F 273 -20.25 23.21 8.81
N PRO F 274 -20.33 24.23 7.95
CA PRO F 274 -20.55 25.61 8.42
C PRO F 274 -21.88 25.78 9.15
N PRO F 275 -23.02 25.41 8.56
CA PRO F 275 -24.29 25.95 9.07
C PRO F 275 -24.58 25.58 10.52
N LYS F 276 -23.97 24.49 11.02
CA LYS F 276 -24.17 23.98 12.38
C LYS F 276 -25.63 24.08 12.83
N GLU F 277 -25.93 24.99 13.77
CA GLU F 277 -27.33 25.20 14.13
C GLU F 277 -28.11 25.86 13.00
N ILE F 278 -27.52 26.86 12.36
CA ILE F 278 -28.20 27.59 11.29
C ILE F 278 -28.13 26.81 9.98
N ASN G 4 -43.74 68.54 -29.47
CA ASN G 4 -43.87 67.85 -28.19
C ASN G 4 -44.76 68.64 -27.23
N ILE G 5 -44.65 69.97 -27.29
CA ILE G 5 -45.48 70.82 -26.43
C ILE G 5 -46.97 70.63 -26.71
N PRO G 6 -47.44 70.60 -27.97
CA PRO G 6 -48.85 70.23 -28.19
C PRO G 6 -49.17 68.83 -27.67
N LEU G 7 -48.24 67.88 -27.82
CA LEU G 7 -48.48 66.56 -27.26
C LEU G 7 -48.46 66.58 -25.74
N ALA G 8 -47.63 67.46 -25.15
CA ALA G 8 -47.66 67.63 -23.70
C ALA G 8 -49.01 68.17 -23.24
N GLU G 9 -49.56 69.14 -23.98
CA GLU G 9 -50.90 69.64 -23.67
C GLU G 9 -51.95 68.56 -23.82
N GLU G 10 -51.82 67.70 -24.84
CA GLU G 10 -52.75 66.60 -25.02
C GLU G 10 -52.70 65.64 -23.84
N GLU G 11 -51.49 65.26 -23.43
CA GLU G 11 -51.36 64.40 -22.26
C GLU G 11 -51.89 65.08 -21.01
N HIS G 12 -51.74 66.41 -20.91
CA HIS G 12 -52.21 67.12 -19.73
C HIS G 12 -53.73 67.15 -19.66
N ASN G 13 -54.41 67.50 -20.75
CA ASN G 13 -55.86 67.51 -20.65
C ASN G 13 -56.46 66.11 -20.80
N LYS G 14 -55.62 65.08 -21.02
CA LYS G 14 -56.10 63.71 -20.91
C LYS G 14 -55.99 63.19 -19.49
N TRP G 15 -54.78 63.21 -18.91
CA TRP G 15 -54.52 62.55 -17.63
C TRP G 15 -54.18 63.48 -16.49
N HIS G 16 -53.74 64.71 -16.77
CA HIS G 16 -53.56 65.74 -15.75
C HIS G 16 -52.49 65.36 -14.72
N GLN G 17 -51.26 65.18 -15.22
CA GLN G 17 -50.12 65.01 -14.33
C GLN G 17 -49.61 66.36 -13.87
N ASP G 18 -48.51 66.36 -13.11
CA ASP G 18 -47.96 67.58 -12.54
C ASP G 18 -46.96 68.21 -13.51
N ALA G 19 -46.73 69.52 -13.33
CA ALA G 19 -45.88 70.25 -14.27
C ALA G 19 -44.44 69.76 -14.23
N VAL G 20 -43.89 69.56 -13.03
CA VAL G 20 -42.55 69.03 -12.92
C VAL G 20 -42.48 67.64 -13.54
N SER G 21 -43.56 66.86 -13.42
CA SER G 21 -43.60 65.56 -14.07
C SER G 21 -43.47 65.70 -15.58
N LEU G 22 -44.41 66.43 -16.21
CA LEU G 22 -44.37 66.60 -17.66
C LEU G 22 -42.98 67.07 -18.11
N HIS G 23 -42.40 68.02 -17.38
CA HIS G 23 -41.02 68.40 -17.65
C HIS G 23 -40.10 67.19 -17.63
N LEU G 24 -40.26 66.34 -16.61
CA LEU G 24 -39.34 65.20 -16.46
C LEU G 24 -39.45 64.21 -17.60
N GLU G 25 -40.67 63.79 -17.98
CA GLU G 25 -40.70 62.75 -19.01
C GLU G 25 -40.61 63.32 -20.42
N PHE G 26 -40.90 64.60 -20.63
CA PHE G 26 -40.94 65.13 -21.99
C PHE G 26 -39.78 66.06 -22.34
N GLY G 27 -38.98 66.48 -21.37
CA GLY G 27 -37.91 67.41 -21.69
C GLY G 27 -38.37 68.78 -22.12
N ILE G 28 -39.66 69.07 -22.00
CA ILE G 28 -40.22 70.37 -22.35
C ILE G 28 -39.75 71.39 -21.32
N PRO G 29 -39.71 72.68 -21.65
CA PRO G 29 -39.27 73.67 -20.65
C PRO G 29 -40.18 73.67 -19.43
N ARG G 30 -39.56 73.91 -18.27
CA ARG G 30 -40.34 74.02 -17.04
C ARG G 30 -41.34 75.16 -17.12
N THR G 31 -40.95 76.27 -17.76
CA THR G 31 -41.88 77.38 -17.95
C THR G 31 -43.06 76.95 -18.82
N ALA G 32 -42.80 76.18 -19.88
CA ALA G 32 -43.89 75.68 -20.72
C ALA G 32 -44.81 74.77 -19.94
N ALA G 33 -44.24 73.86 -19.14
CA ALA G 33 -45.08 72.97 -18.33
C ALA G 33 -45.92 73.74 -17.33
N GLU G 34 -45.33 74.75 -16.69
CA GLU G 34 -46.08 75.59 -15.75
C GLU G 34 -47.19 76.35 -16.46
N ASP G 35 -46.92 76.86 -17.66
CA ASP G 35 -47.96 77.52 -18.44
C ASP G 35 -49.10 76.55 -18.76
N ILE G 36 -48.75 75.31 -19.12
CA ILE G 36 -49.77 74.31 -19.44
C ILE G 36 -50.63 74.02 -18.22
N VAL G 37 -49.99 73.80 -17.06
CA VAL G 37 -50.76 73.44 -15.87
C VAL G 37 -51.60 74.61 -15.38
N GLN G 38 -51.11 75.84 -15.53
CA GLN G 38 -51.91 77.00 -15.15
C GLN G 38 -53.05 77.27 -16.12
N GLN G 39 -52.86 76.94 -17.40
CA GLN G 39 -53.93 77.10 -18.36
C GLN G 39 -55.01 76.03 -18.20
N CYS G 40 -54.62 74.84 -17.73
CA CYS G 40 -55.59 73.78 -17.49
C CYS G 40 -56.51 74.18 -16.35
N ASP G 41 -57.74 74.56 -16.68
CA ASP G 41 -58.67 75.05 -15.66
C ASP G 41 -59.12 73.96 -14.71
N VAL G 42 -59.29 72.73 -15.20
CA VAL G 42 -59.68 71.63 -14.32
C VAL G 42 -58.59 71.35 -13.29
N CYS G 43 -57.33 71.33 -13.76
CA CYS G 43 -56.20 71.14 -12.85
C CYS G 43 -56.06 72.30 -11.87
N GLN G 44 -56.28 73.54 -12.33
CA GLN G 44 -56.26 74.68 -11.41
C GLN G 44 -57.36 74.59 -10.36
N GLU G 45 -58.54 74.11 -10.73
CA GLU G 45 -59.61 73.92 -9.77
C GLU G 45 -59.29 72.80 -8.78
N ASN G 46 -58.65 71.74 -9.23
CA ASN G 46 -58.32 70.60 -8.38
C ASN G 46 -56.89 70.77 -7.87
N LYS G 47 -56.76 71.43 -6.72
CA LYS G 47 -55.46 71.63 -6.08
C LYS G 47 -55.60 71.35 -4.59
N MET G 48 -54.59 70.70 -4.02
CA MET G 48 -54.60 70.36 -2.60
C MET G 48 -54.41 71.60 -1.74
N ILE G 60 -39.78 75.49 -7.72
CA ILE G 60 -38.37 75.43 -8.08
C ILE G 60 -37.61 76.56 -7.38
N ASP G 61 -36.51 76.19 -6.72
CA ASP G 61 -35.66 77.14 -6.00
C ASP G 61 -36.47 77.92 -4.96
N HIS G 62 -37.36 77.21 -4.26
CA HIS G 62 -38.17 77.81 -3.21
C HIS G 62 -37.64 77.34 -1.85
N TRP G 63 -37.49 78.29 -0.93
CA TRP G 63 -36.72 78.08 0.28
C TRP G 63 -37.48 78.58 1.50
N GLN G 64 -37.19 77.96 2.65
CA GLN G 64 -37.77 78.37 3.92
C GLN G 64 -36.68 78.41 4.99
N VAL G 65 -36.78 79.40 5.88
CA VAL G 65 -35.80 79.61 6.92
C VAL G 65 -36.48 79.59 8.28
N ASP G 66 -35.99 78.74 9.17
CA ASP G 66 -36.48 78.68 10.55
C ASP G 66 -35.28 78.70 11.49
N TYR G 67 -35.23 79.69 12.38
CA TYR G 67 -34.17 79.75 13.38
C TYR G 67 -34.31 78.60 14.37
N THR G 68 -33.17 78.06 14.79
CA THR G 68 -33.15 76.97 15.76
C THR G 68 -31.92 77.12 16.65
N HIS G 69 -31.98 76.47 17.82
CA HIS G 69 -30.90 76.49 18.79
C HIS G 69 -30.48 75.07 19.10
N TYR G 70 -29.18 74.80 18.98
CA TYR G 70 -28.61 73.51 19.33
C TYR G 70 -27.34 73.73 20.13
N GLU G 71 -27.26 73.08 21.30
CA GLU G 71 -26.11 73.21 22.19
C GLU G 71 -25.83 74.67 22.52
N ASP G 72 -26.90 75.43 22.75
CA ASP G 72 -26.82 76.86 23.04
C ASP G 72 -26.09 77.61 21.93
N LYS G 73 -26.29 77.18 20.69
CA LYS G 73 -25.68 77.82 19.52
C LYS G 73 -26.75 77.99 18.46
N ILE G 74 -26.88 79.21 17.93
CA ILE G 74 -27.88 79.49 16.91
C ILE G 74 -27.40 78.97 15.56
N ILE G 75 -28.28 78.29 14.85
CA ILE G 75 -27.98 77.71 13.55
C ILE G 75 -29.00 78.24 12.54
N LEU G 76 -28.50 78.79 11.44
CA LEU G 76 -29.34 79.25 10.35
C LEU G 76 -29.68 78.08 9.45
N VAL G 77 -30.96 77.73 9.35
CA VAL G 77 -31.39 76.54 8.64
C VAL G 77 -32.10 77.00 7.35
N TRP G 78 -31.57 76.57 6.21
CA TRP G 78 -32.22 76.76 4.93
C TRP G 78 -32.91 75.45 4.55
N VAL G 79 -34.18 75.53 4.17
CA VAL G 79 -34.95 74.35 3.79
C VAL G 79 -35.57 74.61 2.43
N GLU G 80 -35.30 73.72 1.47
CA GLU G 80 -35.91 73.83 0.15
C GLU G 80 -37.19 73.01 0.13
N THR G 81 -38.15 73.46 -0.68
CA THR G 81 -39.48 72.86 -0.66
C THR G 81 -39.52 71.52 -1.39
N ASN G 82 -39.23 71.52 -2.70
CA ASN G 82 -39.42 70.31 -3.50
C ASN G 82 -38.20 69.39 -3.48
N SER G 83 -37.02 69.94 -3.72
CA SER G 83 -35.81 69.10 -3.76
C SER G 83 -35.37 68.66 -2.38
N GLY G 84 -35.59 69.49 -1.36
CA GLY G 84 -35.18 69.15 -0.01
C GLY G 84 -33.75 69.50 0.33
N LEU G 85 -33.05 70.25 -0.53
CA LEU G 85 -31.70 70.68 -0.24
C LEU G 85 -31.68 71.66 0.92
N ILE G 86 -30.60 71.63 1.70
CA ILE G 86 -30.45 72.51 2.86
C ILE G 86 -29.06 73.12 2.88
N TYR G 87 -28.88 74.09 3.78
CA TYR G 87 -27.58 74.62 4.14
C TYR G 87 -27.67 75.20 5.55
N ALA G 88 -26.53 75.23 6.24
CA ALA G 88 -26.47 75.70 7.61
C ALA G 88 -25.10 76.28 7.90
N GLU G 89 -25.01 77.04 8.99
CA GLU G 89 -23.77 77.62 9.45
C GLU G 89 -23.96 78.12 10.87
N ARG G 90 -22.89 78.08 11.66
CA ARG G 90 -22.94 78.58 13.03
C ARG G 90 -23.24 80.08 13.01
N VAL G 91 -24.20 80.49 13.85
CA VAL G 91 -24.68 81.87 13.87
C VAL G 91 -24.42 82.44 15.27
N LYS G 92 -23.69 83.55 15.33
CA LYS G 92 -23.44 84.20 16.60
C LYS G 92 -24.72 84.76 17.21
N GLY G 93 -25.58 85.35 16.39
CA GLY G 93 -26.81 85.91 16.87
C GLY G 93 -27.79 86.14 15.74
N GLU G 94 -29.07 86.18 16.11
CA GLU G 94 -30.17 86.34 15.16
C GLU G 94 -30.33 87.77 14.67
N THR G 95 -29.30 88.61 14.85
CA THR G 95 -29.39 90.01 14.48
C THR G 95 -29.56 90.18 12.97
N GLY G 96 -30.18 91.29 12.59
CA GLY G 96 -30.45 91.55 11.18
C GLY G 96 -29.19 91.64 10.36
N GLN G 97 -28.15 92.30 10.88
CA GLN G 97 -26.90 92.42 10.15
C GLN G 97 -26.25 91.06 9.92
N GLU G 98 -26.23 90.21 10.95
CA GLU G 98 -25.67 88.88 10.78
C GLU G 98 -26.47 88.07 9.76
N PHE G 99 -27.80 88.17 9.80
CA PHE G 99 -28.61 87.47 8.82
C PHE G 99 -28.37 88.00 7.42
N ARG G 100 -28.14 89.31 7.28
CA ARG G 100 -27.84 89.87 5.97
C ARG G 100 -26.51 89.33 5.44
N VAL G 101 -25.50 89.28 6.31
CA VAL G 101 -24.21 88.70 5.90
C VAL G 101 -24.40 87.26 5.44
N GLN G 102 -25.08 86.46 6.26
CA GLN G 102 -25.33 85.06 5.89
C GLN G 102 -26.13 84.96 4.61
N THR G 103 -27.06 85.88 4.36
CA THR G 103 -27.92 85.72 3.21
C THR G 103 -27.25 86.15 1.91
N MET G 104 -26.37 87.17 1.90
CA MET G 104 -25.71 87.35 0.60
C MET G 104 -24.61 86.31 0.41
N LYS G 105 -24.04 85.77 1.50
CA LYS G 105 -23.16 84.62 1.33
C LYS G 105 -23.93 83.43 0.72
N TRP G 106 -25.15 83.20 1.20
CA TRP G 106 -25.98 82.13 0.67
C TRP G 106 -26.40 82.40 -0.77
N TYR G 107 -26.65 83.67 -1.11
CA TYR G 107 -26.97 84.02 -2.50
C TYR G 107 -25.78 83.83 -3.42
N ALA G 108 -24.56 84.09 -2.92
CA ALA G 108 -23.37 83.73 -3.67
C ALA G 108 -23.28 82.22 -3.85
N MET G 109 -23.66 81.46 -2.82
CA MET G 109 -23.52 80.02 -2.85
C MET G 109 -24.52 79.36 -3.81
N PHE G 110 -25.78 79.78 -3.77
CA PHE G 110 -26.84 79.15 -4.56
C PHE G 110 -27.44 80.15 -5.54
N ALA G 111 -28.53 79.75 -6.19
CA ALA G 111 -29.30 80.60 -7.09
C ALA G 111 -30.79 80.41 -6.79
N PRO G 112 -31.28 80.98 -5.68
CA PRO G 112 -32.68 80.80 -5.31
C PRO G 112 -33.61 81.64 -6.17
N LYS G 113 -34.90 81.31 -6.09
CA LYS G 113 -35.96 82.06 -6.76
C LYS G 113 -36.91 82.73 -5.78
N SER G 114 -37.47 81.98 -4.84
CA SER G 114 -38.40 82.52 -3.87
C SER G 114 -38.05 81.98 -2.48
N LEU G 115 -38.47 82.72 -1.46
CA LEU G 115 -38.09 82.42 -0.08
C LEU G 115 -39.30 82.49 0.84
N GLN G 116 -39.35 81.60 1.82
CA GLN G 116 -40.35 81.62 2.87
C GLN G 116 -39.67 81.77 4.22
N SER G 117 -40.39 82.38 5.16
CA SER G 117 -39.89 82.54 6.53
C SER G 117 -41.05 82.95 7.42
N ASP G 118 -40.84 82.85 8.72
CA ASP G 118 -41.80 83.32 9.71
C ASP G 118 -41.61 84.82 9.92
N ASN G 119 -42.16 85.35 11.01
CA ASN G 119 -42.16 86.79 11.28
C ASN G 119 -41.01 87.21 12.18
N GLY G 120 -39.87 86.52 12.11
CA GLY G 120 -38.71 86.86 12.90
C GLY G 120 -38.20 88.26 12.61
N PRO G 121 -37.64 88.93 13.63
CA PRO G 121 -37.19 90.32 13.43
C PRO G 121 -36.14 90.47 12.35
N ALA G 122 -35.22 89.51 12.23
CA ALA G 122 -34.20 89.59 11.19
C ALA G 122 -34.83 89.53 9.80
N PHE G 123 -35.85 88.68 9.63
CA PHE G 123 -36.51 88.56 8.34
C PHE G 123 -37.36 89.78 8.04
N VAL G 124 -37.97 90.37 9.07
CA VAL G 124 -38.88 91.50 8.89
C VAL G 124 -38.13 92.83 8.81
N ALA G 125 -36.85 92.86 9.17
CA ALA G 125 -36.09 94.10 9.15
C ALA G 125 -36.15 94.78 7.79
N GLU G 126 -36.28 96.12 7.83
CA GLU G 126 -36.45 96.89 6.60
C GLU G 126 -35.22 96.81 5.71
N SER G 127 -34.02 96.89 6.32
CA SER G 127 -32.80 96.79 5.52
C SER G 127 -32.62 95.39 4.95
N THR G 128 -32.98 94.36 5.72
CA THR G 128 -32.92 93.00 5.20
C THR G 128 -33.88 92.82 4.02
N GLN G 129 -35.08 93.38 4.13
CA GLN G 129 -36.04 93.29 3.02
C GLN G 129 -35.54 94.06 1.80
N LEU G 130 -34.93 95.23 2.01
CA LEU G 130 -34.39 96.01 0.90
C LEU G 130 -33.26 95.26 0.21
N LEU G 131 -32.36 94.62 0.98
CA LEU G 131 -31.31 93.81 0.38
C LEU G 131 -31.90 92.61 -0.37
N MET G 132 -32.93 91.99 0.19
CA MET G 132 -33.66 90.93 -0.50
C MET G 132 -34.16 91.40 -1.86
N LYS G 133 -34.84 92.54 -1.89
CA LYS G 133 -35.37 93.06 -3.15
C LYS G 133 -34.26 93.44 -4.11
N TYR G 134 -33.13 93.94 -3.59
CA TYR G 134 -31.98 94.23 -4.45
C TYR G 134 -31.45 92.96 -5.08
N LEU G 135 -31.39 91.87 -4.31
CA LEU G 135 -30.97 90.59 -4.88
C LEU G 135 -31.99 90.03 -5.87
N GLY G 136 -33.27 90.37 -5.71
CA GLY G 136 -34.29 89.97 -6.66
C GLY G 136 -35.06 88.72 -6.31
N ILE G 137 -34.91 88.20 -5.10
CA ILE G 137 -35.65 87.02 -4.68
C ILE G 137 -37.05 87.45 -4.27
N GLU G 138 -37.96 86.49 -4.21
CA GLU G 138 -39.30 86.72 -3.68
C GLU G 138 -39.40 86.16 -2.27
N HIS G 139 -39.75 87.01 -1.32
CA HIS G 139 -39.82 86.63 0.09
C HIS G 139 -41.25 86.79 0.60
N THR G 140 -41.78 85.72 1.20
CA THR G 140 -43.11 85.72 1.79
C THR G 140 -42.96 85.71 3.30
N THR G 141 -43.36 86.81 3.94
CA THR G 141 -43.24 86.97 5.39
C THR G 141 -44.59 86.69 6.04
N GLY G 142 -44.57 85.84 7.06
CA GLY G 142 -45.78 85.49 7.77
C GLY G 142 -45.66 84.10 8.35
N ILE G 143 -46.75 83.67 8.99
CA ILE G 143 -46.80 82.35 9.61
C ILE G 143 -46.84 81.30 8.50
N PRO G 144 -45.91 80.35 8.49
CA PRO G 144 -45.91 79.31 7.44
C PRO G 144 -47.13 78.42 7.55
N TRP G 145 -47.86 78.28 6.44
CA TRP G 145 -49.11 77.54 6.43
C TRP G 145 -49.08 76.25 5.62
N ASN G 146 -48.12 76.10 4.70
CA ASN G 146 -48.11 74.94 3.82
C ASN G 146 -47.67 73.70 4.59
N PRO G 147 -48.52 72.67 4.69
CA PRO G 147 -48.07 71.43 5.36
C PRO G 147 -46.90 70.76 4.66
N GLN G 148 -46.85 70.83 3.32
CA GLN G 148 -45.75 70.20 2.60
C GLN G 148 -44.41 70.81 3.00
N SER G 149 -44.36 72.13 3.14
CA SER G 149 -43.13 72.77 3.57
C SER G 149 -42.88 72.55 5.07
N GLN G 150 -43.94 72.63 5.88
CA GLN G 150 -43.77 72.60 7.33
C GLN G 150 -43.30 71.24 7.82
N ALA G 151 -43.87 70.15 7.31
CA ALA G 151 -43.44 68.83 7.72
C ALA G 151 -41.99 68.58 7.35
N LEU G 152 -41.59 68.99 6.15
CA LEU G 152 -40.21 68.85 5.74
C LEU G 152 -39.28 69.69 6.60
N VAL G 153 -39.71 70.90 6.97
CA VAL G 153 -38.92 71.75 7.85
C VAL G 153 -38.71 71.06 9.21
N GLU G 154 -39.78 70.52 9.78
CA GLU G 154 -39.68 69.89 11.09
C GLU G 154 -38.79 68.66 11.04
N ARG G 155 -38.97 67.81 10.02
CA ARG G 155 -38.15 66.61 9.93
C ARG G 155 -36.70 66.97 9.62
N THR G 156 -36.46 68.04 8.88
CA THR G 156 -35.10 68.48 8.59
C THR G 156 -34.40 68.94 9.86
N HIS G 157 -35.08 69.73 10.69
CA HIS G 157 -34.47 70.13 11.96
C HIS G 157 -34.22 68.94 12.87
N GLN G 158 -35.19 68.00 12.94
CA GLN G 158 -34.98 66.83 13.79
C GLN G 158 -33.78 66.02 13.30
N THR G 159 -33.69 65.80 11.99
CA THR G 159 -32.59 65.01 11.44
C THR G 159 -31.25 65.71 11.63
N LEU G 160 -31.20 67.03 11.42
CA LEU G 160 -29.94 67.73 11.58
C LEU G 160 -29.49 67.75 13.03
N LYS G 161 -30.43 67.91 13.97
CA LYS G 161 -30.06 67.84 15.38
C LYS G 161 -29.55 66.44 15.75
N ASN G 162 -30.22 65.40 15.24
CA ASN G 162 -29.75 64.04 15.53
C ASN G 162 -28.36 63.80 14.95
N THR G 163 -28.11 64.23 13.72
CA THR G 163 -26.81 64.04 13.10
C THR G 163 -25.73 64.85 13.81
N LEU G 164 -26.06 66.06 14.26
CA LEU G 164 -25.11 66.85 15.04
C LEU G 164 -24.75 66.13 16.33
N GLU G 165 -25.76 65.57 17.01
CA GLU G 165 -25.49 64.81 18.23
C GLU G 165 -24.60 63.61 17.93
N LYS G 166 -24.82 62.95 16.79
CA LYS G 166 -23.99 61.81 16.41
C LYS G 166 -22.55 62.23 16.15
N LEU G 167 -22.36 63.38 15.50
CA LEU G 167 -21.07 63.71 14.91
C LEU G 167 -20.22 64.67 15.75
N ILE G 168 -20.77 65.31 16.77
CA ILE G 168 -19.97 66.27 17.56
C ILE G 168 -18.76 65.63 18.24
N PRO G 169 -18.84 64.46 18.87
CA PRO G 169 -17.64 63.94 19.56
C PRO G 169 -16.47 63.66 18.64
N MET G 170 -16.74 63.26 17.39
CA MET G 170 -15.67 62.85 16.49
C MET G 170 -14.88 64.06 15.97
N PHE G 171 -15.56 65.16 15.69
CA PHE G 171 -14.92 66.32 15.09
C PHE G 171 -14.46 67.31 16.15
N ASN G 172 -13.36 68.00 15.86
CA ASN G 172 -12.77 68.92 16.81
C ASN G 172 -13.66 70.15 17.03
N ALA G 173 -14.21 70.69 15.95
CA ALA G 173 -14.95 71.95 16.00
C ALA G 173 -16.42 71.72 15.66
N PHE G 174 -17.28 72.51 16.31
CA PHE G 174 -18.71 72.46 15.99
C PHE G 174 -18.98 72.93 14.57
N GLU G 175 -18.17 73.86 14.07
CA GLU G 175 -18.28 74.25 12.66
C GLU G 175 -17.98 73.08 11.74
N SER G 176 -16.94 72.31 12.07
CA SER G 176 -16.63 71.11 11.29
C SER G 176 -17.76 70.09 11.40
N ALA G 177 -18.36 69.96 12.59
CA ALA G 177 -19.46 69.03 12.76
C ALA G 177 -20.65 69.40 11.89
N LEU G 178 -21.04 70.69 11.91
CA LEU G 178 -22.16 71.11 11.07
C LEU G 178 -21.83 71.02 9.59
N ALA G 179 -20.57 71.29 9.23
CA ALA G 179 -20.16 71.11 7.83
C ALA G 179 -20.30 69.66 7.41
N GLY G 180 -19.89 68.72 8.27
CA GLY G 180 -20.04 67.31 7.94
C GLY G 180 -21.49 66.90 7.85
N THR G 181 -22.34 67.42 8.73
CA THR G 181 -23.77 67.13 8.63
C THR G 181 -24.33 67.65 7.31
N LEU G 182 -23.93 68.84 6.89
CA LEU G 182 -24.37 69.36 5.60
C LEU G 182 -23.90 68.46 4.47
N ILE G 183 -22.64 68.02 4.53
CA ILE G 183 -22.10 67.14 3.49
C ILE G 183 -22.94 65.87 3.40
N THR G 184 -23.22 65.25 4.54
CA THR G 184 -23.85 63.95 4.54
C THR G 184 -25.34 64.04 4.20
N LEU G 185 -26.00 65.17 4.56
CA LEU G 185 -27.38 65.36 4.16
C LEU G 185 -27.51 65.70 2.68
N ASN G 186 -26.56 66.46 2.13
CA ASN G 186 -26.63 66.81 0.71
C ASN G 186 -26.13 65.69 -0.19
N ILE G 187 -25.32 64.76 0.32
CA ILE G 187 -24.71 63.72 -0.50
C ILE G 187 -25.04 62.33 0.03
N LYS G 188 -24.60 62.04 1.26
CA LYS G 188 -24.66 60.67 1.77
C LYS G 188 -26.11 60.21 1.95
N ARG G 189 -26.92 60.97 2.66
CA ARG G 189 -28.36 60.71 2.61
C ARG G 189 -28.93 61.05 1.25
N LYS G 190 -29.73 60.12 0.74
CA LYS G 190 -30.27 60.12 -0.62
C LYS G 190 -31.40 59.11 -0.65
N GLY G 191 -32.00 58.94 -1.84
CA GLY G 191 -33.11 58.02 -1.96
C GLY G 191 -33.30 57.54 -3.38
N GLY G 192 -34.14 56.52 -3.51
CA GLY G 192 -34.42 55.96 -4.83
C GLY G 192 -33.20 55.30 -5.41
N LEU G 193 -32.76 55.81 -6.56
CA LEU G 193 -31.56 55.33 -7.23
C LEU G 193 -30.28 56.00 -6.70
N GLY G 194 -30.33 56.56 -5.49
CA GLY G 194 -29.20 57.29 -4.96
C GLY G 194 -29.28 58.77 -5.28
N THR G 195 -30.49 59.31 -5.23
CA THR G 195 -30.75 60.70 -5.60
C THR G 195 -30.68 61.56 -4.34
N SER G 196 -29.53 62.19 -4.11
CA SER G 196 -29.38 63.08 -2.97
C SER G 196 -29.92 64.46 -3.31
N PRO G 197 -30.25 65.26 -2.30
CA PRO G 197 -30.76 66.62 -2.59
C PRO G 197 -29.79 67.46 -3.42
N MET G 198 -28.49 67.37 -3.15
CA MET G 198 -27.54 68.14 -3.93
C MET G 198 -27.45 67.62 -5.37
N ASP G 199 -27.53 66.30 -5.54
CA ASP G 199 -27.52 65.74 -6.89
C ASP G 199 -28.72 66.19 -7.70
N ILE G 200 -29.92 66.16 -7.09
CA ILE G 200 -31.10 66.58 -7.84
C ILE G 200 -31.10 68.09 -8.03
N PHE G 201 -30.46 68.85 -7.14
CA PHE G 201 -30.30 70.28 -7.37
C PHE G 201 -29.39 70.55 -8.56
N ILE G 202 -28.28 69.81 -8.66
CA ILE G 202 -27.44 69.91 -9.84
C ILE G 202 -28.23 69.52 -11.09
N PHE G 203 -29.09 68.50 -10.96
CA PHE G 203 -29.89 68.05 -12.09
C PHE G 203 -30.85 69.11 -12.59
N ASN G 204 -31.62 69.73 -11.68
CA ASN G 204 -32.61 70.69 -12.15
C ASN G 204 -31.94 71.98 -12.58
N LYS G 205 -30.77 72.32 -11.99
CA LYS G 205 -29.99 73.42 -12.54
C LYS G 205 -29.51 73.12 -13.96
N GLU G 206 -29.10 71.87 -14.21
CA GLU G 206 -28.67 71.48 -15.55
C GLU G 206 -29.82 71.62 -16.55
N GLN G 207 -31.01 71.18 -16.16
CA GLN G 207 -32.17 71.39 -17.02
C GLN G 207 -32.48 72.87 -17.21
N GLN G 208 -32.37 73.66 -16.14
CA GLN G 208 -32.73 75.08 -16.22
C GLN G 208 -31.80 75.85 -17.15
N ARG G 209 -30.50 75.54 -17.13
CA ARG G 209 -29.54 76.33 -17.89
C ARG G 209 -29.80 76.24 -19.39
N ILE G 210 -30.13 75.05 -19.89
CA ILE G 210 -30.32 74.85 -21.32
C ILE G 210 -31.46 75.72 -21.83
N GLN G 211 -32.58 75.72 -21.10
CA GLN G 211 -33.70 76.57 -21.50
C GLN G 211 -33.45 78.04 -21.18
N GLN G 212 -32.64 78.33 -20.17
CA GLN G 212 -32.34 79.72 -19.85
C GLN G 212 -31.47 80.37 -20.92
N GLN G 213 -30.70 79.57 -21.65
CA GLN G 213 -29.92 80.12 -22.76
C GLN G 213 -30.85 80.74 -23.81
N SER G 214 -31.96 80.08 -24.12
CA SER G 214 -32.95 80.62 -25.03
C SER G 214 -33.96 81.55 -24.35
N LYS G 215 -33.99 81.57 -23.02
CA LYS G 215 -34.88 82.48 -22.32
C LYS G 215 -34.54 83.94 -22.59
N SER G 216 -33.33 84.23 -23.06
CA SER G 216 -33.00 85.60 -23.45
C SER G 216 -33.89 86.06 -24.60
N LYS G 217 -34.09 85.20 -25.59
CA LYS G 217 -35.04 85.51 -26.66
C LYS G 217 -36.48 85.34 -26.21
N GLN G 218 -36.73 84.34 -25.34
CA GLN G 218 -38.09 84.06 -24.91
C GLN G 218 -38.69 85.19 -24.09
N GLU G 219 -37.86 85.92 -23.33
CA GLU G 219 -38.35 87.01 -22.50
C GLU G 219 -38.76 88.21 -23.34
N ILE H 60 -10.35 68.12 -14.97
CA ILE H 60 -11.50 68.39 -14.11
C ILE H 60 -11.11 68.21 -12.64
N ASP H 61 -11.64 69.08 -11.79
CA ASP H 61 -11.41 69.03 -10.34
C ASP H 61 -9.92 69.13 -10.00
N HIS H 62 -9.17 69.88 -10.79
CA HIS H 62 -7.77 70.16 -10.50
C HIS H 62 -7.66 71.60 -10.01
N TRP H 63 -7.06 71.78 -8.84
CA TRP H 63 -7.05 73.08 -8.18
C TRP H 63 -5.65 73.45 -7.74
N GLN H 64 -5.38 74.76 -7.73
CA GLN H 64 -4.12 75.32 -7.30
C GLN H 64 -4.35 76.29 -6.15
N VAL H 65 -3.46 76.26 -5.17
CA VAL H 65 -3.58 77.07 -3.96
C VAL H 65 -2.35 77.97 -3.86
N ASP H 66 -2.58 79.26 -3.67
CA ASP H 66 -1.50 80.23 -3.49
C ASP H 66 -1.94 81.29 -2.49
N TYR H 67 -1.12 81.51 -1.47
CA TYR H 67 -1.40 82.52 -0.47
C TYR H 67 -1.19 83.92 -1.06
N THR H 68 -2.07 84.85 -0.66
CA THR H 68 -1.96 86.23 -1.09
C THR H 68 -2.46 87.14 0.02
N HIS H 69 -2.00 88.38 0.00
CA HIS H 69 -2.35 89.38 1.01
C HIS H 69 -2.97 90.58 0.32
N TYR H 70 -4.12 91.02 0.85
CA TYR H 70 -4.81 92.21 0.34
C TYR H 70 -5.32 93.00 1.53
N GLU H 71 -4.87 94.26 1.64
CA GLU H 71 -5.26 95.15 2.73
C GLU H 71 -4.99 94.51 4.09
N ASP H 72 -3.83 93.86 4.21
CA ASP H 72 -3.42 93.17 5.44
C ASP H 72 -4.46 92.12 5.84
N LYS H 73 -5.01 91.43 4.84
CA LYS H 73 -5.99 90.37 5.06
C LYS H 73 -5.65 89.21 4.14
N ILE H 74 -5.33 88.07 4.73
CA ILE H 74 -4.96 86.89 3.94
C ILE H 74 -6.21 86.35 3.25
N ILE H 75 -6.11 86.15 1.94
CA ILE H 75 -7.20 85.59 1.14
C ILE H 75 -6.74 84.25 0.59
N LEU H 76 -7.45 83.19 0.94
CA LEU H 76 -7.15 81.84 0.46
C LEU H 76 -7.91 81.61 -0.84
N VAL H 77 -7.20 81.65 -1.95
CA VAL H 77 -7.82 81.56 -3.27
C VAL H 77 -7.69 80.13 -3.79
N TRP H 78 -8.78 79.61 -4.32
CA TRP H 78 -8.83 78.30 -4.94
C TRP H 78 -9.20 78.47 -6.41
N VAL H 79 -8.33 78.02 -7.30
CA VAL H 79 -8.49 78.21 -8.74
C VAL H 79 -8.56 76.85 -9.41
N GLU H 80 -9.58 76.66 -10.24
CA GLU H 80 -9.71 75.45 -11.03
C GLU H 80 -9.05 75.68 -12.38
N THR H 81 -8.12 74.80 -12.75
CA THR H 81 -7.28 75.05 -13.93
C THR H 81 -8.11 75.05 -15.20
N ASN H 82 -9.09 74.15 -15.31
CA ASN H 82 -9.82 73.99 -16.56
C ASN H 82 -10.90 75.06 -16.73
N SER H 83 -11.89 75.08 -15.84
CA SER H 83 -13.02 75.98 -16.00
C SER H 83 -12.75 77.38 -15.49
N GLY H 84 -11.70 77.58 -14.71
CA GLY H 84 -11.41 78.90 -14.16
C GLY H 84 -12.27 79.31 -12.99
N LEU H 85 -13.07 78.39 -12.43
CA LEU H 85 -13.92 78.72 -11.31
C LEU H 85 -13.09 79.06 -10.07
N ILE H 86 -13.57 80.05 -9.30
CA ILE H 86 -12.79 80.64 -8.23
C ILE H 86 -13.62 80.68 -6.94
N TYR H 87 -12.95 80.42 -5.83
CA TYR H 87 -13.53 80.63 -4.51
C TYR H 87 -12.51 81.32 -3.62
N ALA H 88 -13.00 82.20 -2.75
CA ALA H 88 -12.12 82.97 -1.87
C ALA H 88 -12.84 83.21 -0.55
N GLU H 89 -12.05 83.49 0.48
CA GLU H 89 -12.58 83.77 1.81
C GLU H 89 -11.50 84.44 2.64
N ARG H 90 -11.90 85.39 3.49
CA ARG H 90 -10.96 86.05 4.36
C ARG H 90 -10.38 85.05 5.36
N VAL H 91 -9.07 85.09 5.53
CA VAL H 91 -8.35 84.15 6.38
C VAL H 91 -7.56 84.93 7.42
N LYS H 92 -7.76 84.58 8.70
CA LYS H 92 -7.06 85.28 9.78
C LYS H 92 -5.57 85.03 9.74
N GLY H 93 -5.14 83.80 9.45
CA GLY H 93 -3.73 83.49 9.43
C GLY H 93 -3.45 82.25 8.60
N GLU H 94 -2.19 82.14 8.17
CA GLU H 94 -1.74 81.04 7.32
C GLU H 94 -1.50 79.75 8.09
N THR H 95 -2.04 79.65 9.31
CA THR H 95 -1.79 78.47 10.15
C THR H 95 -2.39 77.21 9.54
N GLY H 96 -1.72 76.09 9.82
CA GLY H 96 -2.17 74.82 9.26
C GLY H 96 -3.57 74.43 9.71
N GLN H 97 -3.90 74.71 10.98
CA GLN H 97 -5.23 74.38 11.48
C GLN H 97 -6.31 75.20 10.77
N GLU H 98 -6.05 76.50 10.57
CA GLU H 98 -7.01 77.33 9.86
C GLU H 98 -7.15 76.87 8.41
N PHE H 99 -6.05 76.49 7.77
CA PHE H 99 -6.14 75.96 6.42
C PHE H 99 -6.93 74.66 6.39
N ARG H 100 -6.76 73.81 7.41
CA ARG H 100 -7.53 72.57 7.47
C ARG H 100 -9.01 72.85 7.62
N VAL H 101 -9.38 73.84 8.45
CA VAL H 101 -10.78 74.21 8.58
C VAL H 101 -11.33 74.73 7.26
N GLN H 102 -10.54 75.56 6.57
CA GLN H 102 -10.97 76.08 5.27
C GLN H 102 -11.15 74.95 4.26
N THR H 103 -10.25 73.96 4.28
CA THR H 103 -10.39 72.82 3.38
C THR H 103 -11.60 71.97 3.73
N MET H 104 -11.94 71.84 5.02
CA MET H 104 -13.17 71.17 5.39
C MET H 104 -14.38 71.89 4.83
N LYS H 105 -14.40 73.21 4.95
CA LYS H 105 -15.52 73.99 4.41
C LYS H 105 -15.58 73.87 2.89
N TRP H 106 -14.42 73.88 2.22
CA TRP H 106 -14.40 73.78 0.78
C TRP H 106 -14.77 72.39 0.28
N TYR H 107 -14.45 71.34 1.05
CA TYR H 107 -14.90 70.00 0.70
C TYR H 107 -16.39 69.84 0.96
N ALA H 108 -16.93 70.59 1.93
CA ALA H 108 -18.38 70.68 2.06
C ALA H 108 -18.99 71.36 0.84
N MET H 109 -18.34 72.42 0.35
CA MET H 109 -18.84 73.15 -0.81
C MET H 109 -18.81 72.28 -2.07
N PHE H 110 -17.69 71.61 -2.32
CA PHE H 110 -17.42 71.01 -3.62
C PHE H 110 -17.12 69.51 -3.52
N ALA H 111 -16.72 68.91 -4.64
CA ALA H 111 -16.28 67.51 -4.68
C ALA H 111 -14.98 67.42 -5.45
N PRO H 112 -13.87 67.92 -4.87
CA PRO H 112 -12.60 67.91 -5.59
C PRO H 112 -12.03 66.52 -5.76
N LYS H 113 -11.21 66.37 -6.80
CA LYS H 113 -10.50 65.12 -7.06
C LYS H 113 -8.99 65.25 -7.07
N SER H 114 -8.45 66.43 -7.38
CA SER H 114 -7.01 66.64 -7.39
C SER H 114 -6.71 68.04 -6.89
N LEU H 115 -5.48 68.24 -6.43
CA LEU H 115 -5.09 69.52 -5.84
C LEU H 115 -3.61 69.77 -6.10
N GLN H 116 -3.29 71.05 -6.32
CA GLN H 116 -1.92 71.50 -6.49
C GLN H 116 -1.66 72.70 -5.60
N SER H 117 -0.41 72.86 -5.17
CA SER H 117 -0.02 73.97 -4.31
C SER H 117 1.49 74.08 -4.34
N ASP H 118 2.01 75.16 -3.75
CA ASP H 118 3.44 75.37 -3.63
C ASP H 118 3.94 74.69 -2.35
N ASN H 119 5.15 75.05 -1.92
CA ASN H 119 5.82 74.41 -0.80
C ASN H 119 5.51 75.08 0.54
N GLY H 120 4.35 75.71 0.67
CA GLY H 120 3.96 76.36 1.90
C GLY H 120 3.91 75.41 3.07
N PRO H 121 4.34 75.89 4.25
CA PRO H 121 4.35 75.01 5.43
C PRO H 121 2.99 74.45 5.79
N ALA H 122 1.93 75.24 5.67
CA ALA H 122 0.60 74.75 5.97
C ALA H 122 0.19 73.66 5.00
N PHE H 123 0.63 73.76 3.74
CA PHE H 123 0.28 72.76 2.75
C PHE H 123 1.08 71.48 2.95
N VAL H 124 2.35 71.60 3.33
CA VAL H 124 3.19 70.42 3.52
C VAL H 124 3.14 69.86 4.93
N ALA H 125 2.34 70.44 5.81
CA ALA H 125 2.17 69.90 7.15
C ALA H 125 1.69 68.45 7.11
N GLU H 126 2.27 67.62 7.97
CA GLU H 126 1.94 66.20 7.98
C GLU H 126 0.49 65.98 8.41
N SER H 127 0.00 66.76 9.38
CA SER H 127 -1.39 66.63 9.80
C SER H 127 -2.35 67.02 8.68
N THR H 128 -2.03 68.10 7.95
CA THR H 128 -2.85 68.49 6.82
C THR H 128 -2.85 67.42 5.74
N GLN H 129 -1.68 66.84 5.46
CA GLN H 129 -1.60 65.77 4.46
C GLN H 129 -2.43 64.56 4.88
N LEU H 130 -2.33 64.17 6.16
CA LEU H 130 -3.11 63.04 6.65
C LEU H 130 -4.60 63.31 6.57
N LEU H 131 -5.03 64.51 6.96
CA LEU H 131 -6.45 64.84 6.91
C LEU H 131 -6.96 64.84 5.48
N MET H 132 -6.19 65.39 4.55
CA MET H 132 -6.65 65.48 3.17
C MET H 132 -6.58 64.14 2.44
N LYS H 133 -5.66 63.25 2.82
CA LYS H 133 -5.71 61.89 2.28
C LYS H 133 -6.85 61.09 2.91
N TYR H 134 -7.21 61.41 4.16
CA TYR H 134 -8.45 60.87 4.73
C TYR H 134 -9.65 61.33 3.93
N LEU H 135 -9.63 62.58 3.47
CA LEU H 135 -10.60 63.01 2.46
C LEU H 135 -10.49 62.21 1.17
N GLY H 136 -9.27 61.83 0.78
CA GLY H 136 -9.09 61.01 -0.40
C GLY H 136 -8.74 61.77 -1.65
N ILE H 137 -7.73 62.64 -1.58
CA ILE H 137 -7.30 63.46 -2.70
C ILE H 137 -5.78 63.37 -2.82
N GLU H 138 -5.30 63.33 -4.06
CA GLU H 138 -3.87 63.33 -4.33
C GLU H 138 -3.29 64.72 -4.13
N HIS H 139 -2.01 64.77 -3.72
CA HIS H 139 -1.35 66.02 -3.41
C HIS H 139 -0.04 66.14 -4.18
N THR H 140 0.20 67.33 -4.73
CA THR H 140 1.46 67.65 -5.39
C THR H 140 1.89 69.05 -4.97
N THR H 141 3.15 69.19 -4.59
CA THR H 141 3.70 70.47 -4.14
C THR H 141 5.04 70.72 -4.79
N GLY H 142 5.37 71.99 -4.99
CA GLY H 142 6.65 72.34 -5.58
C GLY H 142 6.69 73.81 -5.94
N ILE H 143 7.87 74.22 -6.40
CA ILE H 143 8.04 75.61 -6.86
C ILE H 143 7.14 75.84 -8.07
N PRO H 144 6.45 76.98 -8.17
CA PRO H 144 5.65 77.24 -9.37
C PRO H 144 6.48 77.14 -10.63
N TRP H 145 6.13 76.19 -11.48
CA TRP H 145 6.95 75.84 -12.64
C TRP H 145 6.14 75.79 -13.93
N ASN H 146 4.83 75.53 -13.83
CA ASN H 146 4.02 75.29 -15.00
C ASN H 146 3.35 76.58 -15.46
N PRO H 147 3.74 77.14 -16.61
CA PRO H 147 3.05 78.34 -17.09
C PRO H 147 1.57 78.12 -17.35
N GLN H 148 1.20 76.91 -17.80
CA GLN H 148 -0.19 76.55 -18.08
C GLN H 148 -1.14 77.05 -17.00
N SER H 149 -0.85 76.71 -15.75
CA SER H 149 -1.67 77.15 -14.62
C SER H 149 -1.16 78.42 -13.97
N GLN H 150 0.14 78.72 -14.09
CA GLN H 150 0.68 79.91 -13.44
C GLN H 150 0.12 81.19 -14.05
N ALA H 151 -0.03 81.23 -15.37
CA ALA H 151 -0.61 82.41 -16.01
C ALA H 151 -2.05 82.63 -15.55
N LEU H 152 -2.83 81.56 -15.48
CA LEU H 152 -4.20 81.67 -15.01
C LEU H 152 -4.25 82.12 -13.56
N VAL H 153 -3.34 81.60 -12.73
CA VAL H 153 -3.30 81.99 -11.32
C VAL H 153 -2.97 83.47 -11.18
N GLU H 154 -1.97 83.95 -11.92
CA GLU H 154 -1.60 85.36 -11.84
C GLU H 154 -2.73 86.26 -12.34
N ARG H 155 -3.37 85.88 -13.45
CA ARG H 155 -4.49 86.66 -13.95
C ARG H 155 -5.64 86.69 -12.95
N THR H 156 -5.91 85.55 -12.32
CA THR H 156 -6.96 85.49 -11.30
C THR H 156 -6.62 86.39 -10.12
N HIS H 157 -5.37 86.37 -9.67
CA HIS H 157 -4.97 87.21 -8.55
C HIS H 157 -5.14 88.69 -8.88
N GLN H 158 -4.68 89.09 -10.06
CA GLN H 158 -4.82 90.50 -10.46
C GLN H 158 -6.29 90.89 -10.58
N THR H 159 -7.10 90.03 -11.19
CA THR H 159 -8.52 90.34 -11.38
C THR H 159 -9.25 90.42 -10.04
N LEU H 160 -8.95 89.50 -9.12
CA LEU H 160 -9.62 89.54 -7.83
C LEU H 160 -9.19 90.77 -7.03
N LYS H 161 -7.91 91.14 -7.09
CA LYS H 161 -7.49 92.36 -6.42
C LYS H 161 -8.21 93.57 -6.99
N ASN H 162 -8.33 93.64 -8.32
CA ASN H 162 -9.04 94.74 -8.95
C ASN H 162 -10.51 94.77 -8.55
N THR H 163 -11.15 93.60 -8.49
CA THR H 163 -12.58 93.57 -8.17
C THR H 163 -12.83 93.90 -6.71
N LEU H 164 -11.96 93.44 -5.80
CA LEU H 164 -12.05 93.89 -4.41
C LEU H 164 -11.89 95.40 -4.31
N GLU H 165 -10.91 95.95 -5.03
CA GLU H 165 -10.75 97.41 -5.02
C GLU H 165 -12.00 98.10 -5.54
N LYS H 166 -12.66 97.52 -6.53
CA LYS H 166 -13.89 98.11 -7.07
C LYS H 166 -15.04 98.04 -6.06
N LEU H 167 -15.18 96.90 -5.38
CA LEU H 167 -16.41 96.60 -4.67
C LEU H 167 -16.34 96.80 -3.16
N ILE H 168 -15.18 97.11 -2.58
CA ILE H 168 -15.12 97.35 -1.14
C ILE H 168 -15.84 98.65 -0.73
N PRO H 169 -15.90 99.71 -1.55
CA PRO H 169 -16.66 100.89 -1.09
C PRO H 169 -18.16 100.64 -1.00
N MET H 170 -18.73 99.89 -1.95
CA MET H 170 -20.19 99.72 -1.99
C MET H 170 -20.69 98.78 -0.90
N PHE H 171 -19.84 97.88 -0.40
CA PHE H 171 -20.25 96.90 0.60
C PHE H 171 -19.62 97.21 1.94
N ASN H 172 -20.37 97.00 3.01
CA ASN H 172 -19.90 97.31 4.35
C ASN H 172 -18.80 96.34 4.80
N ALA H 173 -19.12 95.05 4.83
CA ALA H 173 -18.18 94.06 5.31
C ALA H 173 -17.22 93.62 4.21
N PHE H 174 -15.97 93.39 4.58
CA PHE H 174 -15.00 92.88 3.63
C PHE H 174 -15.36 91.47 3.16
N GLU H 175 -15.97 90.67 4.04
CA GLU H 175 -16.47 89.37 3.61
C GLU H 175 -17.57 89.50 2.57
N SER H 176 -18.48 90.46 2.76
CA SER H 176 -19.51 90.72 1.75
C SER H 176 -18.89 91.20 0.44
N ALA H 177 -17.85 92.05 0.54
CA ALA H 177 -17.18 92.52 -0.67
C ALA H 177 -16.53 91.38 -1.44
N LEU H 178 -15.84 90.48 -0.74
CA LEU H 178 -15.20 89.36 -1.42
C LEU H 178 -16.25 88.39 -1.96
N ALA H 179 -17.38 88.23 -1.27
CA ALA H 179 -18.46 87.40 -1.81
C ALA H 179 -19.01 88.00 -3.09
N GLY H 180 -19.18 89.33 -3.13
CA GLY H 180 -19.64 89.97 -4.35
C GLY H 180 -18.64 89.83 -5.49
N THR H 181 -17.35 89.95 -5.18
CA THR H 181 -16.34 89.74 -6.21
C THR H 181 -16.36 88.31 -6.72
N LEU H 182 -16.55 87.34 -5.82
CA LEU H 182 -16.69 85.94 -6.26
C LEU H 182 -17.90 85.78 -7.15
N ILE H 183 -19.02 86.42 -6.81
CA ILE H 183 -20.21 86.38 -7.66
C ILE H 183 -19.88 86.91 -9.05
N THR H 184 -19.22 88.07 -9.11
CA THR H 184 -18.91 88.68 -10.40
C THR H 184 -17.99 87.78 -11.23
N LEU H 185 -16.95 87.23 -10.61
CA LEU H 185 -15.99 86.41 -11.34
C LEU H 185 -16.57 85.07 -11.78
N ASN H 186 -17.43 84.46 -10.96
CA ASN H 186 -17.89 83.10 -11.23
C ASN H 186 -19.18 83.06 -12.05
N ILE H 187 -20.15 83.89 -11.72
CA ILE H 187 -21.46 83.86 -12.37
C ILE H 187 -21.60 84.97 -13.40
N LYS H 188 -21.25 86.21 -13.03
CA LYS H 188 -21.45 87.34 -13.92
C LYS H 188 -20.55 87.26 -15.14
N ARG H 189 -19.27 86.92 -14.94
CA ARG H 189 -18.35 86.81 -16.07
C ARG H 189 -18.72 85.61 -16.93
N LYS H 190 -18.80 85.83 -18.24
CA LYS H 190 -19.17 84.79 -19.19
C LYS H 190 -18.26 84.85 -20.40
N GLY H 191 -18.15 83.72 -21.09
CA GLY H 191 -17.33 83.64 -22.28
C GLY H 191 -17.95 82.73 -23.31
N GLY H 192 -17.48 82.88 -24.55
CA GLY H 192 -18.01 82.08 -25.64
C GLY H 192 -19.46 82.43 -25.89
N LEU H 193 -20.33 81.43 -25.82
CA LEU H 193 -21.76 81.62 -26.01
C LEU H 193 -22.46 82.16 -24.77
N GLY H 194 -21.71 82.66 -23.80
CA GLY H 194 -22.28 83.13 -22.56
C GLY H 194 -22.21 82.16 -21.41
N THR H 195 -21.19 81.29 -21.37
CA THR H 195 -21.06 80.26 -20.34
C THR H 195 -20.12 80.77 -19.25
N SER H 196 -20.62 80.80 -18.02
CA SER H 196 -19.83 81.23 -16.88
C SER H 196 -18.93 80.10 -16.40
N PRO H 197 -17.84 80.43 -15.70
CA PRO H 197 -16.99 79.36 -15.14
C PRO H 197 -17.73 78.42 -14.22
N MET H 198 -18.68 78.93 -13.43
CA MET H 198 -19.46 78.06 -12.56
C MET H 198 -20.37 77.15 -13.37
N ASP H 199 -20.95 77.66 -14.45
CA ASP H 199 -21.74 76.82 -15.35
C ASP H 199 -20.87 75.70 -15.94
N ILE H 200 -19.66 76.05 -16.38
CA ILE H 200 -18.77 75.05 -16.95
C ILE H 200 -18.40 74.00 -15.92
N PHE H 201 -18.11 74.42 -14.69
CA PHE H 201 -17.77 73.48 -13.64
C PHE H 201 -18.95 72.56 -13.30
N ILE H 202 -20.15 73.12 -13.24
CA ILE H 202 -21.34 72.32 -12.97
C ILE H 202 -21.55 71.29 -14.07
N PHE H 203 -21.40 71.71 -15.32
CA PHE H 203 -21.56 70.78 -16.44
C PHE H 203 -20.51 69.68 -16.39
N ASN H 204 -19.26 70.04 -16.07
CA ASN H 204 -18.20 69.03 -15.95
C ASN H 204 -18.51 68.04 -14.84
N LYS H 205 -19.01 68.54 -13.69
CA LYS H 205 -19.39 67.65 -12.60
C LYS H 205 -20.52 66.72 -13.02
N GLU H 206 -21.48 67.24 -13.80
CA GLU H 206 -22.57 66.40 -14.28
C GLU H 206 -22.08 65.34 -15.25
N GLN H 207 -21.07 65.66 -16.06
CA GLN H 207 -20.60 64.76 -17.11
C GLN H 207 -19.69 63.64 -16.59
N GLN H 208 -19.32 63.65 -15.32
CA GLN H 208 -18.34 62.71 -14.78
C GLN H 208 -19.00 61.65 -13.91
N ARG H 209 -20.31 61.46 -14.06
CA ARG H 209 -21.04 60.48 -13.29
C ARG H 209 -20.93 59.09 -13.91
N ILE H 210 -21.34 58.08 -13.14
CA ILE H 210 -20.98 56.69 -13.41
C ILE H 210 -21.61 56.14 -14.68
N GLN H 211 -22.84 56.54 -15.02
CA GLN H 211 -23.57 55.86 -16.09
C GLN H 211 -22.94 56.04 -17.46
N GLN H 212 -21.99 56.95 -17.62
CA GLN H 212 -21.25 57.05 -18.88
C GLN H 212 -20.19 55.97 -19.02
N GLN H 213 -19.37 55.77 -17.98
CA GLN H 213 -18.44 54.66 -18.03
C GLN H 213 -19.15 53.31 -17.95
N SER H 214 -20.37 53.28 -17.40
CA SER H 214 -21.18 52.06 -17.50
C SER H 214 -21.48 51.73 -18.96
N LYS H 215 -21.88 52.73 -19.74
CA LYS H 215 -22.10 52.51 -21.17
C LYS H 215 -20.80 52.15 -21.88
N SER H 216 -19.70 52.77 -21.46
CA SER H 216 -18.40 52.43 -22.05
C SER H 216 -18.05 50.96 -21.82
N LYS H 217 -18.32 50.47 -20.59
CA LYS H 217 -18.14 49.04 -20.32
C LYS H 217 -19.08 48.19 -21.17
N GLN H 218 -20.31 48.66 -21.36
CA GLN H 218 -21.26 47.92 -22.19
C GLN H 218 -20.77 47.81 -23.63
N GLU H 219 -20.10 48.83 -24.13
CA GLU H 219 -19.67 48.85 -25.52
C GLU H 219 -18.60 47.81 -25.79
N LYS H 220 -18.53 47.38 -27.05
CA LYS H 220 -17.56 46.38 -27.50
C LYS H 220 -16.27 47.04 -27.96
N ILE H 221 -15.16 46.34 -27.74
CA ILE H 221 -13.83 46.83 -28.09
C ILE H 221 -13.16 45.83 -29.01
N ARG H 222 -12.21 46.32 -29.81
CA ARG H 222 -11.51 45.51 -30.81
C ARG H 222 -10.01 45.55 -30.56
N PHE H 223 -9.29 44.66 -31.25
CA PHE H 223 -7.84 44.59 -31.17
C PHE H 223 -7.24 45.06 -32.50
N CYS H 224 -6.02 45.56 -32.43
CA CYS H 224 -5.36 46.10 -33.62
C CYS H 224 -3.86 46.17 -33.40
N TYR H 225 -3.12 46.24 -34.51
CA TYR H 225 -1.69 46.47 -34.50
C TYR H 225 -1.39 47.94 -34.73
N TYR H 226 -0.14 48.33 -34.46
CA TYR H 226 0.27 49.70 -34.68
C TYR H 226 1.78 49.75 -34.88
N ARG H 227 2.24 50.78 -35.59
CA ARG H 227 3.66 51.00 -35.82
C ARG H 227 3.94 52.50 -35.72
N THR H 228 5.18 52.83 -35.37
CA THR H 228 5.61 54.20 -35.17
C THR H 228 6.45 54.65 -36.36
N ARG H 229 6.15 55.84 -36.88
CA ARG H 229 6.86 56.41 -38.02
C ARG H 229 7.77 57.53 -37.56
N LYS H 230 9.05 57.45 -37.95
CA LYS H 230 10.02 58.50 -37.68
C LYS H 230 10.61 58.97 -38.99
N ARG H 231 10.41 60.26 -39.30
CA ARG H 231 10.88 60.86 -40.55
C ARG H 231 10.35 60.11 -41.77
N GLY H 232 9.11 59.62 -41.69
CA GLY H 232 8.51 58.89 -42.78
C GLY H 232 8.87 57.42 -42.85
N HIS H 233 9.72 56.93 -41.94
CA HIS H 233 10.11 55.53 -41.94
C HIS H 233 9.20 54.76 -40.99
N PRO H 234 8.39 53.84 -41.49
CA PRO H 234 7.51 53.07 -40.60
C PRO H 234 8.32 52.12 -39.71
N GLY H 235 7.83 51.94 -38.48
CA GLY H 235 8.46 51.02 -37.56
C GLY H 235 7.86 49.63 -37.62
N GLU H 236 8.36 48.76 -36.74
CA GLU H 236 7.83 47.41 -36.65
C GLU H 236 6.44 47.41 -36.05
N TRP H 237 5.59 46.51 -36.53
CA TRP H 237 4.24 46.40 -35.99
C TRP H 237 4.31 45.95 -34.54
N GLN H 238 3.60 46.67 -33.66
CA GLN H 238 3.66 46.44 -32.23
C GLN H 238 2.28 46.10 -31.70
N GLY H 239 2.24 45.64 -30.46
CA GLY H 239 1.00 45.27 -29.82
C GLY H 239 0.75 43.78 -29.84
N PRO H 240 -0.51 43.37 -30.03
CA PRO H 240 -1.67 44.26 -30.22
C PRO H 240 -2.16 44.88 -28.93
N THR H 241 -2.79 46.05 -29.05
CA THR H 241 -3.36 46.76 -27.91
C THR H 241 -4.84 47.05 -28.18
N GLN H 242 -5.53 47.49 -27.14
CA GLN H 242 -6.93 47.85 -27.28
C GLN H 242 -7.09 49.11 -28.11
N VAL H 243 -8.12 49.11 -28.97
CA VAL H 243 -8.52 50.31 -29.68
C VAL H 243 -9.41 51.12 -28.74
N LEU H 244 -8.88 52.25 -28.26
CA LEU H 244 -9.62 53.04 -27.28
C LEU H 244 -10.90 53.61 -27.87
N TRP H 245 -10.84 54.09 -29.12
CA TRP H 245 -12.02 54.57 -29.81
C TRP H 245 -11.75 54.68 -31.31
N GLY H 246 -12.63 54.10 -32.12
CA GLY H 246 -12.42 54.11 -33.57
C GLY H 246 -12.85 55.42 -34.19
N GLY H 247 -12.06 55.91 -35.14
CA GLY H 247 -12.36 57.16 -35.81
C GLY H 247 -12.23 57.06 -37.32
N ASP H 248 -12.06 58.20 -37.98
CA ASP H 248 -11.90 58.27 -39.42
C ASP H 248 -10.45 58.62 -39.78
N GLY H 249 -9.77 57.68 -40.44
CA GLY H 249 -8.39 57.85 -40.81
C GLY H 249 -7.39 57.56 -39.71
N ALA H 250 -7.83 57.49 -38.46
CA ALA H 250 -6.93 57.25 -37.34
C ALA H 250 -7.74 56.72 -36.16
N ILE H 251 -7.03 56.06 -35.23
CA ILE H 251 -7.62 55.54 -34.02
C ILE H 251 -6.74 55.91 -32.84
N VAL H 252 -7.26 55.68 -31.64
CA VAL H 252 -6.60 56.06 -30.40
C VAL H 252 -6.16 54.79 -29.67
N VAL H 253 -4.89 54.72 -29.32
CA VAL H 253 -4.30 53.59 -28.62
C VAL H 253 -3.40 54.10 -27.51
N LYS H 254 -2.77 53.17 -26.80
CA LYS H 254 -1.84 53.49 -25.72
C LYS H 254 -0.52 52.77 -25.95
N ASP H 255 0.58 53.49 -25.80
CA ASP H 255 1.90 52.88 -25.90
C ASP H 255 2.14 51.96 -24.71
N ARG H 256 2.65 50.76 -24.99
CA ARG H 256 2.89 49.79 -23.92
C ARG H 256 4.10 50.18 -23.08
N GLY H 257 5.06 50.88 -23.67
CA GLY H 257 6.28 51.23 -22.95
C GLY H 257 6.15 52.48 -22.11
N THR H 258 5.74 53.59 -22.74
CA THR H 258 5.64 54.87 -22.04
C THR H 258 4.29 55.08 -21.37
N ASP H 259 3.32 54.19 -21.60
CA ASP H 259 2.00 54.25 -20.96
C ASP H 259 1.34 55.62 -21.20
N ARG H 260 1.32 56.03 -22.46
CA ARG H 260 0.79 57.32 -22.84
C ARG H 260 -0.15 57.15 -24.03
N TYR H 261 -1.28 57.85 -23.99
CA TYR H 261 -2.28 57.72 -25.04
C TYR H 261 -1.73 58.20 -26.37
N LEU H 262 -1.88 57.36 -27.40
CA LEU H 262 -1.31 57.66 -28.71
C LEU H 262 -2.37 57.50 -29.79
N VAL H 263 -2.34 58.41 -30.75
CA VAL H 263 -3.21 58.36 -31.92
C VAL H 263 -2.36 57.93 -33.11
N ILE H 264 -2.88 57.00 -33.91
CA ILE H 264 -2.16 56.43 -35.04
C ILE H 264 -3.09 56.36 -36.23
N ALA H 265 -2.56 56.65 -37.41
CA ALA H 265 -3.36 56.64 -38.63
C ALA H 265 -3.81 55.24 -38.98
N ASN H 266 -4.97 55.14 -39.65
CA ASN H 266 -5.52 53.84 -40.02
C ASN H 266 -4.62 53.10 -40.99
N LYS H 267 -3.84 53.83 -41.79
CA LYS H 267 -2.88 53.17 -42.68
C LYS H 267 -1.82 52.42 -41.89
N ASP H 268 -1.53 52.86 -40.67
CA ASP H 268 -0.63 52.16 -39.77
C ASP H 268 -1.38 51.29 -38.77
N VAL H 269 -2.59 50.85 -39.12
CA VAL H 269 -3.42 50.04 -38.25
C VAL H 269 -3.77 48.74 -38.97
N LYS H 270 -3.50 47.62 -38.31
CA LYS H 270 -3.89 46.30 -38.80
C LYS H 270 -5.03 45.80 -37.92
N PHE H 271 -6.26 46.00 -38.36
CA PHE H 271 -7.41 45.57 -37.58
C PHE H 271 -7.47 44.05 -37.52
N ILE H 272 -7.61 43.51 -36.32
CA ILE H 272 -7.67 42.08 -36.09
C ILE H 272 -9.12 41.63 -36.19
N PRO H 273 -9.45 40.67 -37.06
CA PRO H 273 -10.83 40.20 -37.15
C PRO H 273 -11.28 39.56 -35.85
N PRO H 274 -12.55 39.70 -35.49
CA PRO H 274 -13.07 39.06 -34.28
C PRO H 274 -13.28 37.57 -34.51
N PRO H 275 -13.52 36.79 -33.46
CA PRO H 275 -13.82 35.37 -33.65
C PRO H 275 -15.05 35.18 -34.51
N LYS H 276 -15.01 34.15 -35.36
CA LYS H 276 -16.10 33.86 -36.26
C LYS H 276 -16.99 32.74 -35.72
N ILE I 2 34.23 -10.26 -14.06
CA ILE I 2 34.13 -11.35 -13.08
C ILE I 2 35.47 -11.51 -12.38
N GLU I 3 36.54 -11.03 -13.02
CA GLU I 3 37.86 -11.08 -12.43
C GLU I 3 38.08 -9.97 -11.40
N ASN I 4 37.23 -8.95 -11.40
CA ASN I 4 37.35 -7.84 -10.46
C ASN I 4 36.65 -8.12 -9.14
N ILE I 5 36.12 -9.34 -8.96
CA ILE I 5 35.40 -9.67 -7.72
C ILE I 5 36.26 -9.51 -6.49
N PRO I 6 37.54 -9.93 -6.47
CA PRO I 6 38.37 -9.65 -5.27
C PRO I 6 38.47 -8.18 -4.94
N LEU I 7 38.63 -7.32 -5.96
CA LEU I 7 38.70 -5.89 -5.70
C LEU I 7 37.38 -5.36 -5.19
N ALA I 8 36.27 -5.88 -5.72
CA ALA I 8 34.96 -5.49 -5.21
C ALA I 8 34.78 -5.88 -3.76
N GLU I 9 35.24 -7.08 -3.39
CA GLU I 9 35.17 -7.50 -2.00
C GLU I 9 36.03 -6.62 -1.11
N GLU I 10 37.22 -6.24 -1.59
CA GLU I 10 38.07 -5.33 -0.82
C GLU I 10 37.40 -3.98 -0.61
N GLU I 11 36.77 -3.45 -1.67
CA GLU I 11 36.06 -2.18 -1.55
C GLU I 11 34.89 -2.30 -0.58
N HIS I 12 34.18 -3.44 -0.61
CA HIS I 12 33.09 -3.66 0.32
C HIS I 12 33.60 -3.68 1.77
N ASN I 13 34.72 -4.38 2.00
CA ASN I 13 35.30 -4.40 3.33
C ASN I 13 35.72 -3.00 3.78
N LYS I 14 36.24 -2.21 2.86
CA LYS I 14 36.71 -0.86 3.21
C LYS I 14 35.55 0.09 3.50
N TRP I 15 34.51 0.06 2.67
CA TRP I 15 33.54 1.14 2.63
C TRP I 15 32.11 0.70 2.93
N HIS I 16 31.73 -0.52 2.55
CA HIS I 16 30.45 -1.13 2.94
C HIS I 16 29.24 -0.39 2.39
N GLN I 17 29.16 -0.31 1.06
CA GLN I 17 27.96 0.17 0.37
C GLN I 17 27.10 -1.01 -0.06
N ASP I 18 25.84 -0.70 -0.40
CA ASP I 18 24.90 -1.75 -0.75
C ASP I 18 25.30 -2.40 -2.08
N ALA I 19 24.77 -3.61 -2.29
CA ALA I 19 25.13 -4.41 -3.45
C ALA I 19 24.66 -3.82 -4.77
N VAL I 20 23.59 -3.02 -4.77
CA VAL I 20 23.04 -2.50 -6.01
C VAL I 20 24.03 -1.56 -6.68
N SER I 21 24.64 -0.67 -5.89
CA SER I 21 25.61 0.26 -6.46
C SER I 21 26.83 -0.47 -7.02
N LEU I 22 27.32 -1.48 -6.28
CA LEU I 22 28.46 -2.24 -6.75
C LEU I 22 28.15 -2.96 -8.06
N HIS I 23 26.95 -3.56 -8.14
CA HIS I 23 26.53 -4.23 -9.37
C HIS I 23 26.43 -3.27 -10.53
N LEU I 24 25.86 -2.08 -10.29
CA LEU I 24 25.74 -1.11 -11.37
C LEU I 24 27.09 -0.53 -11.75
N GLU I 25 28.07 -0.59 -10.85
CA GLU I 25 29.38 0.01 -11.14
C GLU I 25 30.28 -0.97 -11.88
N PHE I 26 30.59 -2.11 -11.28
CA PHE I 26 31.58 -3.03 -11.85
C PHE I 26 30.96 -4.07 -12.76
N GLY I 27 29.65 -4.03 -12.99
CA GLY I 27 29.03 -4.97 -13.92
C GLY I 27 29.11 -6.42 -13.48
N ILE I 28 28.96 -6.67 -12.19
CA ILE I 28 28.95 -8.04 -11.67
C ILE I 28 27.51 -8.41 -11.37
N PRO I 29 27.09 -9.65 -11.60
CA PRO I 29 25.71 -10.04 -11.25
C PRO I 29 25.38 -9.72 -9.80
N ARG I 30 24.19 -9.16 -9.60
CA ARG I 30 23.82 -8.69 -8.27
C ARG I 30 23.68 -9.81 -7.26
N THR I 31 23.48 -11.06 -7.71
CA THR I 31 23.45 -12.18 -6.79
C THR I 31 24.79 -12.35 -6.09
N ALA I 32 25.88 -12.22 -6.86
CA ALA I 32 27.21 -12.33 -6.26
C ALA I 32 27.46 -11.22 -5.25
N ALA I 33 27.04 -9.99 -5.57
CA ALA I 33 27.24 -8.88 -4.65
C ALA I 33 26.41 -9.06 -3.38
N GLU I 34 25.16 -9.53 -3.53
CA GLU I 34 24.33 -9.79 -2.36
C GLU I 34 24.92 -10.89 -1.50
N ASP I 35 25.49 -11.93 -2.13
CA ASP I 35 26.18 -12.96 -1.35
C ASP I 35 27.42 -12.40 -0.65
N ILE I 36 28.10 -11.45 -1.30
CA ILE I 36 29.24 -10.79 -0.65
C ILE I 36 28.77 -10.04 0.60
N VAL I 37 27.65 -9.33 0.49
CA VAL I 37 27.11 -8.62 1.64
C VAL I 37 26.70 -9.62 2.73
N GLN I 38 26.13 -10.75 2.33
CA GLN I 38 25.74 -11.77 3.30
C GLN I 38 26.95 -12.31 4.04
N GLN I 39 28.04 -12.58 3.32
CA GLN I 39 29.24 -13.17 3.92
C GLN I 39 30.14 -12.15 4.60
N CYS I 40 29.87 -10.86 4.44
CA CYS I 40 30.65 -9.85 5.14
C CYS I 40 30.25 -9.81 6.62
N ASP I 41 30.83 -8.87 7.36
CA ASP I 41 30.62 -8.78 8.79
C ASP I 41 29.89 -7.51 9.22
N VAL I 42 30.35 -6.35 8.77
CA VAL I 42 29.78 -5.09 9.26
C VAL I 42 28.35 -4.92 8.77
N CYS I 43 28.12 -5.16 7.48
CA CYS I 43 26.77 -5.05 6.93
C CYS I 43 25.85 -6.11 7.55
N GLN I 44 26.39 -7.30 7.79
CA GLN I 44 25.62 -8.33 8.48
C GLN I 44 25.22 -7.88 9.88
N GLU I 45 26.12 -7.23 10.60
CA GLU I 45 25.83 -6.73 11.93
C GLU I 45 24.89 -5.53 11.93
N ASN I 46 24.81 -4.79 10.84
CA ASN I 46 23.99 -3.58 10.83
C ASN I 46 22.77 -3.63 9.92
N LYS I 47 22.43 -4.78 9.35
CA LYS I 47 21.22 -4.88 8.55
C LYS I 47 20.00 -5.10 9.45
N MET I 48 18.82 -4.69 8.93
CA MET I 48 17.56 -4.71 9.67
C MET I 48 16.61 -5.78 9.14
N PRO I 49 15.94 -6.52 10.05
CA PRO I 49 15.01 -7.62 9.67
C PRO I 49 13.56 -7.21 9.44
N SER I 50 13.27 -6.67 8.26
CA SER I 50 11.91 -6.24 7.93
C SER I 50 11.09 -7.46 7.53
N THR I 51 10.24 -7.94 8.43
CA THR I 51 9.37 -9.08 8.17
C THR I 51 7.94 -8.72 8.53
N LEU I 52 6.99 -9.46 7.95
CA LEU I 52 5.57 -9.14 8.02
C LEU I 52 4.86 -9.86 9.15
N ARG I 53 5.17 -11.13 9.37
CA ARG I 53 4.58 -11.95 10.44
C ARG I 53 3.07 -12.04 10.22
N GLY I 54 2.30 -12.11 11.30
CA GLY I 54 0.87 -12.25 11.18
C GLY I 54 0.18 -12.14 12.52
N SER I 55 -1.05 -12.65 12.57
CA SER I 55 -1.83 -12.69 13.79
C SER I 55 -2.53 -14.04 13.91
N ASN I 56 -2.78 -14.45 15.15
CA ASN I 56 -3.36 -15.77 15.42
C ASN I 56 -4.87 -15.67 15.46
N LYS I 57 -5.47 -15.51 14.27
CA LYS I 57 -6.92 -15.52 14.17
C LYS I 57 -7.49 -16.87 14.60
N ARG I 58 -6.81 -17.94 14.23
CA ARG I 58 -7.14 -19.32 14.65
C ARG I 58 -8.57 -19.62 14.20
N GLY I 59 -9.31 -20.46 14.92
CA GLY I 59 -10.67 -20.81 14.57
C GLY I 59 -11.68 -20.32 15.58
N ILE I 60 -12.83 -21.00 15.58
CA ILE I 60 -13.91 -20.63 16.49
C ILE I 60 -13.50 -20.93 17.93
N ASP I 61 -13.92 -20.05 18.83
CA ASP I 61 -13.73 -20.23 20.28
C ASP I 61 -12.27 -20.24 20.69
N HIS I 62 -11.43 -19.45 20.03
CA HIS I 62 -10.03 -19.27 20.39
C HIS I 62 -9.81 -17.79 20.67
N TRP I 63 -9.82 -17.41 21.95
CA TRP I 63 -9.84 -16.01 22.33
C TRP I 63 -8.55 -15.62 23.05
N GLN I 64 -8.32 -14.31 23.16
CA GLN I 64 -7.27 -13.76 24.01
C GLN I 64 -7.81 -12.53 24.73
N VAL I 65 -7.18 -12.19 25.85
CA VAL I 65 -7.62 -11.10 26.71
C VAL I 65 -6.42 -10.32 27.23
N ASP I 66 -6.71 -9.11 27.70
CA ASP I 66 -5.72 -8.27 28.36
C ASP I 66 -6.45 -7.30 29.27
N TYR I 67 -5.70 -6.68 30.18
CA TYR I 67 -6.31 -5.77 31.14
C TYR I 67 -6.45 -4.37 30.54
N THR I 68 -7.23 -3.54 31.23
CA THR I 68 -7.53 -2.18 30.82
C THR I 68 -7.15 -1.21 31.92
N HIS I 69 -6.43 -0.16 31.55
CA HIS I 69 -6.04 0.91 32.47
C HIS I 69 -6.78 2.17 32.02
N TYR I 70 -8.00 2.34 32.50
CA TYR I 70 -8.81 3.51 32.17
C TYR I 70 -9.24 4.19 33.46
N GLU I 71 -8.94 5.48 33.57
CA GLU I 71 -9.32 6.30 34.73
C GLU I 71 -8.85 5.69 36.04
N ASP I 72 -7.67 5.06 36.02
CA ASP I 72 -7.12 4.36 37.18
C ASP I 72 -8.09 3.32 37.71
N LYS I 73 -8.78 2.64 36.80
CA LYS I 73 -9.70 1.56 37.13
C LYS I 73 -9.35 0.33 36.31
N ILE I 74 -9.27 -0.82 36.99
CA ILE I 74 -8.91 -2.07 36.32
C ILE I 74 -10.17 -2.66 35.68
N ILE I 75 -10.10 -2.94 34.38
CA ILE I 75 -11.21 -3.50 33.63
C ILE I 75 -10.70 -4.68 32.82
N LEU I 76 -11.49 -5.75 32.75
CA LEU I 76 -11.19 -6.91 31.93
C LEU I 76 -12.05 -6.86 30.67
N VAL I 77 -11.40 -7.00 29.51
CA VAL I 77 -12.09 -6.99 28.22
C VAL I 77 -11.76 -8.30 27.52
N TRP I 78 -12.79 -9.00 27.07
CA TRP I 78 -12.63 -10.31 26.46
C TRP I 78 -13.03 -10.22 24.99
N VAL I 79 -12.17 -10.72 24.11
CA VAL I 79 -12.28 -10.46 22.68
C VAL I 79 -12.26 -11.77 21.91
N GLU I 80 -13.18 -11.89 20.94
CA GLU I 80 -13.17 -12.99 19.99
C GLU I 80 -12.36 -12.60 18.76
N THR I 81 -11.81 -13.62 18.09
CA THR I 81 -10.95 -13.38 16.93
C THR I 81 -11.65 -13.69 15.61
N ASN I 82 -12.37 -14.81 15.54
CA ASN I 82 -13.00 -15.21 14.28
C ASN I 82 -14.24 -14.38 13.99
N SER I 83 -15.24 -14.46 14.86
CA SER I 83 -16.49 -13.73 14.63
C SER I 83 -16.32 -12.23 14.89
N GLY I 84 -15.67 -11.87 15.99
CA GLY I 84 -15.49 -10.48 16.35
C GLY I 84 -16.27 -10.00 17.55
N LEU I 85 -16.94 -10.90 18.28
CA LEU I 85 -17.66 -10.52 19.48
C LEU I 85 -16.70 -10.08 20.57
N ILE I 86 -17.18 -9.23 21.48
CA ILE I 86 -16.42 -8.83 22.66
C ILE I 86 -17.35 -8.84 23.87
N TYR I 87 -16.72 -8.72 25.04
CA TYR I 87 -17.40 -8.72 26.33
C TYR I 87 -16.43 -8.17 27.37
N ALA I 88 -16.96 -7.42 28.33
CA ALA I 88 -16.10 -6.75 29.30
C ALA I 88 -16.83 -6.61 30.64
N GLU I 89 -16.03 -6.40 31.68
CA GLU I 89 -16.53 -6.21 33.04
C GLU I 89 -15.41 -5.64 33.90
N ARG I 90 -15.77 -4.75 34.83
CA ARG I 90 -14.79 -4.14 35.69
C ARG I 90 -14.55 -4.97 36.94
N VAL I 91 -13.29 -5.01 37.40
CA VAL I 91 -12.89 -5.77 38.57
C VAL I 91 -11.97 -4.88 39.40
N LYS I 92 -12.03 -5.06 40.73
CA LYS I 92 -11.25 -4.20 41.63
C LYS I 92 -9.76 -4.32 41.37
N GLY I 93 -9.26 -5.54 41.17
CA GLY I 93 -7.83 -5.73 41.00
C GLY I 93 -7.55 -6.88 40.04
N GLU I 94 -6.25 -7.04 39.73
CA GLU I 94 -5.79 -8.08 38.83
C GLU I 94 -5.27 -9.31 39.58
N THR I 95 -5.89 -9.62 40.72
CA THR I 95 -5.45 -10.75 41.52
C THR I 95 -5.86 -12.07 40.86
N GLY I 96 -5.11 -13.13 41.20
CA GLY I 96 -5.35 -14.43 40.60
C GLY I 96 -6.73 -14.97 40.91
N GLN I 97 -7.17 -14.84 42.15
CA GLN I 97 -8.48 -15.37 42.54
C GLN I 97 -9.61 -14.65 41.83
N GLU I 98 -9.51 -13.31 41.74
CA GLU I 98 -10.53 -12.55 41.02
C GLU I 98 -10.54 -12.91 39.54
N PHE I 99 -9.36 -13.08 38.95
CA PHE I 99 -9.31 -13.50 37.54
C PHE I 99 -9.94 -14.88 37.37
N ARG I 100 -9.71 -15.78 38.33
CA ARG I 100 -10.31 -17.11 38.26
C ARG I 100 -11.84 -17.03 38.33
N VAL I 101 -12.36 -16.18 39.21
CA VAL I 101 -13.81 -16.01 39.32
C VAL I 101 -14.37 -15.47 38.02
N GLN I 102 -13.72 -14.47 37.43
CA GLN I 102 -14.19 -13.92 36.17
C GLN I 102 -14.15 -14.97 35.06
N THR I 103 -13.08 -15.77 35.01
CA THR I 103 -13.01 -16.82 33.99
C THR I 103 -14.09 -17.85 34.19
N MET I 104 -14.41 -18.19 35.43
CA MET I 104 -15.46 -19.18 35.68
C MET I 104 -16.82 -18.65 35.25
N LYS I 105 -17.10 -17.37 35.53
CA LYS I 105 -18.33 -16.77 35.02
C LYS I 105 -18.34 -16.77 33.50
N TRP I 106 -17.20 -16.47 32.88
CA TRP I 106 -17.09 -16.46 31.43
C TRP I 106 -17.41 -17.83 30.84
N TYR I 107 -16.83 -18.88 31.41
CA TYR I 107 -17.06 -20.23 30.92
C TYR I 107 -18.46 -20.72 31.23
N ALA I 108 -19.10 -20.16 32.26
CA ALA I 108 -20.53 -20.43 32.45
C ALA I 108 -21.35 -19.77 31.35
N MET I 109 -20.98 -18.56 30.94
CA MET I 109 -21.77 -17.85 29.96
C MET I 109 -21.60 -18.43 28.56
N PHE I 110 -20.39 -18.78 28.16
CA PHE I 110 -20.12 -19.23 26.79
C PHE I 110 -19.48 -20.61 26.87
N ALA I 111 -19.10 -21.14 25.71
CA ALA I 111 -18.46 -22.46 25.59
C ALA I 111 -17.19 -22.34 24.77
N PRO I 112 -16.13 -21.80 25.37
CA PRO I 112 -14.87 -21.61 24.62
C PRO I 112 -14.11 -22.91 24.45
N LYS I 113 -12.98 -22.80 23.75
CA LYS I 113 -12.09 -23.95 23.56
C LYS I 113 -10.63 -23.65 23.92
N SER I 114 -10.12 -22.46 23.62
CA SER I 114 -8.73 -22.15 23.90
C SER I 114 -8.61 -20.66 24.20
N LEU I 115 -7.55 -20.30 24.92
CA LEU I 115 -7.36 -18.93 25.37
C LEU I 115 -5.89 -18.55 25.26
N GLN I 116 -5.64 -17.33 24.76
CA GLN I 116 -4.31 -16.77 24.62
C GLN I 116 -4.16 -15.60 25.59
N SER I 117 -2.93 -15.34 26.01
CA SER I 117 -2.68 -14.27 26.97
C SER I 117 -1.19 -13.93 26.98
N ASP I 118 -0.86 -12.80 27.59
CA ASP I 118 0.51 -12.37 27.75
C ASP I 118 1.07 -12.88 29.08
N ASN I 119 2.22 -12.33 29.49
CA ASN I 119 2.94 -12.79 30.67
C ASN I 119 2.40 -12.19 31.97
N GLY I 120 1.17 -11.69 31.98
CA GLY I 120 0.56 -11.18 33.18
C GLY I 120 0.51 -12.22 34.28
N PRO I 121 0.80 -11.80 35.52
CA PRO I 121 0.88 -12.77 36.62
C PRO I 121 -0.39 -13.59 36.80
N ALA I 122 -1.55 -12.96 36.66
CA ALA I 122 -2.81 -13.70 36.80
C ALA I 122 -2.95 -14.76 35.71
N PHE I 123 -2.56 -14.42 34.48
CA PHE I 123 -2.67 -15.38 33.39
C PHE I 123 -1.67 -16.52 33.56
N VAL I 124 -0.48 -16.23 34.10
CA VAL I 124 0.59 -17.22 34.21
C VAL I 124 0.45 -18.05 35.49
N ALA I 125 -0.40 -17.65 36.43
CA ALA I 125 -0.50 -18.35 37.71
C ALA I 125 -0.77 -19.83 37.52
N GLU I 126 -0.09 -20.64 38.34
CA GLU I 126 -0.18 -22.10 38.21
C GLU I 126 -1.59 -22.60 38.55
N SER I 127 -2.25 -21.97 39.52
CA SER I 127 -3.61 -22.36 39.83
C SER I 127 -4.56 -22.02 38.69
N THR I 128 -4.36 -20.88 38.03
CA THR I 128 -5.14 -20.55 36.85
C THR I 128 -4.89 -21.56 35.74
N GLN I 129 -3.64 -21.97 35.56
CA GLN I 129 -3.34 -22.97 34.54
C GLN I 129 -4.00 -24.31 34.86
N LEU I 130 -4.00 -24.70 36.13
CA LEU I 130 -4.66 -25.94 36.53
C LEU I 130 -6.16 -25.84 36.31
N LEU I 131 -6.76 -24.70 36.66
CA LEU I 131 -8.19 -24.51 36.44
C LEU I 131 -8.52 -24.58 34.95
N MET I 132 -7.69 -23.96 34.11
CA MET I 132 -7.90 -24.02 32.67
C MET I 132 -7.79 -25.46 32.19
N LYS I 133 -6.81 -26.20 32.71
CA LYS I 133 -6.75 -27.64 32.47
C LYS I 133 -7.94 -28.36 33.10
N TYR I 134 -8.40 -27.90 34.27
CA TYR I 134 -9.54 -28.53 34.92
C TYR I 134 -10.79 -28.49 34.06
N LEU I 135 -10.93 -27.45 33.23
CA LEU I 135 -12.05 -27.33 32.31
C LEU I 135 -11.69 -27.75 30.89
N GLY I 136 -10.52 -28.36 30.70
CA GLY I 136 -10.13 -28.85 29.39
C GLY I 136 -9.95 -27.78 28.33
N ILE I 137 -9.27 -26.70 28.67
CA ILE I 137 -9.06 -25.58 27.75
C ILE I 137 -7.55 -25.34 27.62
N GLU I 138 -7.08 -25.25 26.38
CA GLU I 138 -5.66 -25.03 26.12
C GLU I 138 -5.31 -23.58 26.42
N HIS I 139 -4.30 -23.38 27.26
CA HIS I 139 -3.80 -22.05 27.60
C HIS I 139 -2.35 -21.93 27.14
N THR I 140 -2.10 -20.99 26.24
CA THR I 140 -0.76 -20.72 25.74
C THR I 140 -0.40 -19.28 26.09
N THR I 141 0.85 -19.07 26.51
CA THR I 141 1.33 -17.73 26.87
C THR I 141 2.13 -17.16 25.70
N GLY I 142 1.78 -15.95 25.29
CA GLY I 142 2.52 -15.30 24.22
C GLY I 142 3.92 -14.90 24.66
N ILE I 143 4.76 -14.60 23.67
CA ILE I 143 6.12 -14.17 24.00
C ILE I 143 6.08 -12.84 24.71
N PRO I 144 6.93 -12.61 25.72
CA PRO I 144 6.83 -11.38 26.52
C PRO I 144 7.22 -10.14 25.72
N TRP I 145 6.61 -9.01 26.10
CA TRP I 145 6.93 -7.70 25.52
C TRP I 145 6.68 -7.66 24.01
N ASN I 146 5.60 -8.32 23.57
CA ASN I 146 5.17 -8.26 22.18
C ASN I 146 3.66 -8.02 22.15
N PRO I 147 3.24 -6.77 22.28
CA PRO I 147 1.79 -6.48 22.25
C PRO I 147 1.13 -6.83 20.93
N GLN I 148 1.90 -6.97 19.85
CA GLN I 148 1.30 -7.31 18.56
C GLN I 148 0.63 -8.68 18.58
N SER I 149 1.02 -9.56 19.51
CA SER I 149 0.31 -10.82 19.65
C SER I 149 -1.13 -10.59 20.07
N GLN I 150 -1.35 -9.68 21.01
CA GLN I 150 -2.67 -9.31 21.49
C GLN I 150 -3.16 -8.02 20.86
N ALA I 151 -2.66 -7.70 19.66
CA ALA I 151 -3.10 -6.51 18.95
C ALA I 151 -4.61 -6.47 18.78
N LEU I 152 -5.27 -7.64 18.70
CA LEU I 152 -6.73 -7.65 18.60
C LEU I 152 -7.35 -7.03 19.85
N VAL I 153 -6.94 -7.48 21.03
CA VAL I 153 -7.52 -6.92 22.24
C VAL I 153 -7.10 -5.48 22.41
N GLU I 154 -5.92 -5.11 21.89
CA GLU I 154 -5.52 -3.71 21.96
C GLU I 154 -6.41 -2.82 21.09
N ARG I 155 -6.74 -3.27 19.88
CA ARG I 155 -7.63 -2.51 19.02
C ARG I 155 -9.02 -2.39 19.64
N THR I 156 -9.53 -3.50 20.19
CA THR I 156 -10.83 -3.45 20.86
C THR I 156 -10.78 -2.52 22.07
N HIS I 157 -9.66 -2.53 22.77
CA HIS I 157 -9.44 -1.62 23.89
C HIS I 157 -9.56 -0.17 23.46
N GLN I 158 -8.90 0.17 22.35
CA GLN I 158 -8.98 1.54 21.83
C GLN I 158 -10.42 1.91 21.46
N THR I 159 -11.11 1.01 20.75
CA THR I 159 -12.48 1.30 20.34
C THR I 159 -13.40 1.43 21.54
N LEU I 160 -13.22 0.58 22.55
CA LEU I 160 -14.07 0.63 23.74
C LEU I 160 -13.80 1.89 24.55
N LYS I 161 -12.55 2.32 24.63
CA LYS I 161 -12.27 3.57 25.31
C LYS I 161 -12.90 4.74 24.59
N ASN I 162 -12.86 4.73 23.25
CA ASN I 162 -13.52 5.79 22.49
C ASN I 162 -15.02 5.80 22.75
N THR I 163 -15.64 4.62 22.77
CA THR I 163 -17.09 4.56 22.99
C THR I 163 -17.45 4.97 24.41
N LEU I 164 -16.60 4.64 25.39
CA LEU I 164 -16.82 5.15 26.74
C LEU I 164 -16.74 6.68 26.77
N GLU I 165 -15.76 7.25 26.08
CA GLU I 165 -15.67 8.70 26.00
C GLU I 165 -16.94 9.30 25.40
N LYS I 166 -17.51 8.61 24.41
CA LYS I 166 -18.71 9.10 23.74
C LYS I 166 -20.00 8.86 24.52
N LEU I 167 -20.01 7.92 25.47
CA LEU I 167 -21.26 7.49 26.09
C LEU I 167 -21.33 7.69 27.60
N ILE I 168 -20.23 8.00 28.29
CA ILE I 168 -20.24 8.03 29.75
C ILE I 168 -21.25 9.01 30.35
N PRO I 169 -21.44 10.23 29.84
CA PRO I 169 -22.30 11.18 30.58
C PRO I 169 -23.78 10.85 30.50
N MET I 170 -24.19 9.86 29.71
CA MET I 170 -25.59 9.56 29.50
C MET I 170 -26.16 8.60 30.53
N PHE I 171 -25.34 8.03 31.40
CA PHE I 171 -25.79 7.03 32.37
C PHE I 171 -25.24 7.35 33.75
N ASN I 172 -25.92 6.82 34.76
CA ASN I 172 -25.51 7.07 36.15
C ASN I 172 -24.29 6.25 36.52
N ALA I 173 -24.22 5.00 36.09
CA ALA I 173 -23.21 4.06 36.55
C ALA I 173 -22.19 3.77 35.46
N PHE I 174 -20.92 3.76 35.86
CA PHE I 174 -19.85 3.42 34.92
C PHE I 174 -20.02 2.01 34.38
N GLU I 175 -20.51 1.09 35.23
CA GLU I 175 -20.79 -0.26 34.78
C GLU I 175 -21.91 -0.27 33.74
N SER I 176 -22.95 0.55 33.95
CA SER I 176 -24.01 0.65 32.96
C SER I 176 -23.49 1.20 31.64
N ALA I 177 -22.62 2.20 31.71
CA ALA I 177 -22.02 2.73 30.49
C ALA I 177 -21.18 1.67 29.79
N LEU I 178 -20.43 0.87 30.56
CA LEU I 178 -19.65 -0.20 29.96
C LEU I 178 -20.55 -1.22 29.27
N ALA I 179 -21.68 -1.55 29.90
CA ALA I 179 -22.64 -2.45 29.26
C ALA I 179 -23.19 -1.85 27.98
N GLY I 180 -23.48 -0.55 28.00
CA GLY I 180 -23.94 0.11 26.78
C GLY I 180 -22.91 0.06 25.66
N THR I 181 -21.64 0.26 26.02
CA THR I 181 -20.58 0.15 25.01
C THR I 181 -20.46 -1.28 24.49
N LEU I 182 -20.66 -2.27 25.37
CA LEU I 182 -20.69 -3.65 24.92
C LEU I 182 -21.82 -3.87 23.92
N ILE I 183 -22.99 -3.30 24.18
CA ILE I 183 -24.09 -3.38 23.22
C ILE I 183 -23.70 -2.72 21.91
N THR I 184 -23.08 -1.54 21.99
CA THR I 184 -22.67 -0.82 20.80
C THR I 184 -21.74 -1.65 19.92
N LEU I 185 -20.74 -2.28 20.55
CA LEU I 185 -19.72 -2.98 19.79
C LEU I 185 -20.07 -4.45 19.53
N ASN I 186 -21.17 -4.95 20.08
CA ASN I 186 -21.56 -6.34 19.86
C ASN I 186 -22.80 -6.49 18.97
N ILE I 187 -23.74 -5.55 19.03
CA ILE I 187 -24.97 -5.63 18.27
C ILE I 187 -25.07 -4.50 17.24
N LYS I 188 -24.65 -3.29 17.61
CA LYS I 188 -24.81 -2.16 16.70
C LYS I 188 -23.67 -2.06 15.69
N ARG I 189 -22.45 -2.38 16.10
CA ARG I 189 -21.29 -2.28 15.20
C ARG I 189 -21.41 -3.36 14.14
N LYS I 190 -21.88 -2.97 12.96
CA LYS I 190 -22.07 -3.91 11.86
C LYS I 190 -21.49 -3.33 10.58
N GLY I 191 -20.94 -4.21 9.74
CA GLY I 191 -20.36 -3.78 8.49
C GLY I 191 -20.55 -4.85 7.43
N GLY I 192 -20.22 -4.49 6.19
CA GLY I 192 -20.38 -5.41 5.09
C GLY I 192 -21.84 -5.75 4.85
N LEU I 193 -22.22 -6.98 5.18
CA LEU I 193 -23.60 -7.42 5.03
C LEU I 193 -24.50 -6.93 6.16
N GLY I 194 -24.01 -6.05 7.02
CA GLY I 194 -24.82 -5.55 8.12
C GLY I 194 -25.22 -6.61 9.12
N THR I 195 -24.29 -7.48 9.49
CA THR I 195 -24.55 -8.58 10.40
C THR I 195 -23.71 -8.40 11.65
N SER I 196 -24.34 -8.60 12.81
CA SER I 196 -23.66 -8.36 14.08
C SER I 196 -22.65 -9.47 14.37
N PRO I 197 -21.58 -9.13 15.10
CA PRO I 197 -20.67 -10.18 15.58
C PRO I 197 -21.37 -11.22 16.43
N MET I 198 -22.40 -10.82 17.17
CA MET I 198 -23.19 -11.80 17.92
C MET I 198 -23.88 -12.78 16.99
N ASP I 199 -24.42 -12.28 15.88
CA ASP I 199 -25.03 -13.17 14.90
C ASP I 199 -24.00 -14.10 14.29
N ILE I 200 -22.81 -13.58 14.00
CA ILE I 200 -21.74 -14.43 13.47
C ILE I 200 -21.40 -15.54 14.46
N PHE I 201 -21.29 -15.19 15.74
CA PHE I 201 -20.98 -16.18 16.77
C PHE I 201 -22.07 -17.24 16.87
N ILE I 202 -23.33 -16.81 16.82
CA ILE I 202 -24.45 -17.76 16.91
C ILE I 202 -24.43 -18.71 15.72
N PHE I 203 -24.22 -18.18 14.51
CA PHE I 203 -24.17 -19.03 13.33
C PHE I 203 -22.98 -19.99 13.41
N ASN I 204 -21.86 -19.52 13.95
CA ASN I 204 -20.71 -20.41 14.13
C ASN I 204 -21.03 -21.54 15.08
N LYS I 205 -21.73 -21.26 16.18
CA LYS I 205 -22.12 -22.33 17.09
C LYS I 205 -23.06 -23.32 16.41
N GLU I 206 -24.01 -22.81 15.63
CA GLU I 206 -24.94 -23.69 14.92
C GLU I 206 -24.21 -24.60 13.96
N GLN I 207 -23.24 -24.06 13.22
CA GLN I 207 -22.46 -24.90 12.31
C GLN I 207 -21.57 -25.88 13.08
N GLN I 208 -20.97 -25.44 14.18
CA GLN I 208 -20.07 -26.27 14.95
C GLN I 208 -20.78 -27.38 15.72
N ARG I 209 -22.10 -27.30 15.85
CA ARG I 209 -22.88 -28.41 16.39
C ARG I 209 -22.40 -29.74 15.83
N ILE I 210 -21.98 -30.64 16.72
CA ILE I 210 -21.19 -31.81 16.32
C ILE I 210 -22.04 -32.97 15.84
N GLN I 211 -23.35 -32.94 16.03
CA GLN I 211 -24.19 -34.06 15.61
C GLN I 211 -24.13 -34.26 14.10
N GLN I 212 -24.24 -33.18 13.34
CA GLN I 212 -24.17 -33.27 11.88
C GLN I 212 -22.79 -33.75 11.42
N GLN I 213 -21.73 -33.23 12.05
CA GLN I 213 -20.38 -33.64 11.69
C GLN I 213 -20.17 -35.13 11.95
N SER I 214 -20.68 -35.62 13.08
CA SER I 214 -20.55 -37.04 13.39
C SER I 214 -21.37 -37.89 12.43
N LYS I 215 -22.57 -37.45 12.08
CA LYS I 215 -23.43 -38.26 11.23
C LYS I 215 -23.10 -38.15 9.75
N SER I 216 -22.23 -37.22 9.37
CA SER I 216 -21.80 -37.12 7.96
C SER I 216 -20.92 -38.29 7.54
N LYS I 217 -20.49 -39.14 8.47
CA LYS I 217 -19.58 -40.24 8.14
C LYS I 217 -20.20 -41.25 7.18
N GLN I 218 -21.52 -41.28 7.05
CA GLN I 218 -22.18 -42.27 6.20
C GLN I 218 -21.97 -42.00 4.71
N GLU I 219 -21.39 -40.86 4.34
CA GLU I 219 -21.15 -40.57 2.94
C GLU I 219 -20.13 -41.55 2.36
N LYS I 220 -20.29 -41.82 1.05
CA LYS I 220 -19.41 -42.77 0.38
C LYS I 220 -17.96 -42.27 0.38
N ILE I 221 -17.03 -43.20 0.58
CA ILE I 221 -15.61 -42.90 0.62
C ILE I 221 -14.91 -43.70 -0.47
N ARG I 222 -14.10 -43.01 -1.27
CA ARG I 222 -13.35 -43.62 -2.35
C ARG I 222 -11.86 -43.38 -2.14
N PHE I 223 -11.05 -44.26 -2.71
CA PHE I 223 -9.60 -44.19 -2.59
C PHE I 223 -8.98 -43.77 -3.93
N CYS I 224 -7.73 -43.31 -3.87
CA CYS I 224 -7.04 -42.84 -5.06
C CYS I 224 -5.56 -42.69 -4.75
N TYR I 225 -4.77 -42.48 -5.80
CA TYR I 225 -3.37 -42.14 -5.68
C TYR I 225 -3.15 -40.65 -5.92
N TYR I 226 -1.90 -40.21 -5.85
CA TYR I 226 -1.58 -38.82 -6.12
C TYR I 226 -0.11 -38.71 -6.52
N ARG I 227 0.23 -37.57 -7.13
CA ARG I 227 1.59 -37.32 -7.58
C ARG I 227 1.83 -35.82 -7.56
N THR I 228 3.12 -35.45 -7.56
CA THR I 228 3.53 -34.05 -7.51
C THR I 228 4.12 -33.64 -8.85
N ARG I 229 3.81 -32.42 -9.26
CA ARG I 229 4.22 -31.88 -10.56
C ARG I 229 5.37 -30.90 -10.38
N LYS I 230 6.45 -31.12 -11.12
CA LYS I 230 7.59 -30.20 -11.14
C LYS I 230 7.97 -29.94 -12.60
N ARG I 231 7.89 -28.68 -13.01
CA ARG I 231 8.14 -28.26 -14.39
C ARG I 231 7.24 -28.98 -15.38
N GLY I 232 6.05 -29.41 -14.93
CA GLY I 232 5.18 -30.22 -15.76
C GLY I 232 5.52 -31.69 -15.80
N HIS I 233 6.57 -32.12 -15.08
CA HIS I 233 6.97 -33.51 -15.05
C HIS I 233 6.54 -34.13 -13.74
N PRO I 234 5.60 -35.06 -13.73
CA PRO I 234 5.13 -35.66 -12.47
C PRO I 234 6.03 -36.80 -12.02
N GLY I 235 5.84 -37.19 -10.76
CA GLY I 235 6.54 -38.31 -10.18
C GLY I 235 5.73 -39.59 -10.24
N GLU I 236 6.04 -40.50 -9.33
CA GLU I 236 5.32 -41.76 -9.25
C GLU I 236 4.01 -41.59 -8.50
N TRP I 237 3.10 -42.53 -8.72
CA TRP I 237 1.83 -42.54 -8.01
C TRP I 237 2.07 -43.04 -6.58
N GLN I 238 2.27 -42.11 -5.65
CA GLN I 238 2.78 -42.42 -4.33
C GLN I 238 1.62 -42.54 -3.33
N GLY I 239 1.37 -43.77 -2.86
CA GLY I 239 0.52 -43.99 -1.73
C GLY I 239 -0.96 -43.98 -2.03
N PRO I 240 -1.69 -44.95 -1.48
CA PRO I 240 -3.15 -44.92 -1.55
C PRO I 240 -3.76 -44.07 -0.44
N THR I 241 -4.65 -43.14 -0.81
CA THR I 241 -5.30 -42.28 0.16
C THR I 241 -6.77 -42.12 -0.22
N GLN I 242 -7.60 -41.85 0.79
CA GLN I 242 -9.03 -41.69 0.59
C GLN I 242 -9.31 -40.37 -0.13
N VAL I 243 -10.38 -40.36 -0.92
CA VAL I 243 -10.87 -39.13 -1.55
C VAL I 243 -11.69 -38.40 -0.49
N LEU I 244 -11.07 -37.42 0.16
CA LEU I 244 -11.77 -36.67 1.20
C LEU I 244 -12.96 -35.91 0.63
N TRP I 245 -12.79 -35.29 -0.53
CA TRP I 245 -13.89 -34.67 -1.24
C TRP I 245 -13.55 -34.60 -2.72
N GLY I 246 -14.59 -34.63 -3.55
CA GLY I 246 -14.41 -34.52 -4.98
C GLY I 246 -15.00 -33.25 -5.55
N GLY I 247 -14.15 -32.41 -6.15
CA GLY I 247 -14.57 -31.18 -6.76
C GLY I 247 -14.44 -31.21 -8.28
N ASP I 248 -14.77 -30.06 -8.88
CA ASP I 248 -14.71 -29.91 -10.33
C ASP I 248 -13.27 -29.58 -10.72
N GLY I 249 -12.57 -30.56 -11.28
CA GLY I 249 -11.19 -30.39 -11.71
C GLY I 249 -10.14 -30.72 -10.69
N ALA I 250 -10.54 -30.99 -9.44
CA ALA I 250 -9.58 -31.33 -8.40
C ALA I 250 -10.31 -32.08 -7.29
N ILE I 251 -9.52 -32.72 -6.42
CA ILE I 251 -10.03 -33.42 -5.25
C ILE I 251 -9.21 -32.98 -4.04
N VAL I 252 -9.53 -33.58 -2.89
CA VAL I 252 -8.82 -33.30 -1.65
C VAL I 252 -8.27 -34.62 -1.11
N VAL I 253 -6.97 -34.63 -0.80
CA VAL I 253 -6.29 -35.80 -0.28
C VAL I 253 -5.36 -35.37 0.86
N LYS I 254 -4.98 -36.35 1.67
CA LYS I 254 -4.02 -36.12 2.75
C LYS I 254 -2.78 -36.97 2.51
N ASP I 255 -1.62 -36.36 2.70
CA ASP I 255 -0.34 -37.04 2.55
C ASP I 255 0.19 -37.41 3.93
N ARG I 256 0.36 -38.71 4.17
CA ARG I 256 0.88 -39.16 5.46
C ARG I 256 2.33 -38.74 5.66
N GLY I 257 3.06 -38.52 4.58
CA GLY I 257 4.43 -38.02 4.71
C GLY I 257 4.50 -36.62 5.27
N THR I 258 3.60 -35.73 4.80
CA THR I 258 3.58 -34.36 5.27
C THR I 258 2.60 -34.15 6.43
N ASP I 259 1.67 -35.08 6.64
CA ASP I 259 0.67 -34.99 7.71
C ASP I 259 -0.08 -33.67 7.62
N ARG I 260 -0.55 -33.35 6.41
CA ARG I 260 -1.34 -32.15 6.19
C ARG I 260 -2.18 -32.34 4.93
N TYR I 261 -3.14 -31.45 4.75
CA TYR I 261 -4.10 -31.59 3.66
C TYR I 261 -3.53 -30.98 2.38
N LEU I 262 -3.92 -31.54 1.25
CA LEU I 262 -3.31 -31.16 -0.02
C LEU I 262 -4.29 -31.42 -1.15
N VAL I 263 -4.18 -30.62 -2.21
CA VAL I 263 -5.10 -30.65 -3.34
C VAL I 263 -4.35 -31.06 -4.60
N ILE I 264 -4.96 -31.95 -5.38
CA ILE I 264 -4.41 -32.42 -6.64
C ILE I 264 -5.48 -32.28 -7.72
N ALA I 265 -5.08 -31.75 -8.87
CA ALA I 265 -6.01 -31.61 -10.00
C ALA I 265 -6.48 -32.98 -10.46
N ASN I 266 -7.71 -33.01 -10.99
CA ASN I 266 -8.32 -34.26 -11.41
C ASN I 266 -7.56 -34.95 -12.55
N LYS I 267 -6.75 -34.20 -13.30
CA LYS I 267 -5.97 -34.82 -14.37
C LYS I 267 -4.95 -35.81 -13.81
N ASP I 268 -4.33 -35.49 -12.68
CA ASP I 268 -3.37 -36.36 -12.03
C ASP I 268 -4.01 -37.32 -11.03
N VAL I 269 -5.29 -37.62 -11.19
CA VAL I 269 -6.04 -38.48 -10.27
C VAL I 269 -6.70 -39.59 -11.06
N LYS I 270 -6.57 -40.82 -10.56
CA LYS I 270 -7.28 -41.97 -11.10
C LYS I 270 -8.23 -42.50 -10.03
N PHE I 271 -9.47 -42.76 -10.42
CA PHE I 271 -10.49 -43.19 -9.48
C PHE I 271 -10.43 -44.70 -9.27
N ILE I 272 -10.47 -45.11 -8.00
CA ILE I 272 -10.47 -46.52 -7.63
C ILE I 272 -11.93 -46.98 -7.56
N PRO I 273 -12.31 -48.03 -8.28
CA PRO I 273 -13.71 -48.47 -8.24
C PRO I 273 -14.08 -48.96 -6.85
N PRO I 274 -15.32 -48.76 -6.43
CA PRO I 274 -15.75 -49.25 -5.11
C PRO I 274 -16.00 -50.74 -5.13
N PRO I 275 -16.05 -51.38 -3.97
CA PRO I 275 -16.38 -52.82 -3.94
C PRO I 275 -17.77 -53.08 -4.52
N LYS I 276 -17.89 -54.21 -5.21
CA LYS I 276 -19.14 -54.57 -5.87
C LYS I 276 -19.46 -56.05 -5.65
N GLU J 3 -43.32 -20.18 0.18
CA GLU J 3 -43.52 -20.15 1.62
C GLU J 3 -44.49 -21.24 2.07
N ASN J 4 -44.09 -21.99 3.08
CA ASN J 4 -44.93 -23.02 3.68
C ASN J 4 -45.74 -22.51 4.86
N ILE J 5 -45.65 -21.21 5.16
CA ILE J 5 -46.37 -20.66 6.32
C ILE J 5 -47.88 -20.76 6.15
N PRO J 6 -48.49 -20.38 5.02
CA PRO J 6 -49.94 -20.58 4.87
C PRO J 6 -50.35 -22.04 4.93
N LEU J 7 -49.52 -22.96 4.44
CA LEU J 7 -49.82 -24.38 4.60
C LEU J 7 -49.81 -24.79 6.06
N ALA J 8 -48.84 -24.27 6.82
CA ALA J 8 -48.81 -24.54 8.26
C ALA J 8 -50.03 -23.98 8.95
N GLU J 9 -50.49 -22.80 8.52
CA GLU J 9 -51.65 -22.18 9.14
C GLU J 9 -52.94 -22.94 8.79
N GLU J 10 -53.02 -23.49 7.58
CA GLU J 10 -54.13 -24.38 7.24
C GLU J 10 -54.10 -25.64 8.09
N GLU J 11 -52.91 -26.23 8.26
CA GLU J 11 -52.79 -27.43 9.10
C GLU J 11 -53.17 -27.12 10.54
N HIS J 12 -52.86 -25.92 11.03
CA HIS J 12 -53.29 -25.51 12.35
C HIS J 12 -54.79 -25.33 12.41
N ASN J 13 -55.39 -24.75 11.37
CA ASN J 13 -56.84 -24.64 11.34
C ASN J 13 -57.50 -26.02 11.33
N LYS J 14 -56.79 -27.03 10.84
CA LYS J 14 -57.32 -28.39 10.80
C LYS J 14 -57.16 -29.11 12.14
N TRP J 15 -55.95 -29.10 12.70
CA TRP J 15 -55.63 -29.93 13.85
C TRP J 15 -55.59 -29.18 15.18
N HIS J 16 -55.23 -27.91 15.18
CA HIS J 16 -55.10 -27.08 16.37
C HIS J 16 -54.02 -27.62 17.30
N GLN J 17 -52.80 -27.68 16.76
CA GLN J 17 -51.61 -28.05 17.53
C GLN J 17 -50.97 -26.77 18.07
N ASP J 18 -50.08 -26.92 19.05
CA ASP J 18 -49.43 -25.76 19.67
C ASP J 18 -48.35 -25.18 18.75
N ALA J 19 -48.01 -23.92 19.02
CA ALA J 19 -47.03 -23.22 18.19
C ALA J 19 -45.68 -23.92 18.23
N VAL J 20 -45.36 -24.55 19.37
CA VAL J 20 -44.08 -25.24 19.50
C VAL J 20 -43.94 -26.31 18.44
N SER J 21 -44.82 -27.31 18.45
CA SER J 21 -44.78 -28.37 17.46
C SER J 21 -45.00 -27.81 16.06
N LEU J 22 -45.80 -26.74 15.95
CA LEU J 22 -46.04 -26.14 14.64
C LEU J 22 -44.74 -25.72 13.98
N HIS J 23 -43.93 -24.90 14.66
CA HIS J 23 -42.73 -24.40 14.01
C HIS J 23 -41.64 -25.46 14.00
N LEU J 24 -41.67 -26.39 14.97
CA LEU J 24 -40.70 -27.47 14.95
C LEU J 24 -40.89 -28.37 13.74
N GLU J 25 -42.13 -28.61 13.33
CA GLU J 25 -42.39 -29.63 12.33
C GLU J 25 -42.70 -29.04 10.95
N PHE J 26 -42.95 -27.72 10.87
CA PHE J 26 -43.09 -27.02 9.59
C PHE J 26 -42.08 -25.89 9.36
N GLY J 27 -41.13 -25.65 10.25
CA GLY J 27 -40.10 -24.65 10.02
C GLY J 27 -40.63 -23.25 9.75
N ILE J 28 -41.62 -22.83 10.54
CA ILE J 28 -42.29 -21.55 10.34
C ILE J 28 -41.84 -20.59 11.43
N PRO J 29 -42.03 -19.28 11.27
CA PRO J 29 -41.56 -18.33 12.31
C PRO J 29 -42.24 -18.58 13.64
N ARG J 30 -41.46 -18.42 14.72
CA ARG J 30 -42.04 -18.51 16.05
C ARG J 30 -43.05 -17.39 16.28
N THR J 31 -42.74 -16.18 15.82
CA THR J 31 -43.68 -15.07 15.95
C THR J 31 -44.94 -15.32 15.14
N ALA J 32 -44.79 -15.87 13.93
CA ALA J 32 -45.96 -16.20 13.12
C ALA J 32 -46.80 -17.27 13.81
N ALA J 33 -46.15 -18.27 14.40
CA ALA J 33 -46.89 -19.31 15.11
C ALA J 33 -47.62 -18.74 16.32
N GLU J 34 -46.99 -17.82 17.04
CA GLU J 34 -47.66 -17.14 18.15
C GLU J 34 -48.87 -16.35 17.65
N ASP J 35 -48.72 -15.65 16.53
CA ASP J 35 -49.83 -14.90 15.97
C ASP J 35 -50.99 -15.82 15.57
N ILE J 36 -50.65 -16.99 15.00
CA ILE J 36 -51.70 -17.93 14.59
C ILE J 36 -52.39 -18.52 15.80
N VAL J 37 -51.63 -18.81 16.86
CA VAL J 37 -52.25 -19.28 18.10
C VAL J 37 -53.18 -18.22 18.67
N GLN J 38 -52.75 -16.95 18.63
CA GLN J 38 -53.58 -15.87 19.13
C GLN J 38 -54.87 -15.73 18.33
N GLN J 39 -54.77 -15.79 17.00
CA GLN J 39 -55.96 -15.60 16.16
C GLN J 39 -56.87 -16.82 16.14
N CYS J 40 -56.34 -18.01 16.44
CA CYS J 40 -57.15 -19.23 16.45
C CYS J 40 -57.90 -19.30 17.78
N ASP J 41 -59.24 -19.22 17.70
CA ASP J 41 -60.06 -19.22 18.90
C ASP J 41 -60.12 -20.59 19.58
N VAL J 42 -59.79 -21.65 18.86
CA VAL J 42 -59.82 -23.00 19.46
C VAL J 42 -58.76 -23.12 20.55
N CYS J 43 -57.55 -22.68 20.26
CA CYS J 43 -56.46 -22.76 21.25
C CYS J 43 -56.59 -21.70 22.34
N GLN J 44 -57.34 -20.64 22.11
CA GLN J 44 -57.51 -19.58 23.10
C GLN J 44 -58.60 -19.95 24.10
N ILE J 60 -42.48 -15.69 22.68
CA ILE J 60 -41.06 -15.88 22.39
C ILE J 60 -40.25 -14.84 23.13
N ASP J 61 -39.10 -15.26 23.67
CA ASP J 61 -38.27 -14.41 24.52
C ASP J 61 -39.08 -13.86 25.69
N HIS J 62 -39.93 -14.71 26.25
CA HIS J 62 -40.76 -14.37 27.39
C HIS J 62 -40.07 -14.85 28.65
N TRP J 63 -39.83 -13.94 29.59
CA TRP J 63 -39.04 -14.23 30.78
C TRP J 63 -39.84 -13.92 32.03
N GLN J 64 -39.41 -14.54 33.14
CA GLN J 64 -39.99 -14.30 34.45
C GLN J 64 -38.85 -14.11 35.44
N VAL J 65 -39.06 -13.22 36.41
CA VAL J 65 -38.03 -12.88 37.39
C VAL J 65 -38.62 -13.02 38.79
N ASP J 66 -37.86 -13.66 39.68
CA ASP J 66 -38.30 -13.87 41.05
C ASP J 66 -37.10 -13.69 41.97
N TYR J 67 -37.39 -13.39 43.24
CA TYR J 67 -36.38 -13.21 44.27
C TYR J 67 -36.46 -14.33 45.29
N THR J 68 -35.29 -14.80 45.74
CA THR J 68 -35.23 -15.91 46.68
C THR J 68 -33.95 -15.80 47.50
N HIS J 69 -34.05 -16.26 48.75
CA HIS J 69 -32.94 -16.19 49.71
C HIS J 69 -32.36 -17.58 49.94
N TYR J 70 -31.07 -17.65 50.25
CA TYR J 70 -30.41 -18.92 50.50
C TYR J 70 -29.11 -18.61 51.25
N GLU J 71 -29.04 -19.01 52.53
CA GLU J 71 -28.11 -18.40 53.50
C GLU J 71 -28.22 -16.88 53.48
N ASP J 72 -29.47 -16.38 53.47
CA ASP J 72 -29.76 -14.97 53.60
C ASP J 72 -29.01 -14.13 52.56
N LYS J 73 -29.02 -14.62 51.33
CA LYS J 73 -28.42 -13.92 50.20
C LYS J 73 -29.47 -13.75 49.10
N ILE J 74 -29.53 -12.54 48.56
CA ILE J 74 -30.52 -12.19 47.55
C ILE J 74 -29.89 -12.40 46.18
N ILE J 75 -30.58 -13.16 45.32
CA ILE J 75 -30.08 -13.48 43.99
C ILE J 75 -31.20 -13.26 42.98
N LEU J 76 -30.86 -12.63 41.87
CA LEU J 76 -31.78 -12.54 40.75
C LEU J 76 -31.95 -13.90 40.10
N VAL J 77 -33.19 -14.23 39.73
CA VAL J 77 -33.50 -15.45 39.01
C VAL J 77 -34.20 -15.07 37.71
N TRP J 78 -33.62 -15.46 36.59
CA TRP J 78 -34.19 -15.19 35.26
C TRP J 78 -34.45 -16.52 34.58
N VAL J 79 -35.72 -16.80 34.28
CA VAL J 79 -36.12 -18.04 33.65
C VAL J 79 -36.96 -17.70 32.43
N GLU J 80 -36.60 -18.27 31.29
CA GLU J 80 -37.40 -18.09 30.08
C GLU J 80 -38.52 -19.11 30.07
N THR J 81 -39.71 -18.68 29.64
CA THR J 81 -40.92 -19.47 29.87
C THR J 81 -41.03 -20.67 28.94
N ASN J 82 -40.35 -20.68 27.80
CA ASN J 82 -40.58 -21.70 26.77
C ASN J 82 -39.37 -22.61 26.59
N SER J 83 -38.21 -22.06 26.27
CA SER J 83 -37.03 -22.89 26.03
C SER J 83 -36.52 -23.53 27.33
N GLY J 84 -36.56 -22.77 28.43
CA GLY J 84 -36.11 -23.27 29.71
C GLY J 84 -34.74 -22.81 30.15
N LEU J 85 -34.08 -21.95 29.38
CA LEU J 85 -32.79 -21.41 29.78
C LEU J 85 -32.96 -20.52 31.00
N ILE J 86 -31.99 -20.57 31.91
CA ILE J 86 -32.03 -19.81 33.15
C ILE J 86 -30.75 -19.01 33.32
N TYR J 87 -30.83 -17.98 34.15
CA TYR J 87 -29.70 -17.11 34.45
C TYR J 87 -29.84 -16.62 35.88
N ALA J 88 -28.70 -16.42 36.55
CA ALA J 88 -28.70 -15.96 37.92
C ALA J 88 -27.45 -15.13 38.18
N GLU J 89 -27.52 -14.31 39.22
CA GLU J 89 -26.39 -13.49 39.64
C GLU J 89 -26.64 -12.94 41.03
N ARG J 90 -25.62 -12.98 41.87
CA ARG J 90 -25.73 -12.45 43.22
C ARG J 90 -25.84 -10.93 43.19
N VAL J 91 -26.69 -10.39 44.06
CA VAL J 91 -26.90 -8.96 44.18
C VAL J 91 -26.84 -8.57 45.64
N LYS J 92 -26.42 -7.33 45.92
CA LYS J 92 -26.34 -6.87 47.30
C LYS J 92 -27.72 -6.66 47.90
N GLY J 93 -28.63 -6.05 47.14
CA GLY J 93 -29.94 -5.72 47.66
C GLY J 93 -31.00 -5.82 46.57
N GLU J 94 -32.25 -5.69 47.01
CA GLU J 94 -33.40 -5.81 46.14
C GLU J 94 -33.90 -4.48 45.61
N THR J 95 -33.19 -3.39 45.85
CA THR J 95 -33.71 -2.07 45.53
C THR J 95 -33.57 -1.75 44.03
N GLY J 96 -34.25 -0.66 43.65
CA GLY J 96 -34.49 -0.39 42.24
C GLY J 96 -33.23 -0.15 41.44
N GLN J 97 -32.26 0.57 42.01
CA GLN J 97 -31.06 0.89 41.24
C GLN J 97 -30.27 -0.35 40.89
N GLU J 98 -30.11 -1.25 41.86
CA GLU J 98 -29.46 -2.53 41.59
C GLU J 98 -30.27 -3.38 40.62
N PHE J 99 -31.61 -3.36 40.72
CA PHE J 99 -32.39 -4.07 39.71
C PHE J 99 -32.15 -3.49 38.32
N ARG J 100 -32.04 -2.16 38.23
CA ARG J 100 -31.79 -1.52 36.95
C ARG J 100 -30.45 -1.92 36.38
N VAL J 101 -29.41 -1.98 37.23
CA VAL J 101 -28.10 -2.40 36.76
C VAL J 101 -28.16 -3.85 36.26
N GLN J 102 -28.82 -4.72 37.03
CA GLN J 102 -28.92 -6.12 36.62
C GLN J 102 -29.68 -6.27 35.31
N THR J 103 -30.77 -5.53 35.14
CA THR J 103 -31.53 -5.66 33.89
C THR J 103 -30.78 -5.04 32.72
N MET J 104 -29.97 -4.00 32.97
CA MET J 104 -29.13 -3.47 31.91
C MET J 104 -28.11 -4.50 31.44
N LYS J 105 -27.46 -5.17 32.39
CA LYS J 105 -26.51 -6.22 32.03
C LYS J 105 -27.22 -7.38 31.31
N TRP J 106 -28.43 -7.72 31.77
CA TRP J 106 -29.17 -8.81 31.16
C TRP J 106 -29.56 -8.48 29.73
N TYR J 107 -29.99 -7.25 29.47
CA TYR J 107 -30.32 -6.85 28.12
C TYR J 107 -29.07 -6.69 27.26
N ALA J 108 -27.93 -6.40 27.88
CA ALA J 108 -26.68 -6.40 27.13
C ALA J 108 -26.32 -7.81 26.68
N MET J 109 -26.50 -8.79 27.55
CA MET J 109 -26.11 -10.16 27.22
C MET J 109 -27.11 -10.85 26.29
N PHE J 110 -28.39 -10.53 26.39
CA PHE J 110 -29.39 -11.20 25.57
C PHE J 110 -30.15 -10.22 24.70
N ALA J 111 -31.13 -10.69 23.94
CA ALA J 111 -32.00 -9.84 23.11
C ALA J 111 -33.45 -10.22 23.37
N PRO J 112 -33.99 -9.84 24.52
CA PRO J 112 -35.35 -10.25 24.87
C PRO J 112 -36.40 -9.47 24.08
N LYS J 113 -37.63 -9.95 24.18
CA LYS J 113 -38.78 -9.31 23.54
C LYS J 113 -39.94 -9.04 24.49
N SER J 114 -40.06 -9.78 25.57
CA SER J 114 -41.15 -9.57 26.53
C SER J 114 -40.70 -10.05 27.90
N LEU J 115 -41.41 -9.56 28.93
CA LEU J 115 -41.06 -9.89 30.30
C LEU J 115 -42.33 -9.94 31.15
N GLN J 116 -42.42 -10.98 31.98
CA GLN J 116 -43.54 -11.16 32.90
C GLN J 116 -43.02 -11.13 34.32
N SER J 117 -43.74 -10.44 35.20
CA SER J 117 -43.27 -10.26 36.57
C SER J 117 -44.47 -10.01 37.47
N ASP J 118 -44.24 -10.10 38.77
CA ASP J 118 -45.25 -9.85 39.78
C ASP J 118 -45.25 -8.36 40.14
N ASN J 119 -45.93 -8.01 41.23
CA ASN J 119 -46.14 -6.63 41.63
C ASN J 119 -45.12 -6.14 42.65
N GLY J 120 -43.89 -6.63 42.60
CA GLY J 120 -42.84 -6.17 43.48
C GLY J 120 -42.52 -4.71 43.27
N PRO J 121 -42.12 -4.02 44.34
CA PRO J 121 -41.80 -2.58 44.20
C PRO J 121 -40.70 -2.30 43.21
N ALA J 122 -39.66 -3.14 43.17
CA ALA J 122 -38.59 -2.94 42.21
C ALA J 122 -39.10 -3.09 40.79
N PHE J 123 -40.00 -4.05 40.57
CA PHE J 123 -40.53 -4.27 39.22
C PHE J 123 -41.46 -3.13 38.81
N VAL J 124 -42.22 -2.57 39.76
CA VAL J 124 -43.21 -1.56 39.44
C VAL J 124 -42.65 -0.14 39.57
N ALA J 125 -41.38 0.01 39.93
CA ALA J 125 -40.78 1.33 40.04
C ALA J 125 -40.92 2.11 38.73
N GLU J 126 -41.21 3.41 38.86
CA GLU J 126 -41.47 4.25 37.71
C GLU J 126 -40.25 4.36 36.82
N SER J 127 -39.06 4.53 37.40
CA SER J 127 -37.86 4.65 36.59
C SER J 127 -37.52 3.32 35.92
N THR J 128 -37.77 2.20 36.60
CA THR J 128 -37.54 0.90 35.99
C THR J 128 -38.44 0.70 34.78
N GLN J 129 -39.73 1.05 34.90
CA GLN J 129 -40.62 0.90 33.76
C GLN J 129 -40.29 1.91 32.67
N LEU J 130 -39.80 3.09 33.04
CA LEU J 130 -39.36 4.07 32.05
C LEU J 130 -38.18 3.54 31.25
N LEU J 131 -37.23 2.89 31.93
CA LEU J 131 -36.08 2.32 31.22
C LEU J 131 -36.49 1.11 30.39
N MET J 132 -37.49 0.35 30.85
CA MET J 132 -38.08 -0.67 29.99
C MET J 132 -38.61 -0.07 28.70
N LYS J 133 -39.37 1.02 28.82
CA LYS J 133 -39.91 1.67 27.63
C LYS J 133 -38.80 2.24 26.75
N TYR J 134 -37.73 2.74 27.38
CA TYR J 134 -36.59 3.24 26.63
C TYR J 134 -35.93 2.13 25.83
N LEU J 135 -35.80 0.94 26.43
CA LEU J 135 -35.32 -0.22 25.69
C LEU J 135 -36.37 -0.78 24.73
N GLY J 136 -37.61 -0.31 24.81
CA GLY J 136 -38.65 -0.72 23.89
C GLY J 136 -39.06 -2.18 24.01
N ILE J 137 -39.24 -2.64 25.24
CA ILE J 137 -39.64 -4.03 25.49
C ILE J 137 -40.92 -4.03 26.32
N GLU J 138 -41.78 -5.00 26.05
CA GLU J 138 -43.04 -5.14 26.77
C GLU J 138 -42.77 -5.57 28.21
N HIS J 139 -43.44 -4.91 29.15
CA HIS J 139 -43.34 -5.24 30.57
C HIS J 139 -44.74 -5.46 31.12
N THR J 140 -44.94 -6.57 31.83
CA THR J 140 -46.23 -6.92 32.40
C THR J 140 -46.05 -7.22 33.87
N THR J 141 -46.89 -6.64 34.72
CA THR J 141 -46.86 -6.88 36.15
C THR J 141 -48.23 -7.32 36.62
N GLY J 142 -48.24 -8.14 37.66
CA GLY J 142 -49.47 -8.66 38.21
C GLY J 142 -49.26 -10.04 38.78
N ILE J 143 -50.32 -10.58 39.36
CA ILE J 143 -50.25 -11.92 39.97
C ILE J 143 -50.06 -12.95 38.86
N PRO J 144 -49.04 -13.81 38.95
CA PRO J 144 -48.83 -14.82 37.90
C PRO J 144 -49.94 -15.86 37.93
N TRP J 145 -50.70 -15.94 36.83
CA TRP J 145 -51.83 -16.84 36.74
C TRP J 145 -51.56 -18.08 35.90
N ASN J 146 -50.40 -18.15 35.24
CA ASN J 146 -50.13 -19.24 34.31
C ASN J 146 -49.41 -20.38 35.05
N PRO J 147 -50.05 -21.53 35.23
CA PRO J 147 -49.34 -22.67 35.84
C PRO J 147 -48.14 -23.11 35.03
N GLN J 148 -48.20 -23.01 33.70
CA GLN J 148 -47.09 -23.46 32.86
C GLN J 148 -45.80 -22.73 33.22
N SER J 149 -45.87 -21.43 33.46
CA SER J 149 -44.70 -20.67 33.87
C SER J 149 -44.42 -20.79 35.36
N GLN J 150 -45.47 -20.77 36.19
CA GLN J 150 -45.26 -20.80 37.64
C GLN J 150 -44.59 -22.09 38.07
N ALA J 151 -45.11 -23.24 37.63
CA ALA J 151 -44.54 -24.52 38.02
C ALA J 151 -43.10 -24.65 37.55
N LEU J 152 -42.81 -24.17 36.33
CA LEU J 152 -41.42 -24.14 35.88
C LEU J 152 -40.56 -23.29 36.79
N VAL J 153 -41.10 -22.17 37.27
CA VAL J 153 -40.35 -21.31 38.18
C VAL J 153 -40.00 -22.05 39.46
N GLU J 154 -40.99 -22.72 40.06
CA GLU J 154 -40.69 -23.45 41.30
C GLU J 154 -39.75 -24.62 41.06
N ARG J 155 -39.89 -25.32 39.93
CA ARG J 155 -38.98 -26.41 39.63
C ARG J 155 -37.55 -25.90 39.47
N THR J 156 -37.38 -24.78 38.76
CA THR J 156 -36.05 -24.20 38.63
C THR J 156 -35.49 -23.80 39.99
N HIS J 157 -36.33 -23.21 40.84
CA HIS J 157 -35.86 -22.80 42.17
C HIS J 157 -35.39 -24.01 42.97
N GLN J 158 -36.22 -25.05 43.04
CA GLN J 158 -35.87 -26.23 43.83
C GLN J 158 -34.62 -26.91 43.29
N THR J 159 -34.55 -27.09 41.96
CA THR J 159 -33.39 -27.74 41.37
C THR J 159 -32.13 -26.91 41.58
N LEU J 160 -32.23 -25.59 41.45
CA LEU J 160 -31.06 -24.74 41.63
C LEU J 160 -30.58 -24.77 43.06
N LYS J 161 -31.49 -24.71 44.04
CA LYS J 161 -31.05 -24.74 45.42
C LYS J 161 -30.47 -26.10 45.79
N ASN J 162 -31.07 -27.19 45.27
CA ASN J 162 -30.52 -28.51 45.53
C ASN J 162 -29.14 -28.66 44.92
N THR J 163 -28.94 -28.18 43.68
CA THR J 163 -27.64 -28.29 43.04
C THR J 163 -26.61 -27.40 43.70
N LEU J 164 -27.03 -26.26 44.25
CA LEU J 164 -26.06 -25.40 44.90
C LEU J 164 -25.63 -25.97 46.25
N GLU J 165 -26.57 -26.56 47.01
CA GLU J 165 -26.19 -27.33 48.19
C GLU J 165 -25.32 -28.52 47.79
N LYS J 166 -25.56 -29.06 46.60
CA LYS J 166 -24.76 -30.15 46.05
C LYS J 166 -23.31 -29.73 45.85
N LEU J 167 -23.10 -28.55 45.27
CA LEU J 167 -21.80 -28.19 44.71
C LEU J 167 -21.02 -27.18 45.53
N ILE J 168 -21.63 -26.53 46.53
CA ILE J 168 -20.93 -25.44 47.23
C ILE J 168 -19.66 -25.88 47.95
N PRO J 169 -19.60 -27.03 48.65
CA PRO J 169 -18.38 -27.33 49.42
C PRO J 169 -17.14 -27.49 48.55
N MET J 170 -17.31 -27.88 47.29
CA MET J 170 -16.17 -28.11 46.41
C MET J 170 -15.53 -26.81 45.92
N PHE J 171 -16.27 -25.72 45.89
CA PHE J 171 -15.81 -24.47 45.29
C PHE J 171 -15.50 -23.44 46.37
N ASN J 172 -14.49 -22.62 46.10
CA ASN J 172 -14.05 -21.62 47.06
C ASN J 172 -15.02 -20.44 47.15
N ALA J 173 -15.56 -20.01 46.02
CA ALA J 173 -16.36 -18.78 45.95
C ALA J 173 -17.83 -19.10 45.75
N PHE J 174 -18.68 -18.34 46.45
CA PHE J 174 -20.12 -18.50 46.30
C PHE J 174 -20.56 -18.20 44.88
N GLU J 175 -20.00 -17.15 44.28
CA GLU J 175 -20.30 -16.84 42.89
C GLU J 175 -19.83 -17.95 41.97
N SER J 176 -18.69 -18.57 42.28
CA SER J 176 -18.22 -19.70 41.48
C SER J 176 -19.19 -20.87 41.58
N ALA J 177 -19.74 -21.11 42.77
CA ALA J 177 -20.73 -22.18 42.92
C ALA J 177 -21.98 -21.89 42.10
N LEU J 178 -22.45 -20.64 42.13
CA LEU J 178 -23.59 -20.28 41.28
C LEU J 178 -23.27 -20.46 39.81
N ALA J 179 -22.07 -20.09 39.38
CA ALA J 179 -21.69 -20.28 37.98
C ALA J 179 -21.67 -21.76 37.62
N GLY J 180 -21.17 -22.60 38.50
CA GLY J 180 -21.17 -24.03 38.24
C GLY J 180 -22.56 -24.61 38.14
N THR J 181 -23.46 -24.18 39.02
CA THR J 181 -24.84 -24.64 38.94
C THR J 181 -25.51 -24.16 37.65
N LEU J 182 -25.19 -22.93 37.21
CA LEU J 182 -25.69 -22.47 35.92
C LEU J 182 -25.17 -23.34 34.79
N ILE J 183 -23.90 -23.74 34.86
CA ILE J 183 -23.35 -24.64 33.85
C ILE J 183 -24.11 -25.96 33.85
N THR J 184 -24.36 -26.51 35.04
CA THR J 184 -25.05 -27.80 35.12
C THR J 184 -26.47 -27.70 34.56
N LEU J 185 -27.17 -26.61 34.86
CA LEU J 185 -28.57 -26.47 34.47
C LEU J 185 -28.77 -25.92 33.06
N ASN J 186 -27.71 -25.45 32.41
CA ASN J 186 -27.83 -24.90 31.06
C ASN J 186 -27.13 -25.72 30.00
N ILE J 187 -26.03 -26.42 30.34
CA ILE J 187 -25.25 -27.18 29.37
C ILE J 187 -25.29 -28.67 29.66
N LYS J 188 -24.89 -29.08 30.87
CA LYS J 188 -24.77 -30.51 31.17
C LYS J 188 -26.12 -31.20 31.16
N ARG J 189 -27.14 -30.58 31.75
CA ARG J 189 -28.46 -31.20 31.78
C ARG J 189 -29.03 -31.26 30.37
N LYS J 190 -29.61 -32.41 30.01
CA LYS J 190 -30.10 -32.63 28.66
C LYS J 190 -31.47 -33.28 28.71
N GLY J 191 -32.22 -33.11 27.62
CA GLY J 191 -33.54 -33.71 27.51
C GLY J 191 -33.85 -34.05 26.07
N GLY J 192 -34.84 -34.92 25.89
CA GLY J 192 -35.21 -35.36 24.57
C GLY J 192 -34.12 -36.13 23.86
N LEU J 193 -33.72 -35.66 22.68
CA LEU J 193 -32.65 -36.29 21.91
C LEU J 193 -31.28 -35.77 22.31
N GLY J 194 -31.13 -35.24 23.51
CA GLY J 194 -29.86 -34.69 23.94
C GLY J 194 -29.69 -33.22 23.61
N THR J 195 -30.74 -32.42 23.81
CA THR J 195 -30.72 -30.99 23.51
C THR J 195 -30.73 -30.22 24.81
N SER J 196 -29.70 -29.40 25.03
CA SER J 196 -29.61 -28.60 26.23
C SER J 196 -30.54 -27.40 26.15
N PRO J 197 -30.88 -26.80 27.30
CA PRO J 197 -31.58 -25.51 27.25
C PRO J 197 -30.79 -24.46 26.48
N MET J 198 -29.48 -24.47 26.61
CA MET J 198 -28.66 -23.55 25.81
C MET J 198 -28.79 -23.86 24.33
N ASP J 199 -28.80 -25.14 23.96
CA ASP J 199 -28.94 -25.51 22.56
C ASP J 199 -30.28 -25.06 21.99
N ILE J 200 -31.36 -25.30 22.72
CA ILE J 200 -32.68 -24.92 22.23
C ILE J 200 -32.79 -23.40 22.15
N PHE J 201 -32.24 -22.69 23.13
CA PHE J 201 -32.26 -21.23 23.07
C PHE J 201 -31.49 -20.72 21.87
N ILE J 202 -30.32 -21.30 21.59
CA ILE J 202 -29.53 -20.87 20.44
C ILE J 202 -30.30 -21.13 19.15
N PHE J 203 -30.91 -22.31 19.02
CA PHE J 203 -31.65 -22.63 17.81
C PHE J 203 -32.81 -21.67 17.59
N ASN J 204 -33.62 -21.45 18.63
CA ASN J 204 -34.76 -20.55 18.48
C ASN J 204 -34.31 -19.12 18.22
N LYS J 205 -33.23 -18.68 18.88
CA LYS J 205 -32.72 -17.33 18.64
C LYS J 205 -32.25 -17.17 17.20
N GLU J 206 -31.54 -18.17 16.68
CA GLU J 206 -31.05 -18.08 15.30
C GLU J 206 -32.23 -17.98 14.33
N GLN J 207 -33.19 -18.90 14.45
CA GLN J 207 -34.32 -18.87 13.53
C GLN J 207 -35.15 -17.59 13.68
N GLN J 208 -35.35 -17.14 14.91
CA GLN J 208 -36.13 -15.92 15.15
C GLN J 208 -35.43 -14.70 14.55
N ARG J 209 -34.11 -14.60 14.71
CA ARG J 209 -33.40 -13.46 14.13
C ARG J 209 -33.42 -13.51 12.61
N ILE J 210 -33.28 -14.70 12.03
CA ILE J 210 -33.36 -14.82 10.58
C ILE J 210 -34.72 -14.35 10.08
N GLN J 211 -35.79 -14.83 10.71
CA GLN J 211 -37.12 -14.45 10.26
C GLN J 211 -37.42 -12.97 10.55
N GLN J 212 -36.87 -12.42 11.62
CA GLN J 212 -37.02 -10.99 11.89
C GLN J 212 -36.36 -10.16 10.81
N GLN J 213 -35.10 -10.47 10.47
CA GLN J 213 -34.41 -9.72 9.43
C GLN J 213 -35.01 -9.98 8.05
N SER J 214 -35.77 -11.06 7.88
CA SER J 214 -36.40 -11.34 6.60
C SER J 214 -37.80 -10.73 6.47
N LYS J 215 -38.51 -10.53 7.57
CA LYS J 215 -39.93 -10.17 7.48
C LYS J 215 -40.31 -8.91 8.26
N SER J 216 -39.70 -8.67 9.42
CA SER J 216 -40.25 -7.70 10.36
C SER J 216 -40.02 -6.27 9.90
N LYS J 217 -38.76 -5.88 9.72
CA LYS J 217 -38.41 -4.48 9.51
C LYS J 217 -38.80 -3.95 8.13
N GLN J 218 -39.24 -4.80 7.21
CA GLN J 218 -39.50 -4.36 5.84
C GLN J 218 -40.75 -3.48 5.76
N GLU J 219 -41.92 -4.03 6.06
CA GLU J 219 -43.17 -3.30 5.95
C GLU J 219 -44.14 -3.80 7.00
N LYS J 220 -45.07 -2.94 7.39
CA LYS J 220 -46.05 -3.27 8.41
C LYS J 220 -47.42 -2.72 8.02
N ILE J 221 -48.46 -3.38 8.54
CA ILE J 221 -49.87 -2.98 8.47
C ILE J 221 -50.23 -2.36 7.12
N ARG J 222 -49.99 -3.11 6.04
CA ARG J 222 -50.28 -2.66 4.69
C ARG J 222 -51.38 -3.53 4.08
N PHE J 223 -52.32 -2.89 3.39
CA PHE J 223 -53.40 -3.59 2.72
C PHE J 223 -52.99 -3.90 1.27
N CYS J 224 -53.77 -4.79 0.63
CA CYS J 224 -53.46 -5.21 -0.73
C CYS J 224 -54.69 -5.85 -1.35
N TYR J 225 -54.60 -6.09 -2.65
CA TYR J 225 -55.57 -6.86 -3.41
C TYR J 225 -54.92 -8.15 -3.89
N TYR J 226 -55.69 -9.24 -3.89
CA TYR J 226 -55.15 -10.55 -4.24
C TYR J 226 -56.09 -11.26 -5.22
N ARG J 227 -55.51 -12.18 -5.98
CA ARG J 227 -56.27 -12.99 -6.92
C ARG J 227 -55.73 -14.41 -6.90
N THR J 228 -56.56 -15.36 -7.33
CA THR J 228 -56.22 -16.77 -7.36
C THR J 228 -56.19 -17.26 -8.80
N ARG J 229 -55.15 -17.99 -9.16
CA ARG J 229 -54.97 -18.49 -10.51
C ARG J 229 -55.59 -19.88 -10.64
N LYS J 230 -56.38 -20.08 -11.69
CA LYS J 230 -57.00 -21.37 -12.00
C LYS J 230 -56.35 -21.90 -13.26
N ARG J 231 -55.48 -22.90 -13.11
CA ARG J 231 -54.74 -23.49 -14.22
C ARG J 231 -53.97 -22.44 -15.01
N GLY J 232 -53.40 -21.47 -14.30
CA GLY J 232 -52.65 -20.40 -14.91
C GLY J 232 -53.47 -19.18 -15.29
N HIS J 233 -54.79 -19.28 -15.32
CA HIS J 233 -55.63 -18.14 -15.65
C HIS J 233 -55.79 -17.25 -14.42
N PRO J 234 -55.40 -15.98 -14.48
CA PRO J 234 -55.54 -15.11 -13.31
C PRO J 234 -57.00 -14.89 -12.95
N GLY J 235 -57.27 -14.78 -11.66
CA GLY J 235 -58.61 -14.56 -11.16
C GLY J 235 -58.91 -13.08 -10.94
N GLU J 236 -60.14 -12.82 -10.52
CA GLU J 236 -60.55 -11.46 -10.23
C GLU J 236 -59.88 -10.95 -8.96
N TRP J 237 -59.60 -9.66 -8.93
CA TRP J 237 -58.98 -9.04 -7.76
C TRP J 237 -59.96 -9.04 -6.60
N GLN J 238 -59.50 -9.51 -5.44
CA GLN J 238 -60.34 -9.64 -4.25
C GLN J 238 -59.74 -8.85 -3.11
N GLY J 239 -60.47 -8.80 -1.99
CA GLY J 239 -60.03 -8.08 -0.82
C GLY J 239 -60.95 -6.92 -0.48
N PRO J 240 -60.38 -5.84 0.08
CA PRO J 240 -58.95 -5.73 0.43
C PRO J 240 -58.60 -6.46 1.73
N THR J 241 -57.34 -6.85 1.86
CA THR J 241 -56.86 -7.56 3.05
C THR J 241 -55.46 -7.07 3.40
N GLN J 242 -55.10 -7.24 4.66
CA GLN J 242 -53.83 -6.75 5.16
C GLN J 242 -52.69 -7.70 4.83
N VAL J 243 -51.55 -7.13 4.48
CA VAL J 243 -50.32 -7.92 4.27
C VAL J 243 -49.72 -8.20 5.64
N LEU J 244 -49.73 -9.46 6.05
CA LEU J 244 -49.25 -9.84 7.37
C LEU J 244 -47.84 -10.42 7.36
N TRP J 245 -47.47 -11.18 6.33
CA TRP J 245 -46.13 -11.77 6.24
C TRP J 245 -45.66 -11.67 4.79
N GLY J 246 -44.92 -10.60 4.49
CA GLY J 246 -44.38 -10.41 3.15
C GLY J 246 -42.99 -10.99 2.98
N GLY J 247 -42.87 -12.03 2.16
CA GLY J 247 -41.62 -12.70 1.93
C GLY J 247 -40.99 -12.35 0.60
N ASP J 248 -40.13 -13.26 0.13
CA ASP J 248 -39.42 -13.07 -1.13
C ASP J 248 -40.30 -13.55 -2.27
N GLY J 249 -40.92 -12.61 -2.97
CA GLY J 249 -41.77 -12.94 -4.11
C GLY J 249 -43.17 -13.38 -3.77
N ALA J 250 -43.54 -13.40 -2.49
CA ALA J 250 -44.88 -13.81 -2.09
C ALA J 250 -45.20 -13.21 -0.74
N ILE J 251 -46.50 -13.15 -0.44
CA ILE J 251 -46.99 -12.62 0.84
C ILE J 251 -48.00 -13.60 1.40
N VAL J 252 -48.39 -13.36 2.65
CA VAL J 252 -49.38 -14.19 3.35
C VAL J 252 -50.59 -13.32 3.64
N VAL J 253 -51.74 -13.69 3.07
CA VAL J 253 -52.98 -12.97 3.27
C VAL J 253 -54.09 -13.98 3.54
N LYS J 254 -55.17 -13.50 4.14
CA LYS J 254 -56.28 -14.36 4.54
C LYS J 254 -57.47 -14.16 3.59
N ASP J 255 -58.05 -15.27 3.14
CA ASP J 255 -59.33 -15.24 2.45
C ASP J 255 -60.43 -15.25 3.49
N ARG J 256 -61.28 -14.23 3.46
CA ARG J 256 -62.26 -14.05 4.53
C ARG J 256 -63.28 -15.19 4.57
N GLY J 257 -63.68 -15.69 3.40
CA GLY J 257 -64.69 -16.73 3.37
C GLY J 257 -64.22 -18.04 3.98
N THR J 258 -63.01 -18.47 3.65
CA THR J 258 -62.48 -19.74 4.11
C THR J 258 -61.77 -19.65 5.47
N ASP J 259 -61.53 -18.44 5.98
CA ASP J 259 -60.80 -18.24 7.23
C ASP J 259 -59.44 -18.92 7.19
N ARG J 260 -58.79 -18.89 6.02
CA ARG J 260 -57.51 -19.53 5.82
C ARG J 260 -56.56 -18.58 5.10
N TYR J 261 -55.27 -18.80 5.30
CA TYR J 261 -54.23 -18.02 4.66
C TYR J 261 -53.71 -18.75 3.43
N LEU J 262 -53.33 -17.99 2.41
CA LEU J 262 -52.90 -18.53 1.13
C LEU J 262 -51.62 -17.88 0.67
N VAL J 263 -50.88 -18.60 -0.17
CA VAL J 263 -49.66 -18.07 -0.79
C VAL J 263 -50.06 -17.33 -2.05
N ILE J 264 -49.77 -16.03 -2.10
CA ILE J 264 -50.05 -15.20 -3.27
C ILE J 264 -48.76 -14.55 -3.71
N ALA J 265 -48.36 -14.80 -4.96
CA ALA J 265 -47.15 -14.21 -5.50
C ALA J 265 -47.31 -12.70 -5.66
N ASN J 266 -46.19 -11.99 -5.51
CA ASN J 266 -46.21 -10.53 -5.61
C ASN J 266 -46.69 -10.04 -6.98
N LYS J 267 -46.53 -10.85 -8.02
CA LYS J 267 -47.05 -10.47 -9.33
C LYS J 267 -48.57 -10.47 -9.36
N ASP J 268 -49.21 -11.18 -8.45
CA ASP J 268 -50.67 -11.23 -8.35
C ASP J 268 -51.19 -10.41 -7.17
N VAL J 269 -50.43 -9.40 -6.73
CA VAL J 269 -50.81 -8.57 -5.59
C VAL J 269 -50.76 -7.11 -6.01
N LYS J 270 -51.84 -6.38 -5.71
CA LYS J 270 -51.91 -4.94 -5.92
C LYS J 270 -51.68 -4.26 -4.57
N PHE J 271 -50.50 -3.65 -4.43
CA PHE J 271 -50.13 -3.01 -3.17
C PHE J 271 -50.98 -1.77 -2.96
N ILE J 272 -51.84 -1.80 -1.95
CA ILE J 272 -52.70 -0.68 -1.61
C ILE J 272 -51.92 0.26 -0.70
N PRO J 273 -51.72 1.54 -1.08
CA PRO J 273 -50.98 2.50 -0.26
C PRO J 273 -51.77 2.94 0.97
N TRP K 1 -17.42 -48.92 23.09
CA TRP K 1 -17.27 -47.64 23.78
C TRP K 1 -16.53 -47.84 25.09
N ILE K 2 -15.38 -48.52 25.00
CA ILE K 2 -14.60 -48.83 26.19
C ILE K 2 -13.95 -47.58 26.77
N GLU K 3 -13.39 -46.72 25.92
CA GLU K 3 -12.61 -45.58 26.42
C GLU K 3 -13.51 -44.49 26.98
N ASN K 4 -14.76 -44.41 26.53
CA ASN K 4 -15.63 -43.33 26.97
C ASN K 4 -16.12 -43.53 28.39
N ILE K 5 -16.18 -44.78 28.86
CA ILE K 5 -16.75 -45.06 30.17
C ILE K 5 -15.97 -44.44 31.33
N PRO K 6 -14.63 -44.56 31.39
CA PRO K 6 -13.92 -43.92 32.52
C PRO K 6 -14.05 -42.41 32.52
N LEU K 7 -13.98 -41.78 31.35
CA LEU K 7 -14.15 -40.33 31.31
C LEU K 7 -15.57 -39.95 31.69
N ALA K 8 -16.56 -40.78 31.33
CA ALA K 8 -17.94 -40.52 31.73
C ALA K 8 -18.11 -40.62 33.24
N GLU K 9 -17.50 -41.62 33.87
CA GLU K 9 -17.64 -41.73 35.32
C GLU K 9 -16.89 -40.62 36.04
N GLU K 10 -15.77 -40.15 35.47
CA GLU K 10 -15.10 -38.98 36.02
C GLU K 10 -15.98 -37.74 35.89
N GLU K 11 -16.64 -37.57 34.74
CA GLU K 11 -17.57 -36.46 34.54
C GLU K 11 -18.71 -36.53 35.55
N HIS K 12 -19.23 -37.73 35.81
CA HIS K 12 -20.28 -37.90 36.79
C HIS K 12 -19.79 -37.57 38.20
N ASN K 13 -18.60 -38.04 38.56
CA ASN K 13 -18.04 -37.70 39.87
C ASN K 13 -17.84 -36.20 40.03
N LYS K 14 -17.60 -35.49 38.92
CA LYS K 14 -17.45 -34.04 39.00
C LYS K 14 -18.80 -33.32 39.13
N TRP K 15 -19.76 -33.61 38.25
CA TRP K 15 -20.95 -32.79 38.11
C TRP K 15 -22.25 -33.48 38.47
N HIS K 16 -22.34 -34.80 38.34
CA HIS K 16 -23.51 -35.58 38.77
C HIS K 16 -24.76 -35.17 38.00
N GLN K 17 -24.75 -35.42 36.70
CA GLN K 17 -25.92 -35.25 35.86
C GLN K 17 -26.78 -36.51 35.94
N ASP K 18 -27.78 -36.61 35.07
CA ASP K 18 -28.64 -37.78 35.02
C ASP K 18 -28.00 -38.89 34.22
N ALA K 19 -28.41 -40.13 34.52
CA ALA K 19 -27.88 -41.29 33.80
C ALA K 19 -28.22 -41.20 32.32
N VAL K 20 -29.42 -40.74 31.99
CA VAL K 20 -29.80 -40.60 30.59
C VAL K 20 -28.90 -39.57 29.89
N SER K 21 -28.62 -38.45 30.55
CA SER K 21 -27.74 -37.46 29.95
C SER K 21 -26.34 -38.02 29.74
N LEU K 22 -25.84 -38.74 30.74
CA LEU K 22 -24.53 -39.39 30.61
C LEU K 22 -24.51 -40.31 29.40
N HIS K 23 -25.52 -41.18 29.29
CA HIS K 23 -25.54 -42.16 28.19
C HIS K 23 -25.63 -41.48 26.85
N LEU K 24 -26.52 -40.49 26.70
CA LEU K 24 -26.67 -39.84 25.41
C LEU K 24 -25.41 -39.08 25.02
N GLU K 25 -24.77 -38.39 25.96
CA GLU K 25 -23.64 -37.56 25.56
C GLU K 25 -22.40 -38.40 25.30
N PHE K 26 -22.17 -39.45 26.10
CA PHE K 26 -20.96 -40.23 25.95
C PHE K 26 -21.11 -41.42 25.01
N GLY K 27 -22.32 -41.76 24.59
CA GLY K 27 -22.50 -42.95 23.78
C GLY K 27 -22.24 -44.25 24.50
N ILE K 28 -22.08 -44.20 25.82
CA ILE K 28 -21.84 -45.39 26.63
C ILE K 28 -23.17 -46.11 26.82
N PRO K 29 -23.15 -47.40 27.16
CA PRO K 29 -24.42 -48.10 27.44
C PRO K 29 -25.17 -47.45 28.58
N ARG K 30 -26.50 -47.40 28.45
CA ARG K 30 -27.32 -46.86 29.52
C ARG K 30 -27.27 -47.75 30.75
N THR K 31 -27.06 -49.05 30.58
CA THR K 31 -26.82 -49.91 31.73
C THR K 31 -25.55 -49.48 32.46
N ALA K 32 -24.50 -49.12 31.70
CA ALA K 32 -23.29 -48.60 32.31
C ALA K 32 -23.55 -47.30 33.04
N ALA K 33 -24.35 -46.41 32.43
CA ALA K 33 -24.68 -45.14 33.09
C ALA K 33 -25.45 -45.37 34.39
N GLU K 34 -26.40 -46.31 34.37
CA GLU K 34 -27.16 -46.65 35.57
C GLU K 34 -26.27 -47.26 36.64
N ASP K 35 -25.32 -48.11 36.25
CA ASP K 35 -24.36 -48.61 37.22
C ASP K 35 -23.52 -47.48 37.80
N ILE K 36 -23.14 -46.51 36.98
CA ILE K 36 -22.36 -45.38 37.45
C ILE K 36 -23.14 -44.57 38.48
N VAL K 37 -24.41 -44.27 38.17
CA VAL K 37 -25.20 -43.45 39.10
C VAL K 37 -25.52 -44.24 40.36
N GLN K 38 -25.67 -45.56 40.25
CA GLN K 38 -25.88 -46.38 41.43
C GLN K 38 -24.64 -46.41 42.32
N GLN K 39 -23.46 -46.51 41.72
CA GLN K 39 -22.23 -46.47 42.48
C GLN K 39 -21.97 -45.08 43.07
N CYS K 40 -22.48 -44.04 42.43
CA CYS K 40 -22.30 -42.69 42.95
C CYS K 40 -23.09 -42.53 44.25
N ASP K 41 -22.36 -42.50 45.36
CA ASP K 41 -22.99 -42.47 46.68
C ASP K 41 -23.80 -41.19 46.88
N VAL K 42 -23.26 -40.05 46.48
CA VAL K 42 -23.96 -38.78 46.68
C VAL K 42 -25.21 -38.72 45.79
N CYS K 43 -25.09 -39.17 44.55
CA CYS K 43 -26.28 -39.21 43.70
C CYS K 43 -27.34 -40.13 44.27
N GLN K 44 -26.94 -41.27 44.84
CA GLN K 44 -27.91 -42.12 45.52
C GLN K 44 -28.53 -41.39 46.71
N GLU K 45 -27.75 -40.58 47.41
CA GLU K 45 -28.29 -39.79 48.51
C GLU K 45 -29.32 -38.78 48.02
N ASN K 46 -29.05 -38.14 46.88
CA ASN K 46 -29.93 -37.12 46.32
C ASN K 46 -30.75 -37.76 45.20
N LYS K 47 -31.85 -38.39 45.58
CA LYS K 47 -32.74 -39.04 44.62
C LYS K 47 -34.17 -38.54 44.76
N ILE K 60 -35.30 -46.33 30.77
CA ILE K 60 -35.82 -46.96 29.56
C ILE K 60 -36.68 -48.15 29.92
N ASP K 61 -37.82 -48.28 29.23
CA ASP K 61 -38.77 -49.37 29.41
C ASP K 61 -39.35 -49.41 30.83
N HIS K 62 -39.31 -48.28 31.53
CA HIS K 62 -39.91 -48.13 32.84
C HIS K 62 -41.17 -47.31 32.69
N TRP K 63 -42.30 -47.87 33.08
CA TRP K 63 -43.59 -47.28 32.78
C TRP K 63 -44.41 -47.14 34.06
N GLN K 64 -45.48 -46.34 33.99
CA GLN K 64 -46.40 -46.17 35.09
C GLN K 64 -47.83 -46.24 34.57
N VAL K 65 -48.71 -46.87 35.34
CA VAL K 65 -50.10 -47.06 34.96
C VAL K 65 -51.00 -46.45 36.03
N ASP K 66 -52.00 -45.70 35.60
CA ASP K 66 -52.98 -45.12 36.50
C ASP K 66 -54.34 -45.15 35.81
N TYR K 67 -55.31 -45.83 36.43
CA TYR K 67 -56.66 -45.86 35.90
C TYR K 67 -57.28 -44.47 35.94
N THR K 68 -57.99 -44.12 34.87
CA THR K 68 -58.68 -42.83 34.79
C THR K 68 -60.07 -43.05 34.20
N HIS K 69 -60.98 -42.13 34.54
CA HIS K 69 -62.35 -42.17 34.04
C HIS K 69 -62.62 -40.89 33.26
N TYR K 70 -63.04 -41.04 32.01
CA TYR K 70 -63.42 -39.91 31.16
C TYR K 70 -64.73 -40.24 30.47
N GLU K 71 -65.71 -39.35 30.63
CA GLU K 71 -67.04 -39.54 30.06
C GLU K 71 -67.63 -40.89 30.49
N ASP K 72 -67.41 -41.23 31.77
CA ASP K 72 -67.86 -42.50 32.34
C ASP K 72 -67.31 -43.70 31.56
N LYS K 73 -66.07 -43.56 31.08
CA LYS K 73 -65.38 -44.63 30.36
C LYS K 73 -64.01 -44.80 30.96
N ILE K 74 -63.68 -46.04 31.34
CA ILE K 74 -62.39 -46.31 31.96
C ILE K 74 -61.32 -46.42 30.87
N ILE K 75 -60.24 -45.66 31.04
CA ILE K 75 -59.12 -45.65 30.11
C ILE K 75 -57.87 -46.09 30.86
N LEU K 76 -57.20 -47.12 30.35
CA LEU K 76 -55.96 -47.61 30.93
C LEU K 76 -54.81 -46.84 30.31
N VAL K 77 -54.21 -45.94 31.08
CA VAL K 77 -53.19 -45.02 30.59
C VAL K 77 -51.82 -45.54 31.02
N TRP K 78 -51.01 -45.91 30.04
CA TRP K 78 -49.62 -46.27 30.28
C TRP K 78 -48.74 -45.05 30.06
N VAL K 79 -47.90 -44.73 31.04
CA VAL K 79 -47.04 -43.56 30.99
C VAL K 79 -45.60 -44.01 31.19
N GLU K 80 -44.73 -43.67 30.24
CA GLU K 80 -43.31 -44.00 30.36
C GLU K 80 -42.60 -42.93 31.17
N THR K 81 -41.79 -43.37 32.13
CA THR K 81 -41.14 -42.43 33.05
C THR K 81 -40.03 -41.64 32.37
N ASN K 82 -39.17 -42.32 31.61
CA ASN K 82 -37.96 -41.68 31.11
C ASN K 82 -38.23 -40.88 29.83
N SER K 83 -38.67 -41.54 28.77
CA SER K 83 -38.87 -40.88 27.49
C SER K 83 -40.18 -40.11 27.41
N GLY K 84 -41.11 -40.35 28.34
CA GLY K 84 -42.38 -39.66 28.30
C GLY K 84 -43.34 -40.13 27.24
N LEU K 85 -43.30 -41.42 26.89
CA LEU K 85 -44.23 -41.98 25.92
C LEU K 85 -45.48 -42.48 26.64
N ILE K 86 -46.63 -42.24 26.01
CA ILE K 86 -47.93 -42.55 26.62
C ILE K 86 -48.77 -43.35 25.63
N TYR K 87 -49.38 -44.42 26.13
CA TYR K 87 -50.33 -45.23 25.37
C TYR K 87 -51.60 -45.39 26.18
N ALA K 88 -52.75 -45.25 25.52
CA ALA K 88 -54.04 -45.34 26.18
C ALA K 88 -55.01 -46.12 25.32
N GLU K 89 -55.76 -47.02 25.95
CA GLU K 89 -56.80 -47.78 25.26
C GLU K 89 -58.04 -47.85 26.15
N ARG K 90 -59.20 -47.75 25.52
CA ARG K 90 -60.46 -47.84 26.27
C ARG K 90 -60.63 -49.25 26.84
N VAL K 91 -60.96 -49.31 28.13
CA VAL K 91 -61.14 -50.58 28.83
C VAL K 91 -62.50 -50.56 29.51
N LYS K 92 -63.25 -51.66 29.37
CA LYS K 92 -64.60 -51.70 29.92
C LYS K 92 -64.59 -51.56 31.45
N GLY K 93 -63.65 -52.23 32.11
CA GLY K 93 -63.60 -52.16 33.57
C GLY K 93 -62.23 -52.54 34.08
N GLU K 94 -62.08 -52.40 35.39
CA GLU K 94 -60.83 -52.70 36.09
C GLU K 94 -60.66 -54.20 36.36
N THR K 95 -61.38 -55.05 35.65
CA THR K 95 -61.34 -56.49 35.91
C THR K 95 -59.96 -57.06 35.61
N GLY K 96 -59.58 -58.07 36.39
CA GLY K 96 -58.26 -58.63 36.28
C GLY K 96 -57.98 -59.25 34.94
N GLN K 97 -58.94 -60.00 34.39
CA GLN K 97 -58.72 -60.66 33.11
C GLN K 97 -58.58 -59.65 31.97
N GLU K 98 -59.41 -58.60 31.98
CA GLU K 98 -59.30 -57.57 30.95
C GLU K 98 -57.97 -56.83 31.08
N PHE K 99 -57.53 -56.56 32.31
CA PHE K 99 -56.23 -55.94 32.50
C PHE K 99 -55.10 -56.85 32.03
N ARG K 100 -55.25 -58.16 32.24
CA ARG K 100 -54.24 -59.10 31.73
C ARG K 100 -54.19 -59.07 30.21
N VAL K 101 -55.36 -59.01 29.57
CA VAL K 101 -55.39 -58.92 28.10
C VAL K 101 -54.71 -57.64 27.64
N GLN K 102 -54.99 -56.53 28.32
CA GLN K 102 -54.38 -55.25 27.94
C GLN K 102 -52.87 -55.27 28.11
N THR K 103 -52.39 -55.79 29.24
CA THR K 103 -50.94 -55.87 29.47
C THR K 103 -50.28 -56.84 28.49
N MET K 104 -50.99 -57.91 28.12
CA MET K 104 -50.53 -58.84 27.11
C MET K 104 -50.35 -58.16 25.76
N LYS K 105 -51.36 -57.40 25.32
CA LYS K 105 -51.26 -56.70 24.04
C LYS K 105 -50.18 -55.62 24.10
N TRP K 106 -50.03 -54.99 25.25
CA TRP K 106 -49.00 -53.96 25.40
C TRP K 106 -47.60 -54.57 25.41
N TYR K 107 -47.45 -55.79 25.94
CA TYR K 107 -46.19 -56.50 25.81
C TYR K 107 -45.92 -56.92 24.38
N ALA K 108 -46.97 -57.24 23.62
CA ALA K 108 -46.79 -57.45 22.20
C ALA K 108 -46.27 -56.19 21.51
N MET K 109 -46.84 -55.04 21.87
CA MET K 109 -46.47 -53.79 21.21
C MET K 109 -45.06 -53.34 21.59
N PHE K 110 -44.75 -53.35 22.89
CA PHE K 110 -43.52 -52.75 23.41
C PHE K 110 -42.65 -53.83 24.05
N ALA K 111 -41.53 -53.40 24.63
CA ALA K 111 -40.60 -54.30 25.32
C ALA K 111 -40.20 -53.70 26.66
N PRO K 112 -41.11 -53.72 27.63
CA PRO K 112 -40.80 -53.10 28.93
C PRO K 112 -39.86 -53.97 29.76
N LYS K 113 -39.29 -53.34 30.78
CA LYS K 113 -38.44 -54.02 31.76
C LYS K 113 -38.90 -53.83 33.20
N SER K 114 -39.61 -52.75 33.49
CA SER K 114 -40.11 -52.49 34.84
C SER K 114 -41.38 -51.66 34.74
N LEU K 115 -42.17 -51.67 35.80
CA LEU K 115 -43.47 -51.01 35.80
C LEU K 115 -43.77 -50.48 37.19
N GLN K 116 -44.43 -49.32 37.23
CA GLN K 116 -44.90 -48.70 38.47
C GLN K 116 -46.42 -48.64 38.47
N SER K 117 -47.02 -48.95 39.62
CA SER K 117 -48.47 -48.91 39.77
C SER K 117 -48.81 -48.80 41.24
N ASP K 118 -50.03 -48.34 41.50
CA ASP K 118 -50.56 -48.28 42.86
C ASP K 118 -51.21 -49.62 43.22
N ASN K 119 -51.99 -49.65 44.28
CA ASN K 119 -52.54 -50.88 44.84
C ASN K 119 -53.91 -51.25 44.25
N GLY K 120 -54.17 -50.86 43.00
CA GLY K 120 -55.40 -51.22 42.34
C GLY K 120 -55.57 -52.72 42.21
N PRO K 121 -56.81 -53.20 42.27
CA PRO K 121 -57.04 -54.66 42.28
C PRO K 121 -56.46 -55.37 41.06
N ALA K 122 -56.52 -54.75 39.89
CA ALA K 122 -55.93 -55.37 38.70
C ALA K 122 -54.42 -55.52 38.87
N PHE K 123 -53.77 -54.52 39.44
CA PHE K 123 -52.33 -54.60 39.68
C PHE K 123 -52.00 -55.66 40.73
N VAL K 124 -52.80 -55.74 41.80
CA VAL K 124 -52.51 -56.67 42.88
C VAL K 124 -52.93 -58.10 42.58
N ALA K 125 -53.71 -58.32 41.52
CA ALA K 125 -54.17 -59.66 41.16
C ALA K 125 -53.01 -60.63 41.03
N GLU K 126 -53.11 -61.76 41.72
CA GLU K 126 -52.03 -62.75 41.74
C GLU K 126 -51.82 -63.37 40.37
N SER K 127 -52.91 -63.68 39.65
CA SER K 127 -52.77 -64.23 38.32
C SER K 127 -52.18 -63.22 37.35
N THR K 128 -52.55 -61.95 37.48
CA THR K 128 -51.95 -60.90 36.66
C THR K 128 -50.46 -60.80 36.92
N GLN K 129 -50.07 -60.83 38.20
CA GLN K 129 -48.65 -60.75 38.55
C GLN K 129 -47.89 -61.95 38.00
N LEU K 130 -48.47 -63.15 38.12
CA LEU K 130 -47.81 -64.34 37.58
C LEU K 130 -47.67 -64.26 36.07
N LEU K 131 -48.71 -63.76 35.38
CA LEU K 131 -48.65 -63.64 33.93
C LEU K 131 -47.57 -62.66 33.50
N MET K 132 -47.48 -61.50 34.16
CA MET K 132 -46.46 -60.55 33.73
C MET K 132 -45.07 -60.96 34.20
N LYS K 133 -44.96 -61.77 35.25
CA LYS K 133 -43.68 -62.40 35.58
C LYS K 133 -43.25 -63.37 34.49
N TYR K 134 -44.20 -64.15 33.98
CA TYR K 134 -43.94 -65.00 32.82
C TYR K 134 -43.50 -64.16 31.63
N LEU K 135 -44.08 -62.97 31.48
CA LEU K 135 -43.63 -62.04 30.45
C LEU K 135 -42.26 -61.44 30.77
N GLY K 136 -41.88 -61.38 32.05
CA GLY K 136 -40.60 -60.81 32.43
C GLY K 136 -40.62 -59.34 32.80
N ILE K 137 -41.48 -58.96 33.74
CA ILE K 137 -41.58 -57.59 34.20
C ILE K 137 -41.44 -57.54 35.71
N GLU K 138 -40.69 -56.56 36.20
CA GLU K 138 -40.61 -56.28 37.63
C GLU K 138 -41.80 -55.40 38.04
N HIS K 139 -42.40 -55.73 39.18
CA HIS K 139 -43.62 -55.07 39.63
C HIS K 139 -43.37 -54.35 40.95
N THR K 140 -44.00 -53.18 41.10
CA THR K 140 -43.91 -52.38 42.33
C THR K 140 -45.33 -51.95 42.69
N THR K 141 -45.89 -52.55 43.74
CA THR K 141 -47.20 -52.19 44.25
C THR K 141 -47.04 -51.24 45.43
N GLY K 142 -47.77 -50.13 45.39
CA GLY K 142 -47.72 -49.16 46.47
C GLY K 142 -47.95 -47.76 45.93
N ILE K 143 -48.03 -46.82 46.86
CA ILE K 143 -48.25 -45.41 46.52
C ILE K 143 -47.01 -44.89 45.80
N PRO K 144 -47.16 -44.32 44.61
CA PRO K 144 -46.00 -43.77 43.89
C PRO K 144 -45.40 -42.59 44.67
N TRP K 145 -44.09 -42.70 44.94
CA TRP K 145 -43.40 -41.73 45.77
C TRP K 145 -42.47 -40.81 45.01
N ASN K 146 -42.17 -41.11 43.74
CA ASN K 146 -41.21 -40.31 42.99
C ASN K 146 -41.92 -39.11 42.36
N PRO K 147 -41.57 -37.88 42.75
CA PRO K 147 -42.19 -36.71 42.09
C PRO K 147 -41.90 -36.65 40.60
N GLN K 148 -40.72 -37.10 40.18
CA GLN K 148 -40.35 -37.04 38.76
C GLN K 148 -41.36 -37.78 37.90
N SER K 149 -41.84 -38.93 38.37
CA SER K 149 -42.86 -39.69 37.65
C SER K 149 -44.27 -39.22 37.98
N GLN K 150 -44.52 -38.78 39.21
CA GLN K 150 -45.87 -38.39 39.60
C GLN K 150 -46.33 -37.14 38.86
N ALA K 151 -45.46 -36.12 38.78
CA ALA K 151 -45.82 -34.91 38.06
C ALA K 151 -46.03 -35.20 36.58
N LEU K 152 -45.18 -36.03 35.99
CA LEU K 152 -45.34 -36.40 34.60
C LEU K 152 -46.65 -37.12 34.36
N VAL K 153 -47.01 -38.05 35.25
CA VAL K 153 -48.27 -38.79 35.09
C VAL K 153 -49.47 -37.85 35.22
N GLU K 154 -49.43 -36.94 36.20
CA GLU K 154 -50.55 -36.02 36.39
C GLU K 154 -50.69 -35.09 35.18
N ARG K 155 -49.58 -34.55 34.68
CA ARG K 155 -49.63 -33.69 33.52
C ARG K 155 -50.12 -34.44 32.29
N THR K 156 -49.68 -35.70 32.14
CA THR K 156 -50.16 -36.52 31.04
C THR K 156 -51.66 -36.74 31.11
N HIS K 157 -52.18 -37.04 32.31
CA HIS K 157 -53.61 -37.25 32.45
C HIS K 157 -54.39 -35.99 32.12
N GLN K 158 -53.94 -34.84 32.63
CA GLN K 158 -54.64 -33.59 32.33
C GLN K 158 -54.59 -33.27 30.84
N THR K 159 -53.44 -33.46 30.21
CA THR K 159 -53.29 -33.16 28.80
C THR K 159 -54.14 -34.09 27.94
N LEU K 160 -54.17 -35.38 28.29
CA LEU K 160 -54.98 -36.31 27.51
C LEU K 160 -56.46 -36.03 27.68
N LYS K 161 -56.88 -35.64 28.88
CA LYS K 161 -58.28 -35.25 29.07
C LYS K 161 -58.62 -34.02 28.24
N ASN K 162 -57.73 -33.02 28.22
CA ASN K 162 -57.99 -31.82 27.43
C ASN K 162 -58.05 -32.15 25.93
N THR K 163 -57.12 -32.97 25.46
CA THR K 163 -57.11 -33.32 24.04
C THR K 163 -58.31 -34.17 23.65
N LEU K 164 -58.75 -35.06 24.55
CA LEU K 164 -59.97 -35.81 24.30
C LEU K 164 -61.17 -34.88 24.21
N GLU K 165 -61.26 -33.91 25.12
CA GLU K 165 -62.34 -32.93 25.04
C GLU K 165 -62.30 -32.16 23.73
N LYS K 166 -61.09 -31.84 23.25
CA LYS K 166 -60.96 -31.10 22.00
C LYS K 166 -61.34 -31.96 20.79
N LEU K 167 -61.01 -33.24 20.82
CA LEU K 167 -61.10 -34.07 19.61
C LEU K 167 -62.34 -34.97 19.54
N ILE K 168 -63.09 -35.13 20.62
CA ILE K 168 -64.29 -35.96 20.56
C ILE K 168 -65.34 -35.44 19.56
N PRO K 169 -65.61 -34.13 19.45
CA PRO K 169 -66.64 -33.72 18.48
C PRO K 169 -66.28 -34.05 17.04
N MET K 170 -64.99 -33.99 16.69
CA MET K 170 -64.58 -34.23 15.31
C MET K 170 -64.81 -35.68 14.90
N PHE K 171 -64.33 -36.62 15.72
CA PHE K 171 -64.33 -38.03 15.38
C PHE K 171 -65.59 -38.71 15.91
N ASN K 172 -66.10 -39.66 15.12
CA ASN K 172 -67.38 -40.31 15.45
C ASN K 172 -67.24 -41.20 16.67
N ALA K 173 -66.21 -42.03 16.72
CA ALA K 173 -66.07 -43.03 17.77
C ALA K 173 -65.15 -42.53 18.88
N PHE K 174 -65.44 -42.97 20.11
CA PHE K 174 -64.55 -42.63 21.23
C PHE K 174 -63.19 -43.28 21.06
N GLU K 175 -63.16 -44.49 20.49
CA GLU K 175 -61.88 -45.12 20.15
C GLU K 175 -61.13 -44.27 19.13
N SER K 176 -61.85 -43.71 18.16
CA SER K 176 -61.21 -42.82 17.19
C SER K 176 -60.66 -41.57 17.87
N ALA K 177 -61.42 -41.01 18.81
CA ALA K 177 -60.94 -39.83 19.52
C ALA K 177 -59.67 -40.14 20.32
N LEU K 178 -59.65 -41.28 21.02
CA LEU K 178 -58.46 -41.62 21.80
C LEU K 178 -57.27 -41.92 20.91
N ALA K 179 -57.51 -42.57 19.76
CA ALA K 179 -56.42 -42.80 18.82
C ALA K 179 -55.87 -41.50 18.27
N GLY K 180 -56.76 -40.54 17.97
CA GLY K 180 -56.29 -39.24 17.52
C GLY K 180 -55.49 -38.50 18.57
N THR K 181 -55.94 -38.59 19.83
CA THR K 181 -55.18 -37.97 20.92
C THR K 181 -53.80 -38.61 21.04
N LEU K 182 -53.73 -39.94 20.95
CA LEU K 182 -52.43 -40.60 20.98
C LEU K 182 -51.54 -40.15 19.84
N ILE K 183 -52.12 -40.03 18.64
CA ILE K 183 -51.36 -39.56 17.48
C ILE K 183 -50.78 -38.19 17.76
N THR K 184 -51.63 -37.26 18.22
CA THR K 184 -51.18 -35.89 18.44
C THR K 184 -50.11 -35.83 19.52
N LEU K 185 -50.31 -36.52 20.63
CA LEU K 185 -49.38 -36.42 21.74
C LEU K 185 -48.03 -37.09 21.44
N ASN K 186 -48.05 -38.29 20.86
CA ASN K 186 -46.84 -39.06 20.70
C ASN K 186 -46.13 -38.81 19.36
N ILE K 187 -46.78 -38.14 18.40
CA ILE K 187 -46.16 -37.93 17.10
C ILE K 187 -46.18 -36.44 16.76
N LYS K 188 -47.37 -35.84 16.77
CA LYS K 188 -47.50 -34.45 16.35
C LYS K 188 -46.88 -33.50 17.36
N ARG K 189 -47.09 -33.74 18.65
CA ARG K 189 -46.47 -32.90 19.67
C ARG K 189 -44.98 -33.22 19.77
N LYS K 190 -44.16 -32.18 19.71
CA LYS K 190 -42.72 -32.33 19.72
C LYS K 190 -42.10 -31.24 20.58
N GLY K 191 -40.84 -31.43 20.94
CA GLY K 191 -40.10 -30.45 21.71
C GLY K 191 -38.65 -30.46 21.28
N GLY K 192 -37.91 -29.48 21.80
CA GLY K 192 -36.50 -29.37 21.47
C GLY K 192 -36.25 -29.08 20.02
N LEU K 193 -35.76 -30.09 19.29
CA LEU K 193 -35.56 -30.00 17.85
C LEU K 193 -36.55 -30.86 17.08
N GLY K 194 -37.73 -31.11 17.64
CA GLY K 194 -38.70 -31.98 17.02
C GLY K 194 -38.71 -33.35 17.66
N THR K 195 -38.63 -33.40 18.99
CA THR K 195 -38.50 -34.64 19.74
C THR K 195 -39.87 -35.10 20.19
N SER K 196 -40.45 -36.05 19.46
CA SER K 196 -41.71 -36.64 19.89
C SER K 196 -41.45 -37.90 20.72
N PRO K 197 -42.25 -38.11 21.77
CA PRO K 197 -41.94 -39.21 22.71
C PRO K 197 -41.80 -40.56 22.03
N MET K 198 -42.60 -40.82 20.99
CA MET K 198 -42.43 -42.04 20.22
C MET K 198 -41.06 -42.08 19.56
N ASP K 199 -40.61 -40.93 19.05
CA ASP K 199 -39.28 -40.87 18.41
C ASP K 199 -38.17 -41.12 19.43
N ILE K 200 -38.28 -40.54 20.63
CA ILE K 200 -37.27 -40.83 21.66
C ILE K 200 -37.28 -42.30 22.03
N PHE K 201 -38.48 -42.89 22.15
CA PHE K 201 -38.55 -44.31 22.48
C PHE K 201 -37.90 -45.16 21.40
N ILE K 202 -38.16 -44.84 20.13
CA ILE K 202 -37.56 -45.58 19.02
C ILE K 202 -36.05 -45.44 19.05
N PHE K 203 -35.57 -44.22 19.32
CA PHE K 203 -34.13 -43.96 19.44
C PHE K 203 -33.51 -44.88 20.49
N ASN K 204 -34.08 -44.86 21.69
CA ASN K 204 -33.63 -45.74 22.75
C ASN K 204 -33.73 -47.20 22.33
N LYS K 205 -34.67 -47.53 21.43
CA LYS K 205 -34.78 -48.90 20.96
C LYS K 205 -33.60 -49.30 20.07
N GLU K 206 -33.15 -48.42 19.18
CA GLU K 206 -32.00 -48.86 18.38
C GLU K 206 -30.72 -48.90 19.22
N GLN K 207 -30.60 -48.07 20.26
CA GLN K 207 -29.46 -48.29 21.16
C GLN K 207 -29.67 -49.53 22.04
N GLN K 208 -30.92 -49.87 22.35
CA GLN K 208 -31.21 -51.06 23.13
C GLN K 208 -30.87 -52.33 22.35
N ARG K 209 -31.04 -52.30 21.03
CA ARG K 209 -30.62 -53.42 20.19
C ARG K 209 -29.14 -53.73 20.44
N ILE K 210 -28.30 -52.70 20.41
CA ILE K 210 -26.86 -52.90 20.59
C ILE K 210 -26.56 -53.31 22.03
N GLN K 211 -27.25 -52.75 23.02
CA GLN K 211 -26.93 -53.11 24.39
C GLN K 211 -27.31 -54.57 24.67
N GLN K 212 -28.41 -55.08 24.09
CA GLN K 212 -28.64 -56.51 24.19
C GLN K 212 -27.67 -57.34 23.37
N GLN K 213 -27.21 -56.82 22.22
CA GLN K 213 -26.17 -57.53 21.47
C GLN K 213 -24.93 -57.73 22.33
N SER K 214 -24.60 -56.76 23.17
CA SER K 214 -23.52 -56.92 24.14
C SER K 214 -23.96 -57.80 25.32
N LYS K 215 -25.21 -57.66 25.76
CA LYS K 215 -25.70 -58.41 26.91
C LYS K 215 -25.69 -59.91 26.67
N SER K 216 -25.76 -60.33 25.40
CA SER K 216 -25.71 -61.76 25.09
C SER K 216 -24.47 -62.42 25.70
N LYS K 217 -23.39 -61.67 25.85
CA LYS K 217 -22.22 -62.13 26.60
C LYS K 217 -22.05 -61.46 27.95
N GLN K 218 -22.65 -60.28 28.15
CA GLN K 218 -22.49 -59.58 29.43
C GLN K 218 -23.29 -60.23 30.56
N GLU K 219 -24.41 -60.89 30.23
CA GLU K 219 -25.27 -61.43 31.28
C GLU K 219 -24.56 -62.49 32.11
N LYS K 220 -23.81 -63.37 31.46
CA LYS K 220 -23.00 -64.34 32.19
C LYS K 220 -21.82 -63.64 32.84
N ILE K 221 -21.60 -63.92 34.12
CA ILE K 221 -20.57 -63.24 34.90
C ILE K 221 -19.24 -63.98 34.74
N ARG K 222 -18.18 -63.23 34.50
CA ARG K 222 -16.85 -63.80 34.32
C ARG K 222 -15.83 -62.95 35.08
N PHE K 223 -14.82 -63.61 35.61
CA PHE K 223 -13.71 -62.95 36.31
C PHE K 223 -12.51 -62.83 35.38
N CYS K 224 -11.58 -61.98 35.77
CA CYS K 224 -10.38 -61.75 34.96
C CYS K 224 -9.28 -61.17 35.83
N TYR K 225 -8.04 -61.32 35.34
CA TYR K 225 -6.88 -60.68 35.94
C TYR K 225 -6.39 -59.58 35.01
N TYR K 226 -6.19 -58.39 35.55
CA TYR K 226 -5.84 -57.22 34.75
C TYR K 226 -4.61 -56.54 35.31
N ARG K 227 -3.89 -55.84 34.43
CA ARG K 227 -2.70 -55.09 34.79
C ARG K 227 -2.65 -53.82 33.95
N THR K 228 -2.00 -52.80 34.49
CA THR K 228 -1.88 -51.50 33.83
C THR K 228 -0.46 -51.30 33.33
N ARG K 229 -0.34 -50.54 32.26
CA ARG K 229 0.95 -50.22 31.67
C ARG K 229 1.32 -48.77 31.98
N LYS K 230 2.52 -48.58 32.53
CA LYS K 230 3.05 -47.26 32.82
C LYS K 230 4.25 -47.01 31.93
N ARG K 231 4.24 -45.86 31.23
CA ARG K 231 5.21 -45.48 30.20
C ARG K 231 5.62 -46.65 29.32
N GLY K 232 4.66 -47.54 29.01
CA GLY K 232 4.93 -48.71 28.22
C GLY K 232 5.36 -49.94 28.99
N HIS K 233 5.58 -49.82 30.30
CA HIS K 233 5.98 -50.95 31.11
C HIS K 233 4.76 -51.52 31.83
N PRO K 234 4.41 -52.78 31.60
CA PRO K 234 3.23 -53.34 32.27
C PRO K 234 3.43 -53.52 33.76
N GLY K 235 2.36 -53.32 34.51
CA GLY K 235 2.40 -53.49 35.95
C GLY K 235 2.06 -54.91 36.38
N GLU K 236 2.05 -55.10 37.70
CA GLU K 236 1.69 -56.40 38.25
C GLU K 236 0.21 -56.70 38.02
N TRP K 237 -0.09 -57.99 37.90
CA TRP K 237 -1.47 -58.41 37.66
C TRP K 237 -2.34 -58.11 38.88
N GLN K 238 -3.56 -57.66 38.63
CA GLN K 238 -4.50 -57.30 39.67
C GLN K 238 -5.78 -58.09 39.50
N GLY K 239 -6.50 -58.25 40.63
CA GLY K 239 -7.76 -58.96 40.63
C GLY K 239 -7.87 -59.92 41.80
N PRO K 240 -8.81 -60.88 41.72
CA PRO K 240 -9.74 -61.04 40.58
C PRO K 240 -10.89 -60.06 40.61
N THR K 241 -11.38 -59.66 39.44
CA THR K 241 -12.50 -58.75 39.33
C THR K 241 -13.40 -59.19 38.19
N GLN K 242 -14.65 -58.77 38.26
CA GLN K 242 -15.62 -59.08 37.21
C GLN K 242 -15.30 -58.30 35.95
N VAL K 243 -15.70 -58.84 34.81
CA VAL K 243 -15.63 -58.11 33.55
C VAL K 243 -16.85 -57.19 33.47
N LEU K 244 -16.59 -55.89 33.35
CA LEU K 244 -17.70 -54.93 33.37
C LEU K 244 -18.35 -54.79 31.99
N TRP K 245 -17.59 -54.33 31.02
CA TRP K 245 -18.11 -54.07 29.68
C TRP K 245 -17.09 -54.51 28.65
N GLY K 246 -17.55 -55.26 27.65
CA GLY K 246 -16.66 -55.83 26.65
C GLY K 246 -16.56 -54.97 25.41
N GLY K 247 -15.36 -54.89 24.84
CA GLY K 247 -15.15 -54.13 23.63
C GLY K 247 -14.32 -54.87 22.61
N ASP K 248 -13.71 -54.15 21.68
CA ASP K 248 -12.88 -54.73 20.63
C ASP K 248 -11.41 -54.64 21.06
N GLY K 249 -10.85 -55.78 21.47
CA GLY K 249 -9.47 -55.84 21.87
C GLY K 249 -9.17 -55.32 23.26
N ALA K 250 -10.19 -55.03 24.07
CA ALA K 250 -9.96 -54.53 25.42
C ALA K 250 -11.21 -54.79 26.25
N ILE K 251 -11.03 -54.68 27.57
CA ILE K 251 -12.10 -54.91 28.53
C ILE K 251 -12.15 -53.73 29.48
N VAL K 252 -13.31 -53.52 30.10
CA VAL K 252 -13.51 -52.48 31.10
C VAL K 252 -13.60 -53.17 32.46
N VAL K 253 -12.81 -52.68 33.41
CA VAL K 253 -12.79 -53.23 34.77
C VAL K 253 -12.85 -52.09 35.77
N LYS K 254 -13.29 -52.41 36.98
CA LYS K 254 -13.38 -51.45 38.07
C LYS K 254 -12.11 -51.49 38.91
N ASP K 255 -11.57 -50.31 39.23
CA ASP K 255 -10.44 -50.21 40.13
C ASP K 255 -10.92 -50.46 41.57
N ARG K 256 -10.28 -51.41 42.25
CA ARG K 256 -10.71 -51.75 43.60
C ARG K 256 -10.33 -50.67 44.61
N GLY K 257 -9.28 -49.89 44.33
CA GLY K 257 -8.84 -48.86 45.25
C GLY K 257 -9.66 -47.58 45.17
N THR K 258 -9.64 -46.93 44.01
CA THR K 258 -10.31 -45.65 43.83
C THR K 258 -11.78 -45.78 43.42
N ASP K 259 -12.25 -47.00 43.19
CA ASP K 259 -13.65 -47.26 42.81
C ASP K 259 -14.02 -46.51 41.53
N ARG K 260 -13.28 -46.79 40.47
CA ARG K 260 -13.51 -46.19 39.17
C ARG K 260 -13.30 -47.25 38.09
N TYR K 261 -14.05 -47.10 36.99
CA TYR K 261 -13.86 -47.99 35.86
C TYR K 261 -12.60 -47.62 35.09
N LEU K 262 -11.90 -48.64 34.60
CA LEU K 262 -10.67 -48.47 33.85
C LEU K 262 -10.70 -49.35 32.61
N VAL K 263 -10.10 -48.87 31.53
CA VAL K 263 -10.02 -49.62 30.29
C VAL K 263 -8.65 -50.28 30.19
N ILE K 264 -8.64 -51.58 29.94
CA ILE K 264 -7.42 -52.37 29.87
C ILE K 264 -7.44 -53.18 28.58
N ALA K 265 -6.33 -53.12 27.84
CA ALA K 265 -6.22 -53.88 26.59
C ALA K 265 -6.22 -55.38 26.87
N ASN K 266 -6.70 -56.14 25.89
CA ASN K 266 -6.81 -57.59 26.05
C ASN K 266 -5.44 -58.23 26.30
N LYS K 267 -4.37 -57.66 25.72
CA LYS K 267 -3.03 -58.18 25.97
C LYS K 267 -2.61 -58.03 27.42
N ASP K 268 -3.25 -57.14 28.18
CA ASP K 268 -2.96 -56.92 29.58
C ASP K 268 -4.01 -57.52 30.50
N VAL K 269 -4.82 -58.45 30.00
CA VAL K 269 -5.90 -59.06 30.77
C VAL K 269 -5.80 -60.58 30.64
N LYS K 270 -5.94 -61.27 31.77
CA LYS K 270 -5.98 -62.72 31.82
C LYS K 270 -7.40 -63.14 32.21
N PHE K 271 -8.17 -63.59 31.22
CA PHE K 271 -9.53 -64.05 31.50
C PHE K 271 -9.50 -65.27 32.41
N ILE K 272 -10.39 -65.26 33.41
CA ILE K 272 -10.50 -66.35 34.36
C ILE K 272 -11.69 -67.22 33.93
N PRO K 273 -11.47 -68.47 33.50
CA PRO K 273 -12.55 -69.37 33.07
C PRO K 273 -13.31 -69.98 34.25
N ILE L 60 -37.89 -48.48 1.81
CA ILE L 60 -38.05 -47.99 3.18
C ILE L 60 -39.49 -47.54 3.40
N ASP L 61 -40.11 -48.07 4.45
CA ASP L 61 -41.48 -47.74 4.82
C ASP L 61 -42.47 -48.00 3.68
N HIS L 62 -42.26 -49.08 2.94
CA HIS L 62 -43.17 -49.51 1.89
C HIS L 62 -44.00 -50.67 2.42
N TRP L 63 -45.33 -50.52 2.37
CA TRP L 63 -46.22 -51.38 3.12
C TRP L 63 -47.26 -52.01 2.20
N GLN L 64 -47.74 -53.19 2.58
CA GLN L 64 -48.73 -53.92 1.82
C GLN L 64 -49.84 -54.39 2.75
N VAL L 65 -51.07 -54.44 2.21
CA VAL L 65 -52.25 -54.86 2.97
C VAL L 65 -52.89 -56.04 2.25
N ASP L 66 -53.25 -57.07 3.02
CA ASP L 66 -53.98 -58.20 2.47
C ASP L 66 -54.74 -58.85 3.62
N TYR L 67 -56.07 -58.78 3.57
CA TYR L 67 -56.89 -59.36 4.62
C TYR L 67 -56.85 -60.88 4.58
N THR L 68 -56.94 -61.49 5.76
CA THR L 68 -56.93 -62.94 5.87
C THR L 68 -57.95 -63.38 6.92
N HIS L 69 -58.34 -64.64 6.83
CA HIS L 69 -59.31 -65.24 7.75
C HIS L 69 -58.68 -66.45 8.42
N TYR L 70 -58.64 -66.42 9.76
CA TYR L 70 -58.08 -67.52 10.54
C TYR L 70 -59.11 -67.92 11.59
N GLU L 71 -59.50 -69.19 11.57
CA GLU L 71 -60.53 -69.77 12.45
C GLU L 71 -61.71 -68.81 12.64
N ASP L 72 -62.30 -68.41 11.50
CA ASP L 72 -63.47 -67.53 11.46
C ASP L 72 -63.19 -66.21 12.17
N LYS L 73 -61.97 -65.68 12.00
CA LYS L 73 -61.59 -64.39 12.55
C LYS L 73 -60.75 -63.66 11.52
N ILE L 74 -61.02 -62.37 11.34
CA ILE L 74 -60.33 -61.57 10.35
C ILE L 74 -59.14 -60.87 10.99
N ILE L 75 -57.97 -60.99 10.38
CA ILE L 75 -56.76 -60.35 10.84
C ILE L 75 -56.24 -59.44 9.74
N LEU L 76 -56.02 -58.17 10.07
CA LEU L 76 -55.45 -57.22 9.11
C LEU L 76 -53.94 -57.38 9.10
N VAL L 77 -53.41 -57.89 8.00
CA VAL L 77 -52.00 -58.22 7.89
C VAL L 77 -51.31 -57.12 7.10
N TRP L 78 -50.38 -56.42 7.73
CA TRP L 78 -49.51 -55.47 7.06
C TRP L 78 -48.21 -56.17 6.69
N VAL L 79 -47.75 -55.94 5.46
CA VAL L 79 -46.53 -56.57 4.95
C VAL L 79 -45.61 -55.48 4.44
N GLU L 80 -44.39 -55.43 4.96
CA GLU L 80 -43.37 -54.53 4.47
C GLU L 80 -42.52 -55.22 3.40
N THR L 81 -42.11 -54.45 2.41
CA THR L 81 -41.38 -55.01 1.27
C THR L 81 -39.89 -55.14 1.54
N ASN L 82 -39.24 -54.02 1.88
CA ASN L 82 -37.79 -54.03 2.05
C ASN L 82 -37.40 -54.77 3.33
N SER L 83 -37.87 -54.29 4.47
CA SER L 83 -37.50 -54.90 5.75
C SER L 83 -38.23 -56.21 6.00
N GLY L 84 -39.35 -56.45 5.33
CA GLY L 84 -40.16 -57.61 5.63
C GLY L 84 -40.97 -57.51 6.90
N LEU L 85 -41.09 -56.30 7.46
CA LEU L 85 -41.82 -56.11 8.70
C LEU L 85 -43.31 -56.36 8.51
N ILE L 86 -43.95 -56.85 9.58
CA ILE L 86 -45.38 -57.14 9.57
C ILE L 86 -46.01 -56.60 10.85
N TYR L 87 -47.32 -56.39 10.79
CA TYR L 87 -48.12 -56.08 11.96
C TYR L 87 -49.51 -56.69 11.77
N ALA L 88 -50.12 -57.10 12.87
CA ALA L 88 -51.42 -57.76 12.83
C ALA L 88 -52.26 -57.30 14.01
N GLU L 89 -53.57 -57.41 13.84
CA GLU L 89 -54.54 -57.11 14.89
C GLU L 89 -55.86 -57.76 14.55
N ARG L 90 -56.53 -58.30 15.56
CA ARG L 90 -57.83 -58.94 15.34
C ARG L 90 -58.83 -57.92 14.83
N VAL L 91 -59.56 -58.29 13.77
CA VAL L 91 -60.50 -57.41 13.10
C VAL L 91 -61.86 -58.09 13.07
N LYS L 92 -62.89 -57.39 13.57
CA LYS L 92 -64.23 -57.96 13.58
C LYS L 92 -64.81 -58.07 12.18
N GLY L 93 -64.54 -57.09 11.32
CA GLY L 93 -65.08 -57.10 9.97
C GLY L 93 -64.32 -56.16 9.08
N GLU L 94 -64.46 -56.40 7.77
CA GLU L 94 -63.74 -55.64 6.75
C GLU L 94 -64.41 -54.32 6.41
N THR L 95 -65.25 -53.80 7.30
CA THR L 95 -65.95 -52.55 7.05
C THR L 95 -64.97 -51.38 6.94
N GLY L 96 -65.39 -50.36 6.19
CA GLY L 96 -64.52 -49.22 5.97
C GLY L 96 -64.15 -48.50 7.26
N GLN L 97 -65.12 -48.32 8.16
CA GLN L 97 -64.84 -47.65 9.43
C GLN L 97 -63.86 -48.46 10.28
N GLU L 98 -64.03 -49.78 10.30
CA GLU L 98 -63.10 -50.61 11.07
C GLU L 98 -61.69 -50.55 10.49
N PHE L 99 -61.57 -50.57 9.16
CA PHE L 99 -60.24 -50.42 8.58
C PHE L 99 -59.66 -49.03 8.83
N ARG L 100 -60.51 -48.00 8.85
CA ARG L 100 -60.01 -46.67 9.19
C ARG L 100 -59.47 -46.64 10.62
N VAL L 101 -60.17 -47.30 11.54
CA VAL L 101 -59.68 -47.40 12.91
C VAL L 101 -58.34 -48.11 12.97
N GLN L 102 -58.26 -49.25 12.27
CA GLN L 102 -57.02 -50.02 12.28
C GLN L 102 -55.87 -49.23 11.68
N THR L 103 -56.13 -48.51 10.58
CA THR L 103 -55.07 -47.79 9.91
C THR L 103 -54.66 -46.53 10.66
N MET L 104 -55.58 -45.89 11.40
CA MET L 104 -55.16 -44.74 12.19
C MET L 104 -54.33 -45.20 13.39
N LYS L 105 -54.68 -46.34 14.00
CA LYS L 105 -53.84 -46.90 15.04
C LYS L 105 -52.48 -47.31 14.47
N TRP L 106 -52.48 -47.85 13.26
CA TRP L 106 -51.23 -48.22 12.60
C TRP L 106 -50.35 -47.01 12.33
N TYR L 107 -50.95 -45.90 11.90
CA TYR L 107 -50.19 -44.66 11.71
C TYR L 107 -49.76 -44.05 13.04
N ALA L 108 -50.51 -44.29 14.11
CA ALA L 108 -50.06 -43.88 15.43
C ALA L 108 -48.82 -44.66 15.86
N MET L 109 -48.80 -45.97 15.58
CA MET L 109 -47.73 -46.81 16.09
C MET L 109 -46.49 -46.80 15.19
N PHE L 110 -46.65 -46.55 13.90
CA PHE L 110 -45.53 -46.50 12.97
C PHE L 110 -45.50 -45.16 12.24
N ALA L 111 -44.54 -45.01 11.34
CA ALA L 111 -44.40 -43.81 10.51
C ALA L 111 -44.20 -44.22 9.06
N PRO L 112 -45.24 -44.76 8.42
CA PRO L 112 -45.10 -45.21 7.03
C PRO L 112 -44.97 -44.07 6.04
N LYS L 113 -44.33 -44.37 4.92
CA LYS L 113 -44.17 -43.42 3.81
C LYS L 113 -44.98 -43.80 2.58
N SER L 114 -45.06 -45.09 2.27
CA SER L 114 -45.84 -45.57 1.14
C SER L 114 -46.61 -46.82 1.56
N LEU L 115 -47.72 -47.07 0.88
CA LEU L 115 -48.60 -48.17 1.23
C LEU L 115 -49.15 -48.81 -0.03
N GLN L 116 -49.33 -50.14 0.02
CA GLN L 116 -49.91 -50.89 -1.06
C GLN L 116 -51.08 -51.73 -0.54
N SER L 117 -52.05 -51.98 -1.40
CA SER L 117 -53.22 -52.77 -1.05
C SER L 117 -53.96 -53.11 -2.34
N ASP L 118 -54.91 -54.03 -2.23
CA ASP L 118 -55.74 -54.40 -3.36
C ASP L 118 -56.95 -53.47 -3.43
N ASN L 119 -57.94 -53.81 -4.25
CA ASN L 119 -59.09 -52.95 -4.49
C ASN L 119 -60.29 -53.29 -3.62
N GLY L 120 -60.07 -53.73 -2.38
CA GLY L 120 -61.15 -54.02 -1.47
C GLY L 120 -61.97 -52.78 -1.16
N PRO L 121 -63.26 -52.97 -0.87
CA PRO L 121 -64.13 -51.81 -0.63
C PRO L 121 -63.66 -50.92 0.52
N ALA L 122 -63.13 -51.52 1.59
CA ALA L 122 -62.66 -50.73 2.72
C ALA L 122 -61.51 -49.81 2.32
N PHE L 123 -60.75 -50.19 1.30
CA PHE L 123 -59.64 -49.37 0.82
C PHE L 123 -60.07 -48.40 -0.27
N VAL L 124 -61.05 -48.78 -1.09
CA VAL L 124 -61.55 -47.91 -2.15
C VAL L 124 -62.52 -46.87 -1.63
N ALA L 125 -63.00 -47.02 -0.39
CA ALA L 125 -63.95 -46.07 0.18
C ALA L 125 -63.42 -44.65 0.12
N GLU L 126 -64.31 -43.72 -0.24
CA GLU L 126 -63.90 -42.32 -0.40
C GLU L 126 -63.44 -41.71 0.92
N SER L 127 -64.14 -42.01 2.02
CA SER L 127 -63.74 -41.49 3.32
C SER L 127 -62.42 -42.09 3.76
N THR L 128 -62.21 -43.39 3.48
CA THR L 128 -60.93 -44.01 3.81
C THR L 128 -59.79 -43.36 3.03
N GLN L 129 -60.00 -43.09 1.75
CA GLN L 129 -58.97 -42.44 0.96
C GLN L 129 -58.73 -41.01 1.44
N LEU L 130 -59.80 -40.30 1.81
CA LEU L 130 -59.65 -38.95 2.34
C LEU L 130 -58.85 -38.95 3.63
N LEU L 131 -59.11 -39.89 4.53
CA LEU L 131 -58.32 -39.99 5.75
C LEU L 131 -56.88 -40.39 5.44
N MET L 132 -56.68 -41.27 4.45
CA MET L 132 -55.35 -41.70 4.08
C MET L 132 -54.51 -40.53 3.59
N LYS L 133 -55.11 -39.65 2.79
CA LYS L 133 -54.41 -38.43 2.37
C LYS L 133 -54.32 -37.42 3.51
N TYR L 134 -55.29 -37.43 4.43
CA TYR L 134 -55.26 -36.57 5.60
C TYR L 134 -54.10 -36.91 6.52
N LEU L 135 -53.65 -38.16 6.52
CA LEU L 135 -52.43 -38.54 7.24
C LEU L 135 -51.16 -38.20 6.47
N GLY L 136 -51.28 -37.74 5.23
CA GLY L 136 -50.13 -37.31 4.45
C GLY L 136 -49.33 -38.43 3.84
N ILE L 137 -50.00 -39.52 3.47
CA ILE L 137 -49.35 -40.68 2.87
C ILE L 137 -50.11 -41.08 1.62
N GLU L 138 -49.37 -41.39 0.55
CA GLU L 138 -49.96 -41.83 -0.69
C GLU L 138 -50.55 -43.22 -0.55
N HIS L 139 -51.53 -43.53 -1.40
CA HIS L 139 -52.22 -44.81 -1.38
C HIS L 139 -52.31 -45.37 -2.79
N THR L 140 -52.01 -46.65 -2.94
CA THR L 140 -52.11 -47.34 -4.21
C THR L 140 -53.20 -48.40 -4.11
N THR L 141 -54.15 -48.37 -5.03
CA THR L 141 -55.29 -49.27 -5.03
C THR L 141 -55.29 -50.10 -6.31
N GLY L 142 -55.55 -51.39 -6.17
CA GLY L 142 -55.57 -52.30 -7.30
C GLY L 142 -54.86 -53.59 -6.97
N ILE L 143 -55.11 -54.59 -7.81
CA ILE L 143 -54.50 -55.91 -7.64
C ILE L 143 -52.99 -55.77 -7.74
N PRO L 144 -52.23 -56.22 -6.73
CA PRO L 144 -50.77 -56.05 -6.77
C PRO L 144 -50.16 -56.79 -7.95
N TRP L 145 -49.13 -56.18 -8.54
CA TRP L 145 -48.47 -56.75 -9.70
C TRP L 145 -47.04 -57.20 -9.43
N ASN L 146 -46.42 -56.73 -8.35
CA ASN L 146 -45.00 -57.02 -8.11
C ASN L 146 -44.82 -58.47 -7.70
N PRO L 147 -44.08 -59.28 -8.46
CA PRO L 147 -43.86 -60.69 -8.05
C PRO L 147 -43.16 -60.81 -6.71
N GLN L 148 -42.15 -59.98 -6.45
CA GLN L 148 -41.44 -60.06 -5.18
C GLN L 148 -42.36 -59.72 -4.01
N SER L 149 -43.15 -58.65 -4.15
CA SER L 149 -44.08 -58.27 -3.09
C SER L 149 -45.13 -59.35 -2.87
N GLN L 150 -45.66 -59.94 -3.95
CA GLN L 150 -46.66 -60.97 -3.80
C GLN L 150 -46.09 -62.22 -3.14
N ALA L 151 -44.87 -62.62 -3.52
CA ALA L 151 -44.25 -63.78 -2.88
C ALA L 151 -44.00 -63.51 -1.40
N LEU L 152 -43.53 -62.31 -1.06
CA LEU L 152 -43.30 -61.96 0.34
C LEU L 152 -44.61 -61.97 1.11
N VAL L 153 -45.69 -61.46 0.52
CA VAL L 153 -46.98 -61.44 1.18
C VAL L 153 -47.48 -62.86 1.43
N GLU L 154 -47.37 -63.73 0.42
CA GLU L 154 -47.81 -65.11 0.59
C GLU L 154 -47.00 -65.83 1.66
N ARG L 155 -45.68 -65.64 1.66
CA ARG L 155 -44.84 -66.24 2.68
C ARG L 155 -45.20 -65.72 4.06
N THR L 156 -45.46 -64.42 4.17
CA THR L 156 -45.86 -63.83 5.45
C THR L 156 -47.17 -64.44 5.95
N HIS L 157 -48.15 -64.55 5.07
CA HIS L 157 -49.43 -65.13 5.47
C HIS L 157 -49.26 -66.59 5.92
N GLN L 158 -48.51 -67.38 5.15
CA GLN L 158 -48.34 -68.78 5.50
C GLN L 158 -47.62 -68.94 6.82
N THR L 159 -46.53 -68.20 7.01
CA THR L 159 -45.77 -68.30 8.25
C THR L 159 -46.57 -67.80 9.44
N LEU L 160 -47.33 -66.71 9.25
CA LEU L 160 -48.18 -66.20 10.33
C LEU L 160 -49.23 -67.22 10.74
N LYS L 161 -49.88 -67.85 9.76
CA LYS L 161 -50.85 -68.87 10.09
C LYS L 161 -50.21 -70.05 10.82
N ASN L 162 -49.04 -70.51 10.33
CA ASN L 162 -48.37 -71.65 10.95
C ASN L 162 -48.00 -71.34 12.39
N THR L 163 -47.42 -70.17 12.63
CA THR L 163 -47.12 -69.77 14.00
C THR L 163 -48.39 -69.61 14.82
N LEU L 164 -49.50 -69.25 14.18
CA LEU L 164 -50.76 -69.17 14.90
C LEU L 164 -51.19 -70.53 15.42
N GLU L 165 -51.13 -71.58 14.58
CA GLU L 165 -51.46 -72.90 15.12
C GLU L 165 -50.41 -73.35 16.13
N LYS L 166 -49.16 -72.92 15.97
CA LYS L 166 -48.13 -73.27 16.95
C LYS L 166 -48.44 -72.68 18.31
N LEU L 167 -48.94 -71.44 18.35
CA LEU L 167 -49.02 -70.69 19.60
C LEU L 167 -50.42 -70.57 20.18
N ILE L 168 -51.47 -71.05 19.49
CA ILE L 168 -52.81 -71.01 20.07
C ILE L 168 -52.93 -71.82 21.35
N PRO L 169 -52.40 -73.06 21.46
CA PRO L 169 -52.62 -73.81 22.71
C PRO L 169 -51.95 -73.19 23.92
N MET L 170 -50.83 -72.51 23.74
CA MET L 170 -50.07 -71.97 24.86
C MET L 170 -50.69 -70.71 25.45
N PHE L 171 -51.66 -70.10 24.77
CA PHE L 171 -52.28 -68.87 25.21
C PHE L 171 -53.79 -69.04 25.31
N ASN L 172 -54.37 -68.44 26.35
CA ASN L 172 -55.80 -68.61 26.61
C ASN L 172 -56.65 -67.98 25.51
N ALA L 173 -56.28 -66.79 25.06
CA ALA L 173 -57.09 -66.02 24.13
C ALA L 173 -56.44 -65.96 22.76
N PHE L 174 -57.28 -65.79 21.73
CA PHE L 174 -56.75 -65.64 20.38
C PHE L 174 -55.98 -64.36 20.22
N GLU L 175 -56.35 -63.30 20.94
CA GLU L 175 -55.54 -62.08 20.92
C GLU L 175 -54.17 -62.35 21.52
N SER L 176 -54.09 -63.20 22.55
CA SER L 176 -52.79 -63.58 23.09
C SER L 176 -51.98 -64.42 22.11
N ALA L 177 -52.65 -65.32 21.38
CA ALA L 177 -51.96 -66.09 20.35
C ALA L 177 -51.42 -65.17 19.26
N LEU L 178 -52.22 -64.19 18.85
CA LEU L 178 -51.77 -63.23 17.84
C LEU L 178 -50.62 -62.37 18.36
N ALA L 179 -50.67 -61.99 19.63
CA ALA L 179 -49.56 -61.25 20.22
C ALA L 179 -48.28 -62.08 20.21
N GLY L 180 -48.38 -63.36 20.57
CA GLY L 180 -47.22 -64.22 20.55
C GLY L 180 -46.65 -64.40 19.16
N THR L 181 -47.52 -64.62 18.16
CA THR L 181 -47.02 -64.77 16.80
C THR L 181 -46.44 -63.47 16.27
N LEU L 182 -46.98 -62.32 16.68
CA LEU L 182 -46.37 -61.04 16.31
C LEU L 182 -44.98 -60.91 16.91
N ILE L 183 -44.82 -61.30 18.18
CA ILE L 183 -43.51 -61.25 18.82
C ILE L 183 -42.52 -62.14 18.08
N THR L 184 -42.93 -63.37 17.80
CA THR L 184 -42.06 -64.35 17.14
C THR L 184 -41.84 -64.07 15.66
N LEU L 185 -42.65 -63.19 15.06
CA LEU L 185 -42.46 -62.80 13.67
C LEU L 185 -41.83 -61.43 13.51
N ASN L 186 -41.63 -60.69 14.60
CA ASN L 186 -40.99 -59.39 14.52
C ASN L 186 -39.65 -59.32 15.23
N ILE L 187 -39.38 -60.19 16.19
CA ILE L 187 -38.17 -60.02 17.01
C ILE L 187 -37.17 -61.16 16.87
N LYS L 188 -37.64 -62.40 17.05
CA LYS L 188 -36.75 -63.49 17.42
C LYS L 188 -35.74 -63.85 16.34
N ARG L 189 -36.21 -64.10 15.12
CA ARG L 189 -35.37 -64.74 14.11
C ARG L 189 -34.20 -63.86 13.69
N LYS L 190 -33.06 -64.49 13.42
CA LYS L 190 -31.82 -63.79 13.10
C LYS L 190 -31.22 -64.46 11.87
N GLY L 191 -31.55 -63.94 10.69
CA GLY L 191 -31.07 -64.51 9.45
C GLY L 191 -29.89 -63.73 8.91
N GLY L 192 -29.13 -64.38 8.04
CA GLY L 192 -27.95 -63.77 7.46
C GLY L 192 -26.87 -63.52 8.49
N LEU L 193 -26.63 -62.24 8.80
CA LEU L 193 -25.67 -61.86 9.84
C LEU L 193 -26.31 -61.79 11.23
N GLY L 194 -27.62 -61.97 11.33
CA GLY L 194 -28.28 -61.97 12.62
C GLY L 194 -29.16 -60.77 12.89
N THR L 195 -29.87 -60.29 11.87
CA THR L 195 -30.73 -59.13 12.01
C THR L 195 -32.19 -59.56 12.16
N SER L 196 -32.99 -58.65 12.73
CA SER L 196 -34.40 -58.88 13.01
C SER L 196 -35.25 -57.74 12.46
N PRO L 197 -36.53 -57.98 12.16
CA PRO L 197 -37.36 -56.93 11.56
C PRO L 197 -37.50 -55.66 12.39
N MET L 198 -37.62 -55.77 13.72
CA MET L 198 -37.53 -54.59 14.58
C MET L 198 -36.25 -53.81 14.30
N ASP L 199 -35.12 -54.52 14.31
CA ASP L 199 -33.83 -53.86 14.12
C ASP L 199 -33.78 -53.16 12.78
N ILE L 200 -34.26 -53.83 11.73
CA ILE L 200 -34.16 -53.28 10.38
C ILE L 200 -35.09 -52.09 10.21
N PHE L 201 -36.30 -52.14 10.77
CA PHE L 201 -37.23 -51.02 10.62
C PHE L 201 -36.76 -49.81 11.40
N ILE L 202 -36.35 -50.01 12.66
CA ILE L 202 -35.81 -48.90 13.44
C ILE L 202 -34.54 -48.37 12.77
N PHE L 203 -33.76 -49.27 12.17
CA PHE L 203 -32.58 -48.90 11.40
C PHE L 203 -32.95 -47.95 10.27
N ASN L 204 -33.95 -48.33 9.47
CA ASN L 204 -34.36 -47.52 8.32
C ASN L 204 -34.91 -46.17 8.75
N LYS L 205 -35.71 -46.13 9.83
CA LYS L 205 -36.15 -44.84 10.36
C LYS L 205 -34.96 -44.01 10.80
N GLU L 206 -33.96 -44.66 11.39
CA GLU L 206 -32.75 -43.96 11.82
C GLU L 206 -32.05 -43.30 10.64
N GLN L 207 -31.87 -44.03 9.53
CA GLN L 207 -31.33 -43.36 8.36
C GLN L 207 -32.24 -42.25 7.87
N GLN L 208 -33.55 -42.49 7.79
CA GLN L 208 -34.45 -41.42 7.33
C GLN L 208 -34.15 -40.12 8.08
N ARG L 209 -34.01 -40.21 9.40
CA ARG L 209 -33.56 -39.05 10.18
C ARG L 209 -32.17 -38.58 9.74
N ILE L 210 -31.27 -39.52 9.43
CA ILE L 210 -29.90 -39.13 9.08
C ILE L 210 -29.85 -38.37 7.76
N GLN L 211 -30.58 -38.84 6.75
CA GLN L 211 -30.65 -38.11 5.49
C GLN L 211 -31.31 -36.74 5.68
N GLN L 212 -32.35 -36.67 6.52
CA GLN L 212 -32.93 -35.36 6.81
C GLN L 212 -31.88 -34.41 7.40
N GLN L 213 -31.16 -34.87 8.41
CA GLN L 213 -30.15 -34.04 9.04
C GLN L 213 -29.02 -33.69 8.08
N SER L 214 -28.60 -34.66 7.27
CA SER L 214 -27.50 -34.44 6.34
C SER L 214 -27.86 -33.41 5.28
N LYS L 215 -29.05 -33.53 4.69
CA LYS L 215 -29.46 -32.50 3.73
C LYS L 215 -29.58 -31.15 4.42
N SER L 216 -30.19 -31.10 5.61
CA SER L 216 -30.32 -29.84 6.34
C SER L 216 -28.97 -29.18 6.54
N LYS L 217 -27.93 -29.98 6.80
CA LYS L 217 -26.57 -29.44 6.81
C LYS L 217 -26.12 -29.04 5.42
N GLN L 218 -26.61 -29.73 4.39
CA GLN L 218 -26.09 -29.54 3.04
C GLN L 218 -26.55 -28.23 2.40
N GLU L 219 -27.80 -27.81 2.61
CA GLU L 219 -28.24 -26.64 1.86
C GLU L 219 -27.53 -25.35 2.27
N LYS L 220 -26.76 -25.36 3.36
CA LYS L 220 -26.11 -24.14 3.84
C LYS L 220 -25.16 -23.57 2.80
N ILE L 221 -24.06 -24.28 2.53
CA ILE L 221 -23.05 -23.87 1.56
C ILE L 221 -22.66 -22.42 1.86
N ARG L 222 -22.13 -22.19 3.06
CA ARG L 222 -21.75 -20.84 3.47
C ARG L 222 -20.44 -20.43 2.80
N PHE L 223 -20.08 -19.16 2.97
CA PHE L 223 -18.82 -18.66 2.44
C PHE L 223 -18.00 -18.05 3.58
N CYS L 224 -16.72 -17.81 3.30
CA CYS L 224 -15.80 -17.34 4.32
C CYS L 224 -14.75 -16.45 3.67
N TYR L 225 -13.91 -15.83 4.50
CA TYR L 225 -12.78 -15.04 4.06
C TYR L 225 -11.48 -15.78 4.42
N TYR L 226 -10.42 -15.48 3.67
CA TYR L 226 -9.14 -16.10 3.94
C TYR L 226 -8.04 -15.22 3.34
N ARG L 227 -6.80 -15.50 3.73
CA ARG L 227 -5.64 -14.78 3.24
C ARG L 227 -4.61 -15.77 2.70
N THR L 228 -3.92 -15.35 1.65
CA THR L 228 -2.87 -16.16 1.04
C THR L 228 -1.49 -15.63 1.46
N ARG L 229 -0.44 -16.23 0.90
CA ARG L 229 0.91 -15.79 1.22
C ARG L 229 1.19 -14.39 0.66
N LYS L 230 0.74 -14.13 -0.57
CA LYS L 230 0.92 -12.83 -1.23
C LYS L 230 2.43 -12.53 -1.28
N ARG L 231 2.85 -11.30 -0.98
CA ARG L 231 4.26 -10.97 -0.98
C ARG L 231 5.03 -11.78 0.06
N GLY L 232 4.45 -11.93 1.25
CA GLY L 232 5.09 -12.70 2.30
C GLY L 232 4.22 -12.81 3.53
N HIS L 233 4.31 -13.94 4.25
CA HIS L 233 3.55 -14.19 5.47
C HIS L 233 2.05 -14.18 5.15
N PRO L 234 1.15 -14.23 6.13
CA PRO L 234 -0.26 -14.00 5.81
C PRO L 234 -0.52 -12.60 5.27
N GLY L 235 -1.34 -12.52 4.23
CA GLY L 235 -1.69 -11.27 3.60
C GLY L 235 -3.01 -10.73 4.09
N GLU L 236 -3.56 -9.79 3.31
CA GLU L 236 -4.84 -9.19 3.64
C GLU L 236 -5.97 -10.10 3.19
N TRP L 237 -7.15 -9.89 3.79
CA TRP L 237 -8.33 -10.69 3.45
C TRP L 237 -8.66 -10.54 1.97
N GLN L 238 -9.08 -11.65 1.35
CA GLN L 238 -9.27 -11.68 -0.09
C GLN L 238 -10.62 -12.30 -0.43
N GLY L 239 -11.62 -11.43 -0.56
CA GLY L 239 -12.88 -11.78 -1.19
C GLY L 239 -13.74 -12.79 -0.44
N PRO L 240 -15.02 -12.85 -0.79
CA PRO L 240 -15.88 -13.94 -0.31
C PRO L 240 -15.94 -15.10 -1.30
N THR L 241 -15.97 -16.33 -0.80
CA THR L 241 -16.12 -17.49 -1.66
C THR L 241 -16.70 -18.64 -0.84
N GLN L 242 -17.62 -19.38 -1.44
CA GLN L 242 -18.34 -20.44 -0.73
C GLN L 242 -17.40 -21.58 -0.39
N VAL L 243 -17.54 -22.10 0.84
CA VAL L 243 -16.73 -23.25 1.24
C VAL L 243 -17.22 -24.48 0.50
N LEU L 244 -16.28 -25.30 0.05
CA LEU L 244 -16.60 -26.51 -0.70
C LEU L 244 -16.76 -27.72 0.21
N TRP L 245 -15.95 -27.83 1.25
CA TRP L 245 -15.98 -28.96 2.15
C TRP L 245 -15.25 -28.59 3.43
N GLY L 246 -15.67 -29.20 4.54
CA GLY L 246 -15.03 -28.95 5.82
C GLY L 246 -14.26 -30.13 6.39
N GLY L 247 -13.01 -29.89 6.77
CA GLY L 247 -12.19 -30.89 7.42
C GLY L 247 -11.74 -30.46 8.81
N ASP L 248 -10.73 -31.15 9.31
CA ASP L 248 -10.15 -30.87 10.62
C ASP L 248 -8.85 -30.08 10.46
N GLY L 249 -8.92 -28.78 10.75
CA GLY L 249 -7.77 -27.91 10.66
C GLY L 249 -7.58 -27.24 9.32
N ALA L 250 -8.34 -27.61 8.30
CA ALA L 250 -8.21 -26.99 7.00
C ALA L 250 -9.52 -27.12 6.23
N ILE L 251 -9.72 -26.22 5.27
CA ILE L 251 -10.86 -26.26 4.37
C ILE L 251 -10.36 -26.00 2.95
N VAL L 252 -11.28 -26.13 2.00
CA VAL L 252 -10.97 -25.97 0.58
C VAL L 252 -11.86 -24.86 0.02
N VAL L 253 -11.24 -23.91 -0.68
CA VAL L 253 -11.96 -22.78 -1.27
C VAL L 253 -11.57 -22.68 -2.74
N LYS L 254 -12.37 -21.93 -3.49
CA LYS L 254 -12.15 -21.72 -4.91
C LYS L 254 -11.54 -20.34 -5.11
N ASP L 255 -10.35 -20.30 -5.71
CA ASP L 255 -9.68 -19.04 -5.97
C ASP L 255 -10.33 -18.35 -7.16
N ARG L 256 -10.91 -17.16 -6.92
CA ARG L 256 -11.57 -16.44 -8.00
C ARG L 256 -10.58 -15.96 -9.06
N GLY L 257 -9.42 -15.47 -8.62
CA GLY L 257 -8.47 -14.89 -9.57
C GLY L 257 -7.86 -15.91 -10.50
N THR L 258 -7.52 -17.09 -9.99
CA THR L 258 -6.77 -18.08 -10.76
C THR L 258 -7.62 -19.29 -11.17
N ASP L 259 -8.78 -19.49 -10.52
CA ASP L 259 -9.69 -20.60 -10.84
C ASP L 259 -9.03 -21.95 -10.56
N ARG L 260 -8.40 -22.05 -9.40
CA ARG L 260 -7.80 -23.28 -8.91
C ARG L 260 -8.20 -23.52 -7.47
N TYR L 261 -8.34 -24.79 -7.10
CA TYR L 261 -8.67 -25.14 -5.73
C TYR L 261 -7.40 -25.20 -4.88
N LEU L 262 -7.47 -24.60 -3.69
CA LEU L 262 -6.35 -24.55 -2.77
C LEU L 262 -6.80 -25.03 -1.40
N VAL L 263 -5.82 -25.39 -0.57
CA VAL L 263 -6.05 -25.81 0.80
C VAL L 263 -5.59 -24.68 1.72
N ILE L 264 -6.47 -24.29 2.63
CA ILE L 264 -6.19 -23.21 3.58
C ILE L 264 -6.39 -23.75 4.99
N ALA L 265 -5.40 -23.51 5.85
CA ALA L 265 -5.49 -23.97 7.23
C ALA L 265 -6.59 -23.20 7.97
N ASN L 266 -7.11 -23.83 9.03
CA ASN L 266 -8.19 -23.22 9.79
C ASN L 266 -7.77 -21.97 10.54
N LYS L 267 -6.47 -21.68 10.63
CA LYS L 267 -6.02 -20.50 11.36
C LYS L 267 -6.37 -19.20 10.65
N ASP L 268 -6.62 -19.25 9.34
CA ASP L 268 -6.85 -18.03 8.55
C ASP L 268 -8.19 -18.05 7.82
N VAL L 269 -9.24 -18.55 8.45
CA VAL L 269 -10.58 -18.59 7.85
C VAL L 269 -11.56 -17.88 8.76
N LYS L 270 -12.53 -17.19 8.17
CA LYS L 270 -13.53 -16.43 8.90
C LYS L 270 -14.92 -16.82 8.36
N PHE L 271 -15.59 -17.74 9.04
CA PHE L 271 -16.86 -18.26 8.56
C PHE L 271 -17.95 -17.20 8.59
N ILE L 272 -18.77 -17.18 7.53
CA ILE L 272 -19.81 -16.17 7.38
C ILE L 272 -21.09 -16.84 6.89
N PRO L 273 -22.24 -16.38 7.37
CA PRO L 273 -23.51 -16.92 6.89
C PRO L 273 -23.64 -16.70 5.38
N PRO L 274 -24.35 -17.58 4.69
CA PRO L 274 -24.35 -17.59 3.21
C PRO L 274 -24.90 -16.31 2.60
N PRO L 275 -25.80 -15.57 3.26
CA PRO L 275 -26.08 -14.34 2.51
C PRO L 275 -25.05 -13.25 2.76
N ILE M 2 34.22 -17.55 -2.99
CA ILE M 2 35.29 -16.81 -3.65
C ILE M 2 36.63 -17.48 -3.42
N GLU M 3 36.78 -18.18 -2.29
CA GLU M 3 38.03 -18.88 -2.01
C GLU M 3 38.32 -19.98 -3.02
N ASN M 4 37.30 -20.46 -3.74
CA ASN M 4 37.48 -21.56 -4.68
C ASN M 4 37.51 -21.12 -6.13
N ILE M 5 37.16 -19.88 -6.45
CA ILE M 5 37.04 -19.43 -7.83
C ILE M 5 38.40 -19.37 -8.53
N PRO M 6 39.39 -18.63 -8.00
CA PRO M 6 40.70 -18.65 -8.66
C PRO M 6 41.34 -20.04 -8.65
N LEU M 7 41.10 -20.80 -7.59
CA LEU M 7 41.58 -22.18 -7.56
C LEU M 7 41.02 -22.97 -8.74
N ALA M 8 39.69 -22.86 -8.96
CA ALA M 8 39.05 -23.55 -10.05
C ALA M 8 39.58 -23.08 -11.40
N GLU M 9 39.83 -21.78 -11.53
CA GLU M 9 40.55 -21.29 -12.71
C GLU M 9 41.84 -22.06 -12.91
N GLU M 10 42.57 -22.27 -11.80
CA GLU M 10 43.89 -22.89 -11.92
C GLU M 10 43.80 -24.34 -12.37
N GLU M 11 42.92 -25.15 -11.76
CA GLU M 11 42.88 -26.54 -12.23
C GLU M 11 42.21 -26.63 -13.60
N HIS M 12 41.37 -25.65 -13.98
CA HIS M 12 40.88 -25.65 -15.34
C HIS M 12 42.02 -25.45 -16.32
N ASN M 13 42.95 -24.54 -16.00
CA ASN M 13 44.16 -24.43 -16.82
C ASN M 13 44.97 -25.72 -16.80
N LYS M 14 45.03 -26.41 -15.66
CA LYS M 14 45.77 -27.66 -15.59
C LYS M 14 45.18 -28.72 -16.52
N TRP M 15 43.86 -28.93 -16.41
CA TRP M 15 43.24 -30.18 -16.85
C TRP M 15 42.16 -30.02 -17.92
N HIS M 16 41.48 -28.87 -17.96
CA HIS M 16 40.44 -28.61 -18.96
C HIS M 16 39.28 -29.60 -18.85
N GLN M 17 38.63 -29.60 -17.69
CA GLN M 17 37.45 -30.42 -17.47
C GLN M 17 36.20 -29.63 -17.88
N ASP M 18 35.03 -30.14 -17.52
CA ASP M 18 33.78 -29.54 -17.98
C ASP M 18 33.28 -28.50 -16.97
N ALA M 19 32.49 -27.55 -17.50
CA ALA M 19 32.01 -26.44 -16.69
C ALA M 19 31.11 -26.92 -15.56
N VAL M 20 30.09 -27.72 -15.89
CA VAL M 20 29.19 -28.20 -14.85
C VAL M 20 29.90 -29.18 -13.93
N SER M 21 30.90 -29.91 -14.45
CA SER M 21 31.68 -30.81 -13.61
C SER M 21 32.39 -30.04 -12.51
N LEU M 22 33.13 -28.99 -12.88
CA LEU M 22 33.80 -28.19 -11.86
C LEU M 22 32.79 -27.43 -11.00
N HIS M 23 31.64 -27.06 -11.59
CA HIS M 23 30.55 -26.48 -10.81
C HIS M 23 30.16 -27.36 -9.63
N LEU M 24 29.86 -28.63 -9.90
CA LEU M 24 29.42 -29.50 -8.83
C LEU M 24 30.57 -29.90 -7.92
N GLU M 25 31.80 -29.96 -8.45
CA GLU M 25 32.92 -30.36 -7.62
C GLU M 25 33.30 -29.27 -6.62
N PHE M 26 33.16 -28.00 -6.98
CA PHE M 26 33.67 -26.92 -6.15
C PHE M 26 32.62 -25.92 -5.67
N GLY M 27 31.35 -26.13 -5.99
CA GLY M 27 30.33 -25.20 -5.54
C GLY M 27 30.50 -23.80 -6.10
N ILE M 28 30.85 -23.69 -7.38
CA ILE M 28 31.11 -22.40 -8.01
C ILE M 28 30.05 -22.19 -9.09
N PRO M 29 29.47 -21.00 -9.20
CA PRO M 29 28.29 -20.83 -10.07
C PRO M 29 28.55 -21.25 -11.51
N ARG M 30 27.55 -21.90 -12.10
CA ARG M 30 27.70 -22.49 -13.42
C ARG M 30 27.80 -21.43 -14.51
N THR M 31 27.18 -20.26 -14.31
CA THR M 31 27.41 -19.18 -15.25
C THR M 31 28.87 -18.76 -15.27
N ALA M 32 29.48 -18.62 -14.09
CA ALA M 32 30.91 -18.34 -14.02
C ALA M 32 31.71 -19.45 -14.68
N ALA M 33 31.31 -20.70 -14.44
CA ALA M 33 32.03 -21.83 -15.03
C ALA M 33 32.00 -21.78 -16.56
N GLU M 34 30.84 -21.47 -17.14
CA GLU M 34 30.75 -21.44 -18.60
C GLU M 34 31.46 -20.21 -19.16
N ASP M 35 31.49 -19.09 -18.43
CA ASP M 35 32.34 -17.99 -18.86
C ASP M 35 33.81 -18.40 -18.85
N ILE M 36 34.23 -19.16 -17.83
CA ILE M 36 35.61 -19.65 -17.79
C ILE M 36 35.90 -20.52 -18.99
N VAL M 37 34.99 -21.44 -19.30
CA VAL M 37 35.20 -22.35 -20.43
C VAL M 37 35.27 -21.58 -21.74
N GLN M 38 34.36 -20.62 -21.93
CA GLN M 38 34.37 -19.83 -23.16
C GLN M 38 35.64 -19.00 -23.29
N GLN M 39 36.08 -18.40 -22.18
CA GLN M 39 37.32 -17.62 -22.21
C GLN M 39 38.53 -18.49 -22.48
N CYS M 40 38.53 -19.72 -21.99
CA CYS M 40 39.65 -20.63 -22.21
C CYS M 40 39.67 -21.03 -23.67
N ASP M 41 40.54 -20.37 -24.45
CA ASP M 41 40.66 -20.69 -25.86
C ASP M 41 41.28 -22.06 -26.09
N VAL M 42 41.92 -22.63 -25.05
CA VAL M 42 42.46 -23.98 -25.17
C VAL M 42 41.33 -24.98 -25.40
N CYS M 43 40.29 -24.92 -24.56
CA CYS M 43 39.17 -25.85 -24.69
C CYS M 43 38.44 -25.66 -26.01
N GLN M 44 38.23 -24.42 -26.44
CA GLN M 44 37.53 -24.14 -27.69
C GLN M 44 38.53 -23.91 -28.82
N ILE M 60 26.18 -54.19 -18.79
CA ILE M 60 26.89 -54.44 -17.54
C ILE M 60 28.31 -54.94 -17.84
N ASP M 61 29.29 -54.10 -17.52
CA ASP M 61 30.70 -54.42 -17.76
C ASP M 61 30.95 -54.79 -19.22
N HIS M 62 30.33 -54.02 -20.12
CA HIS M 62 30.43 -54.27 -21.56
C HIS M 62 31.40 -53.28 -22.18
N TRP M 63 32.37 -53.79 -22.93
CA TRP M 63 33.53 -53.02 -23.34
C TRP M 63 33.70 -53.09 -24.85
N GLN M 64 34.30 -52.05 -25.42
CA GLN M 64 34.55 -51.98 -26.86
C GLN M 64 35.95 -51.43 -27.08
N VAL M 65 36.55 -51.81 -28.21
CA VAL M 65 37.93 -51.45 -28.52
C VAL M 65 38.00 -50.90 -29.94
N ASP M 66 38.83 -49.88 -30.14
CA ASP M 66 39.13 -49.37 -31.47
C ASP M 66 40.53 -48.76 -31.45
N TYR M 67 41.42 -49.31 -32.28
CA TYR M 67 42.77 -48.78 -32.36
C TYR M 67 42.77 -47.37 -32.97
N THR M 68 43.75 -46.57 -32.57
CA THR M 68 43.88 -45.21 -33.06
C THR M 68 45.35 -44.84 -33.14
N HIS M 69 45.64 -43.82 -33.95
CA HIS M 69 46.99 -43.32 -34.15
C HIS M 69 47.05 -41.85 -33.78
N TYR M 70 48.07 -41.48 -33.01
CA TYR M 70 48.27 -40.10 -32.60
C TYR M 70 49.76 -39.82 -32.50
N GLU M 71 50.23 -38.85 -33.29
CA GLU M 71 51.64 -38.48 -33.33
C GLU M 71 52.53 -39.69 -33.64
N ASP M 72 52.10 -40.48 -34.62
CA ASP M 72 52.83 -41.68 -35.05
C ASP M 72 53.03 -42.65 -33.89
N LYS M 73 52.02 -42.77 -33.02
CA LYS M 73 52.05 -43.68 -31.89
C LYS M 73 50.70 -44.36 -31.77
N ILE M 74 50.68 -45.67 -31.92
CA ILE M 74 49.45 -46.44 -31.78
C ILE M 74 49.05 -46.46 -30.32
N ILE M 75 47.77 -46.18 -30.05
CA ILE M 75 47.23 -46.15 -28.69
C ILE M 75 46.08 -47.13 -28.61
N LEU M 76 46.19 -48.11 -27.70
CA LEU M 76 45.10 -49.04 -27.46
C LEU M 76 44.04 -48.37 -26.60
N VAL M 77 42.81 -48.35 -27.09
CA VAL M 77 41.71 -47.64 -26.45
C VAL M 77 40.61 -48.62 -26.13
N TRP M 78 40.16 -48.63 -24.87
CA TRP M 78 39.01 -49.40 -24.43
C TRP M 78 37.84 -48.45 -24.21
N VAL M 79 36.70 -48.77 -24.80
CA VAL M 79 35.51 -47.93 -24.73
C VAL M 79 34.38 -48.75 -24.12
N GLU M 80 33.81 -48.26 -23.02
CA GLU M 80 32.72 -48.96 -22.37
C GLU M 80 31.39 -48.44 -22.90
N THR M 81 30.43 -49.36 -23.06
CA THR M 81 29.19 -49.03 -23.75
C THR M 81 28.20 -48.24 -22.90
N ASN M 82 28.02 -48.62 -21.64
CA ASN M 82 26.96 -48.02 -20.82
C ASN M 82 27.46 -46.82 -20.03
N SER M 83 28.45 -47.02 -19.16
CA SER M 83 28.97 -45.93 -18.35
C SER M 83 29.76 -44.93 -19.18
N GLY M 84 30.39 -45.38 -20.26
CA GLY M 84 31.28 -44.53 -21.02
C GLY M 84 32.70 -44.49 -20.50
N LEU M 85 33.05 -45.35 -19.54
CA LEU M 85 34.40 -45.41 -19.03
C LEU M 85 35.37 -45.80 -20.14
N ILE M 86 36.57 -45.24 -20.09
CA ILE M 86 37.59 -45.51 -21.10
C ILE M 86 38.92 -45.80 -20.42
N TYR M 87 39.75 -46.59 -21.10
CA TYR M 87 41.12 -46.81 -20.69
C TYR M 87 42.00 -46.80 -21.93
N ALA M 88 43.14 -46.11 -21.84
CA ALA M 88 44.07 -46.02 -22.95
C ALA M 88 45.49 -46.20 -22.46
N GLU M 89 46.34 -46.72 -23.33
CA GLU M 89 47.75 -46.91 -23.01
C GLU M 89 48.52 -47.01 -24.33
N ARG M 90 49.72 -46.40 -24.35
CA ARG M 90 50.54 -46.44 -25.54
C ARG M 90 51.03 -47.85 -25.83
N VAL M 91 50.89 -48.27 -27.09
CA VAL M 91 51.34 -49.59 -27.53
C VAL M 91 52.25 -49.40 -28.74
N LYS M 92 53.35 -50.14 -28.78
CA LYS M 92 54.30 -49.99 -29.87
C LYS M 92 53.68 -50.42 -31.20
N GLY M 93 52.87 -51.47 -31.19
CA GLY M 93 52.24 -51.94 -32.40
C GLY M 93 50.98 -52.72 -32.11
N GLU M 94 50.29 -53.11 -33.18
CA GLU M 94 49.06 -53.89 -33.09
C GLU M 94 49.32 -55.39 -33.02
N THR M 95 50.52 -55.80 -32.61
CA THR M 95 50.88 -57.21 -32.63
C THR M 95 50.08 -58.01 -31.60
N GLY M 96 49.88 -59.29 -31.93
CA GLY M 96 49.02 -60.14 -31.11
C GLY M 96 49.55 -60.32 -29.70
N GLN M 97 50.85 -60.59 -29.58
CA GLN M 97 51.43 -60.82 -28.25
C GLN M 97 51.38 -59.56 -27.39
N GLU M 98 51.65 -58.41 -27.99
CA GLU M 98 51.55 -57.15 -27.27
C GLU M 98 50.13 -56.92 -26.78
N PHE M 99 49.14 -57.13 -27.66
CA PHE M 99 47.77 -56.96 -27.21
C PHE M 99 47.40 -57.99 -26.14
N ARG M 100 47.99 -59.19 -26.21
CA ARG M 100 47.76 -60.16 -25.14
C ARG M 100 48.29 -59.64 -23.82
N VAL M 101 49.46 -59.01 -23.83
CA VAL M 101 50.02 -58.46 -22.59
C VAL M 101 49.13 -57.37 -22.03
N GLN M 102 48.76 -56.39 -22.87
CA GLN M 102 47.89 -55.32 -22.38
C GLN M 102 46.52 -55.82 -21.96
N THR M 103 45.99 -56.85 -22.63
CA THR M 103 44.66 -57.34 -22.26
C THR M 103 44.71 -58.19 -21.00
N MET M 104 45.82 -58.88 -20.73
CA MET M 104 45.95 -59.54 -19.44
C MET M 104 46.03 -58.50 -18.32
N LYS M 105 46.80 -57.43 -18.52
CA LYS M 105 46.82 -56.35 -17.54
C LYS M 105 45.42 -55.75 -17.35
N TRP M 106 44.70 -55.56 -18.46
CA TRP M 106 43.35 -55.00 -18.43
C TRP M 106 42.40 -55.88 -17.64
N TYR M 107 42.36 -57.18 -17.97
CA TYR M 107 41.50 -58.10 -17.23
C TYR M 107 41.88 -58.18 -15.76
N ALA M 108 43.18 -58.11 -15.44
CA ALA M 108 43.59 -58.15 -14.03
C ALA M 108 43.12 -56.92 -13.28
N MET M 109 43.23 -55.76 -13.90
CA MET M 109 43.03 -54.51 -13.19
C MET M 109 41.58 -54.03 -13.22
N PHE M 110 40.75 -54.56 -14.13
CA PHE M 110 39.31 -54.35 -14.11
C PHE M 110 38.60 -55.68 -13.90
N ALA M 111 37.27 -55.65 -14.00
CA ALA M 111 36.44 -56.86 -13.90
C ALA M 111 35.32 -56.79 -14.93
N PRO M 112 35.64 -56.95 -16.21
CA PRO M 112 34.60 -56.88 -17.25
C PRO M 112 33.80 -58.17 -17.35
N LYS M 113 32.71 -58.09 -18.10
CA LYS M 113 31.81 -59.21 -18.34
C LYS M 113 31.69 -59.59 -19.81
N SER M 114 31.59 -58.60 -20.70
CA SER M 114 31.53 -58.85 -22.13
C SER M 114 32.33 -57.78 -22.85
N LEU M 115 32.76 -58.10 -24.07
CA LEU M 115 33.63 -57.22 -24.82
C LEU M 115 33.19 -57.16 -26.27
N GLN M 116 33.27 -55.97 -26.86
CA GLN M 116 33.03 -55.76 -28.28
C GLN M 116 34.35 -55.44 -28.97
N SER M 117 34.51 -55.95 -30.18
CA SER M 117 35.75 -55.74 -30.93
C SER M 117 35.45 -55.86 -32.42
N ASP M 118 36.34 -55.29 -33.22
CA ASP M 118 36.21 -55.36 -34.68
C ASP M 118 36.98 -56.58 -35.20
N ASN M 119 37.18 -56.64 -36.52
CA ASN M 119 37.81 -57.78 -37.17
C ASN M 119 39.31 -57.61 -37.36
N GLY M 120 39.97 -56.88 -36.47
CA GLY M 120 41.40 -56.70 -36.55
C GLY M 120 42.15 -58.00 -36.33
N PRO M 121 43.33 -58.12 -36.93
CA PRO M 121 44.09 -59.38 -36.80
C PRO M 121 44.42 -59.75 -35.37
N ALA M 122 44.77 -58.76 -34.53
CA ALA M 122 45.08 -59.03 -33.14
C ALA M 122 43.86 -59.57 -32.39
N PHE M 123 42.66 -59.35 -32.90
CA PHE M 123 41.44 -59.83 -32.28
C PHE M 123 41.03 -61.19 -32.85
N VAL M 124 41.20 -61.36 -34.17
CA VAL M 124 40.87 -62.62 -34.84
C VAL M 124 41.89 -63.71 -34.54
N ALA M 125 43.05 -63.34 -34.02
CA ALA M 125 44.10 -64.32 -33.74
C ALA M 125 43.61 -65.45 -32.84
N GLU M 126 43.92 -66.69 -33.24
CA GLU M 126 43.45 -67.85 -32.52
C GLU M 126 44.02 -67.92 -31.10
N SER M 127 45.31 -67.60 -30.95
CA SER M 127 45.92 -67.62 -29.63
C SER M 127 45.29 -66.56 -28.72
N THR M 128 45.02 -65.37 -29.25
CA THR M 128 44.35 -64.35 -28.47
C THR M 128 42.97 -64.81 -28.04
N GLN M 129 42.20 -65.40 -28.96
CA GLN M 129 40.87 -65.87 -28.61
C GLN M 129 40.93 -66.98 -27.57
N LEU M 130 41.92 -67.86 -27.67
CA LEU M 130 42.11 -68.89 -26.65
C LEU M 130 42.45 -68.26 -25.31
N LEU M 131 43.22 -67.16 -25.31
CA LEU M 131 43.53 -66.48 -24.05
C LEU M 131 42.28 -65.87 -23.42
N MET M 132 41.43 -65.21 -24.22
CA MET M 132 40.18 -64.70 -23.65
C MET M 132 39.31 -65.82 -23.13
N LYS M 133 39.23 -66.94 -23.85
CA LYS M 133 38.43 -68.06 -23.38
C LYS M 133 39.00 -68.64 -22.09
N TYR M 134 40.33 -68.73 -21.97
CA TYR M 134 40.94 -69.22 -20.74
C TYR M 134 40.66 -68.27 -19.58
N LEU M 135 40.73 -66.96 -19.81
CA LEU M 135 40.38 -66.01 -18.77
C LEU M 135 38.89 -65.94 -18.50
N GLY M 136 38.07 -66.54 -19.36
CA GLY M 136 36.64 -66.63 -19.13
C GLY M 136 35.81 -65.46 -19.59
N ILE M 137 36.38 -64.56 -20.38
CA ILE M 137 35.63 -63.41 -20.89
C ILE M 137 35.08 -63.75 -22.26
N GLU M 138 33.97 -63.10 -22.62
CA GLU M 138 33.31 -63.32 -23.91
C GLU M 138 33.87 -62.31 -24.91
N HIS M 139 34.50 -62.82 -25.96
CA HIS M 139 35.10 -61.99 -26.99
C HIS M 139 34.27 -62.06 -28.26
N THR M 140 33.88 -60.90 -28.78
CA THR M 140 33.07 -60.79 -29.99
C THR M 140 33.82 -59.97 -31.02
N THR M 141 33.92 -60.49 -32.24
CA THR M 141 34.59 -59.81 -33.33
C THR M 141 33.59 -59.52 -34.44
N GLY M 142 33.57 -58.29 -34.92
CA GLY M 142 32.68 -57.90 -35.99
C GLY M 142 32.63 -56.40 -36.15
N ILE M 143 32.10 -55.97 -37.30
CA ILE M 143 31.98 -54.54 -37.59
C ILE M 143 30.97 -53.92 -36.63
N PRO M 144 31.29 -52.80 -35.99
CA PRO M 144 30.31 -52.14 -35.12
C PRO M 144 29.19 -51.52 -35.94
N TRP M 145 27.96 -51.97 -35.70
CA TRP M 145 26.79 -51.52 -36.45
C TRP M 145 25.88 -50.60 -35.67
N ASN M 146 25.91 -50.65 -34.34
CA ASN M 146 24.98 -49.87 -33.53
C ASN M 146 25.32 -48.40 -33.64
N PRO M 147 24.40 -47.55 -34.08
CA PRO M 147 24.67 -46.10 -34.07
C PRO M 147 24.96 -45.56 -32.68
N GLN M 148 24.29 -46.09 -31.65
CA GLN M 148 24.54 -45.65 -30.30
C GLN M 148 25.98 -45.91 -29.89
N SER M 149 26.50 -47.10 -30.21
CA SER M 149 27.89 -47.41 -29.88
C SER M 149 28.86 -46.60 -30.74
N GLN M 150 28.55 -46.44 -32.03
CA GLN M 150 29.48 -45.76 -32.93
C GLN M 150 29.60 -44.28 -32.61
N ALA M 151 28.49 -43.63 -32.26
CA ALA M 151 28.55 -42.21 -31.91
C ALA M 151 29.41 -41.99 -30.68
N LEU M 152 29.23 -42.83 -29.65
CA LEU M 152 30.08 -42.71 -28.47
C LEU M 152 31.54 -43.00 -28.80
N VAL M 153 31.79 -44.01 -29.64
CA VAL M 153 33.17 -44.35 -29.97
C VAL M 153 33.86 -43.19 -30.67
N GLU M 154 33.19 -42.60 -31.66
CA GLU M 154 33.80 -41.47 -32.37
C GLU M 154 33.93 -40.25 -31.48
N ARG M 155 32.98 -40.04 -30.57
CA ARG M 155 33.08 -38.93 -29.63
C ARG M 155 34.31 -39.08 -28.74
N THR M 156 34.51 -40.27 -28.18
CA THR M 156 35.69 -40.51 -27.34
C THR M 156 36.97 -40.38 -28.15
N HIS M 157 36.99 -40.86 -29.39
CA HIS M 157 38.19 -40.74 -30.21
C HIS M 157 38.55 -39.28 -30.45
N GLN M 158 37.57 -38.49 -30.89
CA GLN M 158 37.81 -37.07 -31.15
C GLN M 158 38.24 -36.37 -29.87
N THR M 159 37.56 -36.67 -28.77
CA THR M 159 37.88 -36.01 -27.50
C THR M 159 39.26 -36.37 -27.01
N LEU M 160 39.67 -37.64 -27.12
CA LEU M 160 40.99 -38.02 -26.65
C LEU M 160 42.07 -37.39 -27.51
N LYS M 161 41.88 -37.35 -28.84
CA LYS M 161 42.87 -36.67 -29.67
C LYS M 161 42.95 -35.19 -29.31
N ASN M 162 41.80 -34.54 -29.12
CA ASN M 162 41.79 -33.13 -28.74
C ASN M 162 42.52 -32.91 -27.42
N THR M 163 42.19 -33.71 -26.40
CA THR M 163 42.79 -33.55 -25.09
C THR M 163 44.27 -33.86 -25.07
N LEU M 164 44.71 -34.84 -25.87
CA LEU M 164 46.15 -35.08 -26.00
C LEU M 164 46.83 -33.86 -26.62
N GLU M 165 46.22 -33.28 -27.65
CA GLU M 165 46.77 -32.04 -28.20
C GLU M 165 46.81 -30.95 -27.15
N LYS M 166 45.83 -30.92 -26.24
CA LYS M 166 45.83 -29.92 -25.18
C LYS M 166 47.00 -30.13 -24.23
N LEU M 167 47.24 -31.39 -23.84
CA LEU M 167 48.06 -31.70 -22.68
C LEU M 167 49.49 -32.10 -23.01
N ILE M 168 49.83 -32.34 -24.27
CA ILE M 168 51.22 -32.70 -24.61
C ILE M 168 52.23 -31.63 -24.21
N PRO M 169 52.00 -30.32 -24.43
CA PRO M 169 53.09 -29.36 -24.14
C PRO M 169 53.53 -29.33 -22.69
N MET M 170 52.59 -29.47 -21.75
CA MET M 170 52.95 -29.30 -20.34
C MET M 170 53.67 -30.52 -19.77
N PHE M 171 53.28 -31.72 -20.19
CA PHE M 171 53.78 -32.95 -19.58
C PHE M 171 55.01 -33.43 -20.32
N ASN M 172 56.05 -33.78 -19.54
CA ASN M 172 57.31 -34.23 -20.12
C ASN M 172 57.14 -35.54 -20.89
N ALA M 173 56.37 -36.48 -20.34
CA ALA M 173 56.26 -37.82 -20.90
C ALA M 173 54.95 -38.00 -21.66
N PHE M 174 55.04 -38.69 -22.79
CA PHE M 174 53.86 -39.00 -23.59
C PHE M 174 52.90 -39.91 -22.83
N GLU M 175 53.47 -40.91 -22.13
CA GLU M 175 52.66 -41.76 -21.26
C GLU M 175 52.05 -40.95 -20.12
N SER M 176 52.77 -39.95 -19.61
CA SER M 176 52.20 -39.06 -18.61
C SER M 176 51.03 -38.27 -19.19
N ALA M 177 51.14 -37.84 -20.45
CA ALA M 177 50.05 -37.13 -21.09
C ALA M 177 48.81 -38.01 -21.20
N LEU M 178 48.99 -39.27 -21.59
CA LEU M 178 47.86 -40.20 -21.62
C LEU M 178 47.29 -40.42 -20.22
N ALA M 179 48.14 -40.56 -19.22
CA ALA M 179 47.67 -40.78 -17.86
C ALA M 179 46.81 -39.60 -17.39
N GLY M 180 47.29 -38.38 -17.60
CA GLY M 180 46.52 -37.21 -17.22
C GLY M 180 45.23 -37.07 -18.01
N THR M 181 45.27 -37.41 -19.31
CA THR M 181 44.05 -37.39 -20.12
C THR M 181 43.02 -38.37 -19.57
N LEU M 182 43.46 -39.57 -19.20
CA LEU M 182 42.55 -40.54 -18.61
C LEU M 182 41.98 -40.04 -17.30
N ILE M 183 42.83 -39.38 -16.49
CA ILE M 183 42.36 -38.78 -15.25
C ILE M 183 41.23 -37.80 -15.53
N THR M 184 41.46 -36.90 -16.47
CA THR M 184 40.47 -35.87 -16.79
C THR M 184 39.19 -36.48 -17.32
N LEU M 185 39.31 -37.49 -18.17
CA LEU M 185 38.13 -38.05 -18.83
C LEU M 185 37.31 -38.94 -17.92
N ASN M 186 37.93 -39.59 -16.92
CA ASN M 186 37.19 -40.56 -16.12
C ASN M 186 36.93 -40.15 -14.68
N ILE M 187 37.70 -39.22 -14.12
CA ILE M 187 37.57 -38.89 -12.71
C ILE M 187 36.77 -37.61 -12.52
N LYS M 188 37.23 -36.51 -13.11
CA LYS M 188 36.65 -35.21 -12.84
C LYS M 188 35.52 -34.85 -13.80
N ARG M 189 35.62 -35.27 -15.06
CA ARG M 189 34.58 -34.96 -16.03
C ARG M 189 33.28 -35.66 -15.63
N LYS M 190 32.27 -34.87 -15.29
CA LYS M 190 31.02 -35.40 -14.77
C LYS M 190 29.86 -34.70 -15.47
N GLY M 191 28.72 -35.38 -15.50
CA GLY M 191 27.53 -34.85 -16.15
C GLY M 191 26.28 -35.20 -15.38
N GLY M 192 25.24 -34.42 -15.63
CA GLY M 192 23.96 -34.62 -14.96
C GLY M 192 24.06 -34.41 -13.46
N LEU M 193 23.95 -35.50 -12.70
CA LEU M 193 24.12 -35.46 -11.25
C LEU M 193 25.58 -35.51 -10.83
N GLY M 194 26.50 -35.22 -11.74
CA GLY M 194 27.91 -35.26 -11.42
C GLY M 194 28.44 -36.64 -11.10
N THR M 195 28.08 -37.64 -11.91
CA THR M 195 28.50 -39.02 -11.69
C THR M 195 29.44 -39.38 -12.83
N SER M 196 30.73 -39.47 -12.52
CA SER M 196 31.73 -39.76 -13.53
C SER M 196 31.61 -41.20 -14.02
N PRO M 197 32.03 -41.49 -15.26
CA PRO M 197 31.91 -42.87 -15.77
C PRO M 197 32.61 -43.89 -14.89
N MET M 198 33.72 -43.51 -14.26
CA MET M 198 34.31 -44.35 -13.22
C MET M 198 33.31 -44.59 -12.10
N ASP M 199 32.54 -43.56 -11.73
CA ASP M 199 31.54 -43.72 -10.68
C ASP M 199 30.44 -44.68 -11.11
N ILE M 200 29.98 -44.59 -12.36
CA ILE M 200 28.97 -45.55 -12.83
C ILE M 200 29.55 -46.96 -12.83
N PHE M 201 30.81 -47.11 -13.22
CA PHE M 201 31.44 -48.43 -13.22
C PHE M 201 31.49 -49.02 -11.81
N ILE M 202 31.89 -48.20 -10.83
CA ILE M 202 31.94 -48.64 -9.45
C ILE M 202 30.54 -48.99 -8.95
N PHE M 203 29.56 -48.18 -9.32
CA PHE M 203 28.18 -48.46 -8.91
C PHE M 203 27.68 -49.76 -9.52
N ASN M 204 28.02 -50.03 -10.77
CA ASN M 204 27.62 -51.27 -11.42
C ASN M 204 28.27 -52.46 -10.72
N LYS M 205 29.56 -52.34 -10.38
CA LYS M 205 30.25 -53.45 -9.74
C LYS M 205 29.66 -53.74 -8.36
N GLU M 206 29.41 -52.68 -7.57
CA GLU M 206 28.83 -52.90 -6.25
C GLU M 206 27.42 -53.45 -6.35
N GLN M 207 26.66 -52.99 -7.36
CA GLN M 207 25.31 -53.52 -7.55
C GLN M 207 25.34 -55.00 -7.92
N GLN M 208 26.26 -55.40 -8.81
CA GLN M 208 26.29 -56.81 -9.20
C GLN M 208 26.71 -57.67 -8.01
N ARG M 209 27.63 -57.17 -7.17
CA ARG M 209 27.94 -57.88 -5.94
C ARG M 209 26.70 -57.98 -5.04
N ILE M 210 25.90 -56.90 -5.01
CA ILE M 210 24.69 -56.89 -4.19
C ILE M 210 23.71 -57.95 -4.68
N GLN M 211 23.50 -58.03 -5.99
CA GLN M 211 22.58 -59.05 -6.51
C GLN M 211 23.12 -60.45 -6.29
N GLN M 212 24.45 -60.62 -6.41
CA GLN M 212 25.03 -61.93 -6.16
C GLN M 212 24.76 -62.39 -4.73
N GLN M 213 25.08 -61.53 -3.75
CA GLN M 213 24.86 -61.92 -2.36
C GLN M 213 23.37 -62.06 -2.04
N SER M 214 22.52 -61.21 -2.62
CA SER M 214 21.08 -61.29 -2.35
C SER M 214 20.50 -62.59 -2.90
N LYS M 215 20.86 -62.96 -4.13
CA LYS M 215 20.36 -64.23 -4.65
C LYS M 215 20.91 -65.40 -3.87
N SER M 216 22.19 -65.32 -3.48
CA SER M 216 22.81 -66.42 -2.73
C SER M 216 22.11 -66.65 -1.40
N LYS M 217 21.74 -65.57 -0.70
CA LYS M 217 20.90 -65.74 0.48
C LYS M 217 19.46 -66.07 0.14
N GLN M 218 19.05 -65.86 -1.12
CA GLN M 218 17.70 -66.22 -1.53
C GLN M 218 17.52 -67.72 -1.71
N GLU M 219 18.54 -68.44 -2.23
CA GLU M 219 18.12 -69.83 -2.48
C GLU M 219 18.02 -70.67 -1.22
N LYS M 220 17.99 -70.17 0.01
CA LYS M 220 17.99 -71.07 1.16
C LYS M 220 16.71 -71.87 1.26
N ILE M 221 15.57 -71.19 1.46
CA ILE M 221 14.27 -71.82 1.64
C ILE M 221 14.42 -72.96 2.66
N ARG M 222 14.60 -72.60 3.93
CA ARG M 222 14.80 -73.61 4.96
C ARG M 222 13.47 -74.12 5.48
N PHE M 223 13.54 -75.05 6.44
CA PHE M 223 12.36 -75.66 7.03
C PHE M 223 12.45 -75.57 8.54
N CYS M 224 11.28 -75.63 9.19
CA CYS M 224 11.20 -75.42 10.63
C CYS M 224 9.99 -76.15 11.19
N TYR M 225 9.99 -76.30 12.52
CA TYR M 225 8.86 -76.83 13.26
C TYR M 225 7.89 -75.71 13.63
N TYR M 226 6.76 -76.11 14.21
CA TYR M 226 5.75 -75.14 14.65
C TYR M 226 4.77 -75.85 15.57
N ARG M 227 4.00 -75.06 16.30
CA ARG M 227 2.92 -75.58 17.13
C ARG M 227 1.88 -74.47 17.31
N THR M 228 0.66 -74.87 17.61
CA THR M 228 -0.45 -73.94 17.74
C THR M 228 -0.80 -73.72 19.20
N ARG M 229 -1.53 -72.64 19.45
CA ARG M 229 -1.97 -72.27 20.79
C ARG M 229 -3.48 -72.40 20.90
N LYS M 230 -3.94 -73.08 21.95
CA LYS M 230 -5.37 -73.22 22.23
C LYS M 230 -5.63 -72.75 23.66
N ARG M 231 -6.50 -71.75 23.79
CA ARG M 231 -6.93 -71.15 25.07
C ARG M 231 -5.78 -71.01 26.06
N GLY M 232 -4.57 -70.74 25.56
CA GLY M 232 -3.39 -70.63 26.38
C GLY M 232 -2.71 -71.94 26.72
N HIS M 233 -3.30 -73.09 26.33
CA HIS M 233 -2.72 -74.39 26.60
C HIS M 233 -1.80 -74.82 25.46
N PRO M 234 -0.76 -75.59 25.77
CA PRO M 234 0.23 -75.94 24.74
C PRO M 234 -0.30 -76.97 23.75
N GLY M 235 0.16 -76.83 22.51
CA GLY M 235 -0.10 -77.81 21.47
C GLY M 235 1.20 -78.50 21.08
N GLU M 236 1.07 -79.75 20.65
CA GLU M 236 2.24 -80.55 20.31
C GLU M 236 2.95 -79.98 19.09
N TRP M 237 4.27 -80.17 19.05
CA TRP M 237 5.07 -79.66 17.95
C TRP M 237 4.68 -80.34 16.64
N GLN M 238 4.65 -79.57 15.57
CA GLN M 238 4.24 -80.05 14.26
C GLN M 238 5.29 -79.66 13.22
N GLY M 239 5.32 -80.42 12.13
CA GLY M 239 6.25 -80.17 11.06
C GLY M 239 6.94 -81.44 10.58
N PRO M 240 8.07 -81.30 9.88
CA PRO M 240 8.69 -80.01 9.50
C PRO M 240 7.97 -79.32 8.35
N THR M 241 8.05 -78.00 8.30
CA THR M 241 7.46 -77.21 7.22
C THR M 241 8.46 -76.15 6.79
N GLN M 242 8.34 -75.74 5.53
CA GLN M 242 9.28 -74.80 4.94
C GLN M 242 9.17 -73.43 5.58
N VAL M 243 10.30 -72.74 5.68
CA VAL M 243 10.35 -71.36 6.15
C VAL M 243 10.16 -70.48 4.92
N LEU M 244 8.93 -69.96 4.76
CA LEU M 244 8.58 -69.23 3.56
C LEU M 244 8.63 -67.72 3.76
N TRP M 245 8.07 -67.22 4.87
CA TRP M 245 8.16 -65.80 5.18
C TRP M 245 8.24 -65.63 6.69
N GLY M 246 9.00 -64.63 7.12
CA GLY M 246 9.10 -64.33 8.53
C GLY M 246 8.89 -62.86 8.84
N GLY M 247 7.83 -62.54 9.58
CA GLY M 247 7.54 -61.19 9.99
C GLY M 247 8.13 -60.87 11.35
N ASP M 248 7.65 -59.76 11.93
CA ASP M 248 8.10 -59.34 13.24
C ASP M 248 7.27 -60.05 14.32
N GLY M 249 7.95 -60.82 15.17
CA GLY M 249 7.32 -61.55 16.23
C GLY M 249 6.70 -62.88 15.82
N ALA M 250 6.55 -63.13 14.53
CA ALA M 250 5.95 -64.37 14.05
C ALA M 250 6.36 -64.60 12.61
N ILE M 251 6.23 -65.85 12.17
CA ILE M 251 6.53 -66.26 10.81
C ILE M 251 5.32 -67.00 10.24
N VAL M 252 5.41 -67.37 8.97
CA VAL M 252 4.34 -68.05 8.25
C VAL M 252 4.76 -69.48 7.99
N VAL M 253 3.90 -70.43 8.37
CA VAL M 253 4.15 -71.85 8.18
C VAL M 253 2.94 -72.49 7.53
N LYS M 254 3.15 -73.66 6.95
CA LYS M 254 2.11 -74.40 6.24
C LYS M 254 1.53 -75.49 7.13
N ASP M 255 0.20 -75.53 7.22
CA ASP M 255 -0.50 -76.61 7.91
C ASP M 255 -0.79 -77.70 6.88
N ARG M 256 -0.05 -78.80 6.96
CA ARG M 256 -0.19 -79.86 5.97
C ARG M 256 -1.55 -80.54 6.06
N GLY M 257 -2.15 -80.60 7.25
CA GLY M 257 -3.42 -81.28 7.40
C GLY M 257 -4.55 -80.59 6.67
N THR M 258 -4.64 -79.27 6.79
CA THR M 258 -5.72 -78.50 6.18
C THR M 258 -5.30 -77.81 4.89
N ASP M 259 -4.05 -77.96 4.46
CA ASP M 259 -3.54 -77.35 3.22
C ASP M 259 -3.76 -75.84 3.22
N ARG M 260 -3.49 -75.20 4.36
CA ARG M 260 -3.55 -73.75 4.45
C ARG M 260 -2.49 -73.29 5.44
N TYR M 261 -2.13 -72.01 5.33
CA TYR M 261 -0.97 -71.50 6.05
C TYR M 261 -1.36 -71.02 7.46
N LEU M 262 -0.35 -70.98 8.33
CA LEU M 262 -0.51 -70.55 9.71
C LEU M 262 0.50 -69.47 10.04
N VAL M 263 0.20 -68.70 11.07
CA VAL M 263 1.12 -67.72 11.62
C VAL M 263 1.41 -68.13 13.06
N ILE M 264 2.68 -68.38 13.36
CA ILE M 264 3.11 -68.87 14.67
C ILE M 264 4.18 -67.93 15.21
N ALA M 265 4.07 -67.61 16.50
CA ALA M 265 5.03 -66.73 17.14
C ALA M 265 6.43 -67.33 17.11
N ASN M 266 7.44 -66.47 17.28
CA ASN M 266 8.83 -66.90 17.19
C ASN M 266 9.16 -67.89 18.31
N LYS M 267 8.58 -67.70 19.49
CA LYS M 267 8.86 -68.59 20.61
C LYS M 267 8.29 -69.99 20.41
N ASP M 268 7.41 -70.19 19.43
CA ASP M 268 6.80 -71.49 19.18
C ASP M 268 7.19 -72.06 17.82
N VAL M 269 8.36 -71.69 17.29
CA VAL M 269 8.85 -72.18 16.01
C VAL M 269 10.28 -72.68 16.20
N LYS M 270 10.50 -73.96 15.93
CA LYS M 270 11.83 -74.57 16.02
C LYS M 270 12.40 -74.63 14.60
N PHE M 271 13.35 -73.74 14.32
CA PHE M 271 14.02 -73.74 13.03
C PHE M 271 15.10 -74.82 13.00
N ILE M 272 15.30 -75.40 11.82
CA ILE M 272 16.31 -76.43 11.63
C ILE M 272 17.28 -76.02 10.52
N ASN N 4 19.30 -38.70 15.12
CA ASN N 4 20.17 -39.86 15.25
C ASN N 4 21.57 -39.46 15.70
N ILE N 5 22.00 -38.28 15.25
CA ILE N 5 23.33 -37.80 15.62
C ILE N 5 23.49 -37.59 17.13
N PRO N 6 22.57 -36.92 17.82
CA PRO N 6 22.73 -36.83 19.29
C PRO N 6 22.70 -38.18 19.99
N LEU N 7 21.88 -39.11 19.50
CA LEU N 7 21.86 -40.44 20.10
C LEU N 7 23.16 -41.19 19.83
N ALA N 8 23.73 -41.00 18.65
CA ALA N 8 25.05 -41.58 18.36
C ALA N 8 26.12 -40.97 19.26
N GLU N 9 26.04 -39.67 19.53
CA GLU N 9 26.97 -39.04 20.45
C GLU N 9 26.83 -39.62 21.86
N GLU N 10 25.59 -39.84 22.30
CA GLU N 10 25.37 -40.47 23.60
C GLU N 10 25.95 -41.89 23.63
N GLU N 11 25.72 -42.66 22.57
CA GLU N 11 26.27 -44.01 22.51
C GLU N 11 27.79 -43.98 22.55
N HIS N 12 28.40 -43.01 21.87
CA HIS N 12 29.86 -42.90 21.89
C HIS N 12 30.38 -42.53 23.27
N ASN N 13 29.79 -41.50 23.89
CA ASN N 13 30.28 -41.12 25.21
C ASN N 13 29.95 -42.16 26.27
N LYS N 14 29.08 -43.13 25.96
CA LYS N 14 28.83 -44.23 26.88
C LYS N 14 29.79 -45.41 26.67
N TRP N 15 29.97 -45.85 25.43
CA TRP N 15 30.69 -47.09 25.15
C TRP N 15 32.05 -46.92 24.49
N HIS N 16 32.25 -45.84 23.73
CA HIS N 16 33.53 -45.52 23.08
C HIS N 16 33.98 -46.58 22.09
N GLN N 17 33.19 -46.79 21.03
CA GLN N 17 33.61 -47.62 19.91
C GLN N 17 34.33 -46.75 18.89
N ASP N 18 34.57 -47.29 17.69
CA ASP N 18 35.28 -46.58 16.64
C ASP N 18 34.31 -45.79 15.77
N ALA N 19 34.87 -44.81 15.06
CA ALA N 19 34.06 -43.98 14.16
C ALA N 19 33.43 -44.81 13.05
N VAL N 20 34.19 -45.75 12.50
CA VAL N 20 33.66 -46.64 11.47
C VAL N 20 32.47 -47.42 12.02
N SER N 21 32.58 -47.89 13.26
CA SER N 21 31.47 -48.56 13.92
C SER N 21 30.26 -47.63 13.99
N LEU N 22 30.38 -46.54 14.75
CA LEU N 22 29.27 -45.61 14.92
C LEU N 22 28.61 -45.28 13.58
N HIS N 23 29.41 -45.10 12.54
CA HIS N 23 28.86 -44.92 11.20
C HIS N 23 28.02 -46.12 10.78
N LEU N 24 28.59 -47.33 10.87
CA LEU N 24 27.92 -48.49 10.28
C LEU N 24 26.63 -48.84 11.02
N GLU N 25 26.57 -48.61 12.34
CA GLU N 25 25.29 -48.78 13.01
C GLU N 25 24.34 -47.61 12.75
N PHE N 26 24.71 -46.40 13.19
CA PHE N 26 23.71 -45.34 13.26
C PHE N 26 23.44 -44.64 11.94
N GLY N 27 24.20 -44.94 10.88
CA GLY N 27 23.92 -44.32 9.60
C GLY N 27 24.26 -42.85 9.51
N ILE N 28 24.87 -42.28 10.55
CA ILE N 28 25.26 -40.87 10.55
C ILE N 28 26.44 -40.71 9.60
N PRO N 29 26.71 -39.50 9.10
CA PRO N 29 27.84 -39.32 8.19
C PRO N 29 29.16 -39.72 8.83
N ARG N 30 30.05 -40.29 8.01
CA ARG N 30 31.36 -40.70 8.51
C ARG N 30 32.16 -39.50 9.00
N THR N 31 32.06 -38.37 8.30
CA THR N 31 32.72 -37.16 8.75
C THR N 31 32.17 -36.71 10.10
N ALA N 32 30.85 -36.79 10.28
CA ALA N 32 30.25 -36.45 11.57
C ALA N 32 30.73 -37.38 12.68
N ALA N 33 30.81 -38.68 12.39
CA ALA N 33 31.30 -39.63 13.38
C ALA N 33 32.75 -39.35 13.76
N GLU N 34 33.58 -39.05 12.76
CA GLU N 34 34.98 -38.73 13.04
C GLU N 34 35.09 -37.43 13.86
N ASP N 35 34.26 -36.45 13.55
CA ASP N 35 34.24 -35.21 14.34
C ASP N 35 33.82 -35.49 15.78
N ILE N 36 32.84 -36.36 15.97
CA ILE N 36 32.41 -36.73 17.31
C ILE N 36 33.55 -37.43 18.06
N VAL N 37 34.27 -38.32 17.37
CA VAL N 37 35.39 -39.01 17.98
C VAL N 37 36.47 -38.02 18.39
N GLN N 38 36.79 -37.07 17.52
CA GLN N 38 37.80 -36.07 17.85
C GLN N 38 37.36 -35.18 19.02
N GLN N 39 36.09 -34.81 19.05
CA GLN N 39 35.58 -33.98 20.13
C GLN N 39 35.60 -34.72 21.46
N CYS N 40 35.28 -36.01 21.45
CA CYS N 40 35.28 -36.80 22.68
C CYS N 40 36.70 -36.95 23.21
N ASP N 41 36.89 -36.59 24.49
CA ASP N 41 38.22 -36.62 25.07
C ASP N 41 38.67 -38.04 25.39
N VAL N 42 37.73 -38.96 25.64
CA VAL N 42 38.10 -40.32 26.02
C VAL N 42 38.81 -41.02 24.87
N CYS N 43 38.28 -40.86 23.65
CA CYS N 43 38.87 -41.52 22.50
C CYS N 43 40.19 -40.87 22.09
N GLN N 44 40.38 -39.59 22.42
CA GLN N 44 41.60 -38.88 22.03
C GLN N 44 42.72 -39.00 23.06
N GLU N 45 42.39 -39.27 24.33
CA GLU N 45 43.43 -39.40 25.35
C GLU N 45 44.33 -40.61 25.07
N ASN N 46 43.73 -41.73 24.66
CA ASN N 46 44.47 -42.93 24.32
C ASN N 46 43.98 -43.50 22.99
N LYS N 47 44.91 -44.06 22.22
CA LYS N 47 44.60 -44.61 20.91
C LYS N 47 44.99 -46.08 20.80
N LYS N 57 46.16 -40.82 13.12
CA LYS N 57 44.90 -40.32 12.58
C LYS N 57 44.79 -40.60 11.09
N ARG N 58 43.96 -41.58 10.74
CA ARG N 58 43.75 -41.97 9.36
C ARG N 58 42.25 -42.03 9.08
N GLY N 59 41.84 -41.45 7.96
CA GLY N 59 40.44 -41.44 7.59
C GLY N 59 40.00 -42.72 6.91
N ILE N 60 39.07 -42.61 5.97
CA ILE N 60 38.59 -43.79 5.25
C ILE N 60 39.71 -44.40 4.42
N ASP N 61 40.47 -43.57 3.70
CA ASP N 61 41.50 -44.04 2.80
C ASP N 61 42.86 -43.49 3.25
N HIS N 62 43.79 -44.39 3.53
CA HIS N 62 45.17 -44.03 3.84
C HIS N 62 46.09 -45.03 3.18
N TRP N 63 47.18 -44.54 2.60
CA TRP N 63 48.08 -45.36 1.79
C TRP N 63 49.51 -45.28 2.31
N GLN N 64 50.20 -46.41 2.20
CA GLN N 64 51.60 -46.53 2.58
C GLN N 64 52.38 -47.09 1.40
N VAL N 65 53.60 -46.60 1.19
CA VAL N 65 54.42 -46.98 0.05
C VAL N 65 55.74 -47.55 0.55
N ASP N 66 56.02 -48.80 0.19
CA ASP N 66 57.30 -49.43 0.47
C ASP N 66 57.74 -50.17 -0.78
N TYR N 67 58.84 -49.74 -1.38
CA TYR N 67 59.37 -50.41 -2.56
C TYR N 67 60.00 -51.74 -2.19
N THR N 68 59.94 -52.69 -3.11
CA THR N 68 60.49 -54.02 -2.91
C THR N 68 61.27 -54.46 -4.14
N HIS N 69 62.21 -55.38 -3.92
CA HIS N 69 63.03 -55.94 -4.99
C HIS N 69 62.84 -57.44 -5.01
N TYR N 70 62.12 -57.93 -6.02
CA TYR N 70 61.90 -59.36 -6.20
C TYR N 70 62.56 -59.78 -7.51
N GLU N 71 63.45 -60.78 -7.41
CA GLU N 71 64.21 -61.25 -8.58
C GLU N 71 64.93 -60.11 -9.27
N ASP N 72 65.49 -59.21 -8.46
CA ASP N 72 66.21 -58.02 -8.95
C ASP N 72 65.33 -57.17 -9.85
N LYS N 73 64.05 -57.06 -9.50
CA LYS N 73 63.09 -56.21 -10.22
C LYS N 73 62.48 -55.24 -9.23
N ILE N 74 62.57 -53.95 -9.54
CA ILE N 74 62.00 -52.92 -8.68
C ILE N 74 60.50 -52.84 -8.94
N ILE N 75 59.71 -53.02 -7.88
CA ILE N 75 58.25 -53.00 -7.98
C ILE N 75 57.72 -51.98 -6.99
N LEU N 76 56.91 -51.04 -7.50
CA LEU N 76 56.26 -50.06 -6.65
C LEU N 76 55.01 -50.69 -6.06
N VAL N 77 55.00 -50.88 -4.74
CA VAL N 77 53.93 -51.57 -4.06
C VAL N 77 53.14 -50.56 -3.23
N TRP N 78 51.83 -50.51 -3.47
CA TRP N 78 50.93 -49.67 -2.70
C TRP N 78 50.13 -50.54 -1.75
N VAL N 79 49.97 -50.08 -0.51
CA VAL N 79 49.18 -50.78 0.48
C VAL N 79 48.27 -49.76 1.17
N GLU N 80 47.05 -50.19 1.47
CA GLU N 80 46.10 -49.34 2.18
C GLU N 80 45.96 -49.86 3.61
N THR N 81 45.73 -48.94 4.54
CA THR N 81 45.77 -49.31 5.96
C THR N 81 44.47 -49.98 6.41
N ASN N 82 43.34 -49.29 6.24
CA ASN N 82 42.09 -49.77 6.83
C ASN N 82 41.53 -50.96 6.07
N SER N 83 41.20 -50.76 4.79
CA SER N 83 40.63 -51.85 3.99
C SER N 83 41.69 -52.87 3.59
N GLY N 84 42.93 -52.43 3.39
CA GLY N 84 44.00 -53.33 2.99
C GLY N 84 44.14 -53.55 1.51
N LEU N 85 43.46 -52.76 0.67
CA LEU N 85 43.63 -52.89 -0.77
C LEU N 85 45.05 -52.54 -1.17
N ILE N 86 45.58 -53.28 -2.15
CA ILE N 86 46.98 -53.15 -2.55
C ILE N 86 47.07 -53.01 -4.07
N TYR N 87 48.18 -52.43 -4.51
CA TYR N 87 48.50 -52.28 -5.92
C TYR N 87 50.00 -52.42 -6.11
N ALA N 88 50.40 -53.11 -7.18
CA ALA N 88 51.81 -53.33 -7.46
C ALA N 88 52.05 -53.13 -8.96
N GLU N 89 53.29 -52.77 -9.29
CA GLU N 89 53.69 -52.60 -10.68
C GLU N 89 55.21 -52.58 -10.76
N ARG N 90 55.77 -53.30 -11.73
CA ARG N 90 57.21 -53.34 -11.90
C ARG N 90 57.72 -52.00 -12.43
N VAL N 91 58.84 -51.54 -11.87
CA VAL N 91 59.46 -50.27 -12.25
C VAL N 91 60.89 -50.56 -12.69
N LYS N 92 61.31 -49.91 -13.79
CA LYS N 92 62.63 -50.15 -14.33
C LYS N 92 63.73 -49.71 -13.36
N GLY N 93 63.55 -48.56 -12.71
CA GLY N 93 64.58 -48.04 -11.83
C GLY N 93 63.97 -47.25 -10.69
N GLU N 94 64.84 -46.73 -9.83
CA GLU N 94 64.44 -45.94 -8.67
C GLU N 94 64.47 -44.44 -8.94
N THR N 95 64.15 -44.02 -10.16
CA THR N 95 64.19 -42.62 -10.52
C THR N 95 62.89 -41.91 -10.15
N GLY N 96 63.03 -40.65 -9.69
CA GLY N 96 61.89 -39.90 -9.22
C GLY N 96 60.84 -39.66 -10.29
N GLN N 97 61.29 -39.42 -11.53
CA GLN N 97 60.34 -39.22 -12.62
C GLN N 97 59.54 -40.49 -12.91
N GLU N 98 60.20 -41.65 -12.85
CA GLU N 98 59.50 -42.91 -13.05
C GLU N 98 58.48 -43.16 -11.94
N PHE N 99 58.86 -42.89 -10.68
CA PHE N 99 57.84 -42.96 -9.63
C PHE N 99 56.74 -41.93 -9.82
N ARG N 100 57.05 -40.77 -10.38
CA ARG N 100 56.00 -39.78 -10.64
C ARG N 100 54.99 -40.33 -11.65
N VAL N 101 55.49 -40.96 -12.72
CA VAL N 101 54.60 -41.56 -13.71
C VAL N 101 53.76 -42.66 -13.08
N GLN N 102 54.40 -43.53 -12.29
CA GLN N 102 53.66 -44.63 -11.67
C GLN N 102 52.61 -44.11 -10.70
N THR N 103 52.97 -43.10 -9.89
CA THR N 103 52.03 -42.51 -8.95
C THR N 103 50.88 -41.81 -9.67
N MET N 104 51.14 -41.17 -10.81
CA MET N 104 50.04 -40.48 -11.49
C MET N 104 49.12 -41.48 -12.18
N LYS N 105 49.65 -42.63 -12.61
CA LYS N 105 48.77 -43.72 -13.03
C LYS N 105 47.95 -44.25 -11.85
N TRP N 106 48.58 -44.37 -10.68
CA TRP N 106 47.87 -44.80 -9.49
C TRP N 106 46.73 -43.85 -9.15
N TYR N 107 46.99 -42.55 -9.24
CA TYR N 107 45.96 -41.55 -9.01
C TYR N 107 44.92 -41.54 -10.14
N ALA N 108 45.33 -41.94 -11.35
CA ALA N 108 44.37 -42.07 -12.43
C ALA N 108 43.33 -43.12 -12.13
N MET N 109 43.76 -44.24 -11.55
CA MET N 109 42.81 -45.30 -11.27
C MET N 109 42.53 -45.49 -9.78
N PHE N 110 42.79 -44.48 -8.95
CA PHE N 110 42.39 -44.47 -7.55
C PHE N 110 42.05 -43.05 -7.10
N ALA N 111 41.38 -42.95 -5.94
CA ALA N 111 40.98 -41.66 -5.37
C ALA N 111 41.45 -41.58 -3.92
N PRO N 112 42.76 -41.41 -3.70
CA PRO N 112 43.29 -41.41 -2.33
C PRO N 112 42.88 -40.15 -1.56
N LYS N 113 42.90 -40.29 -0.23
CA LYS N 113 42.65 -39.19 0.69
C LYS N 113 43.91 -38.75 1.42
N SER N 114 44.78 -39.70 1.79
CA SER N 114 46.01 -39.39 2.49
C SER N 114 47.05 -40.44 2.11
N LEU N 115 48.32 -40.09 2.32
CA LEU N 115 49.42 -40.94 1.89
C LEU N 115 50.57 -40.85 2.89
N GLN N 116 51.24 -41.98 3.09
CA GLN N 116 52.46 -42.05 3.89
C GLN N 116 53.51 -42.81 3.11
N SER N 117 54.78 -42.42 3.31
CA SER N 117 55.88 -43.03 2.56
C SER N 117 57.14 -42.96 3.40
N ASP N 118 58.14 -43.76 3.00
CA ASP N 118 59.42 -43.80 3.68
C ASP N 118 60.28 -42.63 3.23
N ASN N 119 61.58 -42.69 3.57
CA ASN N 119 62.53 -41.63 3.23
C ASN N 119 63.22 -41.87 1.89
N GLY N 120 62.55 -42.56 0.97
CA GLY N 120 63.12 -42.83 -0.33
C GLY N 120 63.38 -41.56 -1.13
N PRO N 121 64.33 -41.62 -2.08
CA PRO N 121 64.64 -40.43 -2.87
C PRO N 121 63.44 -39.86 -3.61
N ALA N 122 62.59 -40.72 -4.18
CA ALA N 122 61.41 -40.23 -4.86
C ALA N 122 60.43 -39.59 -3.88
N PHE N 123 60.29 -40.18 -2.70
CA PHE N 123 59.37 -39.62 -1.70
C PHE N 123 59.85 -38.26 -1.23
N VAL N 124 61.17 -38.08 -1.12
CA VAL N 124 61.73 -36.81 -0.67
C VAL N 124 61.85 -35.80 -1.79
N ALA N 125 61.77 -36.24 -3.05
CA ALA N 125 61.98 -35.36 -4.20
C ALA N 125 61.08 -34.13 -4.15
N GLU N 126 61.68 -32.98 -4.39
CA GLU N 126 60.95 -31.72 -4.35
C GLU N 126 59.87 -31.68 -5.42
N SER N 127 60.21 -32.09 -6.65
CA SER N 127 59.22 -32.09 -7.72
C SER N 127 58.11 -33.10 -7.45
N THR N 128 58.45 -34.26 -6.87
CA THR N 128 57.42 -35.22 -6.52
C THR N 128 56.47 -34.66 -5.47
N GLN N 129 57.01 -33.96 -4.47
CA GLN N 129 56.15 -33.35 -3.45
C GLN N 129 55.30 -32.23 -4.06
N LEU N 130 55.87 -31.46 -4.97
CA LEU N 130 55.10 -30.42 -5.65
C LEU N 130 53.97 -31.02 -6.47
N LEU N 131 54.22 -32.14 -7.15
CA LEU N 131 53.15 -32.83 -7.87
C LEU N 131 52.11 -33.43 -6.92
N MET N 132 52.56 -33.88 -5.75
CA MET N 132 51.62 -34.44 -4.77
C MET N 132 50.67 -33.35 -4.27
N LYS N 133 51.21 -32.16 -3.99
CA LYS N 133 50.36 -31.01 -3.67
C LYS N 133 49.52 -30.59 -4.87
N TYR N 134 50.08 -30.70 -6.07
CA TYR N 134 49.34 -30.44 -7.30
C TYR N 134 48.07 -31.28 -7.37
N LEU N 135 48.18 -32.55 -7.00
CA LEU N 135 47.01 -33.42 -6.87
C LEU N 135 46.19 -33.10 -5.63
N GLY N 136 46.80 -32.50 -4.60
CA GLY N 136 46.06 -32.07 -3.43
C GLY N 136 45.66 -33.17 -2.46
N ILE N 137 46.60 -34.05 -2.12
CA ILE N 137 46.38 -35.12 -1.14
C ILE N 137 47.46 -35.02 -0.08
N GLU N 138 47.06 -35.22 1.18
CA GLU N 138 48.01 -35.19 2.30
C GLU N 138 49.08 -36.25 2.13
N HIS N 139 50.31 -35.89 2.48
CA HIS N 139 51.45 -36.79 2.36
C HIS N 139 52.39 -36.57 3.53
N THR N 140 52.96 -37.66 4.04
CA THR N 140 53.97 -37.62 5.09
C THR N 140 55.16 -38.46 4.67
N THR N 141 56.36 -37.93 4.87
CA THR N 141 57.61 -38.63 4.60
C THR N 141 58.32 -38.89 5.92
N GLY N 142 58.54 -40.15 6.24
CA GLY N 142 59.21 -40.50 7.48
C GLY N 142 59.12 -41.99 7.74
N ILE N 143 59.76 -42.40 8.83
CA ILE N 143 59.75 -43.82 9.22
C ILE N 143 58.38 -44.18 9.75
N PRO N 144 57.73 -45.22 9.23
CA PRO N 144 56.42 -45.62 9.76
C PRO N 144 56.54 -46.08 11.22
N TRP N 145 55.61 -45.61 12.05
CA TRP N 145 55.64 -45.88 13.47
C TRP N 145 54.45 -46.67 13.98
N ASN N 146 53.34 -46.67 13.25
CA ASN N 146 52.13 -47.35 13.71
C ASN N 146 52.33 -48.86 13.66
N PRO N 147 52.17 -49.57 14.78
CA PRO N 147 52.28 -51.04 14.73
C PRO N 147 51.27 -51.69 13.81
N GLN N 148 50.04 -51.15 13.74
CA GLN N 148 49.06 -51.67 12.78
C GLN N 148 49.60 -51.60 11.37
N SER N 149 50.07 -50.42 10.96
CA SER N 149 50.59 -50.25 9.62
C SER N 149 51.80 -51.15 9.38
N GLN N 150 52.71 -51.23 10.34
CA GLN N 150 53.91 -52.04 10.18
C GLN N 150 53.56 -53.51 9.96
N ALA N 151 52.72 -54.07 10.84
CA ALA N 151 52.36 -55.48 10.72
C ALA N 151 51.63 -55.74 9.41
N LEU N 152 50.68 -54.87 9.05
CA LEU N 152 49.92 -55.08 7.82
C LEU N 152 50.83 -55.02 6.59
N VAL N 153 51.74 -54.04 6.54
CA VAL N 153 52.54 -53.85 5.34
C VAL N 153 53.58 -54.97 5.22
N GLU N 154 54.15 -55.41 6.34
CA GLU N 154 55.08 -56.54 6.30
C GLU N 154 54.37 -57.81 5.85
N ARG N 155 53.17 -58.07 6.38
CA ARG N 155 52.39 -59.21 5.93
C ARG N 155 52.08 -59.11 4.45
N THR N 156 51.78 -57.90 3.97
CA THR N 156 51.46 -57.72 2.56
C THR N 156 52.67 -58.02 1.67
N HIS N 157 53.85 -57.51 2.04
CA HIS N 157 55.05 -57.85 1.27
C HIS N 157 55.33 -59.33 1.29
N GLN N 158 55.22 -59.99 2.45
CA GLN N 158 55.50 -61.42 2.51
C GLN N 158 54.53 -62.19 1.62
N THR N 159 53.24 -61.86 1.71
CA THR N 159 52.24 -62.54 0.90
C THR N 159 52.46 -62.28 -0.59
N LEU N 160 52.83 -61.04 -0.94
CA LEU N 160 53.10 -60.71 -2.33
C LEU N 160 54.29 -61.49 -2.87
N LYS N 161 55.35 -61.61 -2.07
CA LYS N 161 56.51 -62.39 -2.51
C LYS N 161 56.14 -63.85 -2.70
N ASN N 162 55.36 -64.40 -1.76
CA ASN N 162 54.92 -65.79 -1.91
C ASN N 162 54.07 -65.96 -3.16
N THR N 163 53.14 -65.04 -3.41
CA THR N 163 52.28 -65.17 -4.58
C THR N 163 53.07 -65.04 -5.88
N LEU N 164 54.04 -64.13 -5.94
CA LEU N 164 54.88 -64.02 -7.12
C LEU N 164 55.66 -65.31 -7.36
N GLU N 165 56.37 -65.79 -6.32
CA GLU N 165 57.12 -67.03 -6.46
C GLU N 165 56.21 -68.21 -6.79
N LYS N 166 54.93 -68.11 -6.43
CA LYS N 166 54.03 -69.24 -6.60
C LYS N 166 53.39 -69.22 -7.99
N LEU N 167 53.27 -68.02 -8.59
CA LEU N 167 52.46 -67.83 -9.79
C LEU N 167 53.24 -67.48 -11.04
N ILE N 168 54.47 -66.99 -10.93
CA ILE N 168 55.22 -66.56 -12.12
C ILE N 168 55.41 -67.65 -13.18
N PRO N 169 55.68 -68.92 -12.85
CA PRO N 169 55.99 -69.87 -13.93
C PRO N 169 54.87 -70.05 -14.95
N MET N 170 53.61 -69.98 -14.51
CA MET N 170 52.49 -70.26 -15.41
C MET N 170 52.22 -69.17 -16.42
N PHE N 171 52.66 -67.94 -16.15
CA PHE N 171 52.41 -66.81 -17.03
C PHE N 171 53.69 -66.45 -17.79
N ASN N 172 53.53 -66.15 -19.08
CA ASN N 172 54.68 -65.82 -19.92
C ASN N 172 55.31 -64.50 -19.50
N ALA N 173 54.54 -63.42 -19.53
CA ALA N 173 55.05 -62.10 -19.19
C ALA N 173 55.15 -61.94 -17.68
N PHE N 174 56.25 -61.32 -17.24
CA PHE N 174 56.40 -61.02 -15.82
C PHE N 174 55.36 -60.01 -15.36
N GLU N 175 55.02 -59.04 -16.22
CA GLU N 175 53.92 -58.13 -15.91
C GLU N 175 52.61 -58.90 -15.80
N SER N 176 52.40 -59.90 -16.65
CA SER N 176 51.20 -60.72 -16.55
C SER N 176 51.16 -61.51 -15.25
N ALA N 177 52.32 -62.03 -14.82
CA ALA N 177 52.38 -62.74 -13.55
C ALA N 177 52.08 -61.81 -12.39
N LEU N 178 52.63 -60.60 -12.41
CA LEU N 178 52.31 -59.60 -11.39
C LEU N 178 50.81 -59.29 -11.42
N ALA N 179 50.23 -59.21 -12.61
CA ALA N 179 48.80 -58.96 -12.74
C ALA N 179 47.97 -60.08 -12.13
N GLY N 180 48.36 -61.32 -12.38
CA GLY N 180 47.65 -62.45 -11.79
C GLY N 180 47.77 -62.49 -10.28
N THR N 181 48.96 -62.17 -9.76
CA THR N 181 49.12 -62.10 -8.31
C THR N 181 48.26 -60.99 -7.72
N LEU N 182 48.16 -59.85 -8.41
CA LEU N 182 47.25 -58.79 -7.97
C LEU N 182 45.80 -59.28 -7.97
N ILE N 183 45.42 -60.05 -9.00
CA ILE N 183 44.08 -60.64 -9.02
C ILE N 183 43.85 -61.46 -7.77
N THR N 184 44.78 -62.37 -7.48
CA THR N 184 44.62 -63.30 -6.37
C THR N 184 44.55 -62.55 -5.05
N LEU N 185 45.36 -61.49 -4.91
CA LEU N 185 45.42 -60.78 -3.63
C LEU N 185 44.27 -59.78 -3.46
N ASN N 186 43.66 -59.32 -4.55
CA ASN N 186 42.62 -58.31 -4.42
C ASN N 186 41.21 -58.89 -4.52
N ILE N 187 40.89 -59.60 -5.60
CA ILE N 187 39.54 -60.10 -5.81
C ILE N 187 39.39 -61.54 -5.38
N LYS N 188 40.40 -62.38 -5.63
CA LYS N 188 40.31 -63.79 -5.26
C LYS N 188 40.53 -64.01 -3.77
N ARG N 189 41.38 -63.20 -3.13
CA ARG N 189 41.54 -63.29 -1.69
C ARG N 189 40.27 -62.81 -1.01
N LYS N 190 39.70 -63.65 -0.14
CA LYS N 190 38.41 -63.36 0.45
C LYS N 190 38.29 -64.10 1.77
N GLY N 191 37.57 -63.49 2.71
CA GLY N 191 37.40 -64.08 4.03
C GLY N 191 36.18 -63.53 4.71
N GLY N 192 35.94 -64.03 5.92
CA GLY N 192 34.78 -63.62 6.69
C GLY N 192 33.47 -63.96 6.02
N LEU N 193 32.58 -62.97 5.89
CA LEU N 193 31.30 -63.15 5.22
C LEU N 193 31.41 -62.98 3.71
N GLY N 194 32.61 -63.12 3.15
CA GLY N 194 32.81 -62.92 1.73
C GLY N 194 33.35 -61.54 1.42
N THR N 195 34.24 -61.04 2.28
CA THR N 195 34.78 -59.69 2.14
C THR N 195 36.15 -59.76 1.49
N SER N 196 36.29 -59.10 0.33
CA SER N 196 37.57 -58.92 -0.34
C SER N 196 38.03 -57.48 -0.22
N PRO N 197 39.34 -57.23 -0.29
CA PRO N 197 39.83 -55.84 -0.17
C PRO N 197 39.21 -54.90 -1.19
N MET N 198 39.06 -55.34 -2.44
CA MET N 198 38.47 -54.44 -3.44
C MET N 198 36.97 -54.26 -3.21
N ASP N 199 36.29 -55.31 -2.73
CA ASP N 199 34.89 -55.16 -2.34
C ASP N 199 34.72 -54.09 -1.27
N ILE N 200 35.52 -54.16 -0.20
CA ILE N 200 35.34 -53.21 0.88
C ILE N 200 35.84 -51.83 0.47
N PHE N 201 36.79 -51.76 -0.46
CA PHE N 201 37.21 -50.46 -0.99
C PHE N 201 36.07 -49.79 -1.73
N ILE N 202 35.42 -50.52 -2.64
CA ILE N 202 34.23 -50.01 -3.33
C ILE N 202 33.17 -49.61 -2.31
N PHE N 203 33.01 -50.43 -1.28
CA PHE N 203 31.96 -50.24 -0.29
C PHE N 203 32.17 -48.96 0.50
N ASN N 204 33.38 -48.74 1.04
CA ASN N 204 33.62 -47.54 1.82
C ASN N 204 33.59 -46.31 0.93
N LYS N 205 34.06 -46.43 -0.32
CA LYS N 205 33.91 -45.33 -1.26
C LYS N 205 32.44 -44.97 -1.45
N GLU N 206 31.55 -45.98 -1.50
CA GLU N 206 30.17 -45.63 -1.78
C GLU N 206 29.49 -44.97 -0.58
N GLN N 207 29.80 -45.41 0.65
CA GLN N 207 29.31 -44.60 1.77
C GLN N 207 29.88 -43.19 1.77
N GLN N 208 31.18 -43.03 1.46
CA GLN N 208 31.72 -41.68 1.40
C GLN N 208 30.92 -40.82 0.43
N ARG N 209 30.75 -41.30 -0.80
CA ARG N 209 30.08 -40.50 -1.82
C ARG N 209 28.63 -40.20 -1.48
N ILE N 210 27.89 -41.18 -0.92
CA ILE N 210 26.51 -40.89 -0.54
C ILE N 210 26.47 -39.89 0.60
N GLN N 211 27.48 -39.91 1.48
CA GLN N 211 27.54 -38.91 2.55
C GLN N 211 27.73 -37.51 1.98
N GLN N 212 28.65 -37.33 1.03
CA GLN N 212 28.76 -35.99 0.44
C GLN N 212 27.48 -35.60 -0.30
N GLN N 213 26.85 -36.56 -0.98
CA GLN N 213 25.59 -36.25 -1.66
C GLN N 213 24.54 -35.76 -0.67
N SER N 214 24.36 -36.48 0.44
CA SER N 214 23.38 -36.09 1.44
C SER N 214 23.69 -34.73 2.03
N LYS N 215 24.95 -34.52 2.43
CA LYS N 215 25.34 -33.26 3.03
C LYS N 215 25.17 -32.09 2.07
N SER N 216 25.43 -32.31 0.77
CA SER N 216 25.32 -31.23 -0.20
C SER N 216 23.87 -30.93 -0.55
N LYS N 217 23.01 -31.94 -0.57
CA LYS N 217 21.65 -31.78 -1.09
C LYS N 217 20.61 -31.57 0.01
N GLN N 218 20.52 -32.50 0.97
CA GLN N 218 19.37 -32.52 1.86
C GLN N 218 19.33 -31.31 2.79
N GLU N 219 20.47 -30.90 3.32
CA GLU N 219 20.50 -29.89 4.37
C GLU N 219 20.36 -28.49 3.78
N LYS N 220 19.41 -27.72 4.31
CA LYS N 220 19.25 -26.30 3.98
C LYS N 220 19.10 -25.58 5.32
N ILE N 221 20.16 -24.89 5.73
CA ILE N 221 20.28 -24.34 7.08
C ILE N 221 20.57 -22.84 6.98
N ARG N 222 20.25 -22.12 8.05
CA ARG N 222 20.62 -20.72 8.18
C ARG N 222 21.15 -20.47 9.59
N PHE N 223 22.06 -19.52 9.70
CA PHE N 223 22.56 -19.04 10.98
C PHE N 223 22.01 -17.64 11.24
N CYS N 224 22.04 -17.22 12.50
CA CYS N 224 21.48 -15.92 12.83
C CYS N 224 22.11 -15.39 14.11
N TYR N 225 22.26 -14.07 14.17
CA TYR N 225 22.51 -13.40 15.44
C TYR N 225 21.19 -13.27 16.20
N TYR N 226 21.30 -13.09 17.51
CA TYR N 226 20.11 -12.94 18.34
C TYR N 226 20.41 -12.01 19.49
N ARG N 227 19.37 -11.63 20.21
CA ARG N 227 19.50 -10.76 21.38
C ARG N 227 18.30 -11.00 22.28
N THR N 228 18.37 -10.46 23.49
CA THR N 228 17.29 -10.58 24.46
C THR N 228 16.86 -9.18 24.89
N ARG N 229 15.59 -9.09 25.30
CA ARG N 229 14.99 -7.82 25.71
C ARG N 229 14.76 -7.84 27.21
N LYS N 230 15.30 -6.85 27.91
CA LYS N 230 15.12 -6.72 29.35
C LYS N 230 14.63 -5.31 29.66
N ARG N 231 13.45 -5.22 30.27
CA ARG N 231 12.83 -3.95 30.62
C ARG N 231 12.63 -3.06 29.38
N GLY N 232 12.38 -3.68 28.23
CA GLY N 232 12.17 -2.96 27.00
C GLY N 232 13.42 -2.50 26.29
N HIS N 233 14.60 -2.76 26.84
CA HIS N 233 15.85 -2.33 26.22
C HIS N 233 16.47 -3.49 25.47
N PRO N 234 16.67 -3.38 24.16
CA PRO N 234 17.33 -4.47 23.43
C PRO N 234 18.75 -4.69 23.91
N GLY N 235 19.15 -5.96 23.98
CA GLY N 235 20.48 -6.29 24.43
C GLY N 235 21.49 -6.31 23.30
N GLU N 236 22.75 -6.46 23.67
CA GLU N 236 23.82 -6.53 22.69
C GLU N 236 23.74 -7.84 21.92
N TRP N 237 24.00 -7.76 20.62
CA TRP N 237 23.92 -8.93 19.76
C TRP N 237 25.06 -9.90 20.12
N GLN N 238 24.70 -11.17 20.27
CA GLN N 238 25.65 -12.21 20.65
C GLN N 238 25.49 -13.41 19.71
N GLY N 239 26.40 -14.37 19.84
CA GLY N 239 26.39 -15.54 18.99
C GLY N 239 27.56 -15.53 18.03
N PRO N 240 27.31 -15.93 16.76
CA PRO N 240 26.01 -16.38 16.27
C PRO N 240 25.75 -17.86 16.56
N THR N 241 24.50 -18.28 16.39
CA THR N 241 24.12 -19.67 16.61
C THR N 241 23.44 -20.20 15.34
N GLN N 242 22.94 -21.43 15.43
CA GLN N 242 22.31 -22.11 14.32
C GLN N 242 20.80 -22.15 14.50
N VAL N 243 20.07 -21.77 13.45
CA VAL N 243 18.61 -21.83 13.47
C VAL N 243 18.19 -23.29 13.42
N LEU N 244 17.79 -23.84 14.57
CA LEU N 244 17.49 -25.27 14.63
C LEU N 244 16.14 -25.58 13.99
N TRP N 245 15.15 -24.69 14.18
CA TRP N 245 13.85 -24.84 13.55
C TRP N 245 13.35 -23.48 13.11
N GLY N 246 13.24 -23.28 11.80
CA GLY N 246 12.77 -22.01 11.26
C GLY N 246 11.27 -22.01 11.11
N GLY N 247 10.63 -20.93 11.57
CA GLY N 247 9.20 -20.79 11.46
C GLY N 247 8.82 -19.36 11.13
N ASP N 248 7.58 -19.20 10.70
CA ASP N 248 7.06 -17.88 10.36
C ASP N 248 6.85 -17.06 11.63
N GLY N 249 7.34 -15.82 11.62
CA GLY N 249 7.17 -14.93 12.75
C GLY N 249 8.16 -15.08 13.88
N ALA N 250 8.50 -16.32 14.24
CA ALA N 250 9.43 -16.59 15.32
C ALA N 250 10.37 -17.72 14.94
N ILE N 251 11.50 -17.79 15.65
CA ILE N 251 12.53 -18.80 15.39
C ILE N 251 12.89 -19.48 16.70
N VAL N 252 13.43 -20.69 16.56
CA VAL N 252 13.86 -21.51 17.70
C VAL N 252 15.37 -21.70 17.59
N VAL N 253 16.12 -21.19 18.58
CA VAL N 253 17.56 -21.28 18.58
C VAL N 253 18.05 -21.70 19.96
N LYS N 254 19.27 -22.22 19.99
CA LYS N 254 19.93 -22.61 21.22
C LYS N 254 20.86 -21.50 21.68
N ASP N 255 20.75 -21.13 22.95
CA ASP N 255 21.67 -20.17 23.56
C ASP N 255 22.88 -20.92 24.07
N ARG N 256 24.07 -20.52 23.60
CA ARG N 256 25.29 -21.20 24.01
C ARG N 256 25.57 -21.01 25.50
N GLY N 257 25.19 -19.85 26.05
CA GLY N 257 25.44 -19.59 27.46
C GLY N 257 24.67 -20.51 28.38
N THR N 258 23.41 -20.80 28.04
CA THR N 258 22.54 -21.60 28.91
C THR N 258 22.24 -22.99 28.37
N ASP N 259 22.57 -23.27 27.11
CA ASP N 259 22.31 -24.57 26.50
C ASP N 259 20.83 -24.95 26.59
N ARG N 260 19.97 -23.97 26.35
CA ARG N 260 18.53 -24.15 26.47
C ARG N 260 17.83 -23.70 25.19
N TYR N 261 16.74 -24.37 24.87
CA TYR N 261 15.91 -23.97 23.75
C TYR N 261 15.19 -22.67 24.07
N LEU N 262 15.21 -21.72 23.13
CA LEU N 262 14.59 -20.42 23.36
C LEU N 262 13.83 -19.96 22.13
N VAL N 263 12.85 -19.09 22.38
CA VAL N 263 12.00 -18.52 21.35
C VAL N 263 12.18 -17.00 21.38
N ILE N 264 12.50 -16.42 20.22
CA ILE N 264 12.75 -15.00 20.09
C ILE N 264 11.94 -14.46 18.91
N ALA N 265 11.31 -13.30 19.11
CA ALA N 265 10.57 -12.66 18.04
C ALA N 265 11.52 -12.26 16.91
N ASN N 266 11.01 -12.30 15.68
CA ASN N 266 11.87 -12.09 14.52
C ASN N 266 12.42 -10.67 14.45
N LYS N 267 11.85 -9.73 15.21
CA LYS N 267 12.33 -8.36 15.17
C LYS N 267 13.68 -8.19 15.83
N ASP N 268 14.22 -9.24 16.45
CA ASP N 268 15.48 -9.15 17.19
C ASP N 268 16.52 -10.12 16.66
N VAL N 269 16.45 -10.49 15.38
CA VAL N 269 17.39 -11.42 14.78
C VAL N 269 17.85 -10.87 13.43
N LYS N 270 19.03 -11.33 13.01
CA LYS N 270 19.58 -11.02 11.70
C LYS N 270 20.00 -12.31 11.02
N PHE N 271 19.60 -12.49 9.77
CA PHE N 271 19.86 -13.74 9.06
C PHE N 271 21.27 -13.73 8.46
N ILE N 272 22.00 -14.81 8.70
CA ILE N 272 23.39 -14.93 8.29
C ILE N 272 23.57 -16.23 7.50
N PRO N 273 24.35 -16.24 6.41
CA PRO N 273 24.63 -17.50 5.75
C PRO N 273 25.43 -18.42 6.64
N PRO N 274 25.20 -19.74 6.56
CA PRO N 274 25.88 -20.69 7.45
C PRO N 274 27.38 -20.68 7.30
N PRO N 275 27.94 -20.87 6.09
CA PRO N 275 29.35 -21.27 6.02
C PRO N 275 30.31 -20.26 6.61
N LYS N 276 29.90 -18.99 6.71
CA LYS N 276 30.72 -17.89 7.23
C LYS N 276 32.18 -18.00 6.78
N ASN O 4 31.38 -80.27 -7.89
CA ASN O 4 32.09 -79.06 -7.49
C ASN O 4 33.47 -79.37 -6.94
N ILE O 5 33.58 -80.50 -6.23
CA ILE O 5 34.88 -80.90 -5.68
C ILE O 5 35.91 -81.15 -6.77
N PRO O 6 35.59 -81.86 -7.87
CA PRO O 6 36.57 -81.90 -8.99
C PRO O 6 36.87 -80.52 -9.54
N LEU O 7 35.88 -79.64 -9.63
CA LEU O 7 36.14 -78.27 -10.07
C LEU O 7 36.97 -77.51 -9.05
N ALA O 8 36.76 -77.79 -7.76
CA ALA O 8 37.61 -77.19 -6.74
C ALA O 8 39.06 -77.64 -6.88
N GLU O 9 39.27 -78.93 -7.18
CA GLU O 9 40.62 -79.42 -7.45
C GLU O 9 41.21 -78.77 -8.69
N GLU O 10 40.40 -78.56 -9.72
CA GLU O 10 40.88 -77.88 -10.93
C GLU O 10 41.31 -76.46 -10.63
N GLU O 11 40.49 -75.72 -9.89
CA GLU O 11 40.88 -74.37 -9.49
C GLU O 11 42.11 -74.39 -8.60
N HIS O 12 42.27 -75.43 -7.78
CA HIS O 12 43.42 -75.49 -6.89
C HIS O 12 44.72 -75.74 -7.66
N ASN O 13 44.73 -76.71 -8.57
CA ASN O 13 45.98 -76.93 -9.30
C ASN O 13 46.14 -75.93 -10.44
N LYS O 14 45.16 -75.04 -10.66
CA LYS O 14 45.37 -73.92 -11.56
C LYS O 14 45.98 -72.72 -10.84
N TRP O 15 45.31 -72.22 -9.79
CA TRP O 15 45.68 -70.97 -9.16
C TRP O 15 46.19 -71.10 -7.73
N HIS O 16 45.89 -72.20 -7.03
CA HIS O 16 46.47 -72.51 -5.73
C HIS O 16 46.10 -71.48 -4.67
N GLN O 17 44.80 -71.37 -4.40
CA GLN O 17 44.33 -70.57 -3.29
C GLN O 17 44.38 -71.38 -2.00
N ASP O 18 43.90 -70.79 -0.91
CA ASP O 18 43.97 -71.43 0.39
C ASP O 18 42.73 -72.29 0.64
N ALA O 19 42.87 -73.25 1.56
CA ALA O 19 41.79 -74.20 1.79
C ALA O 19 40.54 -73.52 2.34
N VAL O 20 40.73 -72.64 3.34
CA VAL O 20 39.59 -71.90 3.88
C VAL O 20 38.96 -71.04 2.79
N SER O 21 39.77 -70.53 1.86
CA SER O 21 39.23 -69.78 0.74
C SER O 21 38.32 -70.66 -0.10
N LEU O 22 38.85 -71.75 -0.65
CA LEU O 22 38.05 -72.64 -1.49
C LEU O 22 36.75 -73.04 -0.80
N HIS O 23 36.84 -73.35 0.50
CA HIS O 23 35.62 -73.57 1.28
C HIS O 23 34.68 -72.38 1.18
N LEU O 24 35.22 -71.16 1.31
CA LEU O 24 34.37 -69.99 1.34
C LEU O 24 33.66 -69.75 0.00
N GLU O 25 34.37 -69.82 -1.12
CA GLU O 25 33.66 -69.49 -2.36
C GLU O 25 32.90 -70.67 -2.93
N PHE O 26 33.25 -71.91 -2.58
CA PHE O 26 32.63 -73.06 -3.23
C PHE O 26 31.64 -73.82 -2.33
N GLY O 27 31.59 -73.53 -1.03
CA GLY O 27 30.70 -74.29 -0.17
C GLY O 27 31.08 -75.74 0.00
N ILE O 28 32.25 -76.14 -0.48
CA ILE O 28 32.73 -77.52 -0.35
C ILE O 28 33.09 -77.75 1.12
N PRO O 29 33.10 -79.00 1.59
CA PRO O 29 33.46 -79.23 3.00
C PRO O 29 34.87 -78.76 3.31
N ARG O 30 35.05 -78.26 4.53
CA ARG O 30 36.37 -77.84 4.97
C ARG O 30 37.34 -79.01 4.95
N THR O 31 36.87 -80.20 5.33
CA THR O 31 37.71 -81.39 5.26
C THR O 31 38.13 -81.69 3.82
N ALA O 32 37.20 -81.54 2.87
CA ALA O 32 37.54 -81.75 1.47
C ALA O 32 38.57 -80.73 0.99
N ALA O 33 38.40 -79.47 1.36
CA ALA O 33 39.36 -78.45 0.98
C ALA O 33 40.74 -78.72 1.57
N GLU O 34 40.77 -79.14 2.84
CA GLU O 34 42.05 -79.47 3.46
C GLU O 34 42.70 -80.67 2.79
N ASP O 35 41.90 -81.68 2.41
CA ASP O 35 42.44 -82.80 1.67
C ASP O 35 43.03 -82.36 0.34
N ILE O 36 42.33 -81.45 -0.35
CA ILE O 36 42.83 -80.95 -1.64
C ILE O 36 44.16 -80.22 -1.46
N VAL O 37 44.23 -79.33 -0.46
CA VAL O 37 45.44 -78.54 -0.29
C VAL O 37 46.60 -79.41 0.18
N GLN O 38 46.32 -80.44 0.98
CA GLN O 38 47.39 -81.34 1.40
C GLN O 38 47.83 -82.27 0.28
N GLN O 39 46.92 -82.63 -0.63
CA GLN O 39 47.30 -83.45 -1.77
C GLN O 39 48.08 -82.64 -2.80
N CYS O 40 47.82 -81.34 -2.90
CA CYS O 40 48.56 -80.50 -3.83
C CYS O 40 50.01 -80.39 -3.37
N ASP O 41 50.90 -81.11 -4.07
CA ASP O 41 52.30 -81.15 -3.65
C ASP O 41 53.01 -79.81 -3.84
N VAL O 42 52.67 -79.06 -4.90
CA VAL O 42 53.29 -77.76 -5.11
C VAL O 42 52.90 -76.81 -3.97
N CYS O 43 51.62 -76.81 -3.59
CA CYS O 43 51.16 -75.99 -2.48
C CYS O 43 51.79 -76.42 -1.16
N GLN O 44 51.92 -77.74 -0.94
CA GLN O 44 52.60 -78.21 0.26
C GLN O 44 54.06 -77.79 0.31
N GLU O 45 54.74 -77.79 -0.84
CA GLU O 45 56.12 -77.31 -0.90
C GLU O 45 56.21 -75.80 -0.65
N ASN O 46 55.25 -75.03 -1.14
CA ASN O 46 55.25 -73.58 -0.99
C ASN O 46 54.39 -73.22 0.22
N LYS O 47 55.03 -73.15 1.38
CA LYS O 47 54.36 -72.77 2.62
C LYS O 47 55.24 -71.79 3.38
N MET O 48 54.61 -70.76 3.96
CA MET O 48 55.34 -69.76 4.72
C MET O 48 55.87 -70.31 6.03
N ILE O 60 41.29 -74.15 12.15
CA ILE O 60 39.93 -74.05 12.65
C ILE O 60 39.88 -74.50 14.11
N ASP O 61 39.28 -73.67 14.96
CA ASP O 61 39.15 -73.94 16.39
C ASP O 61 40.51 -74.18 17.04
N HIS O 62 41.50 -73.39 16.64
CA HIS O 62 42.84 -73.48 17.19
C HIS O 62 43.08 -72.30 18.13
N TRP O 63 43.62 -72.59 19.32
CA TRP O 63 43.61 -71.66 20.42
C TRP O 63 45.00 -71.58 21.06
N GLN O 64 45.28 -70.42 21.66
CA GLN O 64 46.52 -70.19 22.38
C GLN O 64 46.22 -69.49 23.70
N VAL O 65 46.97 -69.87 24.74
CA VAL O 65 46.77 -69.34 26.08
C VAL O 65 48.07 -68.74 26.58
N ASP O 66 48.02 -67.48 27.00
CA ASP O 66 49.17 -66.80 27.60
C ASP O 66 48.70 -66.13 28.89
N TYR O 67 49.32 -66.49 30.00
CA TYR O 67 49.01 -65.84 31.27
C TYR O 67 49.47 -64.39 31.25
N THR O 68 48.68 -63.52 31.88
CA THR O 68 49.00 -62.10 31.97
C THR O 68 48.52 -61.55 33.30
N HIS O 69 49.10 -60.42 33.70
CA HIS O 69 48.75 -59.75 34.94
C HIS O 69 48.33 -58.31 34.63
N TYR O 70 47.16 -57.93 35.13
CA TYR O 70 46.66 -56.56 35.00
C TYR O 70 46.09 -56.12 36.34
N GLU O 71 46.56 -54.96 36.82
CA GLU O 71 46.13 -54.40 38.10
C GLU O 71 46.34 -55.41 39.23
N ASP O 72 47.47 -56.12 39.18
CA ASP O 72 47.80 -57.15 40.16
C ASP O 72 46.73 -58.24 40.22
N LYS O 73 46.14 -58.56 39.07
CA LYS O 73 45.11 -59.58 38.97
C LYS O 73 45.43 -60.46 37.77
N ILE O 74 45.45 -61.77 37.99
CA ILE O 74 45.76 -62.71 36.92
C ILE O 74 44.53 -62.89 36.03
N ILE O 75 44.75 -62.84 34.72
CA ILE O 75 43.69 -62.97 33.73
C ILE O 75 44.06 -64.11 32.79
N LEU O 76 43.14 -65.06 32.62
CA LEU O 76 43.32 -66.16 31.69
C LEU O 76 42.88 -65.70 30.30
N VAL O 77 43.82 -65.68 29.36
CA VAL O 77 43.58 -65.13 28.03
C VAL O 77 43.54 -66.29 27.04
N TRP O 78 42.41 -66.43 26.36
CA TRP O 78 42.26 -67.37 25.25
C TRP O 78 42.39 -66.58 23.95
N VAL O 79 43.24 -67.07 23.05
CA VAL O 79 43.46 -66.41 21.76
C VAL O 79 43.26 -67.43 20.66
N GLU O 80 42.36 -67.14 19.73
CA GLU O 80 42.15 -68.02 18.58
C GLU O 80 43.06 -67.56 17.44
N THR O 81 43.47 -68.53 16.61
CA THR O 81 44.46 -68.25 15.58
C THR O 81 43.86 -67.51 14.39
N ASN O 82 42.91 -68.13 13.70
CA ASN O 82 42.42 -67.57 12.44
C ASN O 82 41.28 -66.58 12.64
N SER O 83 40.26 -66.96 13.42
CA SER O 83 39.12 -66.07 13.62
C SER O 83 39.44 -64.90 14.54
N GLY O 84 40.32 -65.10 15.52
CA GLY O 84 40.66 -64.06 16.45
C GLY O 84 39.74 -63.93 17.65
N LEU O 85 38.84 -64.88 17.85
CA LEU O 85 37.95 -64.85 19.00
C LEU O 85 38.75 -65.08 20.28
N ILE O 86 38.29 -64.46 21.37
CA ILE O 86 38.95 -64.58 22.66
C ILE O 86 37.93 -64.84 23.76
N TYR O 87 38.45 -65.15 24.95
CA TYR O 87 37.67 -65.19 26.19
C TYR O 87 38.61 -64.95 27.35
N ALA O 88 38.06 -64.44 28.45
CA ALA O 88 38.85 -64.10 29.62
C ALA O 88 37.98 -64.20 30.86
N GLU O 89 38.64 -64.26 32.01
CA GLU O 89 37.97 -64.29 33.31
C GLU O 89 39.00 -64.02 34.39
N ARG O 90 38.55 -63.39 35.47
CA ARG O 90 39.44 -63.12 36.60
C ARG O 90 39.93 -64.42 37.21
N VAL O 91 41.24 -64.50 37.44
CA VAL O 91 41.88 -65.72 37.91
C VAL O 91 42.53 -65.44 39.26
N LYS O 92 42.16 -66.22 40.27
CA LYS O 92 42.76 -66.06 41.60
C LYS O 92 44.24 -66.43 41.57
N GLY O 93 44.59 -67.50 40.87
CA GLY O 93 45.96 -67.93 40.80
C GLY O 93 46.18 -68.87 39.64
N GLU O 94 47.44 -68.94 39.20
CA GLU O 94 47.84 -69.75 38.06
C GLU O 94 47.95 -71.24 38.40
N THR O 95 47.34 -71.66 39.50
CA THR O 95 47.45 -73.05 39.94
C THR O 95 46.80 -74.00 38.94
N GLY O 96 47.30 -75.24 38.93
CA GLY O 96 46.78 -76.22 37.99
C GLY O 96 45.31 -76.52 38.19
N GLN O 97 44.86 -76.61 39.44
CA GLN O 97 43.46 -76.88 39.70
C GLN O 97 42.56 -75.74 39.21
N GLU O 98 42.97 -74.50 39.45
CA GLU O 98 42.20 -73.37 38.97
C GLU O 98 42.15 -73.35 37.44
N PHE O 99 43.28 -73.66 36.80
CA PHE O 99 43.28 -73.72 35.33
C PHE O 99 42.40 -74.85 34.83
N ARG O 100 42.37 -75.97 35.54
CA ARG O 100 41.49 -77.07 35.13
C ARG O 100 40.02 -76.66 35.24
N VAL O 101 39.66 -75.99 36.33
CA VAL O 101 38.30 -75.49 36.47
C VAL O 101 37.95 -74.56 35.32
N GLN O 102 38.81 -73.59 35.07
CA GLN O 102 38.57 -72.65 33.98
C GLN O 102 38.51 -73.36 32.64
N THR O 103 39.29 -74.42 32.45
CA THR O 103 39.34 -75.04 31.13
C THR O 103 38.15 -75.95 30.86
N MET O 104 37.60 -76.65 31.87
CA MET O 104 36.38 -77.36 31.47
C MET O 104 35.19 -76.40 31.42
N LYS O 105 35.23 -75.29 32.16
CA LYS O 105 34.23 -74.26 31.93
C LYS O 105 34.31 -73.72 30.50
N TRP O 106 35.54 -73.48 30.02
CA TRP O 106 35.73 -73.00 28.66
C TRP O 106 35.35 -74.04 27.62
N TYR O 107 35.57 -75.33 27.93
CA TYR O 107 35.14 -76.39 27.03
C TYR O 107 33.62 -76.51 26.98
N ALA O 108 32.95 -76.26 28.11
CA ALA O 108 31.49 -76.13 28.08
C ALA O 108 31.06 -74.95 27.23
N MET O 109 31.82 -73.85 27.31
CA MET O 109 31.43 -72.62 26.60
C MET O 109 31.61 -72.75 25.10
N PHE O 110 32.74 -73.30 24.65
CA PHE O 110 33.06 -73.36 23.22
C PHE O 110 33.18 -74.81 22.77
N ALA O 111 33.65 -74.99 21.54
CA ALA O 111 33.94 -76.30 20.96
C ALA O 111 35.29 -76.25 20.25
N PRO O 112 36.39 -76.23 21.00
CA PRO O 112 37.71 -76.13 20.37
C PRO O 112 38.14 -77.45 19.73
N LYS O 113 39.18 -77.35 18.91
CA LYS O 113 39.82 -78.50 18.28
C LYS O 113 41.24 -78.73 18.74
N SER O 114 42.09 -77.71 18.66
CA SER O 114 43.48 -77.80 19.08
C SER O 114 43.86 -76.59 19.89
N LEU O 115 44.89 -76.74 20.73
CA LEU O 115 45.28 -75.71 21.67
C LEU O 115 46.79 -75.51 21.65
N GLN O 116 47.22 -74.26 21.81
CA GLN O 116 48.62 -73.90 21.95
C GLN O 116 48.83 -73.22 23.31
N SER O 117 50.04 -73.36 23.84
CA SER O 117 50.41 -72.72 25.09
C SER O 117 51.92 -72.80 25.25
N ASP O 118 52.44 -72.00 26.18
CA ASP O 118 53.84 -72.05 26.53
C ASP O 118 54.06 -73.16 27.56
N ASN O 119 55.21 -73.14 28.23
CA ASN O 119 55.59 -74.20 29.16
C ASN O 119 55.22 -73.89 30.61
N GLY O 120 54.13 -73.15 30.84
CA GLY O 120 53.68 -72.82 32.17
C GLY O 120 53.34 -74.06 32.97
N PRO O 121 53.56 -74.00 34.29
CA PRO O 121 53.32 -75.18 35.13
C PRO O 121 51.89 -75.69 35.07
N ALA O 122 50.91 -74.79 35.01
CA ALA O 122 49.52 -75.22 34.93
C ALA O 122 49.26 -76.00 33.64
N PHE O 123 49.85 -75.55 32.53
CA PHE O 123 49.66 -76.24 31.25
C PHE O 123 50.40 -77.56 31.23
N VAL O 124 51.58 -77.62 31.87
CA VAL O 124 52.41 -78.82 31.84
C VAL O 124 51.99 -79.85 32.88
N ALA O 125 51.13 -79.47 33.83
CA ALA O 125 50.72 -80.38 34.89
C ALA O 125 50.13 -81.67 34.31
N GLU O 126 50.50 -82.79 34.95
CA GLU O 126 50.09 -84.10 34.45
C GLU O 126 48.58 -84.28 34.51
N SER O 127 47.95 -83.83 35.60
CA SER O 127 46.50 -83.95 35.70
C SER O 127 45.79 -83.05 34.69
N THR O 128 46.34 -81.84 34.47
CA THR O 128 45.77 -80.96 33.46
C THR O 128 45.86 -81.59 32.07
N GLN O 129 47.01 -82.21 31.76
CA GLN O 129 47.17 -82.87 30.47
C GLN O 129 46.23 -84.07 30.34
N LEU O 130 46.04 -84.82 31.42
CA LEU O 130 45.12 -85.96 31.39
C LEU O 130 43.68 -85.50 31.17
N LEU O 131 43.28 -84.41 31.83
CA LEU O 131 41.94 -83.86 31.59
C LEU O 131 41.81 -83.34 30.17
N MET O 132 42.85 -82.71 29.64
CA MET O 132 42.88 -82.30 28.24
C MET O 132 42.64 -83.48 27.32
N LYS O 133 43.37 -84.58 27.51
CA LYS O 133 43.20 -85.75 26.67
C LYS O 133 41.82 -86.38 26.84
N TYR O 134 41.28 -86.34 28.07
CA TYR O 134 39.92 -86.83 28.28
C TYR O 134 38.91 -86.00 27.50
N LEU O 135 39.09 -84.68 27.46
CA LEU O 135 38.22 -83.82 26.66
C LEU O 135 38.42 -84.04 25.17
N GLY O 136 39.61 -84.46 24.74
CA GLY O 136 39.84 -84.80 23.35
C GLY O 136 40.46 -83.71 22.51
N ILE O 137 40.91 -82.61 23.12
CA ILE O 137 41.55 -81.54 22.39
C ILE O 137 43.00 -81.92 22.10
N GLU O 138 43.61 -81.24 21.14
CA GLU O 138 45.04 -81.39 20.87
C GLU O 138 45.79 -80.21 21.46
N HIS O 139 46.76 -80.49 22.33
CA HIS O 139 47.52 -79.46 23.02
C HIS O 139 48.99 -79.57 22.65
N THR O 140 49.57 -78.46 22.21
CA THR O 140 50.98 -78.38 21.86
C THR O 140 51.69 -77.56 22.92
N THR O 141 52.55 -78.23 23.69
CA THR O 141 53.28 -77.58 24.79
C THR O 141 54.69 -77.24 24.34
N GLY O 142 55.09 -76.01 24.58
CA GLY O 142 56.41 -75.55 24.20
C GLY O 142 56.40 -74.06 23.92
N ILE O 143 57.56 -73.56 23.52
CA ILE O 143 57.72 -72.13 23.22
C ILE O 143 56.95 -71.84 21.94
N PRO O 144 56.02 -70.88 21.93
CA PRO O 144 55.27 -70.57 20.71
C PRO O 144 56.18 -69.98 19.65
N TRP O 145 56.14 -70.54 18.45
CA TRP O 145 57.03 -70.15 17.37
C TRP O 145 56.35 -69.49 16.19
N ASN O 146 55.04 -69.67 16.04
CA ASN O 146 54.35 -69.15 14.86
C ASN O 146 54.19 -67.64 14.97
N PRO O 147 54.76 -66.87 14.04
CA PRO O 147 54.55 -65.41 14.08
C PRO O 147 53.09 -65.01 13.92
N GLN O 148 52.34 -65.74 13.11
CA GLN O 148 50.92 -65.41 12.90
C GLN O 148 50.15 -65.48 14.21
N SER O 149 50.42 -66.51 15.02
CA SER O 149 49.76 -66.61 16.32
C SER O 149 50.34 -65.61 17.31
N GLN O 150 51.66 -65.43 17.31
CA GLN O 150 52.31 -64.63 18.34
C GLN O 150 51.97 -63.15 18.22
N ALA O 151 51.97 -62.61 17.00
CA ALA O 151 51.62 -61.21 16.82
C ALA O 151 50.18 -60.94 17.24
N LEU O 152 49.27 -61.84 16.89
CA LEU O 152 47.88 -61.70 17.31
C LEU O 152 47.75 -61.79 18.82
N VAL O 153 48.51 -62.69 19.44
CA VAL O 153 48.49 -62.80 20.91
C VAL O 153 48.94 -61.49 21.55
N GLU O 154 50.04 -60.93 21.05
CA GLU O 154 50.57 -59.70 21.64
C GLU O 154 49.60 -58.54 21.47
N ARG O 155 49.05 -58.39 20.26
CA ARG O 155 48.12 -57.30 20.03
C ARG O 155 46.83 -57.50 20.80
N THR O 156 46.41 -58.76 21.01
CA THR O 156 45.21 -59.03 21.79
C THR O 156 45.41 -58.63 23.25
N HIS O 157 46.56 -58.99 23.83
CA HIS O 157 46.83 -58.56 25.20
C HIS O 157 46.92 -57.05 25.31
N GLN O 158 47.59 -56.39 24.36
CA GLN O 158 47.68 -54.94 24.41
C GLN O 158 46.30 -54.30 24.34
N THR O 159 45.46 -54.78 23.41
CA THR O 159 44.13 -54.22 23.24
C THR O 159 43.26 -54.48 24.47
N LEU O 160 43.33 -55.68 25.04
CA LEU O 160 42.50 -55.98 26.20
C LEU O 160 42.93 -55.16 27.40
N LYS O 161 44.25 -54.96 27.59
CA LYS O 161 44.70 -54.11 28.68
C LYS O 161 44.25 -52.67 28.48
N ASN O 162 44.34 -52.16 27.24
CA ASN O 162 43.88 -50.80 26.98
C ASN O 162 42.39 -50.65 27.24
N THR O 163 41.59 -51.61 26.78
CA THR O 163 40.14 -51.55 27.01
C THR O 163 39.80 -51.67 28.48
N LEU O 164 40.52 -52.52 29.22
CA LEU O 164 40.30 -52.61 30.66
C LEU O 164 40.60 -51.28 31.33
N GLU O 165 41.70 -50.62 30.94
CA GLU O 165 42.01 -49.31 31.49
C GLU O 165 40.91 -48.31 31.16
N LYS O 166 40.36 -48.38 29.95
CA LYS O 166 39.28 -47.49 29.57
C LYS O 166 38.03 -47.73 30.41
N LEU O 167 37.71 -49.00 30.68
CA LEU O 167 36.39 -49.35 31.18
C LEU O 167 36.31 -49.58 32.68
N ILE O 168 37.44 -49.67 33.39
CA ILE O 168 37.37 -49.93 34.84
C ILE O 168 36.65 -48.84 35.61
N PRO O 169 36.86 -47.54 35.38
CA PRO O 169 36.18 -46.55 36.23
C PRO O 169 34.66 -46.58 36.11
N MET O 170 34.13 -46.93 34.94
CA MET O 170 32.68 -46.88 34.73
C MET O 170 31.96 -48.03 35.44
N PHE O 171 32.56 -49.21 35.46
CA PHE O 171 31.90 -50.38 36.01
C PHE O 171 32.29 -50.59 37.47
N ASN O 172 31.33 -51.13 38.24
CA ASN O 172 31.54 -51.31 39.68
C ASN O 172 32.58 -52.38 39.96
N ALA O 173 32.54 -53.49 39.23
CA ALA O 173 33.39 -54.64 39.50
C ALA O 173 34.36 -54.88 38.36
N PHE O 174 35.57 -55.35 38.72
CA PHE O 174 36.55 -55.72 37.70
C PHE O 174 36.07 -56.89 36.87
N GLU O 175 35.29 -57.80 37.46
CA GLU O 175 34.68 -58.87 36.68
C GLU O 175 33.72 -58.31 35.65
N SER O 176 32.92 -57.31 36.03
CA SER O 176 32.04 -56.67 35.06
C SER O 176 32.84 -55.94 33.99
N ALA O 177 33.96 -55.32 34.37
CA ALA O 177 34.81 -54.64 33.40
C ALA O 177 35.37 -55.62 32.36
N LEU O 178 35.91 -56.74 32.82
CA LEU O 178 36.44 -57.72 31.89
C LEU O 178 35.34 -58.35 31.05
N ALA O 179 34.16 -58.56 31.64
CA ALA O 179 33.02 -59.05 30.86
C ALA O 179 32.65 -58.08 29.75
N GLY O 180 32.62 -56.79 30.06
CA GLY O 180 32.34 -55.80 29.03
C GLY O 180 33.39 -55.74 27.95
N THR O 181 34.67 -55.88 28.34
CA THR O 181 35.73 -55.94 27.34
C THR O 181 35.56 -57.14 26.43
N LEU O 182 35.21 -58.30 26.99
CA LEU O 182 34.94 -59.48 26.17
C LEU O 182 33.78 -59.22 25.22
N ILE O 183 32.70 -58.61 25.72
CA ILE O 183 31.55 -58.30 24.88
C ILE O 183 31.96 -57.45 23.70
N THR O 184 32.72 -56.38 23.98
CA THR O 184 33.01 -55.39 22.95
C THR O 184 34.06 -55.90 21.98
N LEU O 185 34.98 -56.76 22.43
CA LEU O 185 35.93 -57.39 21.50
C LEU O 185 35.28 -58.46 20.63
N ASN O 186 34.33 -59.21 21.19
CA ASN O 186 33.66 -60.25 20.40
C ASN O 186 32.57 -59.69 19.50
N ILE O 187 32.03 -58.51 19.81
CA ILE O 187 30.91 -57.96 19.07
C ILE O 187 31.23 -56.58 18.52
N LYS O 188 31.50 -55.62 19.41
CA LYS O 188 31.60 -54.22 18.99
C LYS O 188 32.79 -53.99 18.08
N ARG O 189 33.99 -54.40 18.50
CA ARG O 189 35.08 -54.46 17.55
C ARG O 189 34.86 -55.54 16.50
N LYS O 190 35.08 -55.16 15.25
CA LYS O 190 34.78 -55.96 14.08
C LYS O 190 35.51 -55.33 12.90
N GLY O 191 35.32 -55.89 11.71
CA GLY O 191 36.01 -55.39 10.54
C GLY O 191 35.29 -55.74 9.26
N GLY O 192 35.74 -55.11 8.18
CA GLY O 192 35.15 -55.37 6.87
C GLY O 192 33.71 -54.90 6.83
N LEU O 193 32.81 -55.85 6.58
CA LEU O 193 31.37 -55.59 6.55
C LEU O 193 30.74 -55.65 7.93
N GLY O 194 31.54 -55.51 9.00
CA GLY O 194 31.03 -55.65 10.34
C GLY O 194 31.17 -57.07 10.85
N THR O 195 32.28 -57.71 10.51
CA THR O 195 32.53 -59.11 10.84
C THR O 195 33.31 -59.17 12.15
N SER O 196 32.60 -59.37 13.25
CA SER O 196 33.25 -59.51 14.55
C SER O 196 33.75 -60.94 14.74
N PRO O 197 34.72 -61.15 15.64
CA PRO O 197 35.20 -62.51 15.88
C PRO O 197 34.11 -63.47 16.29
N MET O 198 33.17 -63.04 17.14
CA MET O 198 32.09 -63.93 17.54
C MET O 198 31.15 -64.22 16.38
N ASP O 199 30.88 -63.21 15.53
CA ASP O 199 30.03 -63.44 14.38
C ASP O 199 30.66 -64.44 13.42
N ILE O 200 31.97 -64.32 13.14
CA ILE O 200 32.59 -65.26 12.22
C ILE O 200 32.75 -66.63 12.87
N PHE O 201 32.85 -66.68 14.21
CA PHE O 201 32.84 -67.98 14.89
C PHE O 201 31.48 -68.67 14.74
N ILE O 202 30.40 -67.90 14.90
CA ILE O 202 29.07 -68.45 14.64
C ILE O 202 28.97 -68.90 13.18
N PHE O 203 29.57 -68.14 12.28
CA PHE O 203 29.52 -68.47 10.86
C PHE O 203 30.22 -69.79 10.56
N ASN O 204 31.45 -69.96 11.04
CA ASN O 204 32.17 -71.19 10.70
C ASN O 204 31.61 -72.38 11.46
N LYS O 205 31.03 -72.16 12.64
CA LYS O 205 30.28 -73.23 13.29
C LYS O 205 29.06 -73.63 12.46
N GLU O 206 28.36 -72.64 11.87
CA GLU O 206 27.21 -72.94 11.04
C GLU O 206 27.62 -73.76 9.82
N GLN O 207 28.74 -73.40 9.19
CA GLN O 207 29.25 -74.22 8.09
C GLN O 207 29.66 -75.61 8.57
N GLN O 208 30.28 -75.71 9.75
CA GLN O 208 30.78 -77.00 10.23
C GLN O 208 29.64 -77.96 10.53
N ARG O 209 28.54 -77.47 11.09
CA ARG O 209 27.47 -78.36 11.53
C ARG O 209 26.84 -79.11 10.35
N ILE O 210 26.63 -78.42 9.23
CA ILE O 210 25.96 -79.03 8.08
C ILE O 210 26.77 -80.22 7.57
N GLN O 211 28.09 -80.05 7.44
CA GLN O 211 28.93 -81.14 7.00
C GLN O 211 29.15 -82.17 8.11
N GLN O 212 29.10 -81.75 9.37
CA GLN O 212 29.26 -82.70 10.48
C GLN O 212 28.08 -83.65 10.57
N GLN O 213 26.91 -83.22 10.11
CA GLN O 213 25.76 -84.12 10.08
C GLN O 213 26.04 -85.34 9.21
N SER O 214 26.67 -85.14 8.05
CA SER O 214 27.08 -86.24 7.19
C SER O 214 28.43 -86.85 7.56
N LYS O 215 29.19 -86.17 8.43
CA LYS O 215 30.46 -86.73 8.88
C LYS O 215 30.28 -88.04 9.64
N SER O 216 29.08 -88.31 10.16
CA SER O 216 28.83 -89.60 10.79
C SER O 216 29.01 -90.73 9.78
N LYS O 217 28.49 -90.57 8.56
CA LYS O 217 28.72 -91.55 7.52
C LYS O 217 30.12 -91.41 6.92
N GLN O 218 30.63 -90.18 6.84
CA GLN O 218 31.94 -89.94 6.23
C GLN O 218 33.07 -90.58 7.03
N GLU O 219 32.93 -90.65 8.35
CA GLU O 219 33.97 -91.21 9.21
C GLU O 219 34.06 -92.72 9.04
N ILE P 60 11.97 -66.67 19.73
CA ILE P 60 13.43 -66.65 19.80
C ILE P 60 13.88 -65.66 20.88
N ASP P 61 14.93 -66.05 21.61
CA ASP P 61 15.53 -65.21 22.66
C ASP P 61 14.52 -64.86 23.75
N HIS P 62 13.60 -65.77 24.03
CA HIS P 62 12.66 -65.62 25.14
C HIS P 62 13.09 -66.56 26.26
N TRP P 63 13.27 -66.01 27.45
CA TRP P 63 13.85 -66.74 28.57
C TRP P 63 13.01 -66.59 29.82
N GLN P 64 13.01 -67.63 30.64
CA GLN P 64 12.31 -67.66 31.91
C GLN P 64 13.30 -67.92 33.04
N VAL P 65 13.11 -67.23 34.16
CA VAL P 65 14.00 -67.31 35.31
C VAL P 65 13.21 -67.79 36.51
N ASP P 66 13.73 -68.82 37.18
CA ASP P 66 13.11 -69.36 38.39
C ASP P 66 14.19 -69.80 39.35
N TYR P 67 14.12 -69.31 40.58
CA TYR P 67 15.08 -69.70 41.61
C TYR P 67 14.83 -71.13 42.06
N THR P 68 15.91 -71.86 42.31
CA THR P 68 15.83 -73.23 42.81
C THR P 68 17.00 -73.50 43.74
N HIS P 69 16.82 -74.47 44.63
CA HIS P 69 17.83 -74.84 45.61
C HIS P 69 18.18 -76.31 45.44
N TYR P 70 19.48 -76.61 45.39
CA TYR P 70 19.97 -77.98 45.29
C TYR P 70 21.17 -78.12 46.20
N GLU P 71 21.08 -79.03 47.18
CA GLU P 71 22.15 -79.28 48.14
C GLU P 71 22.57 -77.99 48.84
N ASP P 72 21.57 -77.20 49.23
CA ASP P 72 21.78 -75.91 49.89
C ASP P 72 22.68 -75.01 49.05
N LYS P 73 22.47 -75.04 47.72
CA LYS P 73 23.21 -74.21 46.79
C LYS P 73 22.22 -73.65 45.78
N ILE P 74 22.09 -72.32 45.73
CA ILE P 74 21.15 -71.69 44.82
C ILE P 74 21.70 -71.80 43.39
N ILE P 75 20.87 -72.29 42.48
CA ILE P 75 21.23 -72.43 41.08
C ILE P 75 20.31 -71.51 40.27
N LEU P 76 20.92 -70.57 39.55
CA LEU P 76 20.17 -69.63 38.72
C LEU P 76 20.04 -70.25 37.33
N VAL P 77 18.86 -70.73 37.00
CA VAL P 77 18.61 -71.44 35.76
C VAL P 77 17.98 -70.50 34.75
N TRP P 78 18.50 -70.52 33.53
CA TRP P 78 17.97 -69.75 32.41
C TRP P 78 17.50 -70.71 31.34
N VAL P 79 16.22 -70.66 31.01
CA VAL P 79 15.59 -71.58 30.06
C VAL P 79 15.05 -70.80 28.88
N GLU P 80 15.40 -71.24 27.68
CA GLU P 80 14.86 -70.66 26.46
C GLU P 80 13.62 -71.45 26.05
N THR P 81 12.51 -70.74 25.88
CA THR P 81 11.22 -71.41 25.68
C THR P 81 11.19 -72.22 24.39
N ASN P 82 11.79 -71.69 23.32
CA ASN P 82 11.66 -72.33 22.02
C ASN P 82 12.63 -73.49 21.86
N SER P 83 13.94 -73.22 21.92
CA SER P 83 14.93 -74.25 21.65
C SER P 83 15.24 -75.12 22.86
N GLY P 84 14.84 -74.70 24.06
CA GLY P 84 15.13 -75.47 25.26
C GLY P 84 16.54 -75.35 25.76
N LEU P 85 17.34 -74.43 25.22
CA LEU P 85 18.72 -74.27 25.66
C LEU P 85 18.78 -73.77 27.10
N ILE P 86 19.75 -74.28 27.86
CA ILE P 86 19.80 -74.10 29.30
C ILE P 86 21.20 -73.61 29.70
N TYR P 87 21.22 -72.69 30.67
CA TYR P 87 22.45 -72.28 31.32
C TYR P 87 22.22 -72.23 32.82
N ALA P 88 23.25 -72.60 33.59
CA ALA P 88 23.15 -72.64 35.03
C ALA P 88 24.50 -72.29 35.64
N GLU P 89 24.47 -71.84 36.90
CA GLU P 89 25.69 -71.48 37.62
C GLU P 89 25.37 -71.44 39.10
N ARG P 90 26.33 -71.86 39.93
CA ARG P 90 26.15 -71.80 41.37
C ARG P 90 26.05 -70.34 41.82
N VAL P 91 25.08 -70.06 42.68
CA VAL P 91 24.80 -68.71 43.14
C VAL P 91 24.87 -68.69 44.66
N LYS P 92 25.67 -67.77 45.21
CA LYS P 92 25.80 -67.67 46.65
C LYS P 92 24.52 -67.24 47.32
N GLY P 93 23.80 -66.27 46.73
CA GLY P 93 22.58 -65.78 47.33
C GLY P 93 21.68 -65.12 46.30
N GLU P 94 20.40 -65.03 46.65
CA GLU P 94 19.38 -64.48 45.77
C GLU P 94 19.38 -62.96 45.75
N THR P 95 20.47 -62.33 46.19
CA THR P 95 20.53 -60.88 46.28
C THR P 95 20.47 -60.24 44.89
N GLY P 96 19.88 -59.04 44.85
CA GLY P 96 19.73 -58.33 43.58
C GLY P 96 21.05 -58.02 42.92
N GLN P 97 22.07 -57.65 43.71
CA GLN P 97 23.38 -57.35 43.14
C GLN P 97 24.01 -58.59 42.51
N GLU P 98 23.91 -59.74 43.19
CA GLU P 98 24.44 -60.97 42.62
C GLU P 98 23.69 -61.35 41.35
N PHE P 99 22.37 -61.18 41.35
CA PHE P 99 21.61 -61.44 40.13
C PHE P 99 22.01 -60.51 39.01
N ARG P 100 22.30 -59.24 39.33
CA ARG P 100 22.75 -58.29 38.31
C ARG P 100 24.10 -58.70 37.73
N VAL P 101 25.01 -59.17 38.59
CA VAL P 101 26.30 -59.66 38.10
C VAL P 101 26.10 -60.87 37.20
N GLN P 102 25.22 -61.79 37.61
CA GLN P 102 24.95 -62.97 36.79
C GLN P 102 24.34 -62.58 35.45
N THR P 103 23.46 -61.58 35.44
CA THR P 103 22.89 -61.12 34.17
C THR P 103 23.92 -60.43 33.30
N MET P 104 24.87 -59.71 33.90
CA MET P 104 25.98 -59.17 33.12
C MET P 104 26.79 -60.28 32.46
N LYS P 105 27.10 -61.33 33.22
CA LYS P 105 27.84 -62.44 32.66
C LYS P 105 27.04 -63.15 31.56
N TRP P 106 25.73 -63.29 31.76
CA TRP P 106 24.90 -63.96 30.76
C TRP P 106 24.69 -63.11 29.52
N TYR P 107 24.67 -61.79 29.66
CA TYR P 107 24.62 -60.92 28.49
C TYR P 107 25.95 -60.91 27.76
N ALA P 108 27.05 -61.12 28.48
CA ALA P 108 28.32 -61.39 27.83
C ALA P 108 28.27 -62.69 27.04
N MET P 109 27.65 -63.71 27.62
CA MET P 109 27.54 -65.02 26.96
C MET P 109 26.68 -64.94 25.71
N PHE P 110 25.51 -64.30 25.80
CA PHE P 110 24.47 -64.43 24.78
C PHE P 110 24.03 -63.07 24.25
N ALA P 111 22.99 -63.08 23.43
CA ALA P 111 22.36 -61.85 22.91
C ALA P 111 20.85 -61.95 23.08
N PRO P 112 20.36 -61.87 24.31
CA PRO P 112 18.92 -62.03 24.54
C PRO P 112 18.12 -60.85 24.03
N LYS P 113 16.85 -61.12 23.72
CA LYS P 113 15.92 -60.09 23.28
C LYS P 113 14.70 -59.94 24.17
N SER P 114 14.29 -60.99 24.88
CA SER P 114 13.14 -60.93 25.77
C SER P 114 13.41 -61.79 26.98
N LEU P 115 12.69 -61.52 28.07
CA LEU P 115 12.92 -62.21 29.33
C LEU P 115 11.62 -62.31 30.11
N GLN P 116 11.44 -63.43 30.80
CA GLN P 116 10.30 -63.66 31.67
C GLN P 116 10.79 -64.16 33.02
N SER P 117 10.03 -63.86 34.06
CA SER P 117 10.37 -64.28 35.42
C SER P 117 9.13 -64.13 36.29
N ASP P 118 9.22 -64.64 37.51
CA ASP P 118 8.16 -64.50 38.49
C ASP P 118 8.32 -63.19 39.25
N ASN P 119 7.63 -63.06 40.38
CA ASN P 119 7.61 -61.82 41.16
C ASN P 119 8.70 -61.75 42.21
N GLY P 120 9.83 -62.41 41.99
CA GLY P 120 10.93 -62.39 42.93
C GLY P 120 11.46 -60.99 43.17
N PRO P 121 11.83 -60.70 44.42
CA PRO P 121 12.31 -59.35 44.75
C PRO P 121 13.53 -58.93 43.95
N ALA P 122 14.48 -59.85 43.71
CA ALA P 122 15.65 -59.50 42.91
C ALA P 122 15.25 -59.16 41.48
N PHE P 123 14.22 -59.83 40.95
CA PHE P 123 13.80 -59.57 39.58
C PHE P 123 13.03 -58.25 39.49
N VAL P 124 12.22 -57.93 40.51
CA VAL P 124 11.43 -56.70 40.48
C VAL P 124 12.15 -55.50 41.09
N ALA P 125 13.40 -55.68 41.53
CA ALA P 125 14.17 -54.55 42.04
C ALA P 125 14.29 -53.46 40.99
N GLU P 126 14.14 -52.21 41.45
CA GLU P 126 14.19 -51.07 40.54
C GLU P 126 15.57 -50.91 39.91
N SER P 127 16.64 -51.15 40.68
CA SER P 127 17.98 -51.05 40.13
C SER P 127 18.22 -52.13 39.07
N THR P 128 17.74 -53.35 39.32
CA THR P 128 17.86 -54.42 38.33
C THR P 128 17.08 -54.06 37.07
N GLN P 129 15.87 -53.53 37.23
CA GLN P 129 15.08 -53.14 36.06
C GLN P 129 15.77 -52.05 35.26
N LEU P 130 16.33 -51.05 35.95
CA LEU P 130 17.04 -49.97 35.26
C LEU P 130 18.27 -50.50 34.53
N LEU P 131 19.03 -51.38 35.17
CA LEU P 131 20.22 -51.92 34.53
C LEU P 131 19.86 -52.76 33.31
N MET P 132 18.80 -53.57 33.41
CA MET P 132 18.45 -54.43 32.30
C MET P 132 17.76 -53.67 31.16
N LYS P 133 17.07 -52.57 31.46
CA LYS P 133 16.58 -51.72 30.37
C LYS P 133 17.71 -50.92 29.74
N TYR P 134 18.76 -50.60 30.53
CA TYR P 134 19.98 -50.07 29.95
C TYR P 134 20.61 -51.07 29.00
N LEU P 135 20.55 -52.37 29.35
CA LEU P 135 20.87 -53.40 28.39
C LEU P 135 19.93 -53.39 27.19
N GLY P 136 18.65 -53.06 27.39
CA GLY P 136 17.71 -52.95 26.29
C GLY P 136 16.88 -54.19 26.06
N ILE P 137 16.24 -54.69 27.12
CA ILE P 137 15.42 -55.88 27.04
C ILE P 137 14.09 -55.61 27.75
N GLU P 138 13.00 -56.13 27.18
CA GLU P 138 11.68 -56.03 27.78
C GLU P 138 11.55 -56.99 28.95
N HIS P 139 10.75 -56.61 29.94
CA HIS P 139 10.59 -57.38 31.17
C HIS P 139 9.12 -57.66 31.45
N THR P 140 8.83 -58.90 31.83
CA THR P 140 7.49 -59.29 32.25
C THR P 140 7.61 -60.16 33.49
N THR P 141 6.79 -59.88 34.50
CA THR P 141 6.82 -60.62 35.77
C THR P 141 5.40 -60.94 36.19
N GLY P 142 5.25 -62.04 36.91
CA GLY P 142 3.94 -62.41 37.41
C GLY P 142 3.95 -63.82 37.96
N ILE P 143 2.81 -64.22 38.51
CA ILE P 143 2.66 -65.58 39.01
C ILE P 143 2.76 -66.55 37.85
N PRO P 144 3.47 -67.69 38.00
CA PRO P 144 3.53 -68.67 36.91
C PRO P 144 2.13 -69.10 36.48
N TRP P 145 1.78 -68.79 35.23
CA TRP P 145 0.42 -68.96 34.75
C TRP P 145 0.37 -69.72 33.43
N ASN P 146 1.45 -69.68 32.65
CA ASN P 146 1.42 -70.23 31.30
C ASN P 146 1.94 -71.66 31.30
N PRO P 147 1.09 -72.65 31.06
CA PRO P 147 1.58 -74.04 30.98
C PRO P 147 2.62 -74.23 29.88
N GLN P 148 2.47 -73.52 28.76
CA GLN P 148 3.39 -73.59 27.63
C GLN P 148 4.85 -73.62 28.08
N SER P 149 5.24 -72.63 28.88
CA SER P 149 6.60 -72.56 29.39
C SER P 149 6.76 -73.20 30.76
N GLN P 150 5.69 -73.29 31.55
CA GLN P 150 5.81 -73.86 32.89
C GLN P 150 6.14 -75.35 32.85
N ALA P 151 5.55 -76.10 31.91
CA ALA P 151 5.88 -77.51 31.79
C ALA P 151 7.34 -77.71 31.42
N LEU P 152 7.84 -76.91 30.47
CA LEU P 152 9.24 -76.99 30.10
C LEU P 152 10.15 -76.62 31.26
N VAL P 153 9.77 -75.60 32.03
CA VAL P 153 10.57 -75.19 33.18
C VAL P 153 10.63 -76.30 34.22
N GLU P 154 9.50 -76.92 34.52
CA GLU P 154 9.48 -77.99 35.51
C GLU P 154 10.29 -79.20 35.03
N ARG P 155 10.13 -79.56 33.76
CA ARG P 155 10.91 -80.68 33.22
C ARG P 155 12.39 -80.37 33.25
N THR P 156 12.78 -79.14 32.93
CA THR P 156 14.18 -78.74 33.00
C THR P 156 14.71 -78.83 34.42
N HIS P 157 13.93 -78.36 35.39
CA HIS P 157 14.36 -78.41 36.79
C HIS P 157 14.57 -79.86 37.24
N GLN P 158 13.62 -80.74 36.93
CA GLN P 158 13.76 -82.14 37.31
C GLN P 158 14.96 -82.78 36.62
N THR P 159 15.13 -82.51 35.33
CA THR P 159 16.25 -83.12 34.59
C THR P 159 17.59 -82.62 35.10
N LEU P 160 17.70 -81.33 35.41
CA LEU P 160 18.96 -80.80 35.91
C LEU P 160 19.26 -81.34 37.30
N LYS P 161 18.24 -81.47 38.15
CA LYS P 161 18.48 -82.07 39.46
C LYS P 161 18.96 -83.51 39.31
N ASN P 162 18.34 -84.27 38.41
CA ASN P 162 18.76 -85.65 38.19
C ASN P 162 20.19 -85.71 37.66
N THR P 163 20.55 -84.82 36.73
CA THR P 163 21.89 -84.86 36.14
C THR P 163 22.95 -84.42 37.13
N LEU P 164 22.65 -83.43 37.98
CA LEU P 164 23.57 -83.09 39.06
C LEU P 164 23.75 -84.28 40.00
N GLU P 165 22.66 -84.95 40.36
CA GLU P 165 22.78 -86.14 41.20
C GLU P 165 23.64 -87.20 40.53
N LYS P 166 23.54 -87.35 39.22
CA LYS P 166 24.34 -88.33 38.51
C LYS P 166 25.82 -87.94 38.48
N LEU P 167 26.11 -86.66 38.27
CA LEU P 167 27.46 -86.25 37.92
C LEU P 167 28.27 -85.62 39.05
N ILE P 168 27.68 -85.38 40.21
CA ILE P 168 28.47 -84.84 41.32
C ILE P 168 29.50 -85.83 41.87
N PRO P 169 29.29 -87.16 41.84
CA PRO P 169 30.37 -88.03 42.34
C PRO P 169 31.60 -88.04 41.45
N MET P 170 31.42 -88.01 40.13
CA MET P 170 32.55 -88.12 39.22
C MET P 170 33.40 -86.86 39.15
N PHE P 171 32.83 -85.71 39.50
CA PHE P 171 33.54 -84.44 39.41
C PHE P 171 33.81 -83.89 40.80
N ASN P 172 34.98 -83.28 40.98
CA ASN P 172 35.38 -82.78 42.29
C ASN P 172 34.57 -81.55 42.67
N ALA P 173 34.63 -80.50 41.85
CA ALA P 173 33.96 -79.26 42.17
C ALA P 173 32.49 -79.30 41.74
N PHE P 174 31.63 -78.69 42.56
CA PHE P 174 30.22 -78.59 42.21
C PHE P 174 30.03 -77.72 40.96
N GLU P 175 30.86 -76.70 40.79
CA GLU P 175 30.82 -75.91 39.56
C GLU P 175 31.16 -76.76 38.35
N SER P 176 32.18 -77.62 38.46
CA SER P 176 32.51 -78.53 37.38
C SER P 176 31.36 -79.50 37.11
N ALA P 177 30.72 -79.98 38.17
CA ALA P 177 29.59 -80.90 38.00
C ALA P 177 28.44 -80.22 37.26
N LEU P 178 28.10 -78.98 37.64
CA LEU P 178 27.02 -78.29 36.95
C LEU P 178 27.40 -77.93 35.53
N ALA P 179 28.68 -77.63 35.28
CA ALA P 179 29.13 -77.41 33.90
C ALA P 179 28.98 -78.67 33.06
N GLY P 180 29.32 -79.83 33.64
CA GLY P 180 29.14 -81.08 32.92
C GLY P 180 27.67 -81.38 32.65
N THR P 181 26.81 -81.10 33.61
CA THR P 181 25.37 -81.28 33.39
C THR P 181 24.87 -80.35 32.30
N LEU P 182 25.36 -79.11 32.28
CA LEU P 182 24.99 -78.19 31.20
C LEU P 182 25.46 -78.72 29.86
N ILE P 183 26.67 -79.28 29.81
CA ILE P 183 27.17 -79.88 28.58
C ILE P 183 26.23 -80.99 28.11
N THR P 184 25.85 -81.87 29.03
CA THR P 184 25.00 -83.00 28.67
C THR P 184 23.64 -82.53 28.18
N LEU P 185 23.03 -81.56 28.87
CA LEU P 185 21.70 -81.09 28.48
C LEU P 185 21.71 -80.29 27.19
N ASN P 186 22.75 -79.51 26.93
CA ASN P 186 22.76 -78.59 25.80
C ASN P 186 23.35 -79.19 24.54
N ILE P 187 24.47 -79.89 24.65
CA ILE P 187 25.18 -80.42 23.50
C ILE P 187 24.91 -81.91 23.31
N LYS P 188 25.05 -82.70 24.39
CA LYS P 188 24.92 -84.15 24.28
C LYS P 188 23.49 -84.55 23.93
N ARG P 189 22.50 -83.95 24.58
CA ARG P 189 21.11 -84.28 24.30
C ARG P 189 20.72 -83.78 22.91
N LYS P 190 20.12 -84.65 22.12
CA LYS P 190 19.73 -84.34 20.75
C LYS P 190 18.33 -84.86 20.49
N GLY P 191 17.66 -84.26 19.51
CA GLY P 191 16.32 -84.66 19.14
C GLY P 191 16.11 -84.54 17.65
N GLY P 192 15.07 -85.22 17.17
CA GLY P 192 14.77 -85.21 15.75
C GLY P 192 15.87 -85.89 14.97
N LEU P 193 16.46 -85.15 14.02
CA LEU P 193 17.55 -85.67 13.21
C LEU P 193 18.90 -85.60 13.92
N GLY P 194 18.91 -85.38 15.23
CA GLY P 194 20.13 -85.23 15.98
C GLY P 194 20.53 -83.80 16.27
N THR P 195 19.58 -82.89 16.39
CA THR P 195 19.86 -81.47 16.62
C THR P 195 19.78 -81.17 18.11
N SER P 196 20.86 -80.64 18.66
CA SER P 196 20.92 -80.27 20.05
C SER P 196 20.25 -78.92 20.28
N PRO P 197 19.80 -78.65 21.51
CA PRO P 197 19.23 -77.32 21.79
C PRO P 197 20.19 -76.18 21.50
N MET P 198 21.48 -76.36 21.77
CA MET P 198 22.44 -75.31 21.46
C MET P 198 22.60 -75.13 19.96
N ASP P 199 22.55 -76.22 19.19
CA ASP P 199 22.56 -76.11 17.74
C ASP P 199 21.34 -75.34 17.24
N ILE P 200 20.17 -75.64 17.80
CA ILE P 200 18.95 -74.96 17.40
C ILE P 200 19.04 -73.47 17.73
N PHE P 201 19.55 -73.14 18.92
CA PHE P 201 19.69 -71.74 19.30
C PHE P 201 20.67 -71.01 18.41
N ILE P 202 21.79 -71.66 18.07
CA ILE P 202 22.77 -71.04 17.19
C ILE P 202 22.17 -70.79 15.81
N PHE P 203 21.42 -71.76 15.29
CA PHE P 203 20.79 -71.58 13.99
C PHE P 203 19.76 -70.46 14.02
N ASN P 204 18.98 -70.37 15.11
CA ASN P 204 18.01 -69.30 15.25
C ASN P 204 18.71 -67.93 15.30
N LYS P 205 19.82 -67.85 16.02
CA LYS P 205 20.58 -66.61 16.07
C LYS P 205 21.13 -66.23 14.70
N GLU P 206 21.57 -67.23 13.93
CA GLU P 206 22.05 -66.98 12.59
C GLU P 206 20.92 -66.51 11.66
N GLN P 207 19.72 -67.02 11.85
CA GLN P 207 18.60 -66.71 10.96
C GLN P 207 17.96 -65.36 11.21
N GLN P 208 18.35 -64.64 12.27
CA GLN P 208 17.67 -63.41 12.66
C GLN P 208 18.51 -62.18 12.32
N ARG P 209 19.47 -62.33 11.41
CA ARG P 209 20.33 -61.23 11.01
C ARG P 209 19.66 -60.37 9.94
N ILE P 210 20.24 -59.20 9.70
CA ILE P 210 19.57 -58.11 9.00
C ILE P 210 19.28 -58.41 7.53
N GLN P 211 20.16 -59.14 6.85
CA GLN P 211 20.06 -59.24 5.40
C GLN P 211 18.84 -60.01 4.92
N GLN P 212 18.12 -60.68 5.82
CA GLN P 212 16.84 -61.29 5.44
C GLN P 212 15.72 -60.27 5.38
N GLN P 213 15.58 -59.43 6.41
CA GLN P 213 14.60 -58.35 6.31
C GLN P 213 15.00 -57.31 5.27
N SER P 214 16.29 -57.22 4.95
CA SER P 214 16.68 -56.38 3.81
C SER P 214 16.08 -56.91 2.52
N LYS P 215 16.14 -58.23 2.30
CA LYS P 215 15.50 -58.81 1.13
C LYS P 215 13.98 -58.66 1.18
N SER P 216 13.41 -58.77 2.39
CA SER P 216 11.97 -58.57 2.53
C SER P 216 11.57 -57.16 2.13
N LYS P 217 12.37 -56.16 2.52
CA LYS P 217 12.14 -54.79 2.07
C LYS P 217 12.29 -54.68 0.55
N GLN P 218 13.27 -55.38 -0.01
CA GLN P 218 13.47 -55.35 -1.46
C GLN P 218 12.27 -55.92 -2.20
N GLU P 219 11.61 -56.92 -1.62
CA GLU P 219 10.50 -57.59 -2.29
C GLU P 219 9.29 -56.67 -2.43
N LYS P 220 8.47 -56.95 -3.43
CA LYS P 220 7.27 -56.17 -3.71
C LYS P 220 6.07 -56.75 -2.96
N ILE P 221 5.16 -55.85 -2.57
CA ILE P 221 3.96 -56.22 -1.81
C ILE P 221 2.74 -55.74 -2.57
N ARG P 222 1.60 -56.40 -2.32
CA ARG P 222 0.35 -56.12 -3.02
C ARG P 222 -0.74 -55.77 -2.01
N PHE P 223 -1.86 -55.26 -2.52
CA PHE P 223 -3.02 -54.90 -1.72
C PHE P 223 -4.15 -55.87 -2.02
N CYS P 224 -5.03 -56.05 -1.03
CA CYS P 224 -6.13 -57.01 -1.18
C CYS P 224 -7.22 -56.69 -0.18
N TYR P 225 -8.42 -57.20 -0.47
CA TYR P 225 -9.55 -57.13 0.45
C TYR P 225 -9.66 -58.44 1.23
N TYR P 226 -10.47 -58.42 2.29
CA TYR P 226 -10.70 -59.61 3.09
C TYR P 226 -12.03 -59.48 3.81
N ARG P 227 -12.63 -60.64 4.13
CA ARG P 227 -13.87 -60.72 4.87
C ARG P 227 -13.79 -61.86 5.87
N THR P 228 -14.56 -61.75 6.94
CA THR P 228 -14.56 -62.73 8.02
C THR P 228 -15.83 -63.57 7.94
N ARG P 229 -15.67 -64.89 8.04
CA ARG P 229 -16.78 -65.83 7.97
C ARG P 229 -17.08 -66.37 9.36
N LYS P 230 -18.34 -66.29 9.77
CA LYS P 230 -18.81 -66.86 11.02
C LYS P 230 -19.94 -67.84 10.72
N ARG P 231 -19.73 -69.11 11.08
CA ARG P 231 -20.69 -70.18 10.82
C ARG P 231 -21.06 -70.28 9.35
N GLY P 232 -20.09 -70.03 8.47
CA GLY P 232 -20.32 -70.08 7.05
C GLY P 232 -20.89 -68.82 6.45
N HIS P 233 -21.18 -67.80 7.25
CA HIS P 233 -21.74 -66.56 6.75
C HIS P 233 -20.61 -65.58 6.46
N PRO P 234 -20.37 -65.21 5.21
CA PRO P 234 -19.29 -64.25 4.92
C PRO P 234 -19.63 -62.86 5.45
N GLY P 235 -18.59 -62.15 5.90
CA GLY P 235 -18.75 -60.79 6.37
C GLY P 235 -18.53 -59.76 5.29
N GLU P 236 -18.62 -58.50 5.68
CA GLU P 236 -18.37 -57.41 4.75
C GLU P 236 -16.89 -57.35 4.39
N TRP P 237 -16.61 -56.99 3.14
CA TRP P 237 -15.23 -56.84 2.70
C TRP P 237 -14.56 -55.70 3.45
N GLN P 238 -13.39 -55.97 4.01
CA GLN P 238 -12.69 -55.02 4.86
C GLN P 238 -11.31 -54.70 4.27
N GLY P 239 -10.69 -53.68 4.83
CA GLY P 239 -9.38 -53.25 4.38
C GLY P 239 -9.45 -52.05 3.46
N PRO P 240 -8.59 -52.03 2.42
CA PRO P 240 -7.60 -53.07 2.12
C PRO P 240 -6.38 -53.01 3.03
N THR P 241 -5.72 -54.15 3.21
CA THR P 241 -4.52 -54.26 4.01
C THR P 241 -3.41 -54.90 3.17
N GLN P 242 -2.20 -54.85 3.70
CA GLN P 242 -1.05 -55.46 3.03
C GLN P 242 -1.17 -56.98 3.04
N VAL P 243 -0.80 -57.60 1.93
CA VAL P 243 -0.66 -59.04 1.86
C VAL P 243 0.73 -59.40 2.40
N LEU P 244 0.75 -59.98 3.60
CA LEU P 244 2.03 -60.27 4.23
C LEU P 244 2.84 -61.29 3.45
N TRP P 245 2.20 -62.32 2.92
CA TRP P 245 2.87 -63.29 2.05
C TRP P 245 1.84 -64.11 1.27
N GLY P 246 2.01 -64.19 -0.04
CA GLY P 246 1.05 -64.90 -0.87
C GLY P 246 1.29 -66.40 -0.84
N GLY P 247 0.20 -67.17 -0.77
CA GLY P 247 0.29 -68.62 -0.74
C GLY P 247 -0.65 -69.29 -1.70
N ASP P 248 -0.95 -70.57 -1.44
CA ASP P 248 -1.88 -71.34 -2.27
C ASP P 248 -3.20 -71.56 -1.52
N GLY P 249 -4.27 -71.01 -2.08
CA GLY P 249 -5.59 -71.10 -1.47
C GLY P 249 -5.85 -70.12 -0.35
N ALA P 250 -4.82 -69.48 0.19
CA ALA P 250 -4.98 -68.55 1.30
C ALA P 250 -3.76 -67.64 1.35
N ILE P 251 -3.94 -66.49 2.01
CA ILE P 251 -2.88 -65.51 2.21
C ILE P 251 -2.90 -65.06 3.66
N VAL P 252 -1.84 -64.35 4.05
CA VAL P 252 -1.63 -63.90 5.42
C VAL P 252 -1.82 -62.39 5.47
N VAL P 253 -2.67 -61.92 6.38
CA VAL P 253 -2.96 -60.51 6.56
C VAL P 253 -3.01 -60.21 8.05
N LYS P 254 -3.29 -58.96 8.39
CA LYS P 254 -3.40 -58.51 9.77
C LYS P 254 -4.74 -57.80 9.96
N ASP P 255 -5.43 -58.14 11.05
CA ASP P 255 -6.66 -57.45 11.39
C ASP P 255 -6.36 -56.02 11.82
N ARG P 256 -7.15 -55.07 11.30
CA ARG P 256 -6.91 -53.67 11.63
C ARG P 256 -7.39 -53.34 13.04
N GLY P 257 -8.37 -54.06 13.55
CA GLY P 257 -8.92 -53.80 14.87
C GLY P 257 -8.13 -54.43 15.99
N THR P 258 -7.95 -55.75 15.94
CA THR P 258 -7.27 -56.48 17.00
C THR P 258 -5.76 -56.53 16.81
N ASP P 259 -5.25 -56.08 15.66
CA ASP P 259 -3.80 -56.02 15.40
C ASP P 259 -3.16 -57.40 15.58
N ARG P 260 -3.76 -58.41 14.96
CA ARG P 260 -3.32 -59.78 15.09
C ARG P 260 -3.22 -60.41 13.70
N TYR P 261 -2.16 -61.18 13.47
CA TYR P 261 -1.94 -61.78 12.17
C TYR P 261 -3.04 -62.78 11.83
N LEU P 262 -3.62 -62.63 10.65
CA LEU P 262 -4.76 -63.46 10.26
C LEU P 262 -4.51 -64.06 8.88
N VAL P 263 -4.91 -65.32 8.74
CA VAL P 263 -4.85 -66.03 7.47
C VAL P 263 -6.27 -66.14 6.93
N ILE P 264 -6.44 -65.87 5.64
CA ILE P 264 -7.75 -65.86 5.00
C ILE P 264 -7.66 -66.57 3.67
N ALA P 265 -8.69 -67.33 3.33
CA ALA P 265 -8.71 -68.10 2.10
C ALA P 265 -8.78 -67.17 0.88
N ASN P 266 -8.21 -67.64 -0.23
CA ASN P 266 -8.18 -66.84 -1.45
C ASN P 266 -9.58 -66.57 -1.98
N LYS P 267 -10.54 -67.46 -1.70
CA LYS P 267 -11.92 -67.20 -2.10
C LYS P 267 -12.48 -65.98 -1.39
N ASP P 268 -11.98 -65.67 -0.20
CA ASP P 268 -12.33 -64.45 0.53
C ASP P 268 -11.32 -63.34 0.32
N VAL P 269 -10.60 -63.36 -0.80
CA VAL P 269 -9.57 -62.37 -1.11
C VAL P 269 -9.92 -61.72 -2.44
N LYS P 270 -9.96 -60.39 -2.45
CA LYS P 270 -10.14 -59.61 -3.67
C LYS P 270 -8.82 -58.91 -3.97
N PHE P 271 -8.01 -59.54 -4.83
CA PHE P 271 -6.71 -58.97 -5.17
C PHE P 271 -6.90 -57.67 -5.95
N ILE P 272 -6.20 -56.63 -5.52
CA ILE P 272 -6.29 -55.31 -6.15
C ILE P 272 -5.23 -55.24 -7.24
N PRO P 273 -5.59 -54.94 -8.48
CA PRO P 273 -4.60 -54.83 -9.55
C PRO P 273 -3.63 -53.70 -9.28
N PRO P 274 -2.37 -53.85 -9.67
CA PRO P 274 -1.39 -52.77 -9.49
C PRO P 274 -1.60 -51.69 -10.52
N PRO P 275 -0.96 -50.53 -10.37
CA PRO P 275 -1.07 -49.48 -11.39
C PRO P 275 -0.56 -49.98 -12.74
N LYS P 276 -1.23 -49.55 -13.79
CA LYS P 276 -0.89 -49.97 -15.15
C LYS P 276 -0.05 -48.91 -15.85
#